data_3N82
#
_entry.id   3N82
#
_cell.length_a   142.216
_cell.length_b   150.724
_cell.length_c   177.299
_cell.angle_alpha   90.000
_cell.angle_beta   90.000
_cell.angle_gamma   90.000
#
_symmetry.space_group_name_H-M   'P 21 21 21'
#
loop_
_entity.id
_entity.type
_entity.pdbx_description
1 polymer 'Aldehyde dehydrogenase, mitochondrial'
2 non-polymer 'MAGNESIUM ION'
3 non-polymer 'SODIUM ION'
4 non-polymer GUANIDINE
5 non-polymer 1,2-ETHANEDIOL
6 non-polymer NICOTINAMIDE-ADENINE-DINUCLEOTIDE
7 water water
#
_entity_poly.entity_id   1
_entity_poly.type   'polypeptide(L)'
_entity_poly.pdbx_seq_one_letter_code
;SAAATQAVPAPNQQPEVFCNQIFINNEWHDAVSRKTFPTVNPSTGEVICQVAEGDKEDVDKAVKAARAAFQLGSPWRRMD
ASHRGRLLNRLADLIERDRTYLAALETLDNGKPYVISYLVDLDMVLKCLRYYAGWADKYHGKTIPIDGDFFSYTRHEPVG
VCGQIIPWNFPLLMQAWKLGPALATGNVVVMKVAEQTPLTALYVANLIKEAGFPPGVVNIVPGFGPTAGAAIASHEDVDK
VAFAGSTEIGRVIQVAAGSSNLKRVTLELGGKSPNIIMSDADMDWAVEQAHFALFFNQGQCCCAGSRTFVQEDIYDEFVE
RSVARAKSRVVGNPFDSKTEQGPQVDETQFKKILGYINTGKQEGAKLLCGGGIAADRGYFIQPTVFGDVQDGMTIAKEEI
FGPVMQILKFKTIEEVVGRANNSTYGLAAAVFTKDLDKANYLSQALQAGTVWVNCYDVFGAQSPFGGYKMSGSGRELGEY
GLQAYTEVKTVTVKVPQKNS
;
_entity_poly.pdbx_strand_id   A,B,C,D,E,F,G,H
#
loop_
_chem_comp.id
_chem_comp.type
_chem_comp.name
_chem_comp.formula
EDO non-polymer 1,2-ETHANEDIOL 'C2 H6 O2'
GAI non-polymer GUANIDINE 'C H5 N3'
MG non-polymer 'MAGNESIUM ION' 'Mg 2'
NA non-polymer 'SODIUM ION' 'Na 1'
NAD non-polymer NICOTINAMIDE-ADENINE-DINUCLEOTIDE 'C21 H27 N7 O14 P2'
#
# COMPACT_ATOMS: atom_id res chain seq x y z
N ALA A 7 14.26 11.62 15.20
CA ALA A 7 12.87 11.83 14.71
C ALA A 7 12.83 12.93 13.65
N VAL A 8 11.67 13.12 13.02
CA VAL A 8 11.48 14.19 12.04
C VAL A 8 10.47 15.20 12.58
N PRO A 9 10.89 16.47 12.71
CA PRO A 9 10.01 17.55 13.19
C PRO A 9 8.81 17.73 12.27
N ALA A 10 7.65 17.99 12.87
CA ALA A 10 6.43 18.23 12.10
C ALA A 10 6.66 19.38 11.12
N PRO A 11 6.25 19.18 9.86
CA PRO A 11 6.39 20.24 8.86
C PRO A 11 5.29 21.29 8.99
N ASN A 12 5.61 22.49 8.52
CA ASN A 12 4.61 23.48 8.17
C ASN A 12 4.23 23.13 6.72
N GLN A 13 2.96 22.82 6.50
CA GLN A 13 2.51 22.35 5.18
C GLN A 13 2.25 23.48 4.19
N GLN A 14 2.19 24.70 4.70
CA GLN A 14 2.13 25.90 3.85
C GLN A 14 3.18 26.89 4.33
N PRO A 15 4.48 26.61 4.04
CA PRO A 15 5.51 27.52 4.52
C PRO A 15 5.47 28.85 3.77
N GLU A 16 5.84 29.92 4.46
CA GLU A 16 5.82 31.23 3.87
C GLU A 16 7.03 31.42 2.96
N VAL A 17 6.80 32.06 1.82
CA VAL A 17 7.86 32.44 0.90
C VAL A 17 8.35 33.84 1.23
N PHE A 18 9.66 33.94 1.49
CA PHE A 18 10.28 35.22 1.81
C PHE A 18 11.07 35.77 0.64
N CYS A 19 11.43 34.89 -0.29
CA CYS A 19 12.37 35.23 -1.37
C CYS A 19 11.87 34.76 -2.73
N ASN A 20 11.63 35.72 -3.62
CA ASN A 20 11.10 35.42 -4.96
C ASN A 20 11.60 36.37 -6.04
N GLN A 21 12.80 36.94 -5.83
CA GLN A 21 13.36 37.93 -6.75
C GLN A 21 14.73 37.50 -7.29
N ILE A 22 15.38 38.41 -8.00
CA ILE A 22 16.74 38.19 -8.51
C ILE A 22 17.76 38.69 -7.47
N PHE A 23 18.78 37.87 -7.22
CA PHE A 23 19.75 38.12 -6.16
C PHE A 23 21.09 38.56 -6.76
N ILE A 24 21.39 39.85 -6.63
CA ILE A 24 22.62 40.45 -7.15
C ILE A 24 23.24 41.37 -6.11
N ASN A 25 24.54 41.17 -5.84
CA ASN A 25 25.27 42.00 -4.87
C ASN A 25 24.64 41.99 -3.46
N ASN A 26 24.16 40.81 -3.05
CA ASN A 26 23.49 40.60 -1.75
C ASN A 26 22.24 41.44 -1.57
N GLU A 27 21.58 41.74 -2.69
CA GLU A 27 20.34 42.51 -2.69
C GLU A 27 19.29 41.89 -3.64
N TRP A 28 18.02 42.14 -3.34
CA TRP A 28 16.91 41.59 -4.12
C TRP A 28 16.40 42.60 -5.16
N HIS A 29 16.31 42.14 -6.41
CA HIS A 29 15.94 42.98 -7.53
C HIS A 29 14.79 42.35 -8.31
N ASP A 30 13.85 43.19 -8.76
CA ASP A 30 12.88 42.77 -9.77
C ASP A 30 13.63 42.62 -11.09
N ALA A 31 13.06 41.85 -12.00
CA ALA A 31 13.55 41.82 -13.37
C ALA A 31 13.49 43.23 -13.96
N VAL A 32 14.46 43.56 -14.82
CA VAL A 32 14.46 44.86 -15.48
C VAL A 32 13.12 45.10 -16.17
N SER A 33 12.59 44.04 -16.78
CA SER A 33 11.31 44.05 -17.49
C SER A 33 10.14 44.17 -16.53
N ARG A 34 10.38 43.80 -15.27
CA ARG A 34 9.37 43.77 -14.21
C ARG A 34 8.41 42.59 -14.34
N LYS A 35 8.67 41.72 -15.33
CA LYS A 35 7.88 40.50 -15.51
C LYS A 35 8.10 39.49 -14.38
N THR A 36 7.10 38.65 -14.14
CA THR A 36 7.22 37.53 -13.21
C THR A 36 6.65 36.27 -13.84
N PHE A 37 6.93 35.12 -13.24
CA PHE A 37 6.37 33.87 -13.70
C PHE A 37 5.92 33.06 -12.47
N PRO A 38 4.85 32.25 -12.61
CA PRO A 38 4.38 31.44 -11.48
C PRO A 38 5.23 30.18 -11.27
N THR A 39 5.39 29.79 -10.01
CA THR A 39 5.85 28.43 -9.70
C THR A 39 4.70 27.67 -9.05
N VAL A 40 4.55 26.42 -9.46
CA VAL A 40 3.38 25.62 -9.12
C VAL A 40 3.72 24.57 -8.07
N ASN A 41 2.80 24.35 -7.14
CA ASN A 41 2.85 23.20 -6.25
C ASN A 41 2.35 21.97 -7.03
N PRO A 42 3.25 21.04 -7.36
CA PRO A 42 2.87 19.90 -8.22
C PRO A 42 1.89 18.92 -7.57
N SER A 43 1.75 18.96 -6.24
CA SER A 43 0.79 18.12 -5.53
C SER A 43 -0.67 18.58 -5.68
N THR A 44 -0.87 19.87 -5.90
CA THR A 44 -2.22 20.44 -5.99
C THR A 44 -2.50 21.01 -7.36
N GLY A 45 -1.44 21.36 -8.09
CA GLY A 45 -1.55 22.01 -9.39
C GLY A 45 -1.75 23.53 -9.29
N GLU A 46 -1.69 24.05 -8.08
CA GLU A 46 -1.92 25.48 -7.86
C GLU A 46 -0.63 26.29 -7.74
N VAL A 47 -0.74 27.60 -8.01
CA VAL A 47 0.39 28.51 -7.97
C VAL A 47 0.79 28.78 -6.53
N ILE A 48 2.09 28.70 -6.26
CA ILE A 48 2.62 29.01 -4.93
C ILE A 48 2.79 30.52 -4.80
N CYS A 49 3.47 31.12 -5.78
CA CYS A 49 3.70 32.55 -5.82
C CYS A 49 4.28 32.92 -7.17
N GLN A 50 4.41 34.22 -7.41
CA GLN A 50 5.15 34.75 -8.56
C GLN A 50 6.64 34.89 -8.23
N VAL A 51 7.48 34.76 -9.27
CA VAL A 51 8.94 34.86 -9.13
C VAL A 51 9.44 35.78 -10.23
N ALA A 52 10.43 36.63 -9.92
CA ALA A 52 11.00 37.51 -10.94
C ALA A 52 11.50 36.70 -12.13
N GLU A 53 11.15 37.13 -13.35
CA GLU A 53 11.58 36.46 -14.56
C GLU A 53 12.85 37.09 -15.14
N GLY A 54 14.01 36.58 -14.72
CA GLY A 54 15.30 37.08 -15.20
C GLY A 54 15.53 36.79 -16.67
N ASP A 55 16.15 37.74 -17.36
CA ASP A 55 16.46 37.62 -18.77
C ASP A 55 17.90 38.08 -19.00
N LYS A 56 18.27 38.27 -20.25
CA LYS A 56 19.61 38.70 -20.64
C LYS A 56 20.13 39.91 -19.85
N GLU A 57 19.30 40.94 -19.71
CA GLU A 57 19.71 42.17 -19.04
C GLU A 57 20.01 41.93 -17.57
N ASP A 58 19.21 41.07 -16.94
CA ASP A 58 19.40 40.71 -15.54
C ASP A 58 20.68 39.90 -15.34
N VAL A 59 20.94 38.99 -16.28
CA VAL A 59 22.18 38.22 -16.30
C VAL A 59 23.40 39.13 -16.47
N ASP A 60 23.28 40.12 -17.36
CA ASP A 60 24.34 41.11 -17.57
C ASP A 60 24.70 41.84 -16.27
N LYS A 61 23.70 42.30 -15.54
CA LYS A 61 23.90 42.92 -14.24
C LYS A 61 24.65 41.98 -13.28
N ALA A 62 24.19 40.73 -13.21
CA ALA A 62 24.76 39.71 -12.32
C ALA A 62 26.24 39.43 -12.63
N VAL A 63 26.54 39.26 -13.91
CA VAL A 63 27.92 39.01 -14.36
C VAL A 63 28.86 40.16 -14.00
N LYS A 64 28.39 41.39 -14.19
CA LYS A 64 29.16 42.58 -13.83
C LYS A 64 29.42 42.66 -12.32
N ALA A 65 28.41 42.30 -11.53
CA ALA A 65 28.55 42.20 -10.07
C ALA A 65 29.58 41.14 -9.70
N ALA A 66 29.49 39.98 -10.36
CA ALA A 66 30.41 38.89 -10.10
C ALA A 66 31.84 39.28 -10.52
N ARG A 67 31.98 39.90 -11.70
CA ARG A 67 33.28 40.36 -12.18
C ARG A 67 33.94 41.38 -11.23
N ALA A 68 33.14 42.31 -10.73
CA ALA A 68 33.64 43.28 -9.76
C ALA A 68 34.12 42.60 -8.49
N ALA A 69 33.34 41.65 -7.98
CA ALA A 69 33.72 40.91 -6.78
C ALA A 69 35.03 40.12 -6.97
N PHE A 70 35.31 39.74 -8.21
CA PHE A 70 36.50 38.94 -8.55
C PHE A 70 37.78 39.75 -8.82
N GLN A 71 37.67 41.08 -8.83
CA GLN A 71 38.83 41.93 -9.10
C GLN A 71 39.96 41.72 -8.10
N LEU A 72 41.19 41.72 -8.60
CA LEU A 72 42.37 41.61 -7.75
C LEU A 72 42.34 42.73 -6.70
N GLY A 73 42.60 42.35 -5.45
CA GLY A 73 42.56 43.28 -4.32
C GLY A 73 41.20 43.42 -3.64
N SER A 74 40.19 42.72 -4.16
CA SER A 74 38.84 42.77 -3.56
C SER A 74 38.80 41.97 -2.27
N PRO A 75 37.75 42.17 -1.44
CA PRO A 75 37.58 41.36 -0.23
C PRO A 75 37.60 39.84 -0.51
N TRP A 76 36.86 39.41 -1.53
CA TRP A 76 36.79 37.99 -1.87
C TRP A 76 38.12 37.40 -2.36
N ARG A 77 38.88 38.20 -3.10
CA ARG A 77 40.19 37.77 -3.61
C ARG A 77 41.29 37.76 -2.54
N ARG A 78 41.27 38.76 -1.66
CA ARG A 78 42.28 38.86 -0.59
C ARG A 78 41.98 37.98 0.63
N MET A 79 40.75 37.48 0.72
CA MET A 79 40.35 36.65 1.83
C MET A 79 41.23 35.40 1.95
N ASP A 80 41.70 35.12 3.17
CA ASP A 80 42.39 33.86 3.47
C ASP A 80 41.56 32.67 3.00
N ALA A 81 42.21 31.72 2.33
CA ALA A 81 41.54 30.48 1.91
C ALA A 81 40.81 29.81 3.08
N SER A 82 41.46 29.78 4.25
CA SER A 82 40.88 29.19 5.46
C SER A 82 39.56 29.87 5.87
N HIS A 83 39.47 31.17 5.59
CA HIS A 83 38.26 31.93 5.90
C HIS A 83 37.10 31.66 4.93
N ARG A 84 37.41 31.39 3.66
CA ARG A 84 36.37 30.88 2.74
C ARG A 84 35.75 29.63 3.33
N GLY A 85 36.58 28.81 3.98
CA GLY A 85 36.14 27.59 4.64
C GLY A 85 35.19 27.89 5.80
N ARG A 86 35.62 28.81 6.65
CA ARG A 86 34.79 29.31 7.76
C ARG A 86 33.42 29.78 7.26
N LEU A 87 33.42 30.51 6.14
CA LEU A 87 32.18 31.04 5.57
C LEU A 87 31.27 29.93 5.01
N LEU A 88 31.87 28.91 4.42
CA LEU A 88 31.10 27.75 3.95
C LEU A 88 30.48 27.02 5.12
N ASN A 89 31.27 26.83 6.18
CA ASN A 89 30.80 26.23 7.43
C ASN A 89 29.70 27.03 8.13
N ARG A 90 29.83 28.35 8.09
CA ARG A 90 28.78 29.22 8.63
C ARG A 90 27.47 29.04 7.83
N LEU A 91 27.58 29.05 6.50
CA LEU A 91 26.41 28.81 5.62
C LEU A 91 25.71 27.49 5.95
N ALA A 92 26.50 26.44 6.16
CA ALA A 92 25.99 25.15 6.58
C ALA A 92 25.25 25.24 7.92
N ASP A 93 25.84 25.94 8.89
CA ASP A 93 25.19 26.11 10.20
C ASP A 93 23.83 26.80 10.06
N LEU A 94 23.77 27.81 9.21
CA LEU A 94 22.53 28.56 8.97
C LEU A 94 21.48 27.70 8.27
N ILE A 95 21.92 26.90 7.29
CA ILE A 95 20.99 25.98 6.62
C ILE A 95 20.42 24.97 7.63
N GLU A 96 21.27 24.47 8.53
CA GLU A 96 20.82 23.57 9.58
C GLU A 96 19.85 24.23 10.55
N ARG A 97 20.14 25.46 10.98
CA ARG A 97 19.17 26.25 11.75
C ARG A 97 17.79 26.21 11.09
N ASP A 98 17.76 26.47 9.79
CA ASP A 98 16.52 26.56 9.04
C ASP A 98 16.11 25.27 8.32
N ARG A 99 16.72 24.15 8.73
CA ARG A 99 16.49 22.82 8.12
C ARG A 99 15.02 22.41 7.95
N THR A 100 14.23 22.55 9.01
CA THR A 100 12.82 22.15 9.02
C THR A 100 11.98 22.97 8.02
N TYR A 101 12.24 24.28 7.95
CA TYR A 101 11.57 25.16 6.99
C TYR A 101 11.97 24.89 5.54
N LEU A 102 13.27 24.71 5.30
CA LEU A 102 13.78 24.46 3.94
C LEU A 102 13.27 23.13 3.37
N ALA A 103 13.23 22.09 4.22
CA ALA A 103 12.69 20.79 3.84
C ALA A 103 11.24 20.91 3.36
N ALA A 104 10.42 21.61 4.15
CA ALA A 104 9.00 21.84 3.81
C ALA A 104 8.85 22.65 2.53
N LEU A 105 9.63 23.73 2.41
CA LEU A 105 9.64 24.55 1.21
C LEU A 105 10.12 23.77 -0.03
N GLU A 106 11.11 22.90 0.16
CA GLU A 106 11.60 22.03 -0.94
C GLU A 106 10.48 21.12 -1.44
N THR A 107 9.79 20.47 -0.51
CA THR A 107 8.64 19.61 -0.82
C THR A 107 7.49 20.38 -1.47
N LEU A 108 7.20 21.58 -0.99
CA LEU A 108 6.11 22.40 -1.51
C LEU A 108 6.33 22.73 -2.99
N ASP A 109 7.56 23.13 -3.32
CA ASP A 109 7.90 23.54 -4.68
C ASP A 109 8.25 22.36 -5.60
N ASN A 110 8.79 21.28 -5.04
CA ASN A 110 9.27 20.15 -5.86
C ASN A 110 8.34 18.91 -5.92
N GLY A 111 7.79 18.51 -4.78
CA GLY A 111 6.88 17.36 -4.73
C GLY A 111 7.38 16.15 -3.96
N LYS A 112 8.69 16.07 -3.72
CA LYS A 112 9.29 14.94 -3.01
C LYS A 112 8.77 14.86 -1.56
N PRO A 113 8.67 13.64 -1.00
CA PRO A 113 8.13 13.53 0.36
C PRO A 113 8.96 14.36 1.34
N TYR A 114 8.28 15.05 2.25
CA TYR A 114 8.93 15.89 3.28
C TYR A 114 9.97 15.14 4.11
N VAL A 115 9.69 13.89 4.44
CA VAL A 115 10.63 13.07 5.22
C VAL A 115 11.95 12.90 4.47
N ILE A 116 11.87 12.70 3.16
CA ILE A 116 13.05 12.60 2.31
C ILE A 116 13.77 13.95 2.22
N SER A 117 13.01 15.03 2.04
CA SER A 117 13.56 16.39 2.05
C SER A 117 14.37 16.65 3.32
N TYR A 118 13.83 16.23 4.46
CA TYR A 118 14.46 16.49 5.74
C TYR A 118 15.65 15.57 6.01
N LEU A 119 15.45 14.27 5.81
CA LEU A 119 16.45 13.25 6.18
C LEU A 119 17.51 13.00 5.12
N VAL A 120 17.16 13.25 3.84
CA VAL A 120 18.10 12.95 2.75
C VAL A 120 18.69 14.24 2.17
N ASP A 121 17.88 14.99 1.42
CA ASP A 121 18.32 16.20 0.73
C ASP A 121 19.04 17.21 1.63
N LEU A 122 18.39 17.58 2.73
CA LEU A 122 18.96 18.61 3.62
C LEU A 122 20.23 18.11 4.29
N ASP A 123 20.23 16.82 4.66
CA ASP A 123 21.41 16.16 5.23
C ASP A 123 22.59 16.20 4.26
N MET A 124 22.32 15.88 3.00
N MET A 124 22.33 15.89 3.00
CA MET A 124 23.35 15.85 1.96
CA MET A 124 23.38 15.85 1.98
C MET A 124 23.88 17.24 1.63
C MET A 124 23.88 17.25 1.62
N VAL A 125 22.99 18.24 1.67
CA VAL A 125 23.38 19.65 1.47
C VAL A 125 24.41 20.06 2.55
N LEU A 126 24.10 19.73 3.80
CA LEU A 126 24.96 20.08 4.92
C LEU A 126 26.32 19.38 4.79
N LYS A 127 26.28 18.09 4.45
CA LYS A 127 27.48 17.30 4.30
C LYS A 127 28.36 17.74 3.12
N CYS A 128 27.73 18.20 2.03
CA CYS A 128 28.44 18.69 0.85
C CYS A 128 29.16 20.02 1.13
N LEU A 129 28.44 20.98 1.70
CA LEU A 129 29.01 22.28 2.06
C LEU A 129 30.14 22.17 3.09
N ARG A 130 29.92 21.40 4.14
CA ARG A 130 30.96 21.13 5.14
C ARG A 130 32.14 20.34 4.57
N TYR A 131 31.87 19.45 3.62
CA TYR A 131 32.96 18.73 2.97
C TYR A 131 33.86 19.71 2.25
N TYR A 132 33.25 20.59 1.44
CA TYR A 132 34.01 21.53 0.63
C TYR A 132 34.65 22.68 1.43
N ALA A 133 34.07 23.00 2.58
CA ALA A 133 34.66 23.97 3.52
C ALA A 133 36.09 23.54 3.88
N GLY A 134 36.28 22.24 4.12
CA GLY A 134 37.59 21.70 4.43
C GLY A 134 38.58 21.72 3.28
N TRP A 135 38.07 21.76 2.04
CA TRP A 135 38.94 21.80 0.85
C TRP A 135 39.56 23.16 0.59
N ALA A 136 38.93 24.19 1.16
CA ALA A 136 39.24 25.60 0.84
C ALA A 136 40.72 25.96 0.87
N ASP A 137 41.43 25.44 1.86
CA ASP A 137 42.85 25.78 2.05
C ASP A 137 43.77 24.58 1.88
N LYS A 138 43.36 23.63 1.03
CA LYS A 138 44.09 22.36 0.90
C LYS A 138 44.37 21.91 -0.55
N TYR A 139 43.87 22.65 -1.53
CA TYR A 139 44.06 22.30 -2.95
C TYR A 139 45.36 22.86 -3.53
N HIS A 140 46.46 22.28 -3.07
CA HIS A 140 47.81 22.79 -3.34
C HIS A 140 48.20 22.78 -4.80
N GLY A 141 49.00 23.76 -5.20
CA GLY A 141 49.73 23.70 -6.45
C GLY A 141 51.01 22.90 -6.21
N LYS A 142 51.94 22.97 -7.15
CA LYS A 142 53.13 22.12 -7.12
C LYS A 142 54.41 22.93 -7.22
N THR A 143 55.47 22.44 -6.59
CA THR A 143 56.83 22.87 -6.92
C THR A 143 57.46 21.76 -7.75
N ILE A 144 58.16 22.14 -8.81
CA ILE A 144 58.44 21.21 -9.91
C ILE A 144 59.93 21.19 -10.27
N PRO A 145 60.56 19.99 -10.20
CA PRO A 145 61.99 19.82 -10.48
C PRO A 145 62.32 19.86 -11.98
N ILE A 146 62.04 20.99 -12.61
CA ILE A 146 62.24 21.22 -14.03
C ILE A 146 63.74 21.20 -14.38
N ASP A 147 64.07 20.91 -15.64
CA ASP A 147 65.47 20.94 -16.12
C ASP A 147 66.04 22.35 -16.04
N GLY A 148 67.34 22.47 -15.82
CA GLY A 148 68.05 23.75 -15.88
C GLY A 148 67.98 24.61 -14.61
N ASP A 149 68.60 25.78 -14.69
CA ASP A 149 68.72 26.69 -13.55
C ASP A 149 67.45 27.53 -13.32
N PHE A 150 66.39 26.82 -12.93
CA PHE A 150 65.07 27.41 -12.77
C PHE A 150 64.35 26.87 -11.53
N PHE A 151 63.50 27.73 -10.97
CA PHE A 151 62.54 27.36 -9.94
C PHE A 151 61.20 27.46 -10.64
N SER A 152 60.43 26.36 -10.61
CA SER A 152 59.18 26.30 -11.31
C SER A 152 58.09 25.78 -10.40
N TYR A 153 56.97 26.48 -10.38
CA TYR A 153 55.85 26.11 -9.54
C TYR A 153 54.53 26.44 -10.19
N THR A 154 53.46 25.85 -9.66
CA THR A 154 52.12 26.16 -10.12
C THR A 154 51.32 26.84 -9.05
N ARG A 155 50.56 27.85 -9.47
CA ARG A 155 49.49 28.42 -8.69
C ARG A 155 48.18 27.79 -9.11
N HIS A 156 47.41 27.32 -8.12
CA HIS A 156 46.02 26.98 -8.33
C HIS A 156 45.15 28.21 -8.03
N GLU A 157 44.77 28.88 -9.12
CA GLU A 157 43.97 30.10 -9.05
C GLU A 157 42.53 29.76 -9.40
N PRO A 158 41.57 30.64 -9.07
CA PRO A 158 40.19 30.34 -9.43
C PRO A 158 39.98 30.54 -10.91
N VAL A 159 39.02 29.81 -11.49
CA VAL A 159 38.68 30.00 -12.90
C VAL A 159 38.07 31.38 -13.18
N GLY A 160 37.26 31.89 -12.25
CA GLY A 160 36.72 33.25 -12.37
C GLY A 160 35.21 33.32 -12.20
N VAL A 161 34.53 33.91 -13.20
CA VAL A 161 33.09 34.02 -13.17
C VAL A 161 32.51 32.73 -13.72
N CYS A 162 31.79 32.02 -12.85
CA CYS A 162 31.23 30.72 -13.16
C CYS A 162 29.70 30.81 -13.28
N GLY A 163 29.21 30.52 -14.49
CA GLY A 163 27.78 30.34 -14.70
C GLY A 163 27.39 28.93 -14.30
N GLN A 164 26.32 28.80 -13.55
CA GLN A 164 25.88 27.50 -13.08
C GLN A 164 24.40 27.36 -13.34
N ILE A 165 24.06 26.43 -14.23
CA ILE A 165 22.69 26.24 -14.67
C ILE A 165 22.23 24.91 -14.13
N ILE A 166 21.23 24.94 -13.26
CA ILE A 166 20.85 23.73 -12.55
C ILE A 166 19.39 23.32 -12.76
N PRO A 167 19.10 22.01 -12.61
CA PRO A 167 17.78 21.49 -12.86
C PRO A 167 16.89 21.44 -11.61
N TRP A 168 15.75 20.78 -11.71
CA TRP A 168 14.67 20.87 -10.73
C TRP A 168 14.50 19.65 -9.83
N ASN A 169 15.27 18.59 -10.07
CA ASN A 169 15.07 17.33 -9.33
C ASN A 169 15.60 17.29 -7.90
N PHE A 170 16.75 17.92 -7.69
CA PHE A 170 17.30 18.10 -6.35
C PHE A 170 17.71 19.56 -6.23
N PRO A 171 16.73 20.47 -6.08
CA PRO A 171 17.00 21.91 -6.15
C PRO A 171 18.08 22.37 -5.17
N LEU A 172 17.88 22.09 -3.89
CA LEU A 172 18.84 22.46 -2.84
C LEU A 172 20.16 21.69 -2.94
N LEU A 173 20.07 20.39 -3.22
CA LEU A 173 21.29 19.56 -3.33
C LEU A 173 22.16 19.96 -4.53
N MET A 174 21.54 20.24 -5.68
CA MET A 174 22.30 20.66 -6.86
CA MET A 174 22.28 20.69 -6.86
C MET A 174 22.95 22.03 -6.61
N GLN A 175 22.27 22.90 -5.88
CA GLN A 175 22.85 24.20 -5.55
C GLN A 175 24.12 24.00 -4.72
N ALA A 176 24.05 23.15 -3.70
CA ALA A 176 25.22 22.87 -2.86
C ALA A 176 26.36 22.19 -3.64
N TRP A 177 26.00 21.27 -4.53
CA TRP A 177 26.98 20.59 -5.38
C TRP A 177 27.75 21.58 -6.25
N LYS A 178 27.09 22.66 -6.66
CA LYS A 178 27.74 23.69 -7.46
C LYS A 178 28.50 24.70 -6.62
N LEU A 179 27.86 25.22 -5.57
CA LEU A 179 28.43 26.30 -4.74
C LEU A 179 29.63 25.83 -3.92
N GLY A 180 29.50 24.65 -3.31
CA GLY A 180 30.58 24.08 -2.50
C GLY A 180 31.98 24.20 -3.12
N PRO A 181 32.18 23.55 -4.29
CA PRO A 181 33.52 23.57 -4.91
C PRO A 181 33.92 24.92 -5.51
N ALA A 182 32.96 25.66 -6.06
CA ALA A 182 33.24 26.95 -6.68
C ALA A 182 33.73 27.95 -5.63
N LEU A 183 33.06 27.95 -4.48
CA LEU A 183 33.41 28.88 -3.42
C LEU A 183 34.64 28.42 -2.66
N ALA A 184 34.79 27.12 -2.47
CA ALA A 184 35.98 26.59 -1.79
C ALA A 184 37.27 27.05 -2.45
N THR A 185 37.22 27.23 -3.77
CA THR A 185 38.39 27.60 -4.56
C THR A 185 38.44 29.10 -4.93
N GLY A 186 37.52 29.89 -4.37
CA GLY A 186 37.57 31.34 -4.53
C GLY A 186 36.97 31.91 -5.80
N ASN A 187 36.10 31.14 -6.44
CA ASN A 187 35.37 31.64 -7.61
C ASN A 187 34.17 32.52 -7.24
N VAL A 188 33.59 33.15 -8.24
CA VAL A 188 32.32 33.86 -8.09
C VAL A 188 31.27 33.24 -9.03
N VAL A 189 30.00 33.39 -8.65
CA VAL A 189 28.93 32.58 -9.22
C VAL A 189 27.78 33.42 -9.74
N VAL A 190 27.36 33.09 -10.97
CA VAL A 190 26.05 33.48 -11.48
C VAL A 190 25.28 32.19 -11.70
N MET A 191 24.25 32.00 -10.89
CA MET A 191 23.51 30.76 -10.87
C MET A 191 22.12 30.97 -11.44
N LYS A 192 21.71 30.02 -12.29
CA LYS A 192 20.43 30.07 -12.94
C LYS A 192 19.72 28.82 -12.46
N VAL A 193 18.70 29.03 -11.63
CA VAL A 193 17.94 27.92 -11.05
C VAL A 193 16.77 27.55 -11.96
N ALA A 194 16.26 26.33 -11.81
CA ALA A 194 15.16 25.85 -12.64
C ALA A 194 13.90 26.65 -12.39
N GLU A 195 13.17 26.95 -13.46
CA GLU A 195 11.89 27.65 -13.37
C GLU A 195 10.85 26.87 -12.57
N GLN A 196 10.99 25.55 -12.50
CA GLN A 196 10.04 24.71 -11.76
C GLN A 196 10.26 24.74 -10.26
N THR A 197 11.50 24.99 -9.83
CA THR A 197 11.87 24.92 -8.41
C THR A 197 12.83 26.04 -8.01
N PRO A 198 12.40 27.31 -8.13
CA PRO A 198 13.35 28.38 -7.84
C PRO A 198 13.48 28.79 -6.38
N LEU A 199 12.51 28.40 -5.55
CA LEU A 199 12.28 29.03 -4.24
C LEU A 199 13.31 28.77 -3.14
N THR A 200 13.66 27.50 -2.94
CA THR A 200 14.60 27.11 -1.89
C THR A 200 15.98 27.71 -2.11
N ALA A 201 16.43 27.74 -3.37
CA ALA A 201 17.71 28.33 -3.76
C ALA A 201 17.78 29.83 -3.45
N LEU A 202 16.65 30.52 -3.64
CA LEU A 202 16.55 31.95 -3.37
C LEU A 202 16.60 32.24 -1.88
N TYR A 203 15.98 31.38 -1.07
CA TYR A 203 16.12 31.52 0.37
C TYR A 203 17.57 31.31 0.86
N VAL A 204 18.25 30.32 0.29
CA VAL A 204 19.67 30.06 0.62
C VAL A 204 20.56 31.27 0.32
N ALA A 205 20.20 32.01 -0.73
CA ALA A 205 20.85 33.28 -1.07
C ALA A 205 20.78 34.29 0.10
N ASN A 206 19.66 34.27 0.82
CA ASN A 206 19.48 35.11 2.00
C ASN A 206 20.42 34.64 3.12
N LEU A 207 20.67 33.33 3.17
CA LEU A 207 21.57 32.73 4.15
C LEU A 207 23.03 32.97 3.75
N ILE A 208 23.28 33.07 2.45
CA ILE A 208 24.60 33.44 1.94
C ILE A 208 24.97 34.89 2.35
N LYS A 209 24.00 35.79 2.31
CA LYS A 209 24.18 37.15 2.82
C LYS A 209 24.42 37.18 4.33
N GLU A 210 23.61 36.42 5.07
CA GLU A 210 23.71 36.33 6.53
C GLU A 210 25.04 35.72 6.98
N ALA A 211 25.58 34.79 6.20
CA ALA A 211 26.83 34.12 6.55
C ALA A 211 28.03 35.05 6.42
N GLY A 212 27.90 36.10 5.62
CA GLY A 212 28.98 37.08 5.47
C GLY A 212 29.73 37.08 4.15
N PHE A 213 29.28 36.29 3.18
CA PHE A 213 29.86 36.31 1.83
C PHE A 213 29.80 37.72 1.24
N PRO A 214 30.93 38.20 0.68
CA PRO A 214 30.92 39.53 0.07
C PRO A 214 29.89 39.68 -1.05
N PRO A 215 29.35 40.90 -1.26
CA PRO A 215 28.44 41.17 -2.37
C PRO A 215 29.04 40.83 -3.72
N GLY A 216 28.25 40.10 -4.53
CA GLY A 216 28.66 39.73 -5.88
C GLY A 216 29.32 38.36 -6.01
N VAL A 217 29.63 37.72 -4.88
CA VAL A 217 30.28 36.40 -4.89
C VAL A 217 29.31 35.32 -5.37
N VAL A 218 28.05 35.38 -4.92
CA VAL A 218 27.00 34.52 -5.43
C VAL A 218 25.84 35.40 -5.90
N ASN A 219 25.47 35.22 -7.16
CA ASN A 219 24.34 35.91 -7.75
C ASN A 219 23.38 34.89 -8.34
N ILE A 220 22.09 35.06 -8.08
CA ILE A 220 21.11 34.09 -8.55
C ILE A 220 20.05 34.76 -9.42
N VAL A 221 19.86 34.20 -10.61
CA VAL A 221 18.93 34.72 -11.59
C VAL A 221 17.89 33.65 -11.90
N PRO A 222 16.70 33.75 -11.25
CA PRO A 222 15.59 32.87 -11.63
C PRO A 222 15.07 33.29 -13.02
N GLY A 223 14.45 32.35 -13.74
CA GLY A 223 13.94 32.63 -15.08
C GLY A 223 14.00 31.41 -15.97
N PHE A 224 13.67 31.60 -17.24
CA PHE A 224 13.62 30.48 -18.19
C PHE A 224 14.98 30.20 -18.80
N GLY A 225 15.08 29.05 -19.46
CA GLY A 225 16.34 28.56 -20.02
C GLY A 225 16.84 29.22 -21.29
N PRO A 226 15.99 29.32 -22.34
CA PRO A 226 16.45 29.96 -23.58
C PRO A 226 16.61 31.48 -23.43
N THR A 227 16.18 32.01 -22.29
CA THR A 227 16.39 33.41 -21.96
C THR A 227 17.62 33.57 -21.06
N ALA A 228 17.43 33.37 -19.75
CA ALA A 228 18.50 33.56 -18.76
C ALA A 228 19.63 32.54 -18.88
N GLY A 229 19.29 31.27 -19.06
CA GLY A 229 20.28 30.20 -19.19
C GLY A 229 21.22 30.38 -20.37
N ALA A 230 20.63 30.73 -21.52
CA ALA A 230 21.40 30.97 -22.75
C ALA A 230 22.26 32.23 -22.66
N ALA A 231 21.72 33.29 -22.06
CA ALA A 231 22.50 34.50 -21.79
C ALA A 231 23.80 34.17 -21.07
N ILE A 232 23.71 33.32 -20.04
CA ILE A 232 24.88 32.86 -19.28
C ILE A 232 25.87 32.07 -20.16
N ALA A 233 25.35 31.11 -20.94
CA ALA A 233 26.18 30.27 -21.80
C ALA A 233 26.90 31.03 -22.90
N SER A 234 26.25 32.08 -23.40
CA SER A 234 26.79 32.89 -24.48
C SER A 234 27.55 34.12 -24.03
N HIS A 235 27.54 34.38 -22.71
CA HIS A 235 28.16 35.60 -22.18
C HIS A 235 29.65 35.69 -22.47
N GLU A 236 30.09 36.90 -22.87
CA GLU A 236 31.50 37.15 -23.20
C GLU A 236 32.40 37.32 -21.97
N ASP A 237 31.80 37.41 -20.79
CA ASP A 237 32.58 37.65 -19.58
C ASP A 237 32.38 36.57 -18.49
N VAL A 238 31.74 35.47 -18.88
CA VAL A 238 31.67 34.29 -18.03
C VAL A 238 32.82 33.38 -18.45
N ASP A 239 33.59 32.93 -17.47
CA ASP A 239 34.82 32.17 -17.73
C ASP A 239 34.58 30.66 -17.81
N LYS A 240 33.52 30.21 -17.13
CA LYS A 240 33.25 28.80 -16.99
C LYS A 240 31.77 28.60 -16.81
N VAL A 241 31.24 27.57 -17.48
CA VAL A 241 29.86 27.16 -17.31
C VAL A 241 29.79 25.71 -16.84
N ALA A 242 28.88 25.44 -15.91
CA ALA A 242 28.56 24.08 -15.50
C ALA A 242 27.05 23.91 -15.64
N PHE A 243 26.65 22.87 -16.37
CA PHE A 243 25.24 22.66 -16.67
C PHE A 243 24.80 21.26 -16.28
N ALA A 244 23.67 21.18 -15.58
CA ALA A 244 23.04 19.89 -15.33
C ALA A 244 21.62 19.90 -15.86
N GLY A 245 21.28 18.87 -16.63
CA GLY A 245 19.96 18.74 -17.25
C GLY A 245 19.95 17.75 -18.41
N SER A 246 19.17 18.07 -19.44
CA SER A 246 19.00 17.19 -20.60
C SER A 246 20.24 17.16 -21.49
N THR A 247 20.41 16.07 -22.23
CA THR A 247 21.43 15.96 -23.26
C THR A 247 21.25 17.02 -24.33
N GLU A 248 20.00 17.29 -24.69
CA GLU A 248 19.64 18.26 -25.73
C GLU A 248 20.21 19.65 -25.45
N ILE A 249 19.99 20.16 -24.23
CA ILE A 249 20.46 21.49 -23.85
C ILE A 249 21.97 21.47 -23.55
N GLY A 250 22.48 20.32 -23.12
CA GLY A 250 23.91 20.11 -22.98
C GLY A 250 24.65 20.41 -24.27
N ARG A 251 24.07 19.98 -25.39
CA ARG A 251 24.59 20.31 -26.72
C ARG A 251 24.59 21.83 -26.93
N VAL A 252 23.46 22.45 -26.62
CA VAL A 252 23.27 23.89 -26.78
C VAL A 252 24.31 24.66 -25.97
N ILE A 253 24.54 24.22 -24.72
CA ILE A 253 25.54 24.83 -23.85
C ILE A 253 26.93 24.75 -24.48
N GLN A 254 27.36 23.56 -24.90
CA GLN A 254 28.69 23.41 -25.50
C GLN A 254 28.83 24.23 -26.78
N VAL A 255 27.79 24.25 -27.61
CA VAL A 255 27.80 25.04 -28.84
C VAL A 255 27.93 26.55 -28.57
N ALA A 256 27.19 27.04 -27.57
CA ALA A 256 27.22 28.47 -27.19
C ALA A 256 28.59 28.88 -26.65
N ALA A 257 29.18 28.03 -25.83
CA ALA A 257 30.53 28.21 -25.32
C ALA A 257 31.54 28.36 -26.47
N GLY A 258 31.46 27.46 -27.44
CA GLY A 258 32.32 27.52 -28.62
C GLY A 258 32.10 28.76 -29.47
N SER A 259 30.84 29.16 -29.60
CA SER A 259 30.45 30.32 -30.42
C SER A 259 30.65 31.67 -29.73
N SER A 260 30.95 31.65 -28.43
CA SER A 260 31.11 32.91 -27.70
C SER A 260 32.58 33.18 -27.34
N ASN A 261 32.94 32.98 -26.07
CA ASN A 261 34.29 33.32 -25.61
C ASN A 261 35.16 32.10 -25.29
N LEU A 262 34.74 30.93 -25.77
CA LEU A 262 35.45 29.68 -25.49
C LEU A 262 35.58 29.39 -23.99
N LYS A 263 34.53 29.72 -23.24
CA LYS A 263 34.48 29.41 -21.81
C LYS A 263 34.62 27.92 -21.54
N ARG A 264 35.14 27.57 -20.36
CA ARG A 264 35.30 26.17 -19.96
C ARG A 264 33.94 25.57 -19.61
N VAL A 265 33.74 24.29 -19.95
CA VAL A 265 32.44 23.64 -19.86
C VAL A 265 32.53 22.27 -19.17
N THR A 266 31.64 22.04 -18.21
CA THR A 266 31.39 20.68 -17.71
C THR A 266 29.89 20.45 -17.74
N LEU A 267 29.51 19.19 -17.93
CA LEU A 267 28.12 18.82 -18.14
C LEU A 267 27.79 17.55 -17.37
N GLU A 268 26.59 17.52 -16.81
CA GLU A 268 26.04 16.29 -16.24
C GLU A 268 24.64 16.12 -16.83
N LEU A 269 24.51 15.11 -17.69
CA LEU A 269 23.31 14.98 -18.50
C LEU A 269 22.49 13.75 -18.12
N GLY A 270 21.75 13.18 -19.05
CA GLY A 270 20.88 12.08 -18.66
C GLY A 270 21.62 10.77 -18.38
N GLY A 271 20.82 9.72 -18.22
CA GLY A 271 21.33 8.38 -18.13
C GLY A 271 20.24 7.39 -18.53
N LYS A 272 20.67 6.17 -18.83
CA LYS A 272 19.80 5.01 -18.89
C LYS A 272 20.60 3.92 -18.21
N SER A 273 20.81 4.10 -16.91
CA SER A 273 21.76 3.29 -16.16
C SER A 273 21.30 1.86 -15.96
N PRO A 274 22.18 0.89 -16.27
CA PRO A 274 21.90 -0.53 -16.06
C PRO A 274 22.15 -1.00 -14.63
N ASN A 275 21.20 -1.77 -14.09
CA ASN A 275 21.33 -2.37 -12.77
C ASN A 275 21.31 -3.88 -12.95
N ILE A 276 22.43 -4.54 -12.65
CA ILE A 276 22.65 -5.92 -13.06
C ILE A 276 22.61 -6.88 -11.87
N ILE A 277 21.62 -7.77 -11.90
CA ILE A 277 21.37 -8.71 -10.82
C ILE A 277 21.84 -10.09 -11.25
N MET A 278 22.95 -10.56 -10.66
CA MET A 278 23.46 -11.91 -10.94
C MET A 278 22.63 -12.90 -10.14
N SER A 279 22.59 -14.15 -10.59
CA SER A 279 21.77 -15.17 -9.94
C SER A 279 22.21 -15.53 -8.52
N ASP A 280 23.43 -15.12 -8.15
CA ASP A 280 23.92 -15.38 -6.80
C ASP A 280 23.73 -14.18 -5.86
N ALA A 281 22.99 -13.18 -6.31
CA ALA A 281 22.70 -12.02 -5.48
C ALA A 281 21.78 -12.39 -4.33
N ASP A 282 21.89 -11.64 -3.23
CA ASP A 282 20.95 -11.72 -2.14
C ASP A 282 19.62 -11.20 -2.68
N MET A 283 18.63 -12.08 -2.77
CA MET A 283 17.36 -11.80 -3.45
C MET A 283 16.59 -10.65 -2.82
N ASP A 284 16.37 -10.73 -1.50
CA ASP A 284 15.61 -9.71 -0.75
C ASP A 284 16.24 -8.33 -0.85
N TRP A 285 17.57 -8.29 -0.73
CA TRP A 285 18.33 -7.05 -0.79
C TRP A 285 18.25 -6.45 -2.20
N ALA A 286 18.46 -7.29 -3.22
CA ALA A 286 18.48 -6.83 -4.61
C ALA A 286 17.13 -6.30 -5.09
N VAL A 287 16.04 -6.96 -4.67
CA VAL A 287 14.69 -6.54 -5.03
C VAL A 287 14.43 -5.13 -4.47
N GLU A 288 14.68 -4.95 -3.18
CA GLU A 288 14.48 -3.68 -2.51
C GLU A 288 15.36 -2.56 -3.08
N GLN A 289 16.64 -2.86 -3.30
CA GLN A 289 17.58 -1.90 -3.89
C GLN A 289 17.28 -1.56 -5.35
N ALA A 290 16.81 -2.54 -6.12
CA ALA A 290 16.38 -2.32 -7.51
C ALA A 290 15.17 -1.39 -7.56
N HIS A 291 14.28 -1.57 -6.59
CA HIS A 291 13.10 -0.72 -6.42
C HIS A 291 13.51 0.71 -6.09
N PHE A 292 14.38 0.86 -5.08
CA PHE A 292 14.98 2.16 -4.75
C PHE A 292 15.69 2.80 -5.96
N ALA A 293 16.55 2.02 -6.62
CA ALA A 293 17.34 2.49 -7.76
C ALA A 293 16.49 3.17 -8.84
N LEU A 294 15.32 2.61 -9.10
CA LEU A 294 14.41 3.16 -10.10
C LEU A 294 13.47 4.24 -9.52
N PHE A 295 12.75 3.89 -8.45
CA PHE A 295 11.66 4.74 -7.96
C PHE A 295 12.04 5.96 -7.12
N PHE A 296 13.28 6.00 -6.61
CA PHE A 296 13.74 7.12 -5.76
C PHE A 296 13.48 8.49 -6.40
N ASN A 297 13.04 9.43 -5.58
CA ASN A 297 12.76 10.80 -6.02
C ASN A 297 11.80 10.85 -7.22
N GLN A 298 10.71 10.08 -7.13
CA GLN A 298 9.71 9.99 -8.20
C GLN A 298 10.30 9.53 -9.53
N GLY A 299 11.36 8.73 -9.46
CA GLY A 299 12.10 8.32 -10.66
C GLY A 299 12.90 9.45 -11.30
N GLN A 300 12.92 10.61 -10.64
CA GLN A 300 13.53 11.81 -11.20
C GLN A 300 14.98 11.95 -10.76
N CYS A 301 15.80 10.99 -11.19
N CYS A 301 15.78 10.95 -11.14
CA CYS A 301 17.19 10.90 -10.79
CA CYS A 301 17.20 10.88 -10.81
C CYS A 301 18.07 10.63 -11.99
C CYS A 301 18.01 10.70 -12.08
N CYS A 302 19.07 11.48 -12.21
CA CYS A 302 19.98 11.39 -13.36
C CYS A 302 20.46 9.97 -13.59
N CYS A 303 20.85 9.31 -12.50
CA CYS A 303 21.45 7.99 -12.53
C CYS A 303 20.48 6.89 -12.10
N ALA A 304 19.19 7.06 -12.39
CA ALA A 304 18.19 6.04 -12.02
C ALA A 304 18.49 4.69 -12.67
N GLY A 305 18.29 3.61 -11.91
CA GLY A 305 18.48 2.23 -12.40
C GLY A 305 17.34 1.78 -13.30
N SER A 306 17.33 2.33 -14.51
CA SER A 306 16.21 2.22 -15.45
C SER A 306 16.30 1.08 -16.47
N ARG A 307 17.40 0.32 -16.43
CA ARG A 307 17.46 -0.98 -17.07
C ARG A 307 17.85 -2.00 -16.01
N THR A 308 16.86 -2.74 -15.52
CA THR A 308 17.11 -3.80 -14.53
C THR A 308 17.33 -5.13 -15.26
N PHE A 309 18.59 -5.51 -15.44
CA PHE A 309 18.97 -6.79 -16.04
C PHE A 309 19.02 -7.85 -14.96
N VAL A 310 18.25 -8.92 -15.16
CA VAL A 310 18.12 -10.00 -14.16
C VAL A 310 18.43 -11.35 -14.80
N GLN A 311 19.35 -12.11 -14.19
N GLN A 311 19.34 -12.12 -14.18
CA GLN A 311 19.76 -13.40 -14.74
CA GLN A 311 19.79 -13.39 -14.74
C GLN A 311 18.55 -14.34 -14.82
C GLN A 311 18.64 -14.43 -14.76
N GLU A 312 18.48 -15.10 -15.90
CA GLU A 312 17.29 -15.94 -16.19
C GLU A 312 16.81 -16.88 -15.08
N ASP A 313 17.76 -17.53 -14.38
CA ASP A 313 17.42 -18.47 -13.31
C ASP A 313 16.63 -17.85 -12.16
N ILE A 314 16.77 -16.54 -11.97
CA ILE A 314 16.08 -15.82 -10.88
C ILE A 314 15.05 -14.80 -11.37
N TYR A 315 14.92 -14.68 -12.69
CA TYR A 315 14.02 -13.70 -13.31
C TYR A 315 12.60 -13.73 -12.75
N ASP A 316 11.96 -14.91 -12.75
CA ASP A 316 10.56 -15.04 -12.33
C ASP A 316 10.32 -14.52 -10.92
N GLU A 317 11.11 -15.03 -9.98
CA GLU A 317 10.98 -14.66 -8.57
C GLU A 317 11.28 -13.18 -8.33
N PHE A 318 12.35 -12.68 -8.96
CA PHE A 318 12.72 -11.28 -8.84
C PHE A 318 11.58 -10.37 -9.31
N VAL A 319 11.03 -10.69 -10.48
CA VAL A 319 9.91 -9.97 -11.07
C VAL A 319 8.68 -10.00 -10.16
N GLU A 320 8.33 -11.18 -9.64
CA GLU A 320 7.20 -11.30 -8.72
C GLU A 320 7.37 -10.40 -7.49
N ARG A 321 8.55 -10.45 -6.89
CA ARG A 321 8.85 -9.65 -5.70
C ARG A 321 8.89 -8.14 -6.00
N SER A 322 9.38 -7.79 -7.18
CA SER A 322 9.38 -6.40 -7.68
C SER A 322 7.98 -5.83 -7.86
N VAL A 323 7.09 -6.65 -8.42
CA VAL A 323 5.70 -6.26 -8.65
C VAL A 323 4.99 -6.00 -7.32
N ALA A 324 5.18 -6.92 -6.37
CA ALA A 324 4.60 -6.80 -5.03
C ALA A 324 5.04 -5.53 -4.31
N ARG A 325 6.30 -5.17 -4.49
CA ARG A 325 6.87 -3.96 -3.88
C ARG A 325 6.35 -2.69 -4.57
N ALA A 326 6.33 -2.69 -5.90
CA ALA A 326 5.76 -1.59 -6.66
C ALA A 326 4.28 -1.40 -6.33
N LYS A 327 3.53 -2.50 -6.24
CA LYS A 327 2.10 -2.46 -5.93
C LYS A 327 1.79 -1.91 -4.54
N SER A 328 2.77 -1.92 -3.64
CA SER A 328 2.54 -1.46 -2.27
C SER A 328 3.30 -0.19 -1.91
N ARG A 329 3.96 0.41 -2.90
CA ARG A 329 4.63 1.69 -2.72
C ARG A 329 3.62 2.84 -2.54
N VAL A 330 3.67 3.51 -1.40
CA VAL A 330 2.67 4.52 -1.04
C VAL A 330 2.85 5.84 -1.82
N VAL A 331 1.91 6.11 -2.73
CA VAL A 331 1.83 7.39 -3.44
C VAL A 331 0.77 8.25 -2.74
N GLY A 332 1.07 9.53 -2.55
CA GLY A 332 0.13 10.46 -1.91
C GLY A 332 0.73 11.84 -1.60
N ASN A 333 0.01 12.61 -0.78
CA ASN A 333 0.47 13.88 -0.22
C ASN A 333 1.89 13.73 0.38
N PRO A 334 2.88 14.42 -0.22
CA PRO A 334 4.27 14.36 0.26
C PRO A 334 4.47 14.76 1.73
N PHE A 335 3.52 15.51 2.28
CA PHE A 335 3.59 15.92 3.69
C PHE A 335 3.15 14.85 4.70
N ASP A 336 2.52 13.77 4.22
CA ASP A 336 2.16 12.62 5.07
C ASP A 336 3.36 11.71 5.26
N SER A 337 3.65 11.38 6.52
CA SER A 337 4.84 10.59 6.88
C SER A 337 4.93 9.24 6.17
N LYS A 338 3.79 8.69 5.76
CA LYS A 338 3.73 7.36 5.15
C LYS A 338 3.96 7.38 3.64
N THR A 339 3.87 8.55 3.04
CA THR A 339 4.06 8.71 1.59
C THR A 339 5.52 8.43 1.19
N GLU A 340 5.68 7.47 0.28
CA GLU A 340 6.98 7.14 -0.27
C GLU A 340 7.22 7.92 -1.56
N GLN A 341 6.14 8.24 -2.26
CA GLN A 341 6.22 8.85 -3.59
C GLN A 341 5.26 10.02 -3.74
N GLY A 342 5.82 11.19 -4.05
CA GLY A 342 5.01 12.38 -4.34
C GLY A 342 4.61 12.45 -5.80
N PRO A 343 4.21 13.63 -6.26
CA PRO A 343 3.90 13.82 -7.69
C PRO A 343 5.16 14.08 -8.52
N GLN A 344 5.04 13.97 -9.84
CA GLN A 344 6.07 14.44 -10.75
C GLN A 344 6.10 15.98 -10.71
N VAL A 345 7.20 16.57 -11.16
CA VAL A 345 7.47 18.01 -10.91
C VAL A 345 6.51 18.99 -11.60
N ASP A 346 6.03 18.65 -12.80
CA ASP A 346 5.08 19.49 -13.52
C ASP A 346 4.21 18.70 -14.52
N GLU A 347 3.30 19.42 -15.17
CA GLU A 347 2.38 18.84 -16.14
C GLU A 347 3.09 18.28 -17.35
N THR A 348 4.12 19.01 -17.82
CA THR A 348 4.93 18.60 -18.96
C THR A 348 5.58 17.23 -18.72
N GLN A 349 6.20 17.07 -17.54
CA GLN A 349 6.79 15.81 -17.13
C GLN A 349 5.74 14.74 -16.98
N PHE A 350 4.67 15.07 -16.25
CA PHE A 350 3.50 14.22 -16.08
C PHE A 350 3.07 13.59 -17.41
N LYS A 351 2.84 14.43 -18.43
CA LYS A 351 2.35 13.98 -19.73
C LYS A 351 3.38 13.14 -20.50
N LYS A 352 4.64 13.54 -20.45
CA LYS A 352 5.71 12.80 -21.14
C LYS A 352 5.86 11.37 -20.58
N ILE A 353 5.81 11.24 -19.25
CA ILE A 353 5.91 9.93 -18.60
C ILE A 353 4.75 9.00 -19.00
N LEU A 354 3.52 9.51 -18.96
CA LEU A 354 2.35 8.75 -19.40
C LEU A 354 2.45 8.38 -20.88
N GLY A 355 3.05 9.28 -21.67
CA GLY A 355 3.36 8.99 -23.07
C GLY A 355 4.31 7.83 -23.25
N TYR A 356 5.34 7.77 -22.42
CA TYR A 356 6.29 6.65 -22.42
C TYR A 356 5.64 5.33 -21.99
N ILE A 357 4.70 5.40 -21.06
CA ILE A 357 3.92 4.24 -20.63
C ILE A 357 3.09 3.70 -21.81
N ASN A 358 2.46 4.61 -22.55
CA ASN A 358 1.78 4.24 -23.80
C ASN A 358 2.69 3.53 -24.79
N THR A 359 3.83 4.13 -25.09
CA THR A 359 4.83 3.55 -25.99
C THR A 359 5.29 2.16 -25.54
N GLY A 360 5.56 2.01 -24.24
CA GLY A 360 5.93 0.73 -23.67
C GLY A 360 4.90 -0.34 -23.96
N LYS A 361 3.63 -0.04 -23.70
CA LYS A 361 2.52 -0.94 -24.02
C LYS A 361 2.49 -1.25 -25.52
N GLN A 362 2.55 -0.20 -26.35
CA GLN A 362 2.48 -0.33 -27.80
C GLN A 362 3.61 -1.15 -28.43
N GLU A 363 4.79 -1.13 -27.80
CA GLU A 363 5.96 -1.80 -28.35
C GLU A 363 6.14 -3.24 -27.86
N GLY A 364 5.20 -3.72 -27.05
CA GLY A 364 5.13 -5.13 -26.69
C GLY A 364 5.77 -5.54 -25.37
N ALA A 365 6.13 -4.54 -24.56
CA ALA A 365 6.60 -4.80 -23.20
C ALA A 365 5.41 -5.22 -22.36
N LYS A 366 5.65 -6.12 -21.41
CA LYS A 366 4.58 -6.63 -20.57
C LYS A 366 4.33 -5.70 -19.39
N LEU A 367 3.16 -5.06 -19.39
CA LEU A 367 2.75 -4.22 -18.27
C LEU A 367 2.31 -5.09 -17.12
N LEU A 368 3.05 -5.01 -16.01
CA LEU A 368 2.85 -5.92 -14.87
C LEU A 368 2.08 -5.28 -13.71
N CYS A 369 2.19 -3.96 -13.57
CA CYS A 369 1.42 -3.19 -12.58
C CYS A 369 1.43 -1.70 -12.93
N GLY A 370 0.54 -0.94 -12.29
CA GLY A 370 0.42 0.50 -12.53
C GLY A 370 0.06 0.86 -13.96
N GLY A 371 0.72 1.87 -14.50
CA GLY A 371 0.52 2.28 -15.88
C GLY A 371 -0.43 3.45 -16.08
N GLY A 372 -0.96 4.01 -14.99
CA GLY A 372 -1.88 5.13 -15.09
C GLY A 372 -1.72 6.25 -14.08
N ILE A 373 -2.68 7.17 -14.09
CA ILE A 373 -2.72 8.29 -13.17
C ILE A 373 -3.10 7.80 -11.77
N ALA A 374 -2.49 8.38 -10.74
CA ALA A 374 -2.68 7.89 -9.39
C ALA A 374 -3.68 8.72 -8.57
N ALA A 375 -3.87 9.98 -8.97
CA ALA A 375 -4.82 10.88 -8.32
C ALA A 375 -5.53 11.75 -9.37
N ASP A 376 -6.62 12.42 -8.98
CA ASP A 376 -7.34 13.28 -9.93
C ASP A 376 -6.92 14.75 -9.86
N ARG A 377 -6.12 15.09 -8.84
CA ARG A 377 -5.39 16.37 -8.85
C ARG A 377 -3.91 16.19 -8.45
N GLY A 378 -3.05 17.01 -9.03
CA GLY A 378 -1.61 16.85 -8.87
C GLY A 378 -1.08 15.89 -9.91
N TYR A 379 0.24 15.86 -10.06
CA TYR A 379 0.86 15.07 -11.11
C TYR A 379 1.32 13.69 -10.62
N PHE A 380 0.37 12.92 -10.08
CA PHE A 380 0.65 11.63 -9.47
C PHE A 380 0.47 10.47 -10.46
N ILE A 381 1.52 9.65 -10.59
CA ILE A 381 1.50 8.48 -11.48
C ILE A 381 1.72 7.21 -10.69
N GLN A 382 1.02 6.13 -11.07
CA GLN A 382 1.13 4.84 -10.39
C GLN A 382 2.52 4.26 -10.64
N PRO A 383 3.14 3.69 -9.58
CA PRO A 383 4.40 2.96 -9.78
C PRO A 383 4.18 1.85 -10.81
N THR A 384 4.93 1.93 -11.91
CA THR A 384 4.71 1.12 -13.10
C THR A 384 5.91 0.20 -13.35
N VAL A 385 5.64 -1.06 -13.64
CA VAL A 385 6.68 -2.05 -13.92
C VAL A 385 6.41 -2.78 -15.23
N PHE A 386 7.39 -2.71 -16.14
CA PHE A 386 7.36 -3.41 -17.41
C PHE A 386 8.29 -4.62 -17.38
N GLY A 387 7.77 -5.77 -17.79
CA GLY A 387 8.54 -7.01 -17.86
C GLY A 387 8.87 -7.35 -19.30
N ASP A 388 9.78 -8.30 -19.48
CA ASP A 388 10.19 -8.78 -20.81
C ASP A 388 10.60 -7.65 -21.74
N VAL A 389 11.28 -6.64 -21.19
CA VAL A 389 11.74 -5.50 -21.99
C VAL A 389 12.90 -5.95 -22.87
N GLN A 390 12.95 -5.41 -24.08
CA GLN A 390 14.04 -5.73 -25.01
C GLN A 390 14.85 -4.48 -25.30
N ASP A 391 16.13 -4.65 -25.58
CA ASP A 391 17.08 -3.55 -25.78
C ASP A 391 16.62 -2.56 -26.86
N GLY A 392 15.85 -3.07 -27.82
CA GLY A 392 15.41 -2.26 -28.96
C GLY A 392 14.25 -1.33 -28.64
N MET A 393 13.52 -1.65 -27.57
CA MET A 393 12.34 -0.86 -27.18
C MET A 393 12.72 0.56 -26.77
N THR A 394 11.84 1.51 -27.08
CA THR A 394 12.00 2.93 -26.72
C THR A 394 12.22 3.07 -25.22
N ILE A 395 11.43 2.36 -24.43
CA ILE A 395 11.52 2.43 -22.97
C ILE A 395 12.80 1.80 -22.42
N ALA A 396 13.52 1.05 -23.26
CA ALA A 396 14.83 0.51 -22.91
C ALA A 396 15.95 1.47 -23.31
N LYS A 397 15.64 2.40 -24.21
CA LYS A 397 16.64 3.32 -24.76
C LYS A 397 16.59 4.76 -24.23
N GLU A 398 15.39 5.29 -24.02
CA GLU A 398 15.22 6.69 -23.63
C GLU A 398 14.96 6.87 -22.13
N GLU A 399 15.53 7.93 -21.57
CA GLU A 399 15.33 8.30 -20.16
C GLU A 399 13.89 8.71 -19.93
N ILE A 400 13.18 7.96 -19.10
CA ILE A 400 11.78 8.26 -18.81
C ILE A 400 11.62 9.32 -17.71
N PHE A 401 12.49 9.24 -16.69
CA PHE A 401 12.52 10.21 -15.58
C PHE A 401 11.22 10.19 -14.75
N GLY A 402 10.69 8.98 -14.54
CA GLY A 402 9.47 8.79 -13.80
C GLY A 402 9.39 7.40 -13.20
N PRO A 403 8.28 7.11 -12.50
CA PRO A 403 8.14 5.85 -11.77
C PRO A 403 7.77 4.69 -12.73
N VAL A 404 8.67 4.40 -13.64
CA VAL A 404 8.48 3.40 -14.69
C VAL A 404 9.71 2.50 -14.76
N MET A 405 9.56 1.27 -14.26
CA MET A 405 10.64 0.29 -14.19
C MET A 405 10.66 -0.66 -15.38
N GLN A 406 11.85 -0.85 -15.97
CA GLN A 406 12.08 -1.84 -17.05
C GLN A 406 12.88 -3.02 -16.50
N ILE A 407 12.40 -4.23 -16.76
CA ILE A 407 13.12 -5.43 -16.36
C ILE A 407 13.44 -6.25 -17.61
N LEU A 408 14.73 -6.54 -17.79
CA LEU A 408 15.21 -7.30 -18.92
C LEU A 408 15.89 -8.57 -18.42
N LYS A 409 15.90 -9.59 -19.28
CA LYS A 409 16.40 -10.90 -18.92
C LYS A 409 17.73 -11.16 -19.63
N PHE A 410 18.68 -11.76 -18.92
CA PHE A 410 19.94 -12.14 -19.55
C PHE A 410 20.41 -13.52 -19.10
N LYS A 411 21.31 -14.11 -19.89
CA LYS A 411 21.88 -15.41 -19.55
C LYS A 411 23.28 -15.30 -18.95
N THR A 412 24.23 -14.74 -19.70
CA THR A 412 25.64 -14.81 -19.32
C THR A 412 26.23 -13.45 -18.95
N ILE A 413 27.31 -13.48 -18.18
CA ILE A 413 27.99 -12.26 -17.75
C ILE A 413 28.55 -11.45 -18.92
N GLU A 414 29.07 -12.14 -19.93
CA GLU A 414 29.61 -11.50 -21.13
C GLU A 414 28.51 -10.82 -21.95
N GLU A 415 27.35 -11.47 -22.03
CA GLU A 415 26.20 -10.90 -22.70
C GLU A 415 25.77 -9.59 -22.05
N VAL A 416 25.59 -9.62 -20.73
CA VAL A 416 25.06 -8.47 -20.00
C VAL A 416 25.99 -7.24 -20.09
N VAL A 417 27.29 -7.47 -20.13
CA VAL A 417 28.29 -6.40 -20.32
C VAL A 417 28.07 -5.66 -21.63
N GLY A 418 27.93 -6.41 -22.73
CA GLY A 418 27.74 -5.82 -24.05
C GLY A 418 26.43 -5.07 -24.15
N ARG A 419 25.38 -5.62 -23.52
CA ARG A 419 24.05 -5.01 -23.53
C ARG A 419 23.99 -3.75 -22.65
N ALA A 420 24.60 -3.82 -21.48
CA ALA A 420 24.70 -2.66 -20.58
C ALA A 420 25.42 -1.48 -21.23
N ASN A 421 26.58 -1.77 -21.82
CA ASN A 421 27.41 -0.76 -22.48
C ASN A 421 26.89 -0.28 -23.83
N ASN A 422 25.97 -1.01 -24.44
CA ASN A 422 25.38 -0.59 -25.71
C ASN A 422 24.37 0.52 -25.50
N SER A 423 24.90 1.72 -25.32
CA SER A 423 24.15 2.90 -24.92
C SER A 423 25.04 4.10 -25.17
N THR A 424 24.44 5.22 -25.57
CA THR A 424 25.22 6.45 -25.70
C THR A 424 25.34 7.14 -24.33
N TYR A 425 24.58 6.64 -23.36
CA TYR A 425 24.67 7.05 -21.96
C TYR A 425 25.71 6.24 -21.18
N GLY A 426 26.19 6.80 -20.08
CA GLY A 426 27.13 6.11 -19.20
C GLY A 426 27.31 6.82 -17.86
N LEU A 427 26.19 7.21 -17.25
CA LEU A 427 26.25 7.94 -15.98
C LEU A 427 26.61 7.02 -14.81
N ALA A 428 25.93 5.88 -14.73
CA ALA A 428 26.09 4.93 -13.63
C ALA A 428 25.72 3.50 -14.04
N ALA A 429 26.00 2.57 -13.14
CA ALA A 429 25.66 1.16 -13.30
C ALA A 429 25.74 0.49 -11.93
N ALA A 430 25.10 -0.66 -11.80
CA ALA A 430 25.19 -1.42 -10.57
C ALA A 430 25.29 -2.92 -10.82
N VAL A 431 25.85 -3.61 -9.83
CA VAL A 431 26.09 -5.05 -9.90
C VAL A 431 25.70 -5.67 -8.55
N PHE A 432 24.79 -6.64 -8.60
CA PHE A 432 24.40 -7.36 -7.40
C PHE A 432 24.83 -8.82 -7.51
N THR A 433 25.79 -9.18 -6.66
CA THR A 433 26.43 -10.50 -6.68
C THR A 433 27.13 -10.71 -5.34
N LYS A 434 27.28 -11.98 -4.95
CA LYS A 434 28.10 -12.32 -3.80
C LYS A 434 29.51 -12.75 -4.22
N ASP A 435 29.76 -12.83 -5.52
CA ASP A 435 31.03 -13.34 -6.04
C ASP A 435 32.07 -12.24 -6.25
N LEU A 436 33.26 -12.46 -5.68
CA LEU A 436 34.38 -11.53 -5.76
C LEU A 436 34.78 -11.22 -7.20
N ASP A 437 35.01 -12.27 -7.98
CA ASP A 437 35.48 -12.13 -9.34
C ASP A 437 34.46 -11.48 -10.27
N LYS A 438 33.18 -11.82 -10.10
CA LYS A 438 32.12 -11.22 -10.91
C LYS A 438 31.98 -9.73 -10.62
N ALA A 439 32.11 -9.37 -9.35
CA ALA A 439 32.05 -7.98 -8.93
C ALA A 439 33.16 -7.16 -9.59
N ASN A 440 34.37 -7.71 -9.56
CA ASN A 440 35.55 -7.03 -10.11
C ASN A 440 35.53 -7.02 -11.63
N TYR A 441 35.11 -8.14 -12.21
CA TYR A 441 34.99 -8.26 -13.65
C TYR A 441 34.00 -7.22 -14.20
N LEU A 442 32.85 -7.09 -13.56
CA LEU A 442 31.82 -6.18 -14.04
C LEU A 442 32.13 -4.70 -13.77
N SER A 443 32.62 -4.37 -12.57
CA SER A 443 32.93 -2.97 -12.25
C SER A 443 34.00 -2.38 -13.18
N GLN A 444 34.95 -3.22 -13.59
CA GLN A 444 35.99 -2.83 -14.54
C GLN A 444 35.42 -2.67 -15.95
N ALA A 445 34.57 -3.61 -16.35
CA ALA A 445 34.02 -3.70 -17.71
C ALA A 445 32.94 -2.67 -18.03
N LEU A 446 32.16 -2.25 -17.03
CA LEU A 446 31.03 -1.35 -17.28
C LEU A 446 31.48 0.07 -17.61
N GLN A 447 30.95 0.62 -18.70
CA GLN A 447 31.33 1.97 -19.11
C GLN A 447 30.43 3.03 -18.45
N ALA A 448 30.71 3.30 -17.18
CA ALA A 448 29.91 4.24 -16.40
C ALA A 448 30.76 4.99 -15.37
N GLY A 449 30.38 6.24 -15.08
CA GLY A 449 31.12 7.10 -14.15
C GLY A 449 31.09 6.62 -12.71
N THR A 450 30.03 5.91 -12.35
CA THR A 450 29.91 5.26 -11.05
C THR A 450 29.41 3.84 -11.23
N VAL A 451 30.10 2.89 -10.58
CA VAL A 451 29.60 1.53 -10.49
C VAL A 451 29.39 1.22 -9.01
N TRP A 452 28.14 0.96 -8.66
CA TRP A 452 27.77 0.52 -7.33
C TRP A 452 27.75 -1.00 -7.28
N VAL A 453 28.31 -1.58 -6.23
CA VAL A 453 28.27 -3.03 -6.03
C VAL A 453 27.46 -3.36 -4.78
N ASN A 454 26.34 -4.06 -4.98
CA ASN A 454 25.40 -4.44 -3.91
C ASN A 454 24.76 -3.24 -3.20
N CYS A 455 24.68 -2.11 -3.91
CA CYS A 455 24.01 -0.92 -3.42
C CYS A 455 23.60 -0.07 -4.62
N TYR A 456 22.95 1.05 -4.36
CA TYR A 456 22.57 2.01 -5.40
C TYR A 456 22.36 3.40 -4.81
N ASP A 457 22.61 4.42 -5.63
CA ASP A 457 22.39 5.82 -5.23
C ASP A 457 23.14 6.16 -3.95
N VAL A 458 24.34 5.61 -3.82
CA VAL A 458 25.20 5.92 -2.69
C VAL A 458 26.07 7.10 -3.11
N PHE A 459 25.66 8.28 -2.65
CA PHE A 459 26.42 9.48 -2.90
C PHE A 459 27.18 9.83 -1.65
N GLY A 460 28.40 10.29 -1.82
CA GLY A 460 29.18 10.78 -0.72
C GLY A 460 29.90 11.99 -1.25
N ALA A 461 29.96 13.04 -0.45
CA ALA A 461 30.65 14.25 -0.85
C ALA A 461 32.09 13.92 -1.25
N GLN A 462 32.62 12.82 -0.69
CA GLN A 462 34.02 12.44 -0.87
C GLN A 462 34.31 11.78 -2.21
N SER A 463 33.31 11.14 -2.80
CA SER A 463 33.49 10.32 -4.00
C SER A 463 32.91 11.01 -5.24
N PRO A 464 33.73 11.17 -6.29
CA PRO A 464 33.32 11.91 -7.48
C PRO A 464 32.18 11.22 -8.24
N PHE A 465 31.43 12.03 -8.98
CA PHE A 465 30.25 11.58 -9.69
C PHE A 465 30.24 12.32 -11.03
N GLY A 466 29.92 11.62 -12.10
CA GLY A 466 29.87 12.22 -13.44
C GLY A 466 29.79 11.18 -14.54
N GLY A 467 29.51 11.63 -15.75
CA GLY A 467 29.19 10.72 -16.85
C GLY A 467 30.29 10.36 -17.81
N TYR A 468 30.21 9.12 -18.33
CA TYR A 468 30.95 8.68 -19.51
C TYR A 468 30.07 9.04 -20.71
N LYS A 469 30.68 9.08 -21.90
CA LYS A 469 29.94 9.29 -23.15
C LYS A 469 29.04 10.53 -23.09
N MET A 470 27.78 10.37 -23.50
CA MET A 470 26.86 11.51 -23.61
C MET A 470 26.07 11.75 -22.32
N SER A 471 26.52 11.13 -21.24
CA SER A 471 25.98 11.43 -19.92
C SER A 471 26.66 12.67 -19.33
N GLY A 472 27.70 13.14 -20.00
CA GLY A 472 28.37 14.38 -19.64
C GLY A 472 29.89 14.29 -19.66
N SER A 473 30.54 15.32 -19.10
CA SER A 473 32.00 15.32 -18.96
C SER A 473 32.40 16.01 -17.66
N GLY A 474 33.56 15.61 -17.14
CA GLY A 474 34.03 16.11 -15.85
C GLY A 474 33.34 15.45 -14.67
N ARG A 475 33.79 15.78 -13.47
CA ARG A 475 33.30 15.13 -12.25
C ARG A 475 32.96 16.16 -11.19
N GLU A 476 31.91 15.87 -10.44
CA GLU A 476 31.52 16.66 -9.30
C GLU A 476 31.73 15.80 -8.08
N LEU A 477 31.91 16.47 -6.94
CA LEU A 477 32.15 15.84 -5.65
C LEU A 477 33.59 15.35 -5.52
N GLY A 478 34.00 15.09 -4.29
CA GLY A 478 35.39 14.71 -3.99
C GLY A 478 36.40 15.79 -4.35
N GLU A 479 37.68 15.41 -4.38
CA GLU A 479 38.73 16.32 -4.77
C GLU A 479 38.56 16.71 -6.23
N TYR A 480 38.10 15.74 -7.03
CA TYR A 480 37.92 15.90 -8.47
C TYR A 480 37.02 17.08 -8.84
N GLY A 481 36.02 17.35 -7.99
CA GLY A 481 35.06 18.44 -8.21
C GLY A 481 35.67 19.83 -8.15
N LEU A 482 36.93 19.91 -7.72
CA LEU A 482 37.67 21.17 -7.70
C LEU A 482 38.45 21.47 -8.99
N GLN A 483 38.72 20.42 -9.78
N GLN A 483 38.74 20.44 -9.79
CA GLN A 483 39.53 20.54 -11.01
CA GLN A 483 39.56 20.62 -10.99
C GLN A 483 38.96 21.56 -12.00
C GLN A 483 38.95 21.64 -11.96
N ALA A 484 37.64 21.51 -12.21
CA ALA A 484 36.94 22.41 -13.13
C ALA A 484 36.84 23.85 -12.63
N TYR A 485 37.16 24.08 -11.36
CA TYR A 485 36.99 25.39 -10.73
C TYR A 485 38.34 26.04 -10.45
N THR A 486 39.38 25.45 -11.05
CA THR A 486 40.77 25.84 -10.89
C THR A 486 41.36 26.20 -12.26
N GLU A 487 42.10 27.30 -12.31
CA GLU A 487 42.91 27.65 -13.47
C GLU A 487 44.37 27.57 -13.04
N VAL A 488 45.16 26.80 -13.78
CA VAL A 488 46.54 26.51 -13.39
C VAL A 488 47.51 27.51 -14.02
N LYS A 489 48.32 28.15 -13.19
CA LYS A 489 49.38 29.03 -13.68
C LYS A 489 50.73 28.43 -13.32
N THR A 490 51.61 28.36 -14.32
CA THR A 490 52.99 28.00 -14.10
C THR A 490 53.83 29.28 -13.95
N VAL A 491 54.62 29.35 -12.88
CA VAL A 491 55.62 30.40 -12.76
C VAL A 491 56.99 29.75 -12.86
N THR A 492 57.80 30.21 -13.79
CA THR A 492 59.14 29.65 -13.96
C THR A 492 60.17 30.77 -13.84
N VAL A 493 61.00 30.66 -12.81
CA VAL A 493 61.94 31.71 -12.40
C VAL A 493 63.39 31.27 -12.63
N LYS A 494 64.14 32.13 -13.31
CA LYS A 494 65.58 31.91 -13.45
C LYS A 494 66.24 32.06 -12.07
N VAL A 495 67.08 31.09 -11.74
CA VAL A 495 67.80 31.12 -10.46
C VAL A 495 69.29 30.99 -10.74
N PRO A 496 70.15 31.52 -9.86
CA PRO A 496 71.59 31.48 -10.11
C PRO A 496 72.17 30.07 -10.31
N GLN A 497 71.72 29.10 -9.49
CA GLN A 497 72.20 27.72 -9.60
C GLN A 497 71.25 26.72 -8.94
N LYS A 498 70.49 26.01 -9.77
CA LYS A 498 69.55 24.99 -9.32
C LYS A 498 70.29 23.82 -8.67
N ASN A 499 69.88 23.47 -7.46
CA ASN A 499 70.34 22.24 -6.82
C ASN A 499 69.11 21.41 -6.38
N SER A 500 69.27 20.10 -6.28
CA SER A 500 68.21 19.21 -5.78
C SER A 500 67.85 19.55 -4.34
N ALA B 7 78.21 19.33 -29.90
CA ALA B 7 78.58 19.14 -31.33
C ALA B 7 77.33 18.79 -32.15
N VAL B 8 77.29 19.26 -33.40
CA VAL B 8 76.15 18.97 -34.28
C VAL B 8 76.62 18.27 -35.56
N PRO B 9 76.16 17.02 -35.76
CA PRO B 9 76.46 16.24 -36.98
C PRO B 9 76.03 16.98 -38.24
N ALA B 10 76.86 16.89 -39.29
CA ALA B 10 76.57 17.55 -40.57
C ALA B 10 75.23 17.05 -41.13
N PRO B 11 74.36 17.99 -41.53
CA PRO B 11 73.06 17.60 -42.06
C PRO B 11 73.16 17.08 -43.48
N ASN B 12 72.24 16.20 -43.85
CA ASN B 12 71.93 15.93 -45.24
C ASN B 12 70.94 17.02 -45.66
N GLN B 13 71.35 17.87 -46.61
CA GLN B 13 70.53 19.00 -47.03
C GLN B 13 69.35 18.58 -47.93
N GLN B 14 69.37 17.33 -48.37
CA GLN B 14 68.25 16.77 -49.13
C GLN B 14 67.90 15.38 -48.61
N PRO B 15 67.36 15.28 -47.37
CA PRO B 15 67.06 13.97 -46.81
C PRO B 15 65.98 13.26 -47.64
N GLU B 16 66.12 11.96 -47.82
CA GLU B 16 65.10 11.19 -48.55
C GLU B 16 63.82 11.02 -47.71
N VAL B 17 62.69 10.97 -48.40
CA VAL B 17 61.40 10.75 -47.79
C VAL B 17 61.04 9.26 -47.96
N PHE B 18 60.72 8.59 -46.86
CA PHE B 18 60.32 7.19 -46.90
C PHE B 18 58.82 7.00 -46.67
N CYS B 19 58.20 7.94 -45.97
CA CYS B 19 56.80 7.79 -45.57
C CYS B 19 55.98 9.00 -46.00
N ASN B 20 54.93 8.75 -46.76
CA ASN B 20 54.10 9.81 -47.32
C ASN B 20 52.65 9.37 -47.53
N GLN B 21 52.23 8.37 -46.75
CA GLN B 21 50.89 7.79 -46.90
C GLN B 21 50.09 7.88 -45.59
N ILE B 22 48.88 7.34 -45.59
CA ILE B 22 48.08 7.28 -44.37
C ILE B 22 48.49 6.07 -43.54
N PHE B 23 48.67 6.28 -42.23
CA PHE B 23 49.12 5.24 -41.30
C PHE B 23 47.96 4.73 -40.45
N ILE B 24 47.51 3.51 -40.74
CA ILE B 24 46.43 2.84 -40.02
C ILE B 24 46.82 1.38 -39.76
N ASN B 25 46.56 0.91 -38.53
CA ASN B 25 46.88 -0.46 -38.13
C ASN B 25 48.31 -0.88 -38.45
N ASN B 26 49.25 0.01 -38.13
CA ASN B 26 50.67 -0.15 -38.43
C ASN B 26 50.99 -0.44 -39.91
N GLU B 27 50.12 0.02 -40.81
CA GLU B 27 50.35 -0.14 -42.24
C GLU B 27 50.13 1.17 -42.97
N TRP B 28 50.76 1.30 -44.14
CA TRP B 28 50.63 2.48 -44.97
C TRP B 28 49.56 2.29 -46.03
N HIS B 29 48.72 3.31 -46.20
CA HIS B 29 47.57 3.27 -47.09
C HIS B 29 47.54 4.54 -47.93
N ASP B 30 47.15 4.40 -49.20
CA ASP B 30 46.74 5.56 -49.97
C ASP B 30 45.39 6.04 -49.43
N ALA B 31 45.04 7.30 -49.75
CA ALA B 31 43.69 7.80 -49.55
C ALA B 31 42.71 6.95 -50.37
N VAL B 32 41.50 6.76 -49.85
CA VAL B 32 40.48 5.97 -50.55
C VAL B 32 40.19 6.59 -51.92
N SER B 33 40.29 7.91 -52.00
CA SER B 33 40.10 8.65 -53.24
C SER B 33 41.34 8.59 -54.14
N ARG B 34 42.46 8.16 -53.55
CA ARG B 34 43.77 8.08 -54.22
C ARG B 34 44.43 9.46 -54.46
N LYS B 35 43.81 10.51 -53.90
CA LYS B 35 44.32 11.87 -54.04
C LYS B 35 45.59 12.10 -53.22
N THR B 36 46.44 12.99 -53.72
CA THR B 36 47.64 13.40 -53.01
C THR B 36 47.74 14.93 -53.04
N PHE B 37 48.44 15.49 -52.05
CA PHE B 37 48.70 16.93 -52.04
C PHE B 37 50.19 17.16 -51.91
N PRO B 38 50.70 18.24 -52.53
CA PRO B 38 52.12 18.52 -52.38
C PRO B 38 52.44 19.16 -51.02
N THR B 39 53.57 18.78 -50.44
CA THR B 39 54.17 19.54 -49.35
C THR B 39 55.42 20.24 -49.91
N VAL B 40 55.60 21.51 -49.51
CA VAL B 40 56.60 22.41 -50.09
C VAL B 40 57.77 22.69 -49.16
N ASN B 41 58.97 22.82 -49.74
CA ASN B 41 60.15 23.31 -49.02
C ASN B 41 60.10 24.84 -49.01
N PRO B 42 59.84 25.44 -47.82
CA PRO B 42 59.63 26.89 -47.73
C PRO B 42 60.88 27.72 -48.01
N SER B 43 62.06 27.09 -47.98
CA SER B 43 63.30 27.79 -48.31
C SER B 43 63.48 28.03 -49.81
N THR B 44 62.84 27.19 -50.62
CA THR B 44 63.03 27.23 -52.07
C THR B 44 61.73 27.49 -52.80
N GLY B 45 60.61 27.19 -52.14
CA GLY B 45 59.29 27.25 -52.78
C GLY B 45 58.95 26.03 -53.61
N GLU B 46 59.83 25.03 -53.60
CA GLU B 46 59.67 23.84 -54.45
C GLU B 46 59.09 22.63 -53.71
N VAL B 47 58.32 21.82 -54.45
CA VAL B 47 57.69 20.62 -53.90
C VAL B 47 58.72 19.59 -53.46
N ILE B 48 58.53 19.04 -52.26
CA ILE B 48 59.34 17.94 -51.75
C ILE B 48 58.82 16.60 -52.28
N CYS B 49 57.52 16.37 -52.11
CA CYS B 49 56.88 15.15 -52.56
C CYS B 49 55.38 15.29 -52.43
N GLN B 50 54.67 14.30 -52.93
CA GLN B 50 53.22 14.17 -52.74
C GLN B 50 52.96 13.44 -51.44
N VAL B 51 51.82 13.71 -50.84
CA VAL B 51 51.39 13.05 -49.61
C VAL B 51 49.92 12.64 -49.79
N ALA B 52 49.58 11.42 -49.37
CA ALA B 52 48.21 10.93 -49.43
C ALA B 52 47.26 11.93 -48.77
N GLU B 53 46.21 12.33 -49.50
CA GLU B 53 45.27 13.33 -49.00
C GLU B 53 44.07 12.69 -48.29
N GLY B 54 44.21 12.47 -46.98
CA GLY B 54 43.12 11.89 -46.19
C GLY B 54 41.90 12.79 -46.09
N ASP B 55 40.73 12.15 -45.95
CA ASP B 55 39.45 12.83 -45.84
C ASP B 55 38.58 12.00 -44.89
N LYS B 56 37.29 12.32 -44.79
CA LYS B 56 36.37 11.62 -43.91
C LYS B 56 36.47 10.08 -43.99
N GLU B 57 36.45 9.52 -45.20
CA GLU B 57 36.54 8.07 -45.41
C GLU B 57 37.77 7.43 -44.75
N ASP B 58 38.90 8.11 -44.86
CA ASP B 58 40.16 7.66 -44.24
C ASP B 58 40.14 7.81 -42.72
N VAL B 59 39.59 8.93 -42.24
CA VAL B 59 39.38 9.13 -40.81
C VAL B 59 38.52 8.00 -40.23
N ASP B 60 37.45 7.64 -40.96
CA ASP B 60 36.55 6.57 -40.53
C ASP B 60 37.29 5.23 -40.36
N LYS B 61 38.13 4.87 -41.34
CA LYS B 61 38.96 3.68 -41.23
C LYS B 61 39.86 3.74 -40.00
N ALA B 62 40.46 4.92 -39.77
CA ALA B 62 41.39 5.13 -38.64
C ALA B 62 40.70 4.98 -37.29
N VAL B 63 39.56 5.63 -37.13
CA VAL B 63 38.75 5.53 -35.91
C VAL B 63 38.32 4.08 -35.61
N LYS B 64 37.87 3.36 -36.63
CA LYS B 64 37.53 1.94 -36.47
C LYS B 64 38.71 1.09 -36.01
N ALA B 65 39.87 1.26 -36.65
CA ALA B 65 41.12 0.66 -36.18
C ALA B 65 41.43 1.02 -34.71
N ALA B 66 41.30 2.31 -34.39
CA ALA B 66 41.56 2.78 -33.01
C ALA B 66 40.61 2.11 -32.02
N ARG B 67 39.31 2.15 -32.32
CA ARG B 67 38.29 1.53 -31.49
C ARG B 67 38.53 0.03 -31.25
N ALA B 68 38.91 -0.68 -32.30
CA ALA B 68 39.22 -2.10 -32.23
C ALA B 68 40.42 -2.36 -31.31
N ALA B 69 41.46 -1.52 -31.46
CA ALA B 69 42.63 -1.57 -30.58
C ALA B 69 42.30 -1.26 -29.12
N PHE B 70 41.20 -0.52 -28.90
CA PHE B 70 40.77 -0.12 -27.55
C PHE B 70 39.78 -1.07 -26.84
N GLN B 71 39.38 -2.16 -27.51
CA GLN B 71 38.43 -3.12 -26.93
C GLN B 71 39.00 -3.81 -25.70
N LEU B 72 38.13 -4.03 -24.71
CA LEU B 72 38.47 -4.79 -23.52
C LEU B 72 39.08 -6.13 -23.92
N GLY B 73 40.20 -6.49 -23.29
CA GLY B 73 40.86 -7.75 -23.61
C GLY B 73 41.84 -7.73 -24.77
N SER B 74 41.91 -6.62 -25.51
CA SER B 74 42.92 -6.46 -26.57
C SER B 74 44.33 -6.35 -25.97
N PRO B 75 45.38 -6.54 -26.81
CA PRO B 75 46.77 -6.38 -26.34
C PRO B 75 47.06 -5.04 -25.63
N TRP B 76 46.61 -3.94 -26.22
CA TRP B 76 46.84 -2.60 -25.65
C TRP B 76 46.09 -2.37 -24.33
N ARG B 77 44.92 -2.99 -24.19
CA ARG B 77 44.15 -2.87 -22.94
C ARG B 77 44.73 -3.69 -21.79
N ARG B 78 45.25 -4.88 -22.13
CA ARG B 78 45.76 -5.84 -21.13
C ARG B 78 47.22 -5.56 -20.75
N MET B 79 47.92 -4.86 -21.63
CA MET B 79 49.32 -4.51 -21.42
C MET B 79 49.52 -3.82 -20.06
N ASP B 80 50.51 -4.29 -19.31
CA ASP B 80 50.91 -3.67 -18.05
C ASP B 80 51.24 -2.20 -18.32
N ALA B 81 50.74 -1.32 -17.45
CA ALA B 81 51.04 0.11 -17.53
C ALA B 81 52.55 0.35 -17.60
N SER B 82 53.32 -0.45 -16.87
CA SER B 82 54.78 -0.34 -16.90
C SER B 82 55.35 -0.65 -18.29
N HIS B 83 54.71 -1.57 -19.01
CA HIS B 83 55.12 -1.89 -20.38
C HIS B 83 54.80 -0.78 -21.40
N ARG B 84 53.69 -0.05 -21.20
CA ARG B 84 53.43 1.15 -22.01
C ARG B 84 54.61 2.12 -21.87
N GLY B 85 55.17 2.21 -20.67
CA GLY B 85 56.33 3.05 -20.39
C GLY B 85 57.57 2.54 -21.11
N ARG B 86 57.75 1.22 -21.13
CA ARG B 86 58.83 0.59 -21.89
C ARG B 86 58.76 0.95 -23.37
N LEU B 87 57.56 0.87 -23.95
CA LEU B 87 57.35 1.21 -25.36
C LEU B 87 57.64 2.69 -25.66
N LEU B 88 57.22 3.59 -24.77
CA LEU B 88 57.50 5.02 -24.93
C LEU B 88 59.00 5.29 -24.90
N ASN B 89 59.70 4.64 -23.96
CA ASN B 89 61.16 4.68 -23.88
C ASN B 89 61.85 4.09 -25.13
N ARG B 90 61.31 2.99 -25.63
CA ARG B 90 61.82 2.39 -26.86
C ARG B 90 61.63 3.34 -28.04
N LEU B 91 60.45 3.95 -28.14
CA LEU B 91 60.17 4.95 -29.16
C LEU B 91 61.17 6.11 -29.12
N ALA B 92 61.47 6.60 -27.92
CA ALA B 92 62.44 7.69 -27.72
C ALA B 92 63.85 7.29 -28.17
N ASP B 93 64.29 6.10 -27.78
CA ASP B 93 65.55 5.53 -28.25
C ASP B 93 65.62 5.48 -29.77
N LEU B 94 64.53 5.08 -30.41
CA LEU B 94 64.49 5.02 -31.88
C LEU B 94 64.59 6.40 -32.53
N ILE B 95 63.85 7.37 -31.98
CA ILE B 95 63.93 8.75 -32.44
C ILE B 95 65.35 9.30 -32.26
N GLU B 96 66.00 8.95 -31.14
CA GLU B 96 67.39 9.34 -30.91
C GLU B 96 68.37 8.71 -31.91
N ARG B 97 68.13 7.46 -32.27
CA ARG B 97 68.96 6.78 -33.29
C ARG B 97 68.88 7.56 -34.61
N ASP B 98 67.67 8.03 -34.93
CA ASP B 98 67.41 8.73 -36.18
C ASP B 98 67.35 10.27 -36.01
N ARG B 99 68.00 10.80 -34.98
CA ARG B 99 67.96 12.23 -34.63
C ARG B 99 68.44 13.16 -35.74
N THR B 100 69.61 12.89 -36.31
CA THR B 100 70.16 13.79 -37.33
C THR B 100 69.32 13.76 -38.59
N TYR B 101 68.85 12.58 -39.00
CA TYR B 101 67.88 12.46 -40.11
C TYR B 101 66.58 13.22 -39.85
N LEU B 102 65.99 12.99 -38.69
CA LEU B 102 64.70 13.63 -38.36
C LEU B 102 64.84 15.14 -38.27
N ALA B 103 65.96 15.60 -37.74
CA ALA B 103 66.24 17.04 -37.66
C ALA B 103 66.33 17.69 -39.04
N ALA B 104 66.98 17.00 -39.99
CA ALA B 104 67.11 17.51 -41.36
C ALA B 104 65.77 17.52 -42.11
N LEU B 105 64.98 16.45 -41.93
CA LEU B 105 63.64 16.38 -42.54
C LEU B 105 62.72 17.48 -41.96
N GLU B 106 62.80 17.71 -40.65
CA GLU B 106 62.06 18.78 -40.00
C GLU B 106 62.39 20.13 -40.66
N THR B 107 63.69 20.40 -40.79
CA THR B 107 64.17 21.61 -41.43
C THR B 107 63.68 21.71 -42.87
N LEU B 108 63.79 20.61 -43.63
CA LEU B 108 63.37 20.61 -45.03
C LEU B 108 61.90 21.02 -45.19
N ASP B 109 61.05 20.44 -44.35
CA ASP B 109 59.59 20.59 -44.46
C ASP B 109 59.07 21.88 -43.81
N ASN B 110 59.72 22.32 -42.74
CA ASN B 110 59.22 23.43 -41.92
C ASN B 110 59.94 24.77 -42.16
N GLY B 111 61.27 24.70 -42.34
CA GLY B 111 62.06 25.91 -42.59
C GLY B 111 62.97 26.35 -41.45
N LYS B 112 62.72 25.86 -40.23
CA LYS B 112 63.57 26.21 -39.10
C LYS B 112 65.02 25.70 -39.27
N PRO B 113 66.01 26.43 -38.70
CA PRO B 113 67.41 26.04 -38.82
C PRO B 113 67.68 24.62 -38.32
N TYR B 114 68.52 23.89 -39.06
CA TYR B 114 68.84 22.50 -38.73
C TYR B 114 69.50 22.38 -37.35
N VAL B 115 70.37 23.33 -37.03
CA VAL B 115 71.03 23.37 -35.72
C VAL B 115 69.97 23.35 -34.62
N ILE B 116 68.91 24.15 -34.80
CA ILE B 116 67.82 24.27 -33.82
C ILE B 116 66.92 23.03 -33.81
N SER B 117 66.49 22.56 -34.99
CA SER B 117 65.85 21.25 -35.12
C SER B 117 66.58 20.18 -34.32
N TYR B 118 67.90 20.13 -34.47
CA TYR B 118 68.73 19.11 -33.82
C TYR B 118 68.92 19.34 -32.31
N LEU B 119 69.30 20.56 -31.94
CA LEU B 119 69.64 20.84 -30.55
C LEU B 119 68.43 21.13 -29.66
N VAL B 120 67.36 21.62 -30.26
CA VAL B 120 66.16 22.02 -29.49
C VAL B 120 64.99 21.05 -29.67
N ASP B 121 64.39 21.07 -30.86
CA ASP B 121 63.17 20.30 -31.12
C ASP B 121 63.35 18.83 -30.80
N LEU B 122 64.38 18.22 -31.38
CA LEU B 122 64.65 16.80 -31.18
C LEU B 122 64.96 16.47 -29.72
N ASP B 123 65.78 17.30 -29.08
CA ASP B 123 66.02 17.18 -27.64
C ASP B 123 64.72 17.20 -26.82
N MET B 124 63.86 18.18 -27.10
N MET B 124 63.84 18.17 -27.11
CA MET B 124 62.58 18.35 -26.40
CA MET B 124 62.59 18.31 -26.35
C MET B 124 61.62 17.18 -26.64
C MET B 124 61.55 17.23 -26.66
N VAL B 125 61.57 16.71 -27.89
CA VAL B 125 60.80 15.50 -28.24
C VAL B 125 61.24 14.30 -27.37
N LEU B 126 62.55 14.09 -27.32
CA LEU B 126 63.14 12.97 -26.58
C LEU B 126 62.81 13.07 -25.09
N LYS B 127 62.96 14.29 -24.56
CA LYS B 127 62.68 14.57 -23.16
C LYS B 127 61.20 14.45 -22.82
N CYS B 128 60.35 14.85 -23.76
CA CYS B 128 58.90 14.77 -23.56
C CYS B 128 58.42 13.31 -23.45
N LEU B 129 58.89 12.46 -24.37
CA LEU B 129 58.48 11.07 -24.38
C LEU B 129 59.05 10.28 -23.22
N ARG B 130 60.29 10.57 -22.83
CA ARG B 130 60.90 9.89 -21.69
C ARG B 130 60.30 10.35 -20.37
N TYR B 131 59.84 11.60 -20.33
CA TYR B 131 59.11 12.07 -19.16
C TYR B 131 57.83 11.25 -18.98
N TYR B 132 57.02 11.18 -20.04
CA TYR B 132 55.72 10.51 -19.95
C TYR B 132 55.78 8.99 -19.81
N ALA B 133 56.84 8.39 -20.36
CA ALA B 133 57.12 6.97 -20.14
C ALA B 133 57.08 6.67 -18.64
N GLY B 134 57.74 7.52 -17.85
CA GLY B 134 57.71 7.40 -16.39
C GLY B 134 56.36 7.54 -15.71
N TRP B 135 55.44 8.30 -16.32
CA TRP B 135 54.08 8.46 -15.77
C TRP B 135 53.20 7.23 -15.96
N ALA B 136 53.54 6.40 -16.95
CA ALA B 136 52.63 5.33 -17.40
C ALA B 136 51.99 4.51 -16.28
N ASP B 137 52.78 4.18 -15.24
CA ASP B 137 52.31 3.34 -14.14
C ASP B 137 52.26 4.10 -12.79
N LYS B 138 51.99 5.40 -12.84
CA LYS B 138 52.06 6.22 -11.63
C LYS B 138 50.86 7.15 -11.41
N TYR B 139 49.93 7.18 -12.35
CA TYR B 139 48.81 8.11 -12.23
C TYR B 139 47.64 7.50 -11.41
N HIS B 140 47.86 7.38 -10.10
CA HIS B 140 46.98 6.65 -9.19
C HIS B 140 45.56 7.21 -9.11
N GLY B 141 44.59 6.30 -9.00
CA GLY B 141 43.25 6.68 -8.54
C GLY B 141 43.28 6.77 -7.02
N LYS B 142 42.12 6.80 -6.39
CA LYS B 142 42.06 7.01 -4.94
C LYS B 142 41.25 5.93 -4.25
N THR B 143 41.55 5.70 -2.99
CA THR B 143 40.62 5.03 -2.08
C THR B 143 40.08 6.11 -1.14
N ILE B 144 38.76 6.11 -0.97
CA ILE B 144 38.06 7.26 -0.40
C ILE B 144 37.26 6.87 0.83
N PRO B 145 37.43 7.62 1.93
CA PRO B 145 36.73 7.30 3.17
C PRO B 145 35.31 7.87 3.19
N ILE B 146 34.46 7.35 2.31
CA ILE B 146 33.06 7.76 2.19
C ILE B 146 32.26 7.39 3.45
N ASP B 147 31.21 8.16 3.74
CA ASP B 147 30.31 7.86 4.87
C ASP B 147 29.66 6.49 4.70
N GLY B 148 29.31 5.86 5.82
CA GLY B 148 28.54 4.62 5.76
C GLY B 148 29.38 3.38 5.52
N ASP B 149 28.72 2.23 5.47
CA ASP B 149 29.39 0.95 5.34
C ASP B 149 29.69 0.66 3.88
N PHE B 150 30.65 1.40 3.33
CA PHE B 150 31.06 1.25 1.94
C PHE B 150 32.57 1.31 1.77
N PHE B 151 33.06 0.60 0.75
CA PHE B 151 34.41 0.76 0.24
C PHE B 151 34.27 1.53 -1.08
N SER B 152 34.92 2.68 -1.16
CA SER B 152 34.81 3.53 -2.34
C SER B 152 36.21 3.87 -2.87
N TYR B 153 36.36 3.73 -4.19
CA TYR B 153 37.63 4.00 -4.83
C TYR B 153 37.40 4.49 -6.25
N THR B 154 38.42 5.10 -6.84
CA THR B 154 38.36 5.51 -8.25
C THR B 154 39.36 4.74 -9.09
N ARG B 155 38.89 4.33 -10.26
CA ARG B 155 39.74 3.84 -11.32
C ARG B 155 39.99 5.03 -12.25
N HIS B 156 41.27 5.24 -12.57
CA HIS B 156 41.68 6.18 -13.61
C HIS B 156 41.85 5.39 -14.91
N GLU B 157 40.87 5.53 -15.79
CA GLU B 157 40.80 4.77 -17.02
C GLU B 157 41.21 5.67 -18.20
N PRO B 158 41.55 5.08 -19.35
CA PRO B 158 41.80 5.96 -20.48
C PRO B 158 40.48 6.59 -20.95
N VAL B 159 40.53 7.78 -21.52
CA VAL B 159 39.33 8.38 -22.09
C VAL B 159 38.81 7.63 -23.34
N GLY B 160 39.73 7.02 -24.10
CA GLY B 160 39.33 6.21 -25.26
C GLY B 160 39.99 6.60 -26.57
N VAL B 161 39.18 6.72 -27.63
CA VAL B 161 39.68 7.17 -28.94
C VAL B 161 39.92 8.68 -28.93
N CYS B 162 41.18 9.07 -29.05
CA CYS B 162 41.58 10.49 -28.99
C CYS B 162 41.98 11.03 -30.35
N GLY B 163 41.19 11.96 -30.85
CA GLY B 163 41.54 12.71 -32.05
C GLY B 163 42.48 13.84 -31.67
N GLN B 164 43.61 13.92 -32.36
CA GLN B 164 44.61 14.95 -32.11
C GLN B 164 44.91 15.71 -33.39
N ILE B 165 44.60 17.00 -33.40
CA ILE B 165 44.79 17.84 -34.57
C ILE B 165 45.88 18.86 -34.25
N ILE B 166 47.01 18.73 -34.95
CA ILE B 166 48.20 19.48 -34.59
C ILE B 166 48.69 20.45 -35.69
N PRO B 167 49.37 21.53 -35.28
CA PRO B 167 49.81 22.55 -36.22
C PRO B 167 51.21 22.30 -36.77
N TRP B 168 51.74 23.29 -37.49
CA TRP B 168 52.95 23.12 -38.30
C TRP B 168 54.21 23.74 -37.71
N ASN B 169 54.09 24.48 -36.61
CA ASN B 169 55.21 25.27 -36.13
C ASN B 169 56.28 24.48 -35.37
N PHE B 170 55.84 23.45 -34.65
CA PHE B 170 56.76 22.47 -34.06
C PHE B 170 56.23 21.07 -34.36
N PRO B 171 56.37 20.61 -35.61
CA PRO B 171 55.70 19.38 -36.05
C PRO B 171 56.04 18.14 -35.19
N LEU B 172 57.33 17.84 -35.03
CA LEU B 172 57.74 16.72 -34.16
C LEU B 172 57.41 16.93 -32.68
N LEU B 173 57.62 18.16 -32.19
CA LEU B 173 57.41 18.43 -30.78
C LEU B 173 55.94 18.37 -30.39
N MET B 174 55.07 18.92 -31.24
CA MET B 174 53.63 18.89 -31.00
C MET B 174 53.08 17.47 -31.06
N GLN B 175 53.62 16.65 -31.97
CA GLN B 175 53.29 15.22 -32.01
C GLN B 175 53.66 14.54 -30.69
N ALA B 176 54.84 14.85 -30.15
CA ALA B 176 55.27 14.30 -28.87
C ALA B 176 54.46 14.78 -27.68
N TRP B 177 54.14 16.09 -27.67
CA TRP B 177 53.29 16.67 -26.62
C TRP B 177 51.96 15.94 -26.56
N LYS B 178 51.50 15.45 -27.71
CA LYS B 178 50.20 14.80 -27.82
C LYS B 178 50.24 13.30 -27.56
N LEU B 179 51.25 12.62 -28.12
CA LEU B 179 51.36 11.17 -27.98
C LEU B 179 51.78 10.73 -26.58
N GLY B 180 52.70 11.49 -25.98
CA GLY B 180 53.25 11.16 -24.67
C GLY B 180 52.18 10.92 -23.60
N PRO B 181 51.36 11.94 -23.29
CA PRO B 181 50.32 11.74 -22.27
C PRO B 181 49.24 10.73 -22.67
N ALA B 182 48.80 10.78 -23.92
CA ALA B 182 47.73 9.91 -24.41
C ALA B 182 48.12 8.43 -24.33
N LEU B 183 49.36 8.12 -24.70
CA LEU B 183 49.81 6.73 -24.73
C LEU B 183 50.18 6.26 -23.32
N ALA B 184 50.74 7.16 -22.51
CA ALA B 184 51.12 6.82 -21.14
C ALA B 184 49.89 6.36 -20.34
N THR B 185 48.73 6.92 -20.67
CA THR B 185 47.47 6.65 -19.99
C THR B 185 46.63 5.53 -20.65
N GLY B 186 47.18 4.90 -21.68
CA GLY B 186 46.54 3.76 -22.32
C GLY B 186 45.45 4.07 -23.32
N ASN B 187 45.48 5.28 -23.89
CA ASN B 187 44.52 5.71 -24.90
C ASN B 187 44.97 5.28 -26.30
N VAL B 188 44.08 5.44 -27.28
CA VAL B 188 44.41 5.22 -28.69
C VAL B 188 44.18 6.52 -29.48
N VAL B 189 44.95 6.71 -30.54
CA VAL B 189 45.06 8.01 -31.18
C VAL B 189 44.76 8.00 -32.67
N VAL B 190 43.99 8.99 -33.12
CA VAL B 190 43.90 9.33 -34.53
C VAL B 190 44.38 10.77 -34.67
N MET B 191 45.54 10.92 -35.28
CA MET B 191 46.23 12.20 -35.34
C MET B 191 46.13 12.78 -36.74
N LYS B 192 45.75 14.05 -36.80
CA LYS B 192 45.73 14.80 -38.05
C LYS B 192 46.87 15.81 -37.99
N VAL B 193 47.91 15.52 -38.75
CA VAL B 193 49.10 16.37 -38.84
C VAL B 193 48.85 17.49 -39.84
N ALA B 194 49.65 18.55 -39.74
CA ALA B 194 49.43 19.75 -40.55
C ALA B 194 49.81 19.49 -41.99
N GLU B 195 49.00 20.02 -42.92
CA GLU B 195 49.26 19.84 -44.35
C GLU B 195 50.58 20.47 -44.78
N GLN B 196 51.04 21.49 -44.05
CA GLN B 196 52.30 22.16 -44.36
C GLN B 196 53.48 21.29 -43.94
N THR B 197 53.29 20.49 -42.89
CA THR B 197 54.40 19.72 -42.32
C THR B 197 54.04 18.28 -41.95
N PRO B 198 53.65 17.45 -42.93
CA PRO B 198 53.25 16.10 -42.57
C PRO B 198 54.40 15.09 -42.44
N LEU B 199 55.54 15.37 -43.04
CA LEU B 199 56.61 14.37 -43.25
C LEU B 199 57.26 13.74 -42.01
N THR B 200 57.70 14.56 -41.07
CA THR B 200 58.41 14.04 -39.90
C THR B 200 57.54 13.14 -39.02
N ALA B 201 56.29 13.54 -38.83
CA ALA B 201 55.32 12.78 -38.04
C ALA B 201 55.01 11.42 -38.65
N LEU B 202 54.98 11.38 -39.99
CA LEU B 202 54.76 10.14 -40.71
C LEU B 202 55.96 9.19 -40.54
N TYR B 203 57.17 9.76 -40.54
CA TYR B 203 58.35 8.92 -40.28
C TYR B 203 58.32 8.32 -38.86
N VAL B 204 57.91 9.12 -37.88
CA VAL B 204 57.76 8.65 -36.49
C VAL B 204 56.77 7.48 -36.34
N ALA B 205 55.71 7.48 -37.14
CA ALA B 205 54.76 6.35 -37.19
C ALA B 205 55.47 5.03 -37.55
N ASN B 206 56.41 5.08 -38.49
CA ASN B 206 57.31 3.95 -38.73
C ASN B 206 58.06 3.49 -37.49
N LEU B 207 58.52 4.44 -36.69
CA LEU B 207 59.21 4.15 -35.44
C LEU B 207 58.28 3.63 -34.36
N ILE B 208 57.03 4.08 -34.37
CA ILE B 208 55.99 3.57 -33.47
C ILE B 208 55.73 2.08 -33.73
N LYS B 209 55.58 1.73 -35.01
CA LYS B 209 55.48 0.34 -35.44
C LYS B 209 56.73 -0.42 -34.98
N GLU B 210 57.90 0.09 -35.35
CA GLU B 210 59.16 -0.55 -34.99
C GLU B 210 59.29 -0.75 -33.48
N ALA B 211 58.80 0.20 -32.69
CA ALA B 211 58.90 0.12 -31.22
C ALA B 211 58.05 -1.01 -30.63
N GLY B 212 57.08 -1.49 -31.40
CA GLY B 212 56.23 -2.60 -30.98
C GLY B 212 54.88 -2.22 -30.39
N PHE B 213 54.40 -1.01 -30.71
CA PHE B 213 53.04 -0.61 -30.31
C PHE B 213 52.03 -1.40 -31.13
N PRO B 214 51.00 -1.98 -30.46
CA PRO B 214 49.98 -2.76 -31.16
C PRO B 214 49.32 -1.96 -32.29
N PRO B 215 48.96 -2.65 -33.40
CA PRO B 215 48.33 -1.96 -34.52
C PRO B 215 47.01 -1.31 -34.10
N GLY B 216 46.73 -0.12 -34.61
CA GLY B 216 45.54 0.62 -34.23
C GLY B 216 45.71 1.58 -33.05
N VAL B 217 46.79 1.43 -32.29
CA VAL B 217 47.05 2.27 -31.12
C VAL B 217 47.36 3.73 -31.54
N VAL B 218 48.24 3.89 -32.52
CA VAL B 218 48.47 5.21 -33.13
C VAL B 218 48.16 5.17 -34.63
N ASN B 219 47.25 6.04 -35.05
CA ASN B 219 46.90 6.19 -36.46
C ASN B 219 47.08 7.64 -36.89
N ILE B 220 47.66 7.84 -38.07
CA ILE B 220 47.98 9.17 -38.54
C ILE B 220 47.39 9.39 -39.94
N VAL B 221 46.63 10.47 -40.06
CA VAL B 221 45.94 10.83 -41.28
C VAL B 221 46.39 12.23 -41.75
N PRO B 222 47.36 12.29 -42.69
CA PRO B 222 47.65 13.56 -43.32
C PRO B 222 46.47 14.02 -44.17
N GLY B 223 46.35 15.32 -44.39
CA GLY B 223 45.24 15.88 -45.16
C GLY B 223 44.88 17.28 -44.70
N PHE B 224 43.89 17.87 -45.35
CA PHE B 224 43.51 19.25 -45.04
C PHE B 224 42.60 19.34 -43.82
N GLY B 225 42.36 20.57 -43.36
CA GLY B 225 41.58 20.81 -42.15
C GLY B 225 40.07 20.65 -42.22
N PRO B 226 39.41 21.36 -43.17
CA PRO B 226 37.95 21.24 -43.33
C PRO B 226 37.51 19.81 -43.67
N THR B 227 38.45 18.99 -44.13
CA THR B 227 38.17 17.63 -44.54
C THR B 227 38.52 16.67 -43.40
N ALA B 228 39.80 16.33 -43.29
CA ALA B 228 40.27 15.35 -42.32
C ALA B 228 40.05 15.80 -40.88
N GLY B 229 40.43 17.04 -40.58
CA GLY B 229 40.27 17.59 -39.23
C GLY B 229 38.83 17.67 -38.77
N ALA B 230 37.95 18.23 -39.61
CA ALA B 230 36.55 18.36 -39.27
C ALA B 230 35.87 17.00 -39.08
N ALA B 231 36.32 16.02 -39.87
CA ALA B 231 35.83 14.65 -39.77
C ALA B 231 36.14 14.06 -38.39
N ILE B 232 37.32 14.34 -37.87
CA ILE B 232 37.71 13.93 -36.53
C ILE B 232 36.86 14.61 -35.45
N ALA B 233 36.75 15.94 -35.55
CA ALA B 233 36.00 16.76 -34.61
C ALA B 233 34.52 16.37 -34.52
N SER B 234 33.93 16.03 -35.66
CA SER B 234 32.51 15.67 -35.73
C SER B 234 32.22 14.19 -35.56
N HIS B 235 33.27 13.37 -35.40
CA HIS B 235 33.07 11.92 -35.43
C HIS B 235 32.28 11.41 -34.21
N GLU B 236 31.36 10.49 -34.47
CA GLU B 236 30.46 9.99 -33.42
C GLU B 236 31.11 8.96 -32.49
N ASP B 237 32.32 8.52 -32.82
CA ASP B 237 33.02 7.48 -32.05
C ASP B 237 34.42 7.92 -31.59
N VAL B 238 34.70 9.22 -31.70
CA VAL B 238 35.88 9.82 -31.10
C VAL B 238 35.46 10.36 -29.74
N ASP B 239 36.15 9.93 -28.68
CA ASP B 239 35.75 10.29 -27.32
C ASP B 239 36.31 11.65 -26.89
N LYS B 240 37.45 12.02 -27.47
CA LYS B 240 38.18 13.20 -27.01
C LYS B 240 38.95 13.81 -28.16
N VAL B 241 38.92 15.14 -28.24
CA VAL B 241 39.70 15.85 -29.24
C VAL B 241 40.66 16.85 -28.56
N ALA B 242 41.91 16.87 -29.00
CA ALA B 242 42.83 17.92 -28.64
C ALA B 242 43.19 18.65 -29.92
N PHE B 243 43.05 19.97 -29.89
CA PHE B 243 43.40 20.80 -31.01
C PHE B 243 44.39 21.88 -30.61
N ALA B 244 45.35 22.14 -31.50
CA ALA B 244 46.28 23.27 -31.35
C ALA B 244 46.31 24.06 -32.65
N GLY B 245 46.05 25.37 -32.56
CA GLY B 245 46.10 26.24 -33.74
C GLY B 245 45.45 27.59 -33.55
N SER B 246 44.66 28.01 -34.54
CA SER B 246 44.03 29.33 -34.50
C SER B 246 42.79 29.33 -33.63
N THR B 247 42.53 30.49 -33.01
CA THR B 247 41.33 30.73 -32.21
C THR B 247 40.09 30.39 -33.03
N GLU B 248 40.10 30.82 -34.29
CA GLU B 248 38.99 30.63 -35.23
C GLU B 248 38.62 29.15 -35.40
N ILE B 249 39.62 28.29 -35.59
CA ILE B 249 39.37 26.86 -35.73
C ILE B 249 39.07 26.21 -34.38
N GLY B 250 39.66 26.75 -33.32
CA GLY B 250 39.33 26.35 -31.95
C GLY B 250 37.83 26.40 -31.69
N ARG B 251 37.18 27.48 -32.15
CA ARG B 251 35.73 27.64 -32.02
C ARG B 251 34.99 26.56 -32.80
N VAL B 252 35.39 26.38 -34.07
CA VAL B 252 34.84 25.34 -34.93
C VAL B 252 34.90 23.96 -34.25
N ILE B 253 36.03 23.68 -33.60
CA ILE B 253 36.23 22.41 -32.89
C ILE B 253 35.21 22.22 -31.75
N GLN B 254 35.13 23.20 -30.84
CA GLN B 254 34.21 23.12 -29.71
C GLN B 254 32.76 23.03 -30.17
N VAL B 255 32.40 23.81 -31.19
CA VAL B 255 31.06 23.73 -31.78
C VAL B 255 30.79 22.32 -32.35
N ALA B 256 31.75 21.80 -33.14
CA ALA B 256 31.60 20.48 -33.75
C ALA B 256 31.43 19.38 -32.70
N ALA B 257 32.10 19.53 -31.55
CA ALA B 257 32.01 18.55 -30.47
C ALA B 257 30.64 18.59 -29.77
N GLY B 258 30.13 19.79 -29.51
CA GLY B 258 28.77 19.96 -28.97
C GLY B 258 27.68 19.50 -29.93
N SER B 259 27.93 19.65 -31.23
CA SER B 259 26.96 19.29 -32.28
C SER B 259 26.93 17.80 -32.60
N SER B 260 27.98 17.08 -32.22
CA SER B 260 28.10 15.66 -32.55
C SER B 260 27.79 14.76 -31.36
N ASN B 261 28.82 14.31 -30.65
CA ASN B 261 28.67 13.33 -29.57
C ASN B 261 29.11 13.82 -28.20
N LEU B 262 29.28 15.14 -28.07
CA LEU B 262 29.74 15.74 -26.81
C LEU B 262 31.08 15.17 -26.34
N LYS B 263 31.99 14.96 -27.30
CA LYS B 263 33.34 14.53 -26.98
C LYS B 263 34.05 15.57 -26.11
N ARG B 264 34.98 15.13 -25.29
CA ARG B 264 35.76 16.02 -24.45
C ARG B 264 36.75 16.82 -25.30
N VAL B 265 36.92 18.09 -24.98
CA VAL B 265 37.74 19.01 -25.78
C VAL B 265 38.78 19.70 -24.92
N THR B 266 40.01 19.77 -25.43
CA THR B 266 41.05 20.70 -24.94
C THR B 266 41.62 21.46 -26.13
N LEU B 267 42.02 22.70 -25.87
CA LEU B 267 42.47 23.62 -26.91
C LEU B 267 43.71 24.39 -26.52
N GLU B 268 44.61 24.56 -27.47
CA GLU B 268 45.75 25.46 -27.33
C GLU B 268 45.76 26.39 -28.53
N LEU B 269 45.49 27.66 -28.28
CA LEU B 269 45.23 28.61 -29.34
C LEU B 269 46.30 29.72 -29.35
N GLY B 270 45.99 30.85 -29.95
CA GLY B 270 47.02 31.88 -30.11
C GLY B 270 47.44 32.58 -28.82
N GLY B 271 48.11 33.71 -29.00
CA GLY B 271 48.52 34.54 -27.89
C GLY B 271 48.90 35.92 -28.38
N LYS B 272 48.99 36.85 -27.44
CA LYS B 272 49.62 38.14 -27.67
C LYS B 272 50.33 38.47 -26.37
N SER B 273 51.28 37.61 -26.02
CA SER B 273 51.89 37.55 -24.70
C SER B 273 52.77 38.75 -24.38
N PRO B 274 52.54 39.38 -23.22
CA PRO B 274 53.33 40.54 -22.80
C PRO B 274 54.65 40.15 -22.16
N ASN B 275 55.71 40.83 -22.57
CA ASN B 275 57.03 40.66 -21.98
C ASN B 275 57.44 41.98 -21.32
N ILE B 276 57.48 41.99 -19.99
CA ILE B 276 57.58 43.25 -19.24
C ILE B 276 58.97 43.48 -18.67
N ILE B 277 59.61 44.55 -19.14
CA ILE B 277 60.94 44.90 -18.71
C ILE B 277 60.85 46.07 -17.72
N MET B 278 61.14 45.81 -16.46
CA MET B 278 61.19 46.84 -15.42
C MET B 278 62.53 47.57 -15.48
N SER B 279 62.57 48.81 -14.97
CA SER B 279 63.79 49.62 -15.07
C SER B 279 65.00 49.03 -14.34
N ASP B 280 64.74 48.15 -13.38
CA ASP B 280 65.82 47.48 -12.63
C ASP B 280 66.31 46.16 -13.23
N ALA B 281 65.78 45.78 -14.40
CA ALA B 281 66.25 44.59 -15.10
C ALA B 281 67.73 44.67 -15.47
N ASP B 282 68.34 43.50 -15.61
CA ASP B 282 69.65 43.37 -16.24
C ASP B 282 69.46 43.67 -17.73
N MET B 283 70.07 44.75 -18.22
CA MET B 283 69.82 45.23 -19.59
C MET B 283 70.23 44.26 -20.69
N ASP B 284 71.50 43.83 -20.68
CA ASP B 284 72.02 42.87 -21.65
C ASP B 284 71.18 41.60 -21.74
N TRP B 285 70.93 40.98 -20.58
CA TRP B 285 70.11 39.79 -20.51
C TRP B 285 68.68 40.06 -21.00
N ALA B 286 68.10 41.17 -20.54
CA ALA B 286 66.72 41.50 -20.91
C ALA B 286 66.56 41.69 -22.41
N VAL B 287 67.50 42.41 -23.03
CA VAL B 287 67.48 42.64 -24.47
C VAL B 287 67.60 41.33 -25.27
N GLU B 288 68.55 40.47 -24.89
CA GLU B 288 68.78 39.24 -25.61
C GLU B 288 67.57 38.32 -25.50
N GLN B 289 67.02 38.23 -24.28
CA GLN B 289 65.85 37.39 -24.02
C GLN B 289 64.57 37.90 -24.67
N ALA B 290 64.43 39.23 -24.80
CA ALA B 290 63.28 39.81 -25.49
C ALA B 290 63.39 39.53 -26.99
N HIS B 291 64.62 39.49 -27.49
CA HIS B 291 64.85 39.10 -28.87
C HIS B 291 64.42 37.65 -29.10
N PHE B 292 64.93 36.74 -28.28
CA PHE B 292 64.52 35.33 -28.29
C PHE B 292 63.02 35.14 -28.13
N ALA B 293 62.44 35.85 -27.17
CA ALA B 293 61.01 35.80 -26.87
C ALA B 293 60.12 36.07 -28.07
N LEU B 294 60.57 36.95 -28.95
CA LEU B 294 59.79 37.31 -30.13
C LEU B 294 60.22 36.50 -31.34
N PHE B 295 61.53 36.49 -31.62
CA PHE B 295 62.02 35.96 -32.90
C PHE B 295 62.16 34.42 -32.96
N PHE B 296 62.04 33.73 -31.83
CA PHE B 296 62.21 32.27 -31.80
C PHE B 296 61.31 31.59 -32.83
N ASN B 297 61.87 30.60 -33.53
CA ASN B 297 61.15 29.81 -34.52
C ASN B 297 60.49 30.66 -35.62
N GLN B 298 61.24 31.62 -36.16
CA GLN B 298 60.75 32.54 -37.20
C GLN B 298 59.51 33.32 -36.72
N GLY B 299 59.41 33.53 -35.41
CA GLY B 299 58.26 34.22 -34.82
C GLY B 299 57.04 33.31 -34.67
N GLN B 300 57.17 32.07 -35.09
CA GLN B 300 56.04 31.15 -35.16
C GLN B 300 55.88 30.32 -33.89
N CYS B 301 55.62 31.02 -32.78
N CYS B 301 55.68 31.03 -32.78
CA CYS B 301 55.47 30.39 -31.47
CA CYS B 301 55.44 30.42 -31.47
C CYS B 301 54.21 30.92 -30.79
C CYS B 301 54.13 30.92 -30.91
N CYS B 302 53.34 29.99 -30.38
CA CYS B 302 52.07 30.33 -29.71
C CYS B 302 52.23 31.39 -28.62
N CYS B 303 53.28 31.22 -27.82
CA CYS B 303 53.55 32.07 -26.66
C CYS B 303 54.62 33.14 -26.93
N ALA B 304 54.79 33.52 -28.20
CA ALA B 304 55.77 34.53 -28.58
C ALA B 304 55.56 35.84 -27.80
N GLY B 305 56.66 36.44 -27.33
CA GLY B 305 56.61 37.70 -26.60
C GLY B 305 56.36 38.87 -27.53
N SER B 306 55.11 39.03 -27.97
CA SER B 306 54.78 39.96 -29.05
C SER B 306 54.31 41.35 -28.58
N ARG B 307 54.33 41.57 -27.26
CA ARG B 307 54.16 42.91 -26.70
C ARG B 307 55.30 43.11 -25.71
N THR B 308 56.31 43.86 -26.11
CA THR B 308 57.45 44.13 -25.25
C THR B 308 57.26 45.46 -24.53
N PHE B 309 56.79 45.37 -23.28
CA PHE B 309 56.59 46.55 -22.44
C PHE B 309 57.89 46.92 -21.74
N VAL B 310 58.38 48.13 -21.99
CA VAL B 310 59.65 48.60 -21.44
C VAL B 310 59.42 49.88 -20.64
N GLN B 311 59.87 49.88 -19.38
N GLN B 311 59.88 49.88 -19.39
CA GLN B 311 59.69 51.05 -18.51
CA GLN B 311 59.72 51.03 -18.48
C GLN B 311 60.43 52.23 -19.14
C GLN B 311 60.46 52.24 -19.07
N GLU B 312 59.78 53.39 -19.11
CA GLU B 312 60.25 54.58 -19.85
C GLU B 312 61.69 55.04 -19.64
N ASP B 313 62.19 54.90 -18.41
CA ASP B 313 63.55 55.34 -18.08
C ASP B 313 64.64 54.51 -18.75
N ILE B 314 64.29 53.31 -19.22
CA ILE B 314 65.24 52.46 -19.93
C ILE B 314 64.80 52.19 -21.38
N TYR B 315 63.65 52.76 -21.75
CA TYR B 315 63.06 52.56 -23.09
C TYR B 315 64.05 52.87 -24.23
N ASP B 316 64.61 54.08 -24.22
CA ASP B 316 65.48 54.53 -25.30
C ASP B 316 66.65 53.59 -25.54
N GLU B 317 67.31 53.19 -24.46
CA GLU B 317 68.48 52.32 -24.55
C GLU B 317 68.11 50.89 -24.96
N PHE B 318 67.02 50.39 -24.37
CA PHE B 318 66.53 49.04 -24.68
C PHE B 318 66.22 48.93 -26.17
N VAL B 319 65.52 49.93 -26.70
CA VAL B 319 65.10 49.94 -28.11
C VAL B 319 66.33 49.95 -29.03
N GLU B 320 67.27 50.83 -28.71
CA GLU B 320 68.52 50.95 -29.47
C GLU B 320 69.29 49.62 -29.57
N ARG B 321 69.33 48.88 -28.47
CA ARG B 321 70.04 47.60 -28.43
C ARG B 321 69.25 46.50 -29.16
N SER B 322 67.93 46.55 -29.02
CA SER B 322 67.02 45.60 -29.66
C SER B 322 67.10 45.73 -31.18
N VAL B 323 67.12 46.97 -31.65
CA VAL B 323 67.23 47.26 -33.08
C VAL B 323 68.57 46.73 -33.58
N ALA B 324 69.63 46.96 -32.82
CA ALA B 324 70.95 46.45 -33.17
C ALA B 324 70.95 44.92 -33.28
N ARG B 325 70.31 44.24 -32.33
CA ARG B 325 70.24 42.78 -32.32
C ARG B 325 69.44 42.21 -33.50
N ALA B 326 68.28 42.80 -33.75
CA ALA B 326 67.45 42.41 -34.89
C ALA B 326 68.18 42.57 -36.23
N LYS B 327 69.00 43.62 -36.34
CA LYS B 327 69.79 43.86 -37.56
C LYS B 327 70.91 42.85 -37.77
N SER B 328 71.52 42.37 -36.68
CA SER B 328 72.60 41.40 -36.77
C SER B 328 72.10 39.97 -36.98
N ARG B 329 70.79 39.75 -36.79
CA ARG B 329 70.19 38.42 -36.90
C ARG B 329 70.28 37.89 -38.34
N VAL B 330 70.96 36.76 -38.49
CA VAL B 330 71.23 36.15 -39.81
C VAL B 330 70.04 35.34 -40.36
N VAL B 331 69.50 35.83 -41.47
CA VAL B 331 68.44 35.16 -42.23
C VAL B 331 69.06 34.47 -43.43
N GLY B 332 68.67 33.23 -43.69
CA GLY B 332 69.21 32.49 -44.84
C GLY B 332 68.89 31.01 -44.83
N ASN B 333 69.60 30.26 -45.67
CA ASN B 333 69.50 28.80 -45.75
C ASN B 333 69.59 28.15 -44.37
N PRO B 334 68.48 27.53 -43.91
CA PRO B 334 68.42 26.91 -42.57
C PRO B 334 69.42 25.77 -42.37
N PHE B 335 69.97 25.23 -43.46
CA PHE B 335 71.01 24.21 -43.34
C PHE B 335 72.41 24.77 -43.08
N ASP B 336 72.60 26.08 -43.33
CA ASP B 336 73.88 26.73 -43.02
C ASP B 336 73.99 27.00 -41.52
N SER B 337 75.12 26.61 -40.92
CA SER B 337 75.30 26.70 -39.46
C SER B 337 75.15 28.11 -38.88
N LYS B 338 75.45 29.13 -39.69
CA LYS B 338 75.34 30.55 -39.27
C LYS B 338 73.90 31.09 -39.28
N THR B 339 72.97 30.37 -39.88
CA THR B 339 71.60 30.88 -40.02
C THR B 339 70.87 30.88 -38.68
N GLU B 340 70.35 32.04 -38.32
CA GLU B 340 69.55 32.14 -37.09
C GLU B 340 68.07 32.01 -37.39
N GLN B 341 67.69 32.43 -38.57
CA GLN B 341 66.29 32.54 -38.97
C GLN B 341 66.09 31.91 -40.35
N GLY B 342 65.17 30.97 -40.44
CA GLY B 342 64.78 30.41 -41.73
C GLY B 342 63.60 31.16 -42.35
N PRO B 343 62.98 30.55 -43.39
CA PRO B 343 61.79 31.15 -43.98
C PRO B 343 60.57 30.89 -43.09
N GLN B 344 59.48 31.60 -43.37
CA GLN B 344 58.18 31.30 -42.78
C GLN B 344 57.66 30.02 -43.42
N VAL B 345 56.65 29.39 -42.81
CA VAL B 345 56.29 28.01 -43.19
C VAL B 345 55.73 27.86 -44.62
N ASP B 346 54.95 28.84 -45.08
CA ASP B 346 54.34 28.76 -46.40
C ASP B 346 54.03 30.15 -46.92
N GLU B 347 53.43 30.20 -48.11
CA GLU B 347 53.12 31.46 -48.78
C GLU B 347 52.01 32.26 -48.10
N THR B 348 51.02 31.55 -47.56
CA THR B 348 49.90 32.17 -46.85
C THR B 348 50.38 32.97 -45.63
N GLN B 349 51.26 32.36 -44.84
CA GLN B 349 51.83 33.01 -43.65
C GLN B 349 52.70 34.20 -44.06
N PHE B 350 53.59 33.93 -45.01
CA PHE B 350 54.42 34.93 -45.67
C PHE B 350 53.62 36.19 -46.02
N LYS B 351 52.52 36.01 -46.75
CA LYS B 351 51.69 37.12 -47.16
C LYS B 351 50.94 37.77 -45.99
N LYS B 352 50.51 36.95 -45.02
CA LYS B 352 49.81 37.48 -43.85
C LYS B 352 50.70 38.41 -43.02
N ILE B 353 51.96 38.00 -42.82
CA ILE B 353 52.94 38.78 -42.07
C ILE B 353 53.26 40.11 -42.76
N LEU B 354 53.50 40.07 -44.06
CA LEU B 354 53.73 41.28 -44.86
C LEU B 354 52.54 42.25 -44.76
N GLY B 355 51.33 41.70 -44.69
CA GLY B 355 50.10 42.49 -44.49
C GLY B 355 50.03 43.14 -43.12
N TYR B 356 50.45 42.40 -42.09
CA TYR B 356 50.56 42.96 -40.74
C TYR B 356 51.65 44.06 -40.67
N ILE B 357 52.77 43.85 -41.35
CA ILE B 357 53.78 44.92 -41.48
C ILE B 357 53.20 46.19 -42.11
N ASN B 358 52.43 46.03 -43.20
CA ASN B 358 51.77 47.17 -43.83
C ASN B 358 50.84 47.93 -42.87
N THR B 359 50.02 47.19 -42.13
CA THR B 359 49.14 47.77 -41.12
C THR B 359 49.93 48.55 -40.05
N GLY B 360 51.09 48.03 -39.65
CA GLY B 360 51.97 48.70 -38.69
C GLY B 360 52.46 50.05 -39.19
N LYS B 361 52.90 50.09 -40.44
CA LYS B 361 53.30 51.34 -41.08
C LYS B 361 52.11 52.30 -41.21
N GLN B 362 50.97 51.79 -41.68
CA GLN B 362 49.77 52.60 -41.89
C GLN B 362 49.25 53.23 -40.60
N GLU B 363 49.27 52.48 -39.51
CA GLU B 363 48.71 52.93 -38.23
C GLU B 363 49.65 53.80 -37.39
N GLY B 364 50.87 53.99 -37.89
CA GLY B 364 51.75 55.01 -37.33
C GLY B 364 52.70 54.49 -36.28
N ALA B 365 52.94 53.18 -36.27
CA ALA B 365 54.01 52.61 -35.47
C ALA B 365 55.34 52.96 -36.12
N LYS B 366 56.37 53.15 -35.30
CA LYS B 366 57.68 53.56 -35.80
C LYS B 366 58.49 52.33 -36.26
N LEU B 367 58.55 52.13 -37.58
CA LEU B 367 59.40 51.08 -38.16
C LEU B 367 60.85 51.46 -37.95
N LEU B 368 61.58 50.59 -37.26
CA LEU B 368 62.95 50.88 -36.87
C LEU B 368 63.99 50.07 -37.63
N CYS B 369 63.57 48.91 -38.13
CA CYS B 369 64.42 48.07 -38.98
C CYS B 369 63.55 47.01 -39.66
N GLY B 370 64.11 46.36 -40.69
CA GLY B 370 63.40 45.37 -41.47
C GLY B 370 62.25 45.96 -42.25
N GLY B 371 61.12 45.24 -42.26
CA GLY B 371 59.91 45.71 -42.91
C GLY B 371 59.56 45.05 -44.25
N GLY B 372 60.50 44.30 -44.82
CA GLY B 372 60.27 43.67 -46.14
C GLY B 372 60.78 42.25 -46.26
N ILE B 373 60.75 41.72 -47.49
CA ILE B 373 61.24 40.37 -47.78
C ILE B 373 62.78 40.30 -47.69
N ALA B 374 63.30 39.18 -47.22
CA ALA B 374 64.73 39.06 -46.96
C ALA B 374 65.52 38.40 -48.10
N ALA B 375 64.79 37.80 -49.06
CA ALA B 375 65.41 37.10 -50.19
C ALA B 375 64.45 37.09 -51.38
N ASP B 376 64.98 36.81 -52.56
CA ASP B 376 64.18 36.76 -53.80
C ASP B 376 63.56 35.39 -54.04
N ARG B 377 63.97 34.40 -53.24
CA ARG B 377 63.41 33.05 -53.31
C ARG B 377 63.18 32.51 -51.91
N GLY B 378 62.08 31.79 -51.73
CA GLY B 378 61.68 31.29 -50.42
C GLY B 378 60.94 32.34 -49.61
N TYR B 379 60.29 31.89 -48.54
CA TYR B 379 59.41 32.76 -47.76
C TYR B 379 60.13 33.46 -46.60
N PHE B 380 61.21 34.16 -46.94
CA PHE B 380 62.07 34.82 -45.95
C PHE B 380 61.61 36.26 -45.74
N ILE B 381 61.55 36.65 -44.47
CA ILE B 381 61.14 38.00 -44.06
C ILE B 381 62.19 38.60 -43.13
N GLN B 382 62.55 39.87 -43.37
CA GLN B 382 63.49 40.60 -42.53
C GLN B 382 63.01 40.69 -41.06
N PRO B 383 63.94 40.49 -40.10
CA PRO B 383 63.64 40.79 -38.70
C PRO B 383 63.20 42.24 -38.57
N THR B 384 61.99 42.44 -38.07
CA THR B 384 61.32 43.72 -38.14
C THR B 384 60.97 44.20 -36.72
N VAL B 385 61.33 45.44 -36.41
CA VAL B 385 61.03 46.03 -35.10
C VAL B 385 60.21 47.31 -35.25
N PHE B 386 59.07 47.36 -34.56
CA PHE B 386 58.29 48.57 -34.45
C PHE B 386 58.48 49.15 -33.05
N GLY B 387 58.83 50.43 -32.98
CA GLY B 387 58.87 51.15 -31.71
C GLY B 387 57.62 52.00 -31.51
N ASP B 388 57.44 52.51 -30.29
CA ASP B 388 56.31 53.39 -29.96
C ASP B 388 54.94 52.81 -30.29
N VAL B 389 54.82 51.50 -30.16
CA VAL B 389 53.55 50.82 -30.41
C VAL B 389 52.55 51.24 -29.34
N GLN B 390 51.29 51.36 -29.75
CA GLN B 390 50.21 51.72 -28.84
C GLN B 390 49.23 50.56 -28.74
N ASP B 391 48.51 50.50 -27.62
CA ASP B 391 47.65 49.34 -27.31
C ASP B 391 46.55 49.11 -28.34
N GLY B 392 46.08 50.20 -28.95
CA GLY B 392 44.98 50.13 -29.93
C GLY B 392 45.40 49.75 -31.34
N MET B 393 46.69 49.72 -31.62
CA MET B 393 47.17 49.35 -32.96
C MET B 393 46.91 47.87 -33.23
N THR B 394 46.60 47.55 -34.49
CA THR B 394 46.39 46.16 -34.92
C THR B 394 47.58 45.26 -34.53
N ILE B 395 48.81 45.72 -34.76
CA ILE B 395 49.99 44.91 -34.47
C ILE B 395 50.21 44.68 -32.99
N ALA B 396 49.54 45.46 -32.16
CA ALA B 396 49.57 45.29 -30.71
C ALA B 396 48.47 44.36 -30.20
N LYS B 397 47.48 44.07 -31.04
CA LYS B 397 46.33 43.29 -30.61
C LYS B 397 46.27 41.89 -31.22
N GLU B 398 46.63 41.77 -32.49
CA GLU B 398 46.48 40.49 -33.21
C GLU B 398 47.79 39.73 -33.35
N GLU B 399 47.72 38.40 -33.22
CA GLU B 399 48.88 37.51 -33.34
C GLU B 399 49.45 37.54 -34.78
N ILE B 400 50.70 37.98 -34.91
CA ILE B 400 51.32 38.13 -36.24
C ILE B 400 52.00 36.83 -36.71
N PHE B 401 52.58 36.10 -35.76
CA PHE B 401 53.22 34.81 -36.02
C PHE B 401 54.36 34.93 -37.02
N GLY B 402 55.16 35.98 -36.85
CA GLY B 402 56.31 36.24 -37.71
C GLY B 402 57.36 37.09 -37.01
N PRO B 403 58.48 37.39 -37.70
CA PRO B 403 59.60 38.12 -37.10
C PRO B 403 59.32 39.63 -37.04
N VAL B 404 58.29 40.00 -36.28
CA VAL B 404 57.83 41.38 -36.14
C VAL B 404 57.66 41.65 -34.64
N MET B 405 58.49 42.56 -34.13
CA MET B 405 58.56 42.91 -32.71
C MET B 405 57.86 44.23 -32.39
N GLN B 406 57.04 44.22 -31.34
CA GLN B 406 56.35 45.42 -30.87
C GLN B 406 56.93 45.86 -29.53
N ILE B 407 57.51 47.05 -29.51
CA ILE B 407 58.01 47.63 -28.26
C ILE B 407 57.12 48.78 -27.80
N LEU B 408 56.64 48.68 -26.57
CA LEU B 408 55.71 49.64 -25.99
C LEU B 408 56.31 50.24 -24.72
N LYS B 409 55.93 51.48 -24.42
CA LYS B 409 56.49 52.20 -23.29
C LYS B 409 55.45 52.32 -22.17
N PHE B 410 55.89 52.09 -20.93
CA PHE B 410 55.01 52.27 -19.77
C PHE B 410 55.72 53.01 -18.63
N LYS B 411 54.92 53.50 -17.69
CA LYS B 411 55.49 54.20 -16.54
C LYS B 411 55.50 53.35 -15.27
N THR B 412 54.32 52.97 -14.79
CA THR B 412 54.19 52.35 -13.47
C THR B 412 53.86 50.86 -13.56
N ILE B 413 54.14 50.13 -12.48
CA ILE B 413 53.82 48.71 -12.37
C ILE B 413 52.30 48.47 -12.42
N GLU B 414 51.53 49.37 -11.82
CA GLU B 414 50.06 49.28 -11.81
C GLU B 414 49.50 49.41 -13.23
N GLU B 415 50.05 50.36 -13.98
CA GLU B 415 49.65 50.61 -15.36
C GLU B 415 49.87 49.38 -16.25
N VAL B 416 51.08 48.82 -16.17
CA VAL B 416 51.48 47.73 -17.07
C VAL B 416 50.69 46.44 -16.81
N VAL B 417 50.30 46.22 -15.54
CA VAL B 417 49.42 45.10 -15.20
C VAL B 417 48.10 45.18 -15.95
N GLY B 418 47.45 46.35 -15.90
CA GLY B 418 46.17 46.59 -16.58
C GLY B 418 46.30 46.42 -18.08
N ARG B 419 47.33 47.04 -18.66
CA ARG B 419 47.61 46.96 -20.08
C ARG B 419 47.96 45.52 -20.55
N ALA B 420 48.79 44.83 -19.77
CA ALA B 420 49.16 43.45 -20.10
C ALA B 420 47.96 42.51 -20.10
N ASN B 421 47.07 42.68 -19.12
CA ASN B 421 45.88 41.83 -18.96
C ASN B 421 44.70 42.28 -19.81
N ASN B 422 44.80 43.44 -20.43
CA ASN B 422 43.75 43.96 -21.31
C ASN B 422 43.89 43.30 -22.68
N SER B 423 43.46 42.04 -22.74
CA SER B 423 43.60 41.19 -23.91
C SER B 423 42.66 40.00 -23.77
N THR B 424 42.08 39.56 -24.88
CA THR B 424 41.27 38.34 -24.86
C THR B 424 42.16 37.10 -24.86
N TYR B 425 43.47 37.34 -25.02
CA TYR B 425 44.47 36.29 -24.96
C TYR B 425 45.07 36.17 -23.57
N GLY B 426 45.66 35.01 -23.25
CA GLY B 426 46.34 34.81 -21.98
C GLY B 426 47.21 33.56 -21.92
N LEU B 427 48.06 33.37 -22.91
CA LEU B 427 48.87 32.15 -22.98
C LEU B 427 50.10 32.19 -22.09
N ALA B 428 50.91 33.23 -22.24
CA ALA B 428 52.11 33.40 -21.46
C ALA B 428 52.34 34.87 -21.13
N ALA B 429 53.33 35.13 -20.29
CA ALA B 429 53.80 36.48 -20.00
C ALA B 429 55.16 36.35 -19.35
N ALA B 430 55.95 37.42 -19.36
CA ALA B 430 57.20 37.39 -18.64
C ALA B 430 57.45 38.71 -17.92
N VAL B 431 58.35 38.65 -16.93
CA VAL B 431 58.71 39.79 -16.09
C VAL B 431 60.22 39.77 -15.96
N PHE B 432 60.85 40.90 -16.28
CA PHE B 432 62.29 41.06 -16.08
C PHE B 432 62.55 42.14 -15.03
N THR B 433 63.15 41.72 -13.93
CA THR B 433 63.36 42.56 -12.74
C THR B 433 64.31 41.87 -11.77
N LYS B 434 64.99 42.65 -10.95
CA LYS B 434 65.84 42.10 -9.89
C LYS B 434 65.13 42.10 -8.54
N ASP B 435 63.97 42.77 -8.49
CA ASP B 435 63.28 43.00 -7.24
C ASP B 435 62.34 41.87 -6.90
N LEU B 436 62.52 41.31 -5.70
CA LEU B 436 61.72 40.19 -5.21
C LEU B 436 60.21 40.46 -5.20
N ASP B 437 59.83 41.61 -4.66
CA ASP B 437 58.41 41.96 -4.53
C ASP B 437 57.73 42.22 -5.86
N LYS B 438 58.45 42.85 -6.79
CA LYS B 438 57.91 43.15 -8.12
C LYS B 438 57.61 41.86 -8.88
N ALA B 439 58.52 40.90 -8.79
CA ALA B 439 58.37 39.62 -9.46
C ALA B 439 57.15 38.88 -8.92
N ASN B 440 57.04 38.81 -7.58
CA ASN B 440 55.88 38.20 -6.93
C ASN B 440 54.56 38.94 -7.19
N TYR B 441 54.58 40.25 -7.10
CA TYR B 441 53.41 41.08 -7.44
C TYR B 441 52.95 40.81 -8.87
N LEU B 442 53.90 40.81 -9.81
CA LEU B 442 53.54 40.67 -11.20
C LEU B 442 53.11 39.25 -11.58
N SER B 443 53.90 38.24 -11.19
CA SER B 443 53.54 36.85 -11.51
C SER B 443 52.16 36.48 -10.95
N GLN B 444 51.80 37.04 -9.80
CA GLN B 444 50.45 36.83 -9.26
C GLN B 444 49.39 37.56 -10.09
N ALA B 445 49.68 38.81 -10.46
CA ALA B 445 48.70 39.68 -11.12
C ALA B 445 48.42 39.37 -12.60
N LEU B 446 49.41 38.84 -13.32
CA LEU B 446 49.27 38.62 -14.77
C LEU B 446 48.34 37.45 -15.04
N GLN B 447 47.43 37.65 -15.99
CA GLN B 447 46.42 36.64 -16.30
C GLN B 447 46.91 35.76 -17.45
N ALA B 448 47.83 34.85 -17.14
CA ALA B 448 48.48 34.01 -18.15
C ALA B 448 48.86 32.64 -17.60
N GLY B 449 48.76 31.63 -18.48
CA GLY B 449 48.99 30.23 -18.13
C GLY B 449 50.41 29.94 -17.71
N THR B 450 51.36 30.70 -18.26
CA THR B 450 52.76 30.63 -17.84
C THR B 450 53.29 32.04 -17.65
N VAL B 451 53.89 32.29 -16.49
CA VAL B 451 54.66 33.51 -16.27
C VAL B 451 56.14 33.17 -16.10
N TRP B 452 56.99 33.71 -16.98
CA TRP B 452 58.44 33.56 -16.83
C TRP B 452 59.03 34.79 -16.13
N VAL B 453 59.96 34.55 -15.21
CA VAL B 453 60.64 35.65 -14.51
C VAL B 453 62.13 35.59 -14.86
N ASN B 454 62.63 36.67 -15.49
CA ASN B 454 64.02 36.77 -15.92
C ASN B 454 64.44 35.66 -16.92
N CYS B 455 63.45 35.17 -17.67
CA CYS B 455 63.67 34.23 -18.75
C CYS B 455 62.43 34.24 -19.67
N TYR B 456 62.46 33.44 -20.72
CA TYR B 456 61.32 33.30 -21.64
C TYR B 456 61.41 31.95 -22.35
N ASP B 457 60.27 31.41 -22.78
CA ASP B 457 60.22 30.15 -23.54
C ASP B 457 60.97 29.02 -22.83
N VAL B 458 60.89 28.99 -21.51
CA VAL B 458 61.42 27.86 -20.75
C VAL B 458 60.32 26.82 -20.61
N PHE B 459 60.38 25.85 -21.50
CA PHE B 459 59.47 24.71 -21.45
C PHE B 459 60.19 23.57 -20.76
N GLY B 460 59.50 22.93 -19.84
CA GLY B 460 59.97 21.68 -19.26
C GLY B 460 58.84 20.70 -19.39
N ALA B 461 59.16 19.46 -19.74
CA ALA B 461 58.17 18.39 -19.77
C ALA B 461 57.46 18.24 -18.41
N GLN B 462 58.13 18.73 -17.35
CA GLN B 462 57.62 18.62 -15.97
C GLN B 462 56.62 19.72 -15.61
N SER B 463 56.68 20.86 -16.29
CA SER B 463 55.82 22.01 -15.97
C SER B 463 54.69 22.18 -16.98
N PRO B 464 53.45 22.32 -16.48
CA PRO B 464 52.27 22.44 -17.35
C PRO B 464 52.27 23.72 -18.19
N PHE B 465 51.56 23.66 -19.32
CA PHE B 465 51.51 24.75 -20.28
C PHE B 465 50.11 24.84 -20.87
N GLY B 466 49.56 26.05 -20.94
CA GLY B 466 48.19 26.20 -21.43
C GLY B 466 47.65 27.59 -21.26
N GLY B 467 46.52 27.86 -21.89
CA GLY B 467 45.99 29.20 -21.96
C GLY B 467 44.96 29.56 -20.90
N TYR B 468 44.98 30.84 -20.52
CA TYR B 468 43.86 31.51 -19.89
C TYR B 468 43.00 32.09 -21.00
N LYS B 469 41.77 32.48 -20.66
CA LYS B 469 40.88 33.19 -21.59
C LYS B 469 40.79 32.44 -22.93
N MET B 470 40.93 33.16 -24.03
CA MET B 470 40.75 32.57 -25.37
C MET B 470 42.02 31.96 -25.98
N SER B 471 43.08 31.85 -25.18
CA SER B 471 44.29 31.15 -25.63
C SER B 471 44.15 29.63 -25.51
N GLY B 472 43.00 29.19 -25.01
CA GLY B 472 42.66 27.78 -24.92
C GLY B 472 42.19 27.38 -23.54
N SER B 473 42.16 26.06 -23.29
CA SER B 473 41.75 25.52 -22.00
C SER B 473 42.41 24.16 -21.76
N GLY B 474 42.56 23.79 -20.49
CA GLY B 474 43.28 22.58 -20.14
C GLY B 474 44.77 22.82 -20.22
N ARG B 475 45.54 21.90 -19.67
CA ARG B 475 46.99 22.03 -19.67
C ARG B 475 47.67 20.82 -20.28
N GLU B 476 48.81 21.09 -20.92
CA GLU B 476 49.69 20.08 -21.44
C GLU B 476 50.98 20.09 -20.64
N LEU B 477 51.73 18.99 -20.73
CA LEU B 477 52.98 18.83 -20.01
C LEU B 477 52.74 18.65 -18.51
N GLY B 478 53.76 18.14 -17.82
CA GLY B 478 53.66 17.83 -16.40
C GLY B 478 52.62 16.78 -16.10
N GLU B 479 52.23 16.70 -14.83
CA GLU B 479 51.22 15.74 -14.37
C GLU B 479 49.83 16.11 -14.90
N TYR B 480 49.56 17.41 -14.95
CA TYR B 480 48.31 17.99 -15.44
C TYR B 480 47.94 17.51 -16.85
N GLY B 481 48.96 17.24 -17.65
CA GLY B 481 48.79 16.78 -19.03
C GLY B 481 48.10 15.43 -19.16
N LEU B 482 47.99 14.74 -18.03
CA LEU B 482 47.30 13.44 -17.97
C LEU B 482 45.80 13.56 -17.69
N GLN B 483 45.39 14.68 -17.08
N GLN B 483 45.38 14.67 -17.08
CA GLN B 483 43.98 14.91 -16.69
CA GLN B 483 43.96 14.86 -16.70
C GLN B 483 43.00 14.75 -17.87
C GLN B 483 43.01 14.70 -17.89
N ALA B 484 43.31 15.38 -18.99
CA ALA B 484 42.45 15.32 -20.20
C ALA B 484 42.40 13.94 -20.86
N TYR B 485 43.36 13.10 -20.51
CA TYR B 485 43.47 11.77 -21.11
C TYR B 485 42.98 10.67 -20.18
N THR B 486 42.31 11.11 -19.11
CA THR B 486 41.80 10.20 -18.09
C THR B 486 40.28 10.34 -17.95
N GLU B 487 39.59 9.20 -17.95
CA GLU B 487 38.19 9.16 -17.56
C GLU B 487 38.12 8.53 -16.16
N VAL B 488 37.40 9.17 -15.24
CA VAL B 488 37.38 8.74 -13.84
C VAL B 488 36.16 7.87 -13.56
N LYS B 489 36.39 6.69 -12.98
CA LYS B 489 35.29 5.84 -12.54
C LYS B 489 35.32 5.68 -11.03
N THR B 490 34.17 5.96 -10.40
CA THR B 490 33.97 5.64 -9.00
C THR B 490 33.35 4.26 -8.88
N VAL B 491 33.95 3.43 -8.02
CA VAL B 491 33.35 2.16 -7.66
C VAL B 491 33.02 2.20 -6.17
N THR B 492 31.76 1.95 -5.82
CA THR B 492 31.34 2.01 -4.43
C THR B 492 30.67 0.70 -4.01
N VAL B 493 31.30 0.03 -3.04
CA VAL B 493 30.97 -1.34 -2.69
C VAL B 493 30.43 -1.40 -1.25
N LYS B 494 29.27 -2.02 -1.09
CA LYS B 494 28.73 -2.33 0.23
C LYS B 494 29.66 -3.30 0.95
N VAL B 495 29.99 -2.98 2.20
CA VAL B 495 30.84 -3.85 3.02
C VAL B 495 30.11 -4.18 4.33
N PRO B 496 30.42 -5.35 4.93
CA PRO B 496 29.73 -5.75 6.17
C PRO B 496 29.74 -4.67 7.25
N GLN B 497 30.91 -4.09 7.53
CA GLN B 497 31.04 -3.01 8.52
C GLN B 497 32.30 -2.19 8.26
N LYS B 498 32.12 -0.94 7.86
CA LYS B 498 33.23 -0.02 7.59
C LYS B 498 33.98 0.34 8.88
N ASN B 499 35.30 0.21 8.84
CA ASN B 499 36.17 0.70 9.90
C ASN B 499 37.25 1.62 9.34
N SER B 500 37.71 2.56 10.16
CA SER B 500 38.81 3.44 9.78
C SER B 500 40.12 2.67 9.53
N ALA C 7 39.98 44.19 19.76
CA ALA C 7 40.06 44.37 21.24
C ALA C 7 40.37 43.03 21.92
N VAL C 8 40.75 43.11 23.20
CA VAL C 8 40.92 41.94 24.06
C VAL C 8 40.04 42.10 25.30
N PRO C 9 39.18 41.09 25.59
CA PRO C 9 38.39 41.09 26.83
C PRO C 9 39.29 41.10 28.06
N ALA C 10 38.94 41.94 29.04
CA ALA C 10 39.70 42.04 30.28
C ALA C 10 39.87 40.66 30.90
N PRO C 11 41.09 40.33 31.34
CA PRO C 11 41.35 39.00 31.89
C PRO C 11 40.86 38.81 33.33
N ASN C 12 40.52 37.58 33.69
CA ASN C 12 40.46 37.19 35.10
C ASN C 12 41.89 36.87 35.47
N GLN C 13 42.47 37.68 36.34
CA GLN C 13 43.89 37.55 36.68
C GLN C 13 44.15 36.42 37.68
N GLN C 14 43.08 35.88 38.25
CA GLN C 14 43.17 34.72 39.13
C GLN C 14 42.13 33.68 38.73
N PRO C 15 42.27 33.09 37.53
CA PRO C 15 41.25 32.14 37.06
C PRO C 15 41.18 30.92 37.97
N GLU C 16 39.96 30.42 38.18
CA GLU C 16 39.76 29.20 38.95
C GLU C 16 40.23 27.97 38.18
N VAL C 17 40.78 26.99 38.91
CA VAL C 17 41.18 25.72 38.33
C VAL C 17 40.06 24.71 38.56
N PHE C 18 39.57 24.14 37.46
CA PHE C 18 38.48 23.16 37.49
C PHE C 18 38.98 21.72 37.32
N CYS C 19 40.11 21.56 36.66
CA CYS C 19 40.63 20.24 36.31
C CYS C 19 42.08 20.11 36.76
N ASN C 20 42.36 19.10 37.58
CA ASN C 20 43.71 18.92 38.13
C ASN C 20 44.04 17.44 38.38
N GLN C 21 43.40 16.58 37.60
CA GLN C 21 43.53 15.14 37.75
C GLN C 21 43.96 14.47 36.44
N ILE C 22 43.92 13.13 36.43
CA ILE C 22 44.24 12.34 35.26
C ILE C 22 42.95 12.06 34.47
N PHE C 23 43.02 12.26 33.15
CA PHE C 23 41.84 12.13 32.28
C PHE C 23 41.89 10.82 31.50
N ILE C 24 41.00 9.89 31.85
CA ILE C 24 40.93 8.59 31.18
C ILE C 24 39.48 8.19 31.03
N ASN C 25 39.13 7.72 29.83
CA ASN C 25 37.75 7.34 29.51
C ASN C 25 36.74 8.45 29.84
N ASN C 26 37.13 9.68 29.53
CA ASN C 26 36.31 10.89 29.74
C ASN C 26 36.03 11.20 31.21
N GLU C 27 36.81 10.60 32.11
CA GLU C 27 36.62 10.74 33.54
C GLU C 27 37.87 11.29 34.21
N TRP C 28 37.70 11.87 35.40
CA TRP C 28 38.81 12.37 36.18
C TRP C 28 39.24 11.39 37.27
N HIS C 29 40.55 11.18 37.36
CA HIS C 29 41.13 10.21 38.29
C HIS C 29 42.32 10.78 39.05
N ASP C 30 42.41 10.40 40.32
CA ASP C 30 43.65 10.58 41.07
C ASP C 30 44.68 9.58 40.54
N ALA C 31 45.96 9.83 40.79
CA ALA C 31 46.98 8.82 40.58
C ALA C 31 46.71 7.61 41.48
N VAL C 32 47.15 6.44 41.06
CA VAL C 32 46.98 5.23 41.87
C VAL C 32 47.60 5.45 43.25
N SER C 33 48.76 6.12 43.26
CA SER C 33 49.52 6.44 44.47
C SER C 33 48.88 7.55 45.30
N ARG C 34 47.93 8.26 44.70
CA ARG C 34 47.28 9.44 45.31
C ARG C 34 48.21 10.66 45.38
N LYS C 35 49.38 10.55 44.78
CA LYS C 35 50.36 11.64 44.80
C LYS C 35 49.94 12.82 43.93
N THR C 36 50.32 14.00 44.39
CA THR C 36 50.08 15.23 43.65
C THR C 36 51.38 16.05 43.64
N PHE C 37 51.48 16.99 42.71
CA PHE C 37 52.62 17.88 42.63
C PHE C 37 52.13 19.30 42.42
N PRO C 38 52.87 20.28 42.95
CA PRO C 38 52.47 21.65 42.72
C PRO C 38 52.91 22.18 41.36
N THR C 39 52.06 23.00 40.75
CA THR C 39 52.44 23.78 39.59
C THR C 39 52.51 25.24 40.05
N VAL C 40 53.53 25.96 39.59
CA VAL C 40 53.86 27.29 40.08
C VAL C 40 53.48 28.38 39.07
N ASN C 41 53.02 29.52 39.56
CA ASN C 41 52.88 30.73 38.77
C ASN C 41 54.26 31.40 38.61
N PRO C 42 54.80 31.41 37.38
CA PRO C 42 56.17 31.94 37.25
C PRO C 42 56.30 33.46 37.46
N SER C 43 55.19 34.20 37.41
CA SER C 43 55.20 35.63 37.68
C SER C 43 55.40 35.97 39.16
N THR C 44 54.90 35.10 40.04
CA THR C 44 54.96 35.34 41.49
C THR C 44 55.84 34.34 42.23
N GLY C 45 56.06 33.17 41.63
CA GLY C 45 56.82 32.11 42.28
C GLY C 45 55.99 31.31 43.28
N GLU C 46 54.68 31.52 43.27
CA GLU C 46 53.77 30.89 44.22
C GLU C 46 53.02 29.71 43.59
N VAL C 47 52.64 28.75 44.43
CA VAL C 47 51.90 27.59 43.99
C VAL C 47 50.48 27.99 43.58
N ILE C 48 50.08 27.58 42.38
CA ILE C 48 48.71 27.79 41.90
C ILE C 48 47.79 26.78 42.58
N CYS C 49 48.12 25.50 42.40
CA CYS C 49 47.37 24.39 43.00
C CYS C 49 48.23 23.12 42.91
N GLN C 50 47.66 22.01 43.35
CA GLN C 50 48.29 20.70 43.20
C GLN C 50 47.65 19.96 42.02
N VAL C 51 48.39 19.02 41.43
CA VAL C 51 47.94 18.28 40.25
C VAL C 51 48.29 16.81 40.43
N ALA C 52 47.38 15.93 40.02
CA ALA C 52 47.60 14.48 40.15
C ALA C 52 48.92 14.09 39.49
N GLU C 53 49.78 13.39 40.23
CA GLU C 53 51.09 13.01 39.71
C GLU C 53 51.06 11.63 39.05
N GLY C 54 50.79 11.61 37.75
CA GLY C 54 50.73 10.38 36.98
C GLY C 54 52.08 9.69 36.87
N ASP C 55 52.05 8.36 36.81
CA ASP C 55 53.25 7.52 36.73
C ASP C 55 52.93 6.29 35.86
N LYS C 56 53.82 5.28 35.89
CA LYS C 56 53.71 4.11 35.00
C LYS C 56 52.37 3.39 35.10
N GLU C 57 51.89 3.14 36.32
CA GLU C 57 50.61 2.45 36.50
C GLU C 57 49.43 3.24 35.96
N ASP C 58 49.52 4.57 36.00
CA ASP C 58 48.48 5.43 35.48
C ASP C 58 48.52 5.45 33.95
N VAL C 59 49.75 5.45 33.40
CA VAL C 59 49.97 5.35 31.98
C VAL C 59 49.37 4.05 31.44
N ASP C 60 49.62 2.94 32.14
CA ASP C 60 49.10 1.63 31.71
C ASP C 60 47.58 1.66 31.58
N LYS C 61 46.92 2.28 32.54
CA LYS C 61 45.46 2.46 32.51
C LYS C 61 45.04 3.26 31.28
N ALA C 62 45.67 4.41 31.08
CA ALA C 62 45.40 5.26 29.90
C ALA C 62 45.61 4.51 28.57
N VAL C 63 46.67 3.71 28.49
CA VAL C 63 46.98 2.97 27.27
C VAL C 63 45.95 1.85 27.02
N LYS C 64 45.56 1.15 28.08
CA LYS C 64 44.52 0.13 27.98
C LYS C 64 43.18 0.71 27.52
N ALA C 65 42.84 1.91 28.00
CA ALA C 65 41.63 2.61 27.59
C ALA C 65 41.69 3.04 26.14
N ALA C 66 42.85 3.55 25.72
CA ALA C 66 43.07 3.94 24.34
C ALA C 66 42.93 2.73 23.41
N ARG C 67 43.58 1.62 23.80
CA ARG C 67 43.52 0.38 23.04
C ARG C 67 42.08 -0.09 22.88
N ALA C 68 41.32 -0.05 23.97
CA ALA C 68 39.89 -0.44 23.93
C ALA C 68 39.08 0.44 22.97
N ALA C 69 39.36 1.74 22.94
CA ALA C 69 38.63 2.65 22.06
C ALA C 69 39.02 2.49 20.58
N PHE C 70 40.15 1.83 20.35
CA PHE C 70 40.67 1.59 19.01
C PHE C 70 40.25 0.23 18.43
N GLN C 71 39.55 -0.58 19.23
CA GLN C 71 39.17 -1.91 18.78
C GLN C 71 38.28 -1.87 17.53
N LEU C 72 38.53 -2.80 16.61
CA LEU C 72 37.71 -2.94 15.43
C LEU C 72 36.24 -2.96 15.84
N GLY C 73 35.42 -2.16 15.15
CA GLY C 73 33.99 -2.11 15.43
C GLY C 73 33.60 -1.23 16.61
N SER C 74 34.57 -0.51 17.17
CA SER C 74 34.30 0.44 18.26
C SER C 74 33.61 1.69 17.69
N PRO C 75 32.88 2.45 18.54
CA PRO C 75 32.31 3.70 18.03
C PRO C 75 33.31 4.59 17.30
N TRP C 76 34.53 4.74 17.84
CA TRP C 76 35.56 5.59 17.22
C TRP C 76 36.10 5.03 15.90
N ARG C 77 36.16 3.71 15.76
CA ARG C 77 36.62 3.07 14.51
C ARG C 77 35.55 3.04 13.42
N ARG C 78 34.30 2.86 13.83
CA ARG C 78 33.16 2.81 12.92
C ARG C 78 32.72 4.20 12.45
N MET C 79 33.01 5.22 13.26
CA MET C 79 32.60 6.59 12.97
C MET C 79 33.02 7.03 11.57
N ASP C 80 32.10 7.65 10.83
CA ASP C 80 32.41 8.23 9.52
C ASP C 80 33.56 9.23 9.66
N ALA C 81 34.49 9.22 8.72
CA ALA C 81 35.62 10.15 8.71
C ALA C 81 35.14 11.61 8.75
N SER C 82 34.11 11.93 7.97
CA SER C 82 33.51 13.27 8.01
C SER C 82 33.02 13.63 9.41
N HIS C 83 32.56 12.66 10.17
CA HIS C 83 32.10 12.91 11.53
C HIS C 83 33.24 13.24 12.51
N ARG C 84 34.41 12.61 12.34
CA ARG C 84 35.60 13.05 13.09
C ARG C 84 35.86 14.53 12.87
N GLY C 85 35.70 14.99 11.63
CA GLY C 85 35.87 16.40 11.28
C GLY C 85 34.85 17.27 11.99
N ARG C 86 33.60 16.78 12.06
CA ARG C 86 32.54 17.42 12.82
C ARG C 86 32.92 17.58 14.29
N LEU C 87 33.44 16.50 14.89
CA LEU C 87 33.82 16.52 16.31
C LEU C 87 34.99 17.47 16.57
N LEU C 88 35.93 17.55 15.63
CA LEU C 88 37.04 18.47 15.75
C LEU C 88 36.60 19.94 15.67
N ASN C 89 35.68 20.23 14.76
CA ASN C 89 35.08 21.57 14.62
C ASN C 89 34.29 21.98 15.87
N ARG C 90 33.61 21.03 16.47
CA ARG C 90 32.92 21.26 17.74
C ARG C 90 33.89 21.57 18.89
N LEU C 91 34.96 20.78 19.01
CA LEU C 91 35.99 21.05 19.99
C LEU C 91 36.54 22.47 19.84
N ALA C 92 36.81 22.86 18.60
CA ALA C 92 37.23 24.23 18.29
C ALA C 92 36.18 25.25 18.77
N ASP C 93 34.90 25.00 18.49
CA ASP C 93 33.84 25.92 18.91
C ASP C 93 33.83 26.11 20.42
N LEU C 94 34.04 25.02 21.15
CA LEU C 94 34.03 25.08 22.62
C LEU C 94 35.27 25.77 23.16
N ILE C 95 36.40 25.56 22.50
CA ILE C 95 37.63 26.28 22.86
C ILE C 95 37.44 27.80 22.68
N GLU C 96 36.84 28.20 21.56
CA GLU C 96 36.54 29.61 21.33
C GLU C 96 35.55 30.17 22.38
N ARG C 97 34.52 29.41 22.70
CA ARG C 97 33.61 29.78 23.78
C ARG C 97 34.40 30.16 25.04
N ASP C 98 35.36 29.31 25.40
CA ASP C 98 36.13 29.50 26.65
C ASP C 98 37.46 30.22 26.46
N ARG C 99 37.58 30.95 25.34
CA ARG C 99 38.83 31.60 24.92
C ARG C 99 39.44 32.54 25.96
N THR C 100 38.62 33.44 26.52
CA THR C 100 39.06 34.41 27.55
C THR C 100 39.58 33.71 28.81
N TYR C 101 38.80 32.74 29.31
CA TYR C 101 39.23 31.90 30.43
C TYR C 101 40.54 31.18 30.14
N LEU C 102 40.62 30.52 28.99
CA LEU C 102 41.78 29.71 28.65
C LEU C 102 43.03 30.54 28.43
N ALA C 103 42.85 31.73 27.87
CA ALA C 103 43.97 32.65 27.69
C ALA C 103 44.56 33.10 29.03
N ALA C 104 43.70 33.33 30.02
CA ALA C 104 44.16 33.74 31.35
C ALA C 104 44.89 32.60 32.08
N LEU C 105 44.31 31.40 31.99
CA LEU C 105 44.89 30.23 32.62
C LEU C 105 46.25 29.89 32.02
N GLU C 106 46.38 30.07 30.70
CA GLU C 106 47.65 29.87 29.99
C GLU C 106 48.74 30.82 30.50
N THR C 107 48.38 32.09 30.59
CA THR C 107 49.25 33.11 31.18
C THR C 107 49.61 32.81 32.64
N LEU C 108 48.65 32.36 33.43
CA LEU C 108 48.88 32.12 34.85
C LEU C 108 49.91 31.01 35.07
N ASP C 109 49.73 29.91 34.33
CA ASP C 109 50.55 28.71 34.50
C ASP C 109 51.89 28.83 33.78
N ASN C 110 51.92 29.59 32.67
CA ASN C 110 53.08 29.65 31.77
C ASN C 110 53.92 30.92 31.90
N GLY C 111 53.26 32.06 32.09
CA GLY C 111 53.95 33.34 32.22
C GLY C 111 53.87 34.28 31.03
N LYS C 112 53.40 33.80 29.89
CA LYS C 112 53.34 34.65 28.69
C LYS C 112 52.27 35.75 28.84
N PRO C 113 52.47 36.91 28.18
CA PRO C 113 51.47 37.98 28.25
C PRO C 113 50.09 37.50 27.84
N TYR C 114 49.09 37.87 28.63
CA TYR C 114 47.69 37.53 28.37
C TYR C 114 47.20 37.98 26.98
N VAL C 115 47.59 39.17 26.55
CA VAL C 115 47.20 39.65 25.22
C VAL C 115 47.67 38.68 24.14
N ILE C 116 48.89 38.17 24.32
CA ILE C 116 49.49 37.20 23.41
C ILE C 116 48.77 35.86 23.50
N SER C 117 48.60 35.31 24.69
CA SER C 117 47.77 34.11 24.89
C SER C 117 46.46 34.19 24.12
N TYR C 118 45.79 35.33 24.23
CA TYR C 118 44.46 35.52 23.66
C TYR C 118 44.47 35.69 22.15
N LEU C 119 45.35 36.56 21.66
CA LEU C 119 45.34 36.96 20.25
C LEU C 119 46.18 36.06 19.36
N VAL C 120 47.14 35.36 19.97
CA VAL C 120 48.10 34.52 19.23
C VAL C 120 47.82 33.04 19.50
N ASP C 121 48.24 32.57 20.68
CA ASP C 121 48.11 31.16 21.06
C ASP C 121 46.73 30.58 20.78
N LEU C 122 45.69 31.20 21.36
CA LEU C 122 44.33 30.71 21.21
C LEU C 122 43.83 30.79 19.77
N ASP C 123 44.24 31.85 19.06
CA ASP C 123 43.90 31.99 17.64
C ASP C 123 44.46 30.81 16.83
N MET C 124 45.73 30.48 17.10
N MET C 124 45.72 30.47 17.09
CA MET C 124 46.44 29.42 16.40
CA MET C 124 46.42 29.41 16.37
C MET C 124 45.92 28.03 16.76
C MET C 124 45.92 28.02 16.76
N VAL C 125 45.44 27.87 17.99
CA VAL C 125 44.82 26.63 18.44
C VAL C 125 43.55 26.38 17.61
N LEU C 126 42.73 27.43 17.47
CA LEU C 126 41.46 27.33 16.74
C LEU C 126 41.68 27.02 15.27
N LYS C 127 42.66 27.70 14.67
CA LYS C 127 42.99 27.52 13.25
C LYS C 127 43.59 26.14 12.95
N CYS C 128 44.37 25.61 13.88
CA CYS C 128 44.96 24.28 13.75
C CYS C 128 43.88 23.19 13.76
N LEU C 129 42.99 23.27 14.74
CA LEU C 129 41.92 22.27 14.89
C LEU C 129 40.94 22.32 13.71
N ARG C 130 40.54 23.53 13.31
CA ARG C 130 39.64 23.71 12.19
C ARG C 130 40.28 23.31 10.86
N TYR C 131 41.59 23.55 10.73
CA TYR C 131 42.33 23.06 9.56
C TYR C 131 42.24 21.55 9.50
N TYR C 132 42.64 20.88 10.58
CA TYR C 132 42.69 19.41 10.59
C TYR C 132 41.34 18.71 10.54
N ALA C 133 40.30 19.34 11.09
CA ALA C 133 38.91 18.92 10.90
C ALA C 133 38.61 18.68 9.42
N GLY C 134 39.05 19.63 8.59
CA GLY C 134 38.88 19.56 7.14
C GLY C 134 39.60 18.41 6.47
N TRP C 135 40.68 17.92 7.08
CA TRP C 135 41.46 16.79 6.55
C TRP C 135 40.86 15.41 6.82
N ALA C 136 39.96 15.33 7.79
CA ALA C 136 39.46 14.04 8.31
C ALA C 136 39.04 13.04 7.22
N ASP C 137 38.35 13.53 6.19
CA ASP C 137 37.81 12.66 5.15
C ASP C 137 38.40 12.94 3.74
N LYS C 138 39.68 13.34 3.70
CA LYS C 138 40.34 13.72 2.44
C LYS C 138 41.74 13.13 2.25
N TYR C 139 42.25 12.40 3.24
CA TYR C 139 43.60 11.83 3.14
C TYR C 139 43.56 10.47 2.44
N HIS C 140 43.34 10.51 1.12
CA HIS C 140 43.05 9.32 0.34
C HIS C 140 44.22 8.34 0.24
N GLY C 141 43.87 7.07 0.09
CA GLY C 141 44.82 6.07 -0.35
C GLY C 141 44.82 6.06 -1.85
N LYS C 142 45.43 5.01 -2.41
CA LYS C 142 45.65 4.94 -3.84
C LYS C 142 45.06 3.68 -4.46
N THR C 143 44.67 3.78 -5.73
CA THR C 143 44.51 2.58 -6.57
C THR C 143 45.69 2.60 -7.53
N ILE C 144 46.29 1.42 -7.75
CA ILE C 144 47.64 1.34 -8.28
C ILE C 144 47.72 0.38 -9.49
N PRO C 145 48.21 0.89 -10.65
CA PRO C 145 48.28 0.08 -11.89
C PRO C 145 49.42 -0.96 -11.88
N ILE C 146 49.38 -1.87 -10.92
CA ILE C 146 50.38 -2.94 -10.77
C ILE C 146 50.42 -3.91 -11.97
N ASP C 147 51.61 -4.49 -12.22
CA ASP C 147 51.78 -5.51 -13.27
C ASP C 147 50.90 -6.73 -13.02
N GLY C 148 50.43 -7.34 -14.09
CA GLY C 148 49.72 -8.62 -14.01
C GLY C 148 48.23 -8.48 -13.76
N ASP C 149 47.56 -9.62 -13.64
CA ASP C 149 46.11 -9.67 -13.45
C ASP C 149 45.69 -9.46 -12.00
N PHE C 150 45.90 -8.23 -11.53
CA PHE C 150 45.60 -7.86 -10.15
C PHE C 150 44.96 -6.48 -10.02
N PHE C 151 44.17 -6.30 -8.98
CA PHE C 151 43.68 -5.00 -8.55
C PHE C 151 44.46 -4.69 -7.28
N SER C 152 45.19 -3.57 -7.30
CA SER C 152 46.00 -3.17 -6.15
C SER C 152 45.61 -1.78 -5.66
N TYR C 153 45.46 -1.67 -4.35
CA TYR C 153 45.13 -0.41 -3.71
C TYR C 153 45.71 -0.37 -2.30
N THR C 154 45.76 0.84 -1.73
CA THR C 154 46.22 1.01 -0.36
C THR C 154 45.11 1.61 0.49
N ARG C 155 45.06 1.16 1.75
CA ARG C 155 44.24 1.78 2.78
C ARG C 155 45.15 2.65 3.63
N HIS C 156 44.67 3.86 3.89
CA HIS C 156 45.28 4.73 4.87
C HIS C 156 44.53 4.54 6.19
N GLU C 157 45.11 3.71 7.05
CA GLU C 157 44.53 3.36 8.34
C GLU C 157 45.17 4.20 9.44
N PRO C 158 44.58 4.22 10.65
CA PRO C 158 45.30 4.93 11.71
C PRO C 158 46.49 4.12 12.21
N VAL C 159 47.52 4.79 12.71
CA VAL C 159 48.68 4.09 13.25
C VAL C 159 48.32 3.36 14.56
N GLY C 160 47.40 3.92 15.32
CA GLY C 160 46.85 3.26 16.51
C GLY C 160 46.93 4.07 17.77
N VAL C 161 47.49 3.45 18.81
CA VAL C 161 47.67 4.12 20.10
C VAL C 161 48.88 5.05 20.02
N CYS C 162 48.62 6.35 20.08
CA CYS C 162 49.64 7.37 19.91
C CYS C 162 50.00 8.05 21.22
N GLY C 163 51.24 7.87 21.65
CA GLY C 163 51.78 8.58 22.80
C GLY C 163 52.29 9.95 22.37
N GLN C 164 51.83 11.00 23.06
CA GLN C 164 52.22 12.36 22.73
C GLN C 164 52.76 13.07 23.96
N ILE C 165 54.04 13.40 23.91
CA ILE C 165 54.74 13.99 25.04
C ILE C 165 55.11 15.40 24.63
N ILE C 166 54.51 16.39 25.32
CA ILE C 166 54.63 17.78 24.88
C ILE C 166 55.30 18.71 25.91
N PRO C 167 55.94 19.79 25.42
CA PRO C 167 56.64 20.69 26.32
C PRO C 167 55.77 21.84 26.84
N TRP C 168 56.40 22.82 27.45
CA TRP C 168 55.74 23.83 28.27
C TRP C 168 55.67 25.22 27.65
N ASN C 169 56.34 25.42 26.53
CA ASN C 169 56.48 26.77 25.97
C ASN C 169 55.24 27.27 25.21
N PHE C 170 54.46 26.33 24.68
CA PHE C 170 53.17 26.63 24.05
C PHE C 170 52.19 25.53 24.43
N PRO C 171 51.73 25.53 25.69
CA PRO C 171 50.93 24.43 26.22
C PRO C 171 49.71 24.08 25.39
N LEU C 172 48.81 25.04 25.18
CA LEU C 172 47.63 24.80 24.37
C LEU C 172 47.94 24.55 22.90
N LEU C 173 48.87 25.32 22.34
CA LEU C 173 49.17 25.18 20.92
C LEU C 173 49.80 23.83 20.58
N MET C 174 50.72 23.37 21.44
CA MET C 174 51.33 22.04 21.28
C MET C 174 50.30 20.92 21.39
N GLN C 175 49.38 21.06 22.35
CA GLN C 175 48.26 20.12 22.46
C GLN C 175 47.48 20.04 21.14
N ALA C 176 47.16 21.19 20.56
CA ALA C 176 46.39 21.23 19.30
C ALA C 176 47.17 20.69 18.10
N TRP C 177 48.46 21.04 18.01
CA TRP C 177 49.35 20.51 16.97
C TRP C 177 49.42 18.99 17.00
N LYS C 178 49.30 18.41 18.21
CA LYS C 178 49.34 16.96 18.35
C LYS C 178 47.98 16.31 18.14
N LEU C 179 46.94 16.85 18.77
CA LEU C 179 45.60 16.28 18.68
C LEU C 179 44.95 16.39 17.29
N GLY C 180 45.08 17.54 16.65
CA GLY C 180 44.47 17.77 15.33
C GLY C 180 44.70 16.65 14.30
N PRO C 181 45.97 16.41 13.91
CA PRO C 181 46.28 15.36 12.93
C PRO C 181 46.01 13.94 13.43
N ALA C 182 46.29 13.68 14.70
CA ALA C 182 46.03 12.36 15.28
C ALA C 182 44.54 11.99 15.21
N LEU C 183 43.66 12.91 15.63
CA LEU C 183 42.23 12.62 15.68
C LEU C 183 41.57 12.70 14.31
N ALA C 184 42.11 13.59 13.45
CA ALA C 184 41.65 13.69 12.06
C ALA C 184 41.78 12.37 11.32
N THR C 185 42.85 11.63 11.61
CA THR C 185 43.14 10.35 10.97
C THR C 185 42.63 9.11 11.76
N GLY C 186 41.89 9.35 12.84
CA GLY C 186 41.24 8.27 13.58
C GLY C 186 42.09 7.51 14.58
N ASN C 187 43.17 8.14 15.05
CA ASN C 187 44.01 7.52 16.07
C ASN C 187 43.39 7.71 17.46
N VAL C 188 44.00 7.08 18.47
CA VAL C 188 43.67 7.34 19.86
C VAL C 188 44.93 7.83 20.56
N VAL C 189 44.76 8.61 21.64
CA VAL C 189 45.87 9.35 22.22
C VAL C 189 46.07 9.18 23.74
N VAL C 190 47.33 9.00 24.11
CA VAL C 190 47.78 9.14 25.50
C VAL C 190 48.76 10.32 25.55
N MET C 191 48.29 11.44 26.07
CA MET C 191 49.08 12.66 26.09
C MET C 191 49.69 12.89 27.48
N LYS C 192 51.00 13.14 27.50
CA LYS C 192 51.71 13.55 28.70
C LYS C 192 52.05 15.03 28.54
N VAL C 193 51.43 15.87 29.36
CA VAL C 193 51.66 17.31 29.32
C VAL C 193 52.81 17.68 30.25
N ALA C 194 53.42 18.85 30.03
CA ALA C 194 54.57 19.26 30.80
C ALA C 194 54.19 19.51 32.26
N GLU C 195 55.01 19.03 33.19
CA GLU C 195 54.80 19.26 34.62
C GLU C 195 54.76 20.75 34.99
N GLN C 196 55.47 21.59 34.23
CA GLN C 196 55.45 23.05 34.45
C GLN C 196 54.11 23.68 34.06
N THR C 197 53.43 23.08 33.08
CA THR C 197 52.22 23.67 32.51
C THR C 197 51.14 22.62 32.24
N PRO C 198 50.60 21.96 33.29
CA PRO C 198 49.58 20.94 33.01
C PRO C 198 48.14 21.47 32.84
N LEU C 199 47.84 22.62 33.44
CA LEU C 199 46.46 23.05 33.67
C LEU C 199 45.57 23.30 32.43
N THR C 200 46.06 24.06 31.45
CA THR C 200 45.21 24.41 30.31
C THR C 200 44.81 23.19 29.47
N ALA C 201 45.70 22.21 29.37
CA ALA C 201 45.43 20.99 28.60
C ALA C 201 44.45 20.07 29.32
N LEU C 202 44.50 20.05 30.66
CA LEU C 202 43.49 19.32 31.43
C LEU C 202 42.10 19.94 31.29
N TYR C 203 42.00 21.27 31.22
CA TYR C 203 40.71 21.90 30.96
C TYR C 203 40.18 21.52 29.57
N VAL C 204 41.07 21.52 28.58
CA VAL C 204 40.68 21.14 27.21
C VAL C 204 40.11 19.71 27.16
N ALA C 205 40.60 18.83 28.04
CA ALA C 205 40.07 17.46 28.14
C ALA C 205 38.59 17.46 28.48
N ASN C 206 38.17 18.34 29.38
CA ASN C 206 36.74 18.55 29.67
C ASN C 206 35.94 18.91 28.43
N LEU C 207 36.50 19.78 27.60
CA LEU C 207 35.91 20.20 26.34
C LEU C 207 35.89 19.04 25.34
N ILE C 208 36.88 18.15 25.43
CA ILE C 208 36.91 16.95 24.60
C ILE C 208 35.73 16.03 24.94
N LYS C 209 35.49 15.82 26.23
CA LYS C 209 34.29 15.13 26.68
C LYS C 209 33.00 15.86 26.22
N GLU C 210 32.94 17.17 26.43
CA GLU C 210 31.78 17.97 26.01
C GLU C 210 31.51 17.90 24.50
N ALA C 211 32.58 17.82 23.70
CA ALA C 211 32.48 17.76 22.23
C ALA C 211 31.80 16.51 21.73
N GLY C 212 31.85 15.44 22.52
CA GLY C 212 31.22 14.18 22.17
C GLY C 212 32.18 13.06 21.80
N PHE C 213 33.47 13.26 22.04
CA PHE C 213 34.48 12.23 21.76
C PHE C 213 34.24 11.00 22.62
N PRO C 214 34.28 9.80 22.01
CA PRO C 214 34.07 8.57 22.76
C PRO C 214 35.14 8.41 23.84
N PRO C 215 34.81 7.72 24.95
CA PRO C 215 35.78 7.57 26.04
C PRO C 215 36.98 6.75 25.55
N GLY C 216 38.19 7.16 25.95
CA GLY C 216 39.41 6.44 25.59
C GLY C 216 40.12 6.97 24.36
N VAL C 217 39.44 7.83 23.61
CA VAL C 217 40.00 8.44 22.41
C VAL C 217 41.12 9.42 22.75
N VAL C 218 40.88 10.26 23.76
CA VAL C 218 41.95 11.11 24.30
C VAL C 218 42.04 10.90 25.81
N ASN C 219 43.26 10.60 26.26
CA ASN C 219 43.57 10.37 27.65
C ASN C 219 44.79 11.20 27.96
N ILE C 220 44.75 11.91 29.09
CA ILE C 220 45.84 12.83 29.46
C ILE C 220 46.39 12.48 30.86
N VAL C 221 47.70 12.27 30.93
CA VAL C 221 48.36 11.93 32.18
C VAL C 221 49.36 13.04 32.53
N PRO C 222 48.99 13.94 33.45
CA PRO C 222 49.99 14.91 33.92
C PRO C 222 50.98 14.19 34.84
N GLY C 223 52.19 14.71 34.93
CA GLY C 223 53.24 14.12 35.74
C GLY C 223 54.60 14.44 35.17
N PHE C 224 55.62 13.75 35.66
CA PHE C 224 57.00 14.06 35.29
C PHE C 224 57.53 13.19 34.14
N GLY C 225 58.74 13.51 33.69
CA GLY C 225 59.31 12.88 32.50
C GLY C 225 59.81 11.45 32.65
N PRO C 226 60.81 11.23 33.53
CA PRO C 226 61.41 9.89 33.69
C PRO C 226 60.41 8.86 34.22
N THR C 227 59.26 9.34 34.67
CA THR C 227 58.19 8.48 35.16
C THR C 227 57.11 8.31 34.08
N ALA C 228 56.19 9.26 33.99
CA ALA C 228 55.05 9.16 33.08
C ALA C 228 55.47 9.10 31.61
N GLY C 229 56.35 10.02 31.22
CA GLY C 229 56.84 10.12 29.85
C GLY C 229 57.61 8.90 29.40
N ALA C 230 58.53 8.43 30.26
CA ALA C 230 59.31 7.23 29.94
C ALA C 230 58.42 5.99 29.86
N ALA C 231 57.34 5.97 30.63
CA ALA C 231 56.41 4.86 30.62
C ALA C 231 55.67 4.79 29.29
N ILE C 232 55.36 5.95 28.70
CA ILE C 232 54.76 6.02 27.38
C ILE C 232 55.74 5.57 26.31
N ALA C 233 56.94 6.13 26.35
CA ALA C 233 58.00 5.83 25.38
C ALA C 233 58.40 4.35 25.33
N SER C 234 58.41 3.70 26.51
CA SER C 234 58.81 2.30 26.61
C SER C 234 57.65 1.30 26.54
N HIS C 235 56.42 1.81 26.43
CA HIS C 235 55.24 0.95 26.50
C HIS C 235 55.10 0.00 25.31
N GLU C 236 54.81 -1.27 25.61
CA GLU C 236 54.75 -2.31 24.58
C GLU C 236 53.49 -2.26 23.71
N ASP C 237 52.50 -1.47 24.11
CA ASP C 237 51.25 -1.37 23.33
C ASP C 237 50.95 0.05 22.86
N VAL C 238 51.97 0.91 22.88
CA VAL C 238 51.90 2.22 22.22
C VAL C 238 52.53 2.09 20.83
N ASP C 239 51.76 2.43 19.80
CA ASP C 239 52.21 2.16 18.43
C ASP C 239 53.14 3.24 17.88
N LYS C 240 52.99 4.46 18.40
CA LYS C 240 53.65 5.64 17.83
C LYS C 240 53.83 6.66 18.95
N VAL C 241 55.01 7.29 18.97
CA VAL C 241 55.27 8.36 19.93
C VAL C 241 55.71 9.63 19.21
N ALA C 242 55.13 10.75 19.62
CA ALA C 242 55.54 12.08 19.15
C ALA C 242 56.07 12.86 20.35
N PHE C 243 57.27 13.40 20.20
CA PHE C 243 57.92 14.11 21.28
C PHE C 243 58.42 15.47 20.82
N ALA C 244 58.21 16.49 21.64
CA ALA C 244 58.80 17.81 21.43
C ALA C 244 59.45 18.28 22.72
N GLY C 245 60.70 18.73 22.63
CA GLY C 245 61.46 19.14 23.79
C GLY C 245 62.95 19.21 23.54
N SER C 246 63.73 18.78 24.54
CA SER C 246 65.19 18.84 24.45
C SER C 246 65.78 17.70 23.61
N THR C 247 66.98 17.94 23.07
CA THR C 247 67.74 16.96 22.31
C THR C 247 68.09 15.77 23.20
N GLU C 248 68.50 16.09 24.43
CA GLU C 248 68.80 15.09 25.46
C GLU C 248 67.67 14.07 25.58
N ILE C 249 66.44 14.54 25.81
CA ILE C 249 65.32 13.62 26.00
C ILE C 249 64.87 12.99 24.67
N GLY C 250 65.02 13.71 23.56
CA GLY C 250 64.80 13.14 22.23
C GLY C 250 65.52 11.81 22.05
N ARG C 251 66.82 11.80 22.31
CA ARG C 251 67.65 10.58 22.31
C ARG C 251 67.05 9.46 23.19
N VAL C 252 66.73 9.81 24.44
CA VAL C 252 66.12 8.87 25.37
C VAL C 252 64.84 8.25 24.77
N ILE C 253 63.97 9.10 24.23
CA ILE C 253 62.74 8.65 23.55
C ILE C 253 63.04 7.63 22.45
N GLN C 254 63.95 7.98 21.52
CA GLN C 254 64.28 7.06 20.42
C GLN C 254 64.92 5.75 20.90
N VAL C 255 65.76 5.82 21.93
CA VAL C 255 66.36 4.64 22.57
C VAL C 255 65.29 3.73 23.19
N ALA C 256 64.39 4.33 23.96
CA ALA C 256 63.28 3.62 24.59
C ALA C 256 62.35 2.96 23.57
N ALA C 257 62.13 3.64 22.45
CA ALA C 257 61.33 3.12 21.35
C ALA C 257 61.98 1.89 20.73
N GLY C 258 63.29 1.99 20.48
CA GLY C 258 64.07 0.89 19.93
C GLY C 258 64.18 -0.31 20.85
N SER C 259 64.30 -0.04 22.16
CA SER C 259 64.48 -1.06 23.20
C SER C 259 63.19 -1.80 23.56
N SER C 260 62.06 -1.23 23.18
CA SER C 260 60.76 -1.80 23.51
C SER C 260 60.14 -2.47 22.28
N ASN C 261 59.09 -1.87 21.72
CA ASN C 261 58.32 -2.50 20.63
C ASN C 261 58.54 -1.90 19.24
N LEU C 262 59.61 -1.13 19.07
CA LEU C 262 59.87 -0.47 17.78
C LEU C 262 58.72 0.45 17.33
N LYS C 263 58.06 1.10 18.30
CA LYS C 263 57.05 2.10 17.97
C LYS C 263 57.64 3.13 17.02
N ARG C 264 56.78 3.72 16.19
CA ARG C 264 57.19 4.77 15.25
C ARG C 264 57.44 6.08 16.00
N VAL C 265 58.50 6.80 15.63
CA VAL C 265 58.92 7.99 16.36
C VAL C 265 59.07 9.21 15.46
N THR C 266 58.46 10.32 15.89
CA THR C 266 58.73 11.64 15.33
C THR C 266 59.17 12.56 16.46
N LEU C 267 60.03 13.53 16.14
CA LEU C 267 60.64 14.39 17.15
C LEU C 267 60.72 15.84 16.70
N GLU C 268 60.45 16.76 17.63
CA GLU C 268 60.72 18.17 17.39
C GLU C 268 61.57 18.69 18.54
N LEU C 269 62.81 19.06 18.22
CA LEU C 269 63.81 19.34 19.23
C LEU C 269 64.28 20.79 19.11
N GLY C 270 65.44 21.10 19.66
CA GLY C 270 65.85 22.49 19.68
C GLY C 270 66.27 23.08 18.33
N GLY C 271 66.88 24.25 18.41
CA GLY C 271 67.51 24.88 17.28
C GLY C 271 68.47 25.96 17.72
N LYS C 272 69.28 26.41 16.78
CA LYS C 272 70.02 27.65 16.89
C LYS C 272 69.85 28.34 15.53
N SER C 273 68.63 28.79 15.26
CA SER C 273 68.25 29.23 13.92
C SER C 273 68.91 30.56 13.53
N PRO C 274 69.54 30.60 12.34
CA PRO C 274 70.15 31.80 11.80
C PRO C 274 69.14 32.71 11.08
N ASN C 275 69.19 33.99 11.44
CA ASN C 275 68.41 35.02 10.79
C ASN C 275 69.42 35.94 10.09
N ILE C 276 69.36 35.94 8.76
CA ILE C 276 70.38 36.58 7.94
C ILE C 276 69.85 37.89 7.35
N ILE C 277 70.54 38.99 7.67
CA ILE C 277 70.16 40.31 7.20
C ILE C 277 71.19 40.83 6.19
N MET C 278 70.83 40.76 4.91
CA MET C 278 71.65 41.30 3.82
C MET C 278 71.61 42.82 3.86
N SER C 279 72.61 43.46 3.26
CA SER C 279 72.77 44.91 3.34
C SER C 279 71.65 45.66 2.62
N ASP C 280 70.96 44.99 1.70
CA ASP C 280 69.86 45.63 0.97
C ASP C 280 68.48 45.45 1.63
N ALA C 281 68.44 44.84 2.81
CA ALA C 281 67.17 44.66 3.53
C ALA C 281 66.53 45.99 3.92
N ASP C 282 65.21 45.99 4.11
CA ASP C 282 64.52 47.11 4.72
C ASP C 282 64.92 47.13 6.20
N MET C 283 65.69 48.16 6.57
CA MET C 283 66.31 48.24 7.90
C MET C 283 65.30 48.22 9.04
N ASP C 284 64.32 49.11 9.00
CA ASP C 284 63.30 49.20 10.05
C ASP C 284 62.55 47.90 10.23
N TRP C 285 62.23 47.25 9.11
CA TRP C 285 61.52 45.98 9.12
C TRP C 285 62.36 44.87 9.74
N ALA C 286 63.62 44.79 9.30
CA ALA C 286 64.53 43.72 9.70
C ALA C 286 64.92 43.80 11.17
N VAL C 287 65.06 45.02 11.67
CA VAL C 287 65.36 45.25 13.08
C VAL C 287 64.19 44.75 13.95
N GLU C 288 62.98 45.17 13.60
CA GLU C 288 61.80 44.84 14.41
C GLU C 288 61.52 43.34 14.35
N GLN C 289 61.68 42.76 13.16
CA GLN C 289 61.47 41.34 12.95
C GLN C 289 62.55 40.48 13.59
N ALA C 290 63.79 40.97 13.63
CA ALA C 290 64.89 40.26 14.29
C ALA C 290 64.69 40.27 15.81
N HIS C 291 64.17 41.39 16.32
CA HIS C 291 63.77 41.47 17.72
C HIS C 291 62.71 40.41 18.04
N PHE C 292 61.64 40.39 17.24
CA PHE C 292 60.58 39.40 17.40
C PHE C 292 61.11 37.96 17.29
N ALA C 293 61.95 37.73 16.27
CA ALA C 293 62.54 36.43 15.99
C ALA C 293 63.25 35.83 17.22
N LEU C 294 63.90 36.69 17.99
CA LEU C 294 64.58 36.23 19.20
C LEU C 294 63.70 36.29 20.46
N PHE C 295 63.04 37.42 20.70
CA PHE C 295 62.43 37.67 22.02
C PHE C 295 61.02 37.09 22.19
N PHE C 296 60.37 36.75 21.08
CA PHE C 296 59.02 36.17 21.15
C PHE C 296 58.92 35.08 22.21
N ASN C 297 57.85 35.15 23.01
CA ASN C 297 57.56 34.12 24.01
C ASN C 297 58.69 33.94 25.04
N GLN C 298 59.25 35.05 25.50
CA GLN C 298 60.34 35.06 26.49
C GLN C 298 61.60 34.35 25.99
N GLY C 299 61.78 34.33 24.67
CA GLY C 299 62.89 33.58 24.06
C GLY C 299 62.67 32.08 24.00
N GLN C 300 61.50 31.63 24.46
CA GLN C 300 61.22 30.21 24.62
C GLN C 300 60.50 29.65 23.40
N CYS C 301 61.19 29.68 22.27
N CYS C 301 61.18 29.73 22.27
CA CYS C 301 60.66 29.19 21.01
CA CYS C 301 60.68 29.17 21.01
C CYS C 301 61.68 28.32 20.32
C CYS C 301 61.72 28.27 20.40
N CYS C 302 61.27 27.10 19.98
CA CYS C 302 62.14 26.10 19.32
C CYS C 302 62.93 26.70 18.16
N CYS C 303 62.25 27.51 17.36
CA CYS C 303 62.83 28.10 16.16
C CYS C 303 63.24 29.58 16.33
N ALA C 304 63.55 29.99 17.55
CA ALA C 304 64.02 31.37 17.81
C ALA C 304 65.25 31.75 16.96
N GLY C 305 65.24 32.97 16.44
CA GLY C 305 66.33 33.46 15.59
C GLY C 305 67.50 33.89 16.45
N SER C 306 68.21 32.90 16.97
CA SER C 306 69.21 33.10 18.01
C SER C 306 70.62 33.32 17.46
N ARG C 307 70.74 33.34 16.13
CA ARG C 307 71.95 33.83 15.49
C ARG C 307 71.54 34.87 14.45
N THR C 308 71.81 36.13 14.76
CA THR C 308 71.48 37.23 13.88
C THR C 308 72.76 37.62 13.14
N PHE C 309 72.87 37.13 11.90
CA PHE C 309 73.96 37.45 11.00
C PHE C 309 73.59 38.73 10.26
N VAL C 310 74.44 39.75 10.37
CA VAL C 310 74.17 41.06 9.77
C VAL C 310 75.36 41.40 8.89
N GLN C 311 75.08 41.81 7.65
N GLN C 311 75.08 41.81 7.65
CA GLN C 311 76.14 42.18 6.71
CA GLN C 311 76.14 42.16 6.70
C GLN C 311 76.87 43.41 7.23
C GLN C 311 76.87 43.42 7.18
N GLU C 312 78.19 43.40 7.07
CA GLU C 312 79.07 44.40 7.69
C GLU C 312 78.76 45.88 7.43
N ASP C 313 78.31 46.20 6.23
CA ASP C 313 77.97 47.58 5.84
C ASP C 313 76.85 48.19 6.68
N ILE C 314 75.93 47.33 7.14
CA ILE C 314 74.80 47.80 7.96
C ILE C 314 74.87 47.36 9.43
N TYR C 315 75.97 46.73 9.83
CA TYR C 315 76.09 46.14 11.17
C TYR C 315 75.91 47.16 12.29
N ASP C 316 76.70 48.25 12.24
CA ASP C 316 76.70 49.27 13.28
C ASP C 316 75.32 49.87 13.53
N GLU C 317 74.65 50.25 12.45
CA GLU C 317 73.31 50.81 12.55
C GLU C 317 72.31 49.76 13.04
N PHE C 318 72.43 48.54 12.53
CA PHE C 318 71.52 47.43 12.92
C PHE C 318 71.59 47.16 14.43
N VAL C 319 72.81 47.12 14.97
CA VAL C 319 73.04 46.89 16.40
C VAL C 319 72.44 48.02 17.26
N GLU C 320 72.81 49.26 16.94
CA GLU C 320 72.30 50.45 17.63
C GLU C 320 70.77 50.42 17.74
N ARG C 321 70.11 50.08 16.64
CA ARG C 321 68.67 50.02 16.60
C ARG C 321 68.09 48.84 17.40
N SER C 322 68.76 47.70 17.34
CA SER C 322 68.39 46.49 18.11
C SER C 322 68.52 46.69 19.63
N VAL C 323 69.61 47.34 20.04
CA VAL C 323 69.83 47.66 21.45
C VAL C 323 68.74 48.60 21.99
N ALA C 324 68.43 49.66 21.23
CA ALA C 324 67.36 50.57 21.62
C ALA C 324 66.03 49.85 21.76
N ARG C 325 65.75 48.93 20.82
CA ARG C 325 64.52 48.15 20.83
C ARG C 325 64.47 47.18 22.02
N ALA C 326 65.58 46.52 22.31
CA ALA C 326 65.68 45.65 23.48
C ALA C 326 65.54 46.45 24.79
N LYS C 327 66.17 47.63 24.85
CA LYS C 327 66.07 48.48 26.02
C LYS C 327 64.65 48.97 26.29
N SER C 328 63.88 49.19 25.22
CA SER C 328 62.50 49.64 25.29
C SER C 328 61.48 48.54 25.64
N ARG C 329 61.90 47.26 25.51
CA ARG C 329 60.98 46.13 25.71
C ARG C 329 60.48 46.04 27.16
N VAL C 330 59.16 46.09 27.33
CA VAL C 330 58.56 46.14 28.68
C VAL C 330 58.45 44.77 29.33
N VAL C 331 59.15 44.62 30.45
CA VAL C 331 59.12 43.39 31.24
C VAL C 331 58.23 43.64 32.46
N GLY C 332 57.33 42.72 32.75
CA GLY C 332 56.47 42.82 33.93
C GLY C 332 55.32 41.84 33.99
N ASN C 333 54.35 42.16 34.84
CA ASN C 333 53.13 41.37 35.03
C ASN C 333 52.45 41.08 33.68
N PRO C 334 52.40 39.81 33.27
CA PRO C 334 51.88 39.42 31.96
C PRO C 334 50.38 39.70 31.77
N PHE C 335 49.68 40.01 32.87
CA PHE C 335 48.28 40.39 32.82
C PHE C 335 48.11 41.90 32.54
N ASP C 336 49.20 42.66 32.68
CA ASP C 336 49.21 44.09 32.32
C ASP C 336 49.39 44.25 30.82
N SER C 337 48.51 45.03 30.20
CA SER C 337 48.47 45.20 28.74
C SER C 337 49.74 45.79 28.12
N LYS C 338 50.46 46.63 28.89
CA LYS C 338 51.73 47.21 28.44
C LYS C 338 52.87 46.18 28.34
N THR C 339 52.72 45.03 29.01
CA THR C 339 53.77 44.01 29.09
C THR C 339 54.04 43.33 27.75
N GLU C 340 55.29 43.46 27.28
CA GLU C 340 55.76 42.70 26.13
C GLU C 340 56.35 41.35 26.53
N GLN C 341 56.95 41.29 27.73
CA GLN C 341 57.70 40.11 28.17
C GLN C 341 57.39 39.74 29.61
N GLY C 342 56.87 38.53 29.80
CA GLY C 342 56.63 37.99 31.12
C GLY C 342 57.85 37.30 31.68
N PRO C 343 57.66 36.44 32.70
CA PRO C 343 58.77 35.70 33.27
C PRO C 343 59.14 34.48 32.44
N GLN C 344 60.32 33.91 32.72
CA GLN C 344 60.67 32.59 32.20
C GLN C 344 59.77 31.57 32.91
N VAL C 345 59.61 30.40 32.31
CA VAL C 345 58.61 29.42 32.78
C VAL C 345 58.82 28.94 34.23
N ASP C 346 60.07 28.81 34.66
CA ASP C 346 60.36 28.29 35.99
C ASP C 346 61.76 28.64 36.49
N GLU C 347 62.09 28.14 37.68
CA GLU C 347 63.38 28.43 38.29
C GLU C 347 64.52 27.77 37.54
N THR C 348 64.29 26.52 37.13
CA THR C 348 65.30 25.77 36.38
C THR C 348 65.75 26.54 35.14
N GLN C 349 64.80 27.00 34.33
CA GLN C 349 65.13 27.79 33.12
C GLN C 349 65.81 29.12 33.45
N PHE C 350 65.24 29.84 34.43
CA PHE C 350 65.81 31.08 34.98
C PHE C 350 67.32 30.94 35.21
N LYS C 351 67.70 29.95 36.01
CA LYS C 351 69.12 29.68 36.32
C LYS C 351 69.92 29.33 35.08
N LYS C 352 69.35 28.47 34.24
CA LYS C 352 69.98 28.04 32.99
C LYS C 352 70.36 29.24 32.13
N ILE C 353 69.42 30.18 31.99
CA ILE C 353 69.65 31.39 31.21
C ILE C 353 70.71 32.30 31.85
N LEU C 354 70.63 32.49 33.17
CA LEU C 354 71.66 33.23 33.90
C LEU C 354 73.05 32.62 33.65
N GLY C 355 73.10 31.29 33.66
CA GLY C 355 74.32 30.56 33.28
C GLY C 355 74.86 30.94 31.92
N TYR C 356 74.01 30.90 30.89
CA TYR C 356 74.40 31.27 29.52
C TYR C 356 74.85 32.73 29.39
N ILE C 357 74.18 33.63 30.09
CA ILE C 357 74.57 35.05 30.08
C ILE C 357 76.00 35.21 30.60
N ASN C 358 76.29 34.58 31.76
CA ASN C 358 77.63 34.62 32.32
C ASN C 358 78.64 33.95 31.39
N THR C 359 78.22 32.86 30.75
CA THR C 359 79.05 32.18 29.74
C THR C 359 79.43 33.16 28.63
N GLY C 360 78.43 33.86 28.10
CA GLY C 360 78.66 34.84 27.03
C GLY C 360 79.66 35.91 27.41
N LYS C 361 79.53 36.43 28.63
CA LYS C 361 80.47 37.41 29.18
C LYS C 361 81.89 36.83 29.32
N GLN C 362 81.98 35.59 29.79
CA GLN C 362 83.27 34.94 30.03
C GLN C 362 84.03 34.62 28.75
N GLU C 363 83.31 34.32 27.67
CA GLU C 363 83.97 33.94 26.42
C GLU C 363 84.20 35.14 25.49
N GLY C 364 83.81 36.32 25.97
CA GLY C 364 84.25 37.58 25.36
C GLY C 364 83.30 38.22 24.38
N ALA C 365 82.05 37.77 24.36
CA ALA C 365 81.03 38.43 23.56
C ALA C 365 80.74 39.78 24.22
N LYS C 366 80.34 40.75 23.42
CA LYS C 366 80.17 42.12 23.91
C LYS C 366 78.76 42.34 24.47
N LEU C 367 78.66 42.49 25.79
CA LEU C 367 77.38 42.75 26.43
C LEU C 367 76.91 44.18 26.11
N LEU C 368 75.78 44.28 25.43
CA LEU C 368 75.33 45.56 24.91
C LEU C 368 74.22 46.21 25.73
N CYS C 369 73.42 45.38 26.37
CA CYS C 369 72.34 45.81 27.26
C CYS C 369 71.87 44.59 28.05
N GLY C 370 71.05 44.82 29.07
CA GLY C 370 70.53 43.76 29.92
C GLY C 370 71.63 42.95 30.59
N GLY C 371 71.42 41.64 30.65
CA GLY C 371 72.41 40.73 31.22
C GLY C 371 72.15 40.35 32.66
N GLY C 372 71.02 40.80 33.21
CA GLY C 372 70.72 40.54 34.62
C GLY C 372 69.29 40.17 34.94
N ILE C 373 69.02 39.99 36.23
CA ILE C 373 67.69 39.70 36.73
C ILE C 373 66.84 40.99 36.65
N ALA C 374 65.61 40.85 36.19
CA ALA C 374 64.76 42.00 35.88
C ALA C 374 63.79 42.39 37.02
N ALA C 375 63.56 41.49 37.96
CA ALA C 375 62.61 41.72 39.05
C ALA C 375 62.88 40.81 40.24
N ASP C 376 62.32 41.19 41.38
CA ASP C 376 62.51 40.47 42.64
C ASP C 376 61.69 39.17 42.68
N ARG C 377 60.38 39.28 42.47
CA ARG C 377 59.51 38.10 42.51
C ARG C 377 59.44 37.46 41.13
N GLY C 378 59.35 36.13 41.11
CA GLY C 378 59.19 35.42 39.86
C GLY C 378 60.50 35.18 39.14
N TYR C 379 60.42 34.92 37.84
CA TYR C 379 61.59 34.53 37.07
C TYR C 379 61.83 35.43 35.86
N PHE C 380 61.97 36.73 36.13
CA PHE C 380 62.10 37.76 35.09
C PHE C 380 63.56 38.04 34.79
N ILE C 381 63.88 38.10 33.49
CA ILE C 381 65.23 38.36 33.03
C ILE C 381 65.23 39.53 32.04
N GLN C 382 66.18 40.44 32.20
CA GLN C 382 66.32 41.58 31.29
C GLN C 382 66.59 41.12 29.86
N PRO C 383 65.95 41.76 28.86
CA PRO C 383 66.32 41.53 27.48
C PRO C 383 67.80 41.84 27.25
N THR C 384 68.52 40.86 26.75
CA THR C 384 69.97 40.89 26.70
C THR C 384 70.45 40.78 25.26
N VAL C 385 71.42 41.60 24.89
CA VAL C 385 71.99 41.55 23.55
C VAL C 385 73.51 41.43 23.63
N PHE C 386 74.06 40.42 22.95
CA PHE C 386 75.50 40.30 22.75
C PHE C 386 75.87 40.70 21.32
N GLY C 387 76.93 41.49 21.20
CA GLY C 387 77.46 41.87 19.89
C GLY C 387 78.80 41.19 19.65
N ASP C 388 79.25 41.23 18.39
CA ASP C 388 80.54 40.67 17.98
C ASP C 388 80.68 39.22 18.40
N VAL C 389 79.57 38.50 18.31
CA VAL C 389 79.55 37.07 18.62
C VAL C 389 80.27 36.32 17.51
N GLN C 390 81.08 35.34 17.91
CA GLN C 390 81.82 34.49 16.98
C GLN C 390 81.25 33.07 16.93
N ASP C 391 81.39 32.40 15.77
CA ASP C 391 80.82 31.06 15.54
C ASP C 391 81.22 30.02 16.59
N GLY C 392 82.46 30.07 17.06
CA GLY C 392 82.95 29.11 18.04
C GLY C 392 82.50 29.33 19.48
N MET C 393 81.81 30.44 19.74
CA MET C 393 81.37 30.73 21.10
C MET C 393 80.23 29.79 21.48
N THR C 394 80.14 29.44 22.76
CA THR C 394 79.06 28.58 23.25
C THR C 394 77.68 29.22 23.07
N ILE C 395 77.58 30.53 23.28
CA ILE C 395 76.30 31.22 23.11
C ILE C 395 75.89 31.34 21.63
N ALA C 396 76.85 31.10 20.74
CA ALA C 396 76.57 31.03 19.31
C ALA C 396 76.17 29.62 18.88
N LYS C 397 76.47 28.62 19.71
CA LYS C 397 76.20 27.24 19.32
C LYS C 397 75.00 26.60 20.02
N GLU C 398 74.80 26.92 21.29
CA GLU C 398 73.82 26.21 22.13
C GLU C 398 72.53 27.01 22.33
N GLU C 399 71.40 26.28 22.31
CA GLU C 399 70.08 26.87 22.55
C GLU C 399 69.99 27.43 23.96
N ILE C 400 69.74 28.74 24.05
CA ILE C 400 69.66 29.45 25.32
C ILE C 400 68.23 29.46 25.87
N PHE C 401 67.25 29.60 24.96
CA PHE C 401 65.83 29.54 25.31
C PHE C 401 65.44 30.62 26.31
N GLY C 402 66.00 31.81 26.12
CA GLY C 402 65.75 32.97 26.95
C GLY C 402 65.90 34.24 26.15
N PRO C 403 65.65 35.41 26.77
CA PRO C 403 65.72 36.67 26.06
C PRO C 403 67.17 37.15 25.91
N VAL C 404 67.94 36.39 25.14
CA VAL C 404 69.35 36.62 24.93
C VAL C 404 69.65 36.56 23.43
N MET C 405 70.04 37.71 22.88
CA MET C 405 70.23 37.88 21.46
C MET C 405 71.71 37.86 21.08
N GLN C 406 72.03 37.16 19.99
CA GLN C 406 73.40 37.10 19.46
C GLN C 406 73.43 37.81 18.10
N ILE C 407 74.34 38.76 17.95
CA ILE C 407 74.53 39.44 16.67
C ILE C 407 75.94 39.14 16.17
N LEU C 408 76.00 38.62 14.95
CA LEU C 408 77.25 38.26 14.32
C LEU C 408 77.40 39.06 13.04
N LYS C 409 78.64 39.27 12.63
CA LYS C 409 78.96 40.07 11.46
C LYS C 409 79.44 39.14 10.34
N PHE C 410 78.97 39.38 9.11
CA PHE C 410 79.50 38.67 7.96
C PHE C 410 79.73 39.61 6.78
N LYS C 411 80.57 39.18 5.84
CA LYS C 411 80.80 39.96 4.63
C LYS C 411 79.99 39.46 3.42
N THR C 412 80.14 38.18 3.07
CA THR C 412 79.57 37.69 1.80
C THR C 412 78.46 36.67 1.96
N ILE C 413 77.65 36.56 0.91
CA ILE C 413 76.53 35.63 0.88
C ILE C 413 77.01 34.17 0.96
N GLU C 414 78.14 33.87 0.31
CA GLU C 414 78.74 32.53 0.32
C GLU C 414 79.30 32.17 1.69
N GLU C 415 79.94 33.14 2.34
CA GLU C 415 80.41 32.99 3.70
C GLU C 415 79.25 32.71 4.65
N VAL C 416 78.16 33.47 4.53
CA VAL C 416 77.08 33.37 5.51
C VAL C 416 76.32 32.04 5.43
N VAL C 417 76.26 31.47 4.22
CA VAL C 417 75.64 30.16 4.00
C VAL C 417 76.38 29.08 4.79
N GLY C 418 77.70 29.06 4.68
CA GLY C 418 78.54 28.10 5.37
C GLY C 418 78.43 28.20 6.87
N ARG C 419 78.39 29.42 7.39
CA ARG C 419 78.33 29.67 8.83
C ARG C 419 76.93 29.39 9.41
N ALA C 420 75.90 29.75 8.66
CA ALA C 420 74.52 29.44 9.07
C ALA C 420 74.29 27.92 9.11
N ASN C 421 74.83 27.21 8.14
CA ASN C 421 74.71 25.76 8.05
C ASN C 421 75.63 24.97 8.97
N ASN C 422 76.69 25.61 9.47
CA ASN C 422 77.62 24.95 10.38
C ASN C 422 77.01 24.82 11.78
N SER C 423 76.18 23.79 11.94
CA SER C 423 75.38 23.59 13.13
C SER C 423 74.78 22.19 13.08
N THR C 424 74.70 21.53 14.23
CA THR C 424 74.02 20.25 14.30
C THR C 424 72.50 20.46 14.36
N TYR C 425 72.09 21.72 14.52
CA TYR C 425 70.67 22.12 14.48
C TYR C 425 70.25 22.55 13.08
N GLY C 426 68.95 22.45 12.77
CA GLY C 426 68.42 22.90 11.47
C GLY C 426 66.91 23.02 11.43
N LEU C 427 66.35 23.71 12.42
CA LEU C 427 64.90 23.80 12.53
C LEU C 427 64.33 24.90 11.62
N ALA C 428 64.97 26.06 11.63
CA ALA C 428 64.49 27.19 10.85
C ALA C 428 65.63 28.12 10.46
N ALA C 429 65.32 29.06 9.57
CA ALA C 429 66.22 30.12 9.15
C ALA C 429 65.39 31.23 8.52
N ALA C 430 66.01 32.39 8.33
CA ALA C 430 65.36 33.52 7.66
C ALA C 430 66.37 34.35 6.89
N VAL C 431 65.88 35.02 5.85
CA VAL C 431 66.67 35.89 5.01
C VAL C 431 65.92 37.19 4.83
N PHE C 432 66.62 38.31 5.06
CA PHE C 432 66.05 39.62 4.81
C PHE C 432 66.82 40.29 3.69
N THR C 433 66.12 40.52 2.58
CA THR C 433 66.72 41.06 1.37
C THR C 433 65.62 41.58 0.45
N LYS C 434 65.97 42.50 -0.44
CA LYS C 434 65.05 42.95 -1.47
C LYS C 434 65.28 42.24 -2.79
N ASP C 435 66.39 41.50 -2.88
CA ASP C 435 66.85 40.93 -4.12
C ASP C 435 66.28 39.54 -4.42
N LEU C 436 65.70 39.38 -5.60
CA LEU C 436 65.13 38.08 -6.03
C LEU C 436 66.15 36.95 -5.91
N ASP C 437 67.32 37.13 -6.53
CA ASP C 437 68.32 36.07 -6.61
C ASP C 437 68.94 35.71 -5.25
N LYS C 438 69.20 36.74 -4.43
CA LYS C 438 69.69 36.50 -3.07
C LYS C 438 68.72 35.62 -2.29
N ALA C 439 67.44 35.96 -2.37
CA ALA C 439 66.40 35.21 -1.66
C ALA C 439 66.37 33.73 -2.08
N ASN C 440 66.33 33.49 -3.39
CA ASN C 440 66.27 32.13 -3.94
C ASN C 440 67.55 31.34 -3.72
N TYR C 441 68.69 32.02 -3.77
CA TYR C 441 69.98 31.40 -3.52
C TYR C 441 70.02 30.91 -2.08
N LEU C 442 69.67 31.78 -1.13
CA LEU C 442 69.74 31.43 0.28
C LEU C 442 68.66 30.44 0.74
N SER C 443 67.43 30.59 0.25
CA SER C 443 66.37 29.67 0.66
C SER C 443 66.67 28.24 0.21
N GLN C 444 67.25 28.10 -0.98
CA GLN C 444 67.77 26.82 -1.43
C GLN C 444 68.94 26.30 -0.56
N ALA C 445 69.91 27.17 -0.27
CA ALA C 445 71.17 26.75 0.37
C ALA C 445 71.08 26.43 1.85
N LEU C 446 70.09 27.02 2.53
CA LEU C 446 69.97 26.87 3.98
C LEU C 446 69.42 25.50 4.36
N GLN C 447 70.12 24.82 5.26
CA GLN C 447 69.72 23.47 5.68
C GLN C 447 68.80 23.59 6.88
N ALA C 448 67.54 23.96 6.61
CA ALA C 448 66.55 24.22 7.65
C ALA C 448 65.16 23.81 7.20
N GLY C 449 64.35 23.31 8.14
CA GLY C 449 62.98 22.89 7.84
C GLY C 449 62.07 24.00 7.35
N THR C 450 62.24 25.21 7.90
CA THR C 450 61.51 26.39 7.42
C THR C 450 62.49 27.53 7.13
N VAL C 451 62.41 28.12 5.95
CA VAL C 451 63.13 29.35 5.65
C VAL C 451 62.10 30.47 5.46
N TRP C 452 62.16 31.48 6.32
CA TRP C 452 61.30 32.65 6.19
C TRP C 452 62.03 33.71 5.37
N VAL C 453 61.31 34.39 4.48
CA VAL C 453 61.91 35.43 3.66
C VAL C 453 61.22 36.75 3.96
N ASN C 454 61.98 37.71 4.49
CA ASN C 454 61.47 39.00 4.95
C ASN C 454 60.35 38.87 5.98
N CYS C 455 60.44 37.82 6.78
CA CYS C 455 59.49 37.61 7.86
C CYS C 455 60.09 36.59 8.82
N TYR C 456 59.43 36.39 9.95
CA TYR C 456 59.87 35.39 10.93
C TYR C 456 58.68 34.89 11.75
N ASP C 457 58.79 33.65 12.23
CA ASP C 457 57.74 33.01 13.04
C ASP C 457 56.37 33.11 12.40
N VAL C 458 56.33 32.85 11.09
CA VAL C 458 55.08 32.81 10.38
C VAL C 458 54.66 31.35 10.25
N PHE C 459 53.70 30.96 11.09
CA PHE C 459 53.16 29.62 11.08
C PHE C 459 51.77 29.62 10.47
N GLY C 460 51.56 28.70 9.55
CA GLY C 460 50.23 28.45 9.04
C GLY C 460 49.91 27.01 9.29
N ALA C 461 48.68 26.74 9.71
CA ALA C 461 48.24 25.37 9.88
C ALA C 461 48.45 24.58 8.57
N GLN C 462 48.47 25.31 7.45
CA GLN C 462 48.57 24.74 6.10
C GLN C 462 50.01 24.35 5.71
N SER C 463 51.00 25.02 6.30
CA SER C 463 52.40 24.78 5.96
C SER C 463 53.15 23.93 6.99
N PRO C 464 53.83 22.86 6.54
CA PRO C 464 54.55 22.00 7.47
C PRO C 464 55.71 22.68 8.19
N PHE C 465 56.05 22.14 9.35
CA PHE C 465 57.11 22.66 10.19
C PHE C 465 57.85 21.47 10.80
N GLY C 466 59.18 21.54 10.84
CA GLY C 466 60.00 20.54 11.51
C GLY C 466 61.48 20.67 11.19
N GLY C 467 62.28 19.78 11.76
CA GLY C 467 63.73 19.93 11.74
C GLY C 467 64.54 19.09 10.77
N TYR C 468 65.64 19.69 10.30
CA TYR C 468 66.73 18.99 9.66
C TYR C 468 67.68 18.58 10.78
N LYS C 469 68.56 17.62 10.50
CA LYS C 469 69.64 17.25 11.40
C LYS C 469 69.10 16.91 12.79
N MET C 470 69.71 17.48 13.83
CA MET C 470 69.34 17.12 15.21
C MET C 470 68.25 18.01 15.81
N SER C 471 67.57 18.78 14.96
CA SER C 471 66.39 19.54 15.35
C SER C 471 65.14 18.66 15.36
N GLY C 472 65.27 17.42 14.91
CA GLY C 472 64.15 16.49 14.91
C GLY C 472 63.97 15.78 13.58
N SER C 473 62.88 15.04 13.46
CA SER C 473 62.52 14.37 12.22
C SER C 473 61.00 14.28 12.11
N GLY C 474 60.52 14.26 10.87
CA GLY C 474 59.10 14.35 10.62
C GLY C 474 58.67 15.79 10.52
N ARG C 475 57.45 16.00 10.05
CA ARG C 475 56.91 17.34 9.94
C ARG C 475 55.52 17.38 10.56
N GLU C 476 55.22 18.50 11.21
CA GLU C 476 53.90 18.76 11.74
C GLU C 476 53.25 19.84 10.90
N LEU C 477 51.93 19.99 11.03
CA LEU C 477 51.14 20.93 10.24
C LEU C 477 51.06 20.54 8.75
N GLY C 478 50.15 21.17 8.02
CA GLY C 478 49.89 20.81 6.63
C GLY C 478 49.39 19.38 6.42
N GLU C 479 49.37 18.98 5.16
CA GLU C 479 49.09 17.60 4.78
C GLU C 479 50.14 16.63 5.33
N TYR C 480 51.38 17.09 5.37
CA TYR C 480 52.52 16.31 5.86
C TYR C 480 52.35 15.85 7.32
N GLY C 481 51.62 16.63 8.12
CA GLY C 481 51.36 16.28 9.51
C GLY C 481 50.56 14.98 9.67
N LEU C 482 49.95 14.53 8.59
CA LEU C 482 49.14 13.30 8.61
C LEU C 482 49.93 12.02 8.35
N GLN C 483 51.11 12.18 7.74
CA GLN C 483 51.96 11.03 7.35
C GLN C 483 52.32 10.13 8.52
N ALA C 484 52.81 10.72 9.61
CA ALA C 484 53.25 9.96 10.79
C ALA C 484 52.08 9.35 11.58
N TYR C 485 50.85 9.79 11.29
CA TYR C 485 49.67 9.30 11.99
C TYR C 485 48.88 8.29 11.17
N THR C 486 49.51 7.82 10.11
CA THR C 486 48.89 6.91 9.15
C THR C 486 49.71 5.63 9.05
N GLU C 487 49.04 4.49 9.14
CA GLU C 487 49.67 3.22 8.78
C GLU C 487 49.12 2.77 7.42
N VAL C 488 50.01 2.39 6.51
CA VAL C 488 49.63 2.08 5.13
C VAL C 488 49.50 0.57 4.89
N LYS C 489 48.37 0.17 4.31
CA LYS C 489 48.11 -1.23 3.98
C LYS C 489 47.83 -1.37 2.50
N THR C 490 48.59 -2.27 1.86
CA THR C 490 48.38 -2.63 0.46
C THR C 490 47.48 -3.86 0.37
N VAL C 491 46.45 -3.77 -0.45
CA VAL C 491 45.60 -4.93 -0.75
C VAL C 491 45.76 -5.26 -2.23
N THR C 492 46.23 -6.48 -2.51
CA THR C 492 46.46 -6.89 -3.89
C THR C 492 45.62 -8.13 -4.18
N VAL C 493 44.72 -7.98 -5.16
CA VAL C 493 43.65 -8.94 -5.39
C VAL C 493 43.75 -9.51 -6.78
N LYS C 494 43.78 -10.84 -6.88
CA LYS C 494 43.73 -11.53 -8.16
C LYS C 494 42.38 -11.26 -8.83
N VAL C 495 42.44 -10.85 -10.10
CA VAL C 495 41.24 -10.59 -10.89
C VAL C 495 41.29 -11.46 -12.16
N PRO C 496 40.12 -11.79 -12.75
CA PRO C 496 40.15 -12.63 -13.95
C PRO C 496 41.01 -12.06 -15.09
N GLN C 497 40.89 -10.76 -15.38
CA GLN C 497 41.66 -10.15 -16.47
C GLN C 497 41.81 -8.63 -16.32
N LYS C 498 42.99 -8.22 -15.89
CA LYS C 498 43.34 -6.81 -15.72
C LYS C 498 43.29 -6.07 -17.06
N ASN C 499 42.48 -5.02 -17.11
CA ASN C 499 42.51 -4.06 -18.22
C ASN C 499 42.78 -2.65 -17.72
N SER C 500 43.33 -1.81 -18.60
CA SER C 500 43.61 -0.41 -18.25
C SER C 500 42.34 0.40 -18.00
N ALA D 7 62.43 -17.69 -22.66
CA ALA D 7 63.49 -18.73 -22.76
C ALA D 7 64.68 -18.38 -21.87
N VAL D 8 65.20 -19.36 -21.13
CA VAL D 8 66.34 -19.16 -20.22
C VAL D 8 67.68 -19.64 -20.81
N PRO D 9 68.65 -18.70 -20.95
CA PRO D 9 69.99 -19.02 -21.46
C PRO D 9 70.77 -19.90 -20.50
N ALA D 10 71.64 -20.73 -21.06
CA ALA D 10 72.48 -21.64 -20.29
C ALA D 10 73.39 -20.89 -19.33
N PRO D 11 73.42 -21.31 -18.06
CA PRO D 11 74.24 -20.62 -17.09
C PRO D 11 75.71 -21.02 -17.17
N ASN D 12 76.59 -20.09 -16.82
CA ASN D 12 77.93 -20.45 -16.43
C ASN D 12 77.83 -20.86 -14.96
N GLN D 13 78.04 -22.15 -14.71
CA GLN D 13 77.88 -22.73 -13.36
C GLN D 13 79.02 -22.37 -12.42
N GLN D 14 80.06 -21.72 -12.94
CA GLN D 14 81.09 -21.14 -12.08
C GLN D 14 81.51 -19.78 -12.63
N PRO D 15 80.64 -18.75 -12.46
CA PRO D 15 80.92 -17.44 -13.05
C PRO D 15 82.13 -16.81 -12.40
N GLU D 16 82.94 -16.13 -13.19
CA GLU D 16 84.11 -15.46 -12.67
C GLU D 16 83.70 -14.31 -11.75
N VAL D 17 84.46 -14.13 -10.67
CA VAL D 17 84.30 -13.00 -9.78
C VAL D 17 85.28 -11.91 -10.20
N PHE D 18 84.74 -10.73 -10.54
CA PHE D 18 85.55 -9.58 -10.93
C PHE D 18 85.71 -8.55 -9.82
N CYS D 19 84.76 -8.51 -8.90
CA CYS D 19 84.73 -7.48 -7.87
C CYS D 19 84.57 -8.11 -6.49
N ASN D 20 85.52 -7.84 -5.60
CA ASN D 20 85.49 -8.40 -4.25
C ASN D 20 86.08 -7.45 -3.21
N GLN D 21 86.05 -6.16 -3.50
CA GLN D 21 86.65 -5.17 -2.62
C GLN D 21 85.62 -4.14 -2.13
N ILE D 22 86.12 -3.08 -1.49
CA ILE D 22 85.31 -2.00 -0.98
C ILE D 22 85.19 -0.94 -2.09
N PHE D 23 83.96 -0.49 -2.33
CA PHE D 23 83.66 0.42 -3.42
C PHE D 23 83.40 1.84 -2.89
N ILE D 24 84.34 2.75 -3.16
CA ILE D 24 84.31 4.13 -2.65
C ILE D 24 84.82 5.08 -3.75
N ASN D 25 84.03 6.11 -4.06
CA ASN D 25 84.39 7.08 -5.09
C ASN D 25 84.64 6.44 -6.45
N ASN D 26 83.81 5.45 -6.78
CA ASN D 26 83.89 4.74 -8.06
C ASN D 26 85.22 4.00 -8.25
N GLU D 27 85.88 3.70 -7.13
CA GLU D 27 87.17 2.99 -7.12
CA GLU D 27 87.14 2.96 -7.16
C GLU D 27 87.12 1.79 -6.16
N TRP D 28 88.01 0.83 -6.40
CA TRP D 28 88.06 -0.38 -5.59
C TRP D 28 89.18 -0.32 -4.57
N HIS D 29 88.85 -0.62 -3.31
CA HIS D 29 89.80 -0.52 -2.20
C HIS D 29 89.81 -1.78 -1.35
N ASP D 30 90.99 -2.18 -0.89
CA ASP D 30 91.08 -3.15 0.19
C ASP D 30 90.64 -2.46 1.48
N ALA D 31 90.32 -3.26 2.49
CA ALA D 31 90.10 -2.73 3.83
C ALA D 31 91.38 -2.09 4.35
N VAL D 32 91.25 -1.01 5.12
CA VAL D 32 92.39 -0.40 5.82
C VAL D 32 93.21 -1.48 6.55
N SER D 33 92.52 -2.44 7.14
CA SER D 33 93.13 -3.53 7.90
C SER D 33 93.80 -4.56 7.00
N ARG D 34 93.41 -4.57 5.73
CA ARG D 34 93.86 -5.56 4.75
C ARG D 34 93.26 -6.96 5.00
N LYS D 35 92.26 -7.02 5.88
CA LYS D 35 91.60 -8.29 6.20
C LYS D 35 90.57 -8.64 5.12
N THR D 36 90.35 -9.94 4.94
CA THR D 36 89.30 -10.42 4.04
C THR D 36 88.46 -11.47 4.77
N PHE D 37 87.33 -11.82 4.17
CA PHE D 37 86.52 -12.91 4.69
C PHE D 37 86.07 -13.79 3.54
N PRO D 38 85.89 -15.10 3.80
CA PRO D 38 85.41 -15.93 2.71
C PRO D 38 83.90 -15.78 2.50
N THR D 39 83.47 -15.79 1.25
CA THR D 39 82.08 -16.05 0.95
C THR D 39 81.96 -17.47 0.36
N VAL D 40 80.95 -18.20 0.83
CA VAL D 40 80.81 -19.63 0.58
C VAL D 40 79.73 -19.92 -0.47
N ASN D 41 79.93 -20.96 -1.26
CA ASN D 41 78.87 -21.51 -2.10
C ASN D 41 78.04 -22.47 -1.25
N PRO D 42 76.76 -22.13 -0.97
CA PRO D 42 75.91 -22.93 -0.08
C PRO D 42 75.55 -24.31 -0.63
N SER D 43 75.67 -24.47 -1.95
CA SER D 43 75.43 -25.76 -2.59
C SER D 43 76.53 -26.78 -2.31
N THR D 44 77.71 -26.32 -1.89
CA THR D 44 78.87 -27.19 -1.71
C THR D 44 79.63 -26.96 -0.40
N GLY D 45 79.40 -25.81 0.23
CA GLY D 45 80.11 -25.43 1.44
C GLY D 45 81.55 -25.02 1.18
N GLU D 46 81.88 -24.79 -0.10
CA GLU D 46 83.21 -24.36 -0.51
C GLU D 46 83.33 -22.85 -0.68
N VAL D 47 84.48 -22.32 -0.28
CA VAL D 47 84.81 -20.91 -0.47
C VAL D 47 84.83 -20.53 -1.96
N ILE D 48 84.09 -19.50 -2.33
CA ILE D 48 84.11 -18.97 -3.69
C ILE D 48 85.34 -18.10 -3.88
N CYS D 49 85.53 -17.14 -2.96
CA CYS D 49 86.69 -16.26 -2.95
C CYS D 49 86.76 -15.52 -1.62
N GLN D 50 87.76 -14.66 -1.50
CA GLN D 50 87.88 -13.77 -0.36
C GLN D 50 87.23 -12.44 -0.71
N VAL D 51 86.72 -11.74 0.30
CA VAL D 51 86.11 -10.41 0.12
C VAL D 51 86.69 -9.45 1.16
N ALA D 52 87.04 -8.23 0.74
CA ALA D 52 87.56 -7.22 1.66
C ALA D 52 86.61 -7.05 2.86
N GLU D 53 87.18 -7.08 4.06
CA GLU D 53 86.38 -6.98 5.28
C GLU D 53 86.32 -5.55 5.80
N GLY D 54 85.35 -4.79 5.31
CA GLY D 54 85.14 -3.42 5.75
C GLY D 54 84.84 -3.35 7.23
N ASP D 55 85.40 -2.35 7.89
CA ASP D 55 85.14 -2.08 9.30
C ASP D 55 84.84 -0.58 9.46
N LYS D 56 84.93 -0.06 10.68
CA LYS D 56 84.58 1.34 10.96
C LYS D 56 85.37 2.35 10.12
N GLU D 57 86.68 2.13 9.98
CA GLU D 57 87.54 3.04 9.23
C GLU D 57 87.15 3.11 7.76
N ASP D 58 86.68 1.99 7.21
CA ASP D 58 86.26 1.94 5.81
C ASP D 58 84.92 2.64 5.61
N VAL D 59 84.00 2.45 6.55
CA VAL D 59 82.75 3.20 6.57
C VAL D 59 83.03 4.71 6.60
N ASP D 60 83.96 5.14 7.44
CA ASP D 60 84.36 6.54 7.54
C ASP D 60 84.76 7.14 6.19
N LYS D 61 85.64 6.42 5.47
CA LYS D 61 86.03 6.79 4.10
C LYS D 61 84.82 6.91 3.19
N ALA D 62 83.90 5.95 3.28
CA ALA D 62 82.70 5.94 2.43
C ALA D 62 81.75 7.09 2.73
N VAL D 63 81.55 7.39 4.01
CA VAL D 63 80.66 8.48 4.42
C VAL D 63 81.23 9.85 3.97
N LYS D 64 82.54 10.03 4.12
CA LYS D 64 83.22 11.24 3.65
C LYS D 64 83.09 11.41 2.13
N ALA D 65 83.29 10.32 1.38
CA ALA D 65 83.08 10.31 -0.06
C ALA D 65 81.64 10.68 -0.40
N ALA D 66 80.68 10.02 0.26
CA ALA D 66 79.26 10.35 0.10
C ALA D 66 78.95 11.81 0.45
N ARG D 67 79.45 12.30 1.58
CA ARG D 67 79.23 13.69 2.00
C ARG D 67 79.75 14.71 0.98
N ALA D 68 80.91 14.44 0.39
CA ALA D 68 81.49 15.32 -0.62
C ALA D 68 80.66 15.32 -1.91
N ALA D 69 80.16 14.14 -2.31
CA ALA D 69 79.28 14.02 -3.48
C ALA D 69 77.98 14.80 -3.33
N PHE D 70 77.58 15.03 -2.08
CA PHE D 70 76.29 15.65 -1.75
C PHE D 70 76.39 17.16 -1.51
N GLN D 71 77.61 17.71 -1.59
CA GLN D 71 77.80 19.13 -1.35
C GLN D 71 77.06 19.97 -2.37
N LEU D 72 76.43 21.04 -1.91
CA LEU D 72 75.77 21.99 -2.81
C LEU D 72 76.73 22.36 -3.94
N GLY D 73 76.22 22.34 -5.17
CA GLY D 73 77.02 22.72 -6.33
C GLY D 73 77.78 21.57 -6.97
N SER D 74 77.74 20.39 -6.36
CA SER D 74 78.40 19.21 -6.91
C SER D 74 77.70 18.71 -8.20
N PRO D 75 78.40 17.88 -9.01
CA PRO D 75 77.70 17.31 -10.17
C PRO D 75 76.37 16.62 -9.84
N TRP D 76 76.30 15.89 -8.73
CA TRP D 76 75.09 15.13 -8.37
C TRP D 76 73.97 16.03 -7.83
N ARG D 77 74.32 17.11 -7.14
CA ARG D 77 73.34 18.08 -6.66
C ARG D 77 72.74 18.94 -7.78
N ARG D 78 73.57 19.34 -8.73
CA ARG D 78 73.17 20.22 -9.85
C ARG D 78 72.50 19.47 -11.01
N MET D 79 72.79 18.19 -11.12
CA MET D 79 72.20 17.34 -12.17
C MET D 79 70.68 17.47 -12.20
N ASP D 80 70.11 17.68 -13.40
CA ASP D 80 68.66 17.66 -13.59
C ASP D 80 68.04 16.38 -13.01
N ALA D 81 66.85 16.51 -12.42
CA ALA D 81 66.14 15.35 -11.89
C ALA D 81 65.83 14.34 -12.99
N SER D 82 65.47 14.84 -14.17
CA SER D 82 65.26 14.00 -15.35
C SER D 82 66.50 13.17 -15.71
N HIS D 83 67.68 13.75 -15.49
CA HIS D 83 68.94 13.06 -15.78
C HIS D 83 69.28 11.97 -14.74
N ARG D 84 68.87 12.17 -13.50
CA ARG D 84 68.93 11.09 -12.51
C ARG D 84 68.12 9.88 -13.00
N GLY D 85 66.98 10.16 -13.62
CA GLY D 85 66.16 9.14 -14.27
C GLY D 85 66.87 8.46 -15.41
N ARG D 86 67.54 9.24 -16.26
CA ARG D 86 68.33 8.70 -17.36
C ARG D 86 69.39 7.72 -16.85
N LEU D 87 70.11 8.13 -15.80
CA LEU D 87 71.15 7.31 -15.20
C LEU D 87 70.64 6.00 -14.57
N LEU D 88 69.47 6.06 -13.91
CA LEU D 88 68.84 4.83 -13.41
C LEU D 88 68.42 3.88 -14.54
N ASN D 89 67.88 4.44 -15.62
CA ASN D 89 67.53 3.66 -16.81
C ASN D 89 68.75 3.03 -17.51
N ARG D 90 69.86 3.75 -17.51
CA ARG D 90 71.11 3.25 -18.07
C ARG D 90 71.65 2.09 -17.23
N LEU D 91 71.57 2.24 -15.90
CA LEU D 91 71.94 1.15 -15.00
C LEU D 91 71.11 -0.11 -15.30
N ALA D 92 69.79 0.07 -15.44
CA ALA D 92 68.90 -1.03 -15.77
C ALA D 92 69.35 -1.75 -17.02
N ASP D 93 69.61 -0.99 -18.10
CA ASP D 93 70.11 -1.56 -19.36
C ASP D 93 71.40 -2.38 -19.17
N LEU D 94 72.37 -1.81 -18.45
CA LEU D 94 73.61 -2.51 -18.13
C LEU D 94 73.37 -3.83 -17.40
N ILE D 95 72.52 -3.77 -16.36
CA ILE D 95 72.08 -4.99 -15.66
C ILE D 95 71.41 -5.99 -16.60
N GLU D 96 70.56 -5.50 -17.51
CA GLU D 96 69.96 -6.39 -18.52
C GLU D 96 71.02 -7.01 -19.44
N ARG D 97 72.03 -6.23 -19.84
CA ARG D 97 73.11 -6.73 -20.68
C ARG D 97 73.86 -7.88 -19.98
N ASP D 98 74.07 -7.74 -18.68
CA ASP D 98 74.79 -8.72 -17.86
C ASP D 98 73.87 -9.68 -17.09
N ARG D 99 72.63 -9.80 -17.54
CA ARG D 99 71.61 -10.60 -16.86
C ARG D 99 72.01 -12.07 -16.64
N THR D 100 72.41 -12.74 -17.72
CA THR D 100 72.78 -14.15 -17.66
C THR D 100 73.90 -14.36 -16.63
N TYR D 101 74.94 -13.54 -16.74
CA TYR D 101 76.03 -13.51 -15.77
C TYR D 101 75.57 -13.25 -14.33
N LEU D 102 74.76 -12.20 -14.14
CA LEU D 102 74.35 -11.80 -12.80
C LEU D 102 73.46 -12.85 -12.10
N ALA D 103 72.58 -13.47 -12.88
CA ALA D 103 71.70 -14.52 -12.36
C ALA D 103 72.51 -15.74 -11.89
N ALA D 104 73.53 -16.12 -12.66
CA ALA D 104 74.43 -17.24 -12.27
C ALA D 104 75.27 -16.89 -11.04
N LEU D 105 75.74 -15.64 -10.98
CA LEU D 105 76.47 -15.19 -9.81
C LEU D 105 75.57 -15.15 -8.56
N GLU D 106 74.33 -14.69 -8.74
CA GLU D 106 73.35 -14.66 -7.65
C GLU D 106 73.15 -16.06 -7.06
N THR D 107 73.00 -17.04 -7.94
CA THR D 107 72.79 -18.43 -7.59
C THR D 107 74.02 -19.01 -6.88
N LEU D 108 75.20 -18.77 -7.44
CA LEU D 108 76.44 -19.28 -6.87
C LEU D 108 76.62 -18.88 -5.40
N ASP D 109 76.40 -17.59 -5.12
CA ASP D 109 76.62 -17.05 -3.77
C ASP D 109 75.46 -17.33 -2.81
N ASN D 110 74.23 -17.34 -3.33
CA ASN D 110 73.03 -17.40 -2.47
C ASN D 110 72.38 -18.80 -2.40
N GLY D 111 72.46 -19.55 -3.49
CA GLY D 111 71.91 -20.90 -3.51
C GLY D 111 70.58 -21.07 -4.24
N LYS D 112 69.89 -19.97 -4.52
CA LYS D 112 68.58 -20.03 -5.19
C LYS D 112 68.72 -20.55 -6.63
N PRO D 113 67.70 -21.29 -7.14
CA PRO D 113 67.75 -21.81 -8.51
C PRO D 113 68.04 -20.72 -9.53
N TYR D 114 68.89 -21.04 -10.50
CA TYR D 114 69.28 -20.11 -11.56
C TYR D 114 68.09 -19.66 -12.42
N VAL D 115 67.20 -20.59 -12.75
CA VAL D 115 66.01 -20.25 -13.53
C VAL D 115 65.25 -19.12 -12.83
N ILE D 116 65.17 -19.23 -11.49
CA ILE D 116 64.47 -18.24 -10.65
C ILE D 116 65.24 -16.92 -10.58
N SER D 117 66.55 -17.00 -10.35
CA SER D 117 67.43 -15.84 -10.37
C SER D 117 67.23 -15.04 -11.66
N TYR D 118 67.14 -15.75 -12.78
CA TYR D 118 67.04 -15.12 -14.10
C TYR D 118 65.64 -14.53 -14.39
N LEU D 119 64.61 -15.35 -14.17
CA LEU D 119 63.24 -14.98 -14.54
C LEU D 119 62.49 -14.17 -13.49
N VAL D 120 62.96 -14.25 -12.24
CA VAL D 120 62.29 -13.57 -11.14
C VAL D 120 63.15 -12.43 -10.59
N ASP D 121 64.23 -12.76 -9.87
CA ASP D 121 65.08 -11.73 -9.24
C ASP D 121 65.55 -10.64 -10.20
N LEU D 122 66.17 -11.06 -11.31
CA LEU D 122 66.70 -10.10 -12.30
C LEU D 122 65.61 -9.29 -13.00
N ASP D 123 64.47 -9.93 -13.24
CA ASP D 123 63.33 -9.23 -13.82
C ASP D 123 62.86 -8.13 -12.87
N MET D 124 62.69 -8.49 -11.61
N MET D 124 62.70 -8.47 -11.60
CA MET D 124 62.19 -7.58 -10.57
CA MET D 124 62.19 -7.55 -10.58
C MET D 124 63.18 -6.43 -10.33
C MET D 124 63.17 -6.44 -10.23
N VAL D 125 64.47 -6.75 -10.31
CA VAL D 125 65.53 -5.74 -10.18
C VAL D 125 65.38 -4.68 -11.29
N LEU D 126 65.25 -5.16 -12.54
CA LEU D 126 65.13 -4.32 -13.71
C LEU D 126 63.88 -3.45 -13.62
N LYS D 127 62.76 -4.07 -13.23
CA LYS D 127 61.49 -3.37 -13.15
C LYS D 127 61.45 -2.35 -12.02
N CYS D 128 62.13 -2.64 -10.92
CA CYS D 128 62.23 -1.71 -9.78
C CYS D 128 62.99 -0.44 -10.13
N LEU D 129 64.16 -0.62 -10.78
CA LEU D 129 65.02 0.49 -11.20
C LEU D 129 64.36 1.35 -12.29
N ARG D 130 63.72 0.71 -13.27
CA ARG D 130 63.02 1.42 -14.33
C ARG D 130 61.79 2.17 -13.82
N TYR D 131 61.13 1.60 -12.81
CA TYR D 131 60.00 2.25 -12.14
C TYR D 131 60.46 3.53 -11.44
N TYR D 132 61.48 3.39 -10.61
CA TYR D 132 61.99 4.54 -9.87
C TYR D 132 62.68 5.59 -10.73
N ALA D 133 63.28 5.17 -11.84
CA ALA D 133 63.78 6.12 -12.86
C ALA D 133 62.69 7.12 -13.25
N GLY D 134 61.46 6.63 -13.39
CA GLY D 134 60.30 7.44 -13.72
C GLY D 134 59.89 8.43 -12.64
N TRP D 135 60.19 8.12 -11.38
CA TRP D 135 59.87 9.01 -10.27
C TRP D 135 60.80 10.23 -10.12
N ALA D 136 61.97 10.16 -10.75
CA ALA D 136 63.05 11.12 -10.52
C ALA D 136 62.61 12.58 -10.58
N ASP D 137 61.78 12.92 -11.56
CA ASP D 137 61.38 14.32 -11.80
C ASP D 137 59.88 14.58 -11.59
N LYS D 138 59.25 13.80 -10.72
CA LYS D 138 57.80 13.81 -10.57
C LYS D 138 57.31 13.87 -9.12
N TYR D 139 58.25 13.87 -8.18
CA TYR D 139 57.89 13.96 -6.76
C TYR D 139 57.79 15.42 -6.28
N HIS D 140 56.69 16.07 -6.67
CA HIS D 140 56.51 17.51 -6.48
C HIS D 140 56.36 17.91 -5.02
N GLY D 141 56.92 19.08 -4.69
CA GLY D 141 56.51 19.77 -3.47
C GLY D 141 55.21 20.51 -3.74
N LYS D 142 54.82 21.39 -2.83
CA LYS D 142 53.51 22.03 -2.89
C LYS D 142 53.62 23.55 -2.87
N THR D 143 52.64 24.23 -3.43
CA THR D 143 52.40 25.64 -3.14
C THR D 143 51.15 25.67 -2.29
N ILE D 144 51.17 26.50 -1.25
CA ILE D 144 50.27 26.36 -0.11
C ILE D 144 49.52 27.68 0.20
N PRO D 145 48.18 27.65 0.21
CA PRO D 145 47.36 28.85 0.47
C PRO D 145 47.32 29.30 1.93
N ILE D 146 48.49 29.64 2.48
CA ILE D 146 48.64 30.05 3.87
C ILE D 146 47.91 31.37 4.18
N ASP D 147 47.48 31.56 5.43
CA ASP D 147 46.86 32.82 5.87
C ASP D 147 47.82 33.96 5.67
N GLY D 148 47.28 35.18 5.50
CA GLY D 148 48.08 36.40 5.48
C GLY D 148 48.79 36.63 4.17
N ASP D 149 49.61 37.69 4.13
CA ASP D 149 50.27 38.12 2.90
C ASP D 149 51.62 37.44 2.71
N PHE D 150 51.55 36.16 2.39
CA PHE D 150 52.72 35.32 2.22
C PHE D 150 52.50 34.38 1.05
N PHE D 151 53.61 34.02 0.42
CA PHE D 151 53.68 32.95 -0.54
C PHE D 151 54.45 31.83 0.15
N SER D 152 53.78 30.71 0.37
CA SER D 152 54.40 29.59 1.05
C SER D 152 54.44 28.35 0.15
N TYR D 153 55.59 27.68 0.14
CA TYR D 153 55.75 26.48 -0.67
C TYR D 153 56.72 25.49 -0.01
N THR D 154 56.74 24.26 -0.50
CA THR D 154 57.71 23.27 -0.03
C THR D 154 58.62 22.78 -1.13
N ARG D 155 59.89 22.63 -0.77
CA ARG D 155 60.89 21.96 -1.60
C ARG D 155 60.98 20.56 -1.05
N HIS D 156 60.90 19.57 -1.93
CA HIS D 156 61.24 18.20 -1.56
C HIS D 156 62.72 17.98 -1.88
N GLU D 157 63.53 17.96 -0.85
CA GLU D 157 64.98 17.87 -0.99
C GLU D 157 65.41 16.47 -0.56
N PRO D 158 66.64 16.04 -0.94
CA PRO D 158 67.06 14.71 -0.50
C PRO D 158 67.44 14.76 0.98
N VAL D 159 67.33 13.63 1.66
CA VAL D 159 67.73 13.55 3.06
C VAL D 159 69.23 13.69 3.25
N GLY D 160 70.00 13.16 2.30
CA GLY D 160 71.45 13.32 2.35
C GLY D 160 72.22 12.02 2.24
N VAL D 161 73.11 11.79 3.19
CA VAL D 161 73.88 10.53 3.23
C VAL D 161 73.00 9.42 3.83
N CYS D 162 72.68 8.44 3.01
CA CYS D 162 71.81 7.33 3.43
C CYS D 162 72.58 6.04 3.62
N GLY D 163 72.56 5.52 4.86
CA GLY D 163 73.08 4.20 5.16
C GLY D 163 72.05 3.13 4.87
N GLN D 164 72.46 2.11 4.14
CA GLN D 164 71.54 1.07 3.70
C GLN D 164 72.17 -0.27 4.00
N ILE D 165 71.58 -0.98 4.97
CA ILE D 165 72.09 -2.25 5.43
C ILE D 165 71.08 -3.31 5.03
N ILE D 166 71.52 -4.24 4.18
CA ILE D 166 70.62 -5.20 3.53
C ILE D 166 71.03 -6.65 3.80
N PRO D 167 70.06 -7.58 3.71
CA PRO D 167 70.27 -8.97 4.03
C PRO D 167 70.62 -9.83 2.81
N TRP D 168 70.62 -11.13 3.01
CA TRP D 168 71.17 -12.09 2.06
C TRP D 168 70.14 -12.85 1.23
N ASN D 169 68.86 -12.71 1.54
CA ASN D 169 67.85 -13.56 0.90
C ASN D 169 67.47 -13.21 -0.53
N PHE D 170 67.58 -11.93 -0.87
CA PHE D 170 67.39 -11.45 -2.25
C PHE D 170 68.45 -10.38 -2.52
N PRO D 171 69.72 -10.79 -2.65
CA PRO D 171 70.83 -9.82 -2.64
C PRO D 171 70.69 -8.71 -3.68
N LEU D 172 70.44 -9.07 -4.94
CA LEU D 172 70.33 -8.09 -6.03
C LEU D 172 69.06 -7.26 -5.91
N LEU D 173 67.93 -7.91 -5.62
CA LEU D 173 66.65 -7.22 -5.53
C LEU D 173 66.57 -6.23 -4.36
N MET D 174 67.12 -6.63 -3.21
CA MET D 174 67.20 -5.75 -2.05
C MET D 174 68.05 -4.52 -2.34
N GLN D 175 69.15 -4.72 -3.07
CA GLN D 175 69.98 -3.60 -3.50
C GLN D 175 69.17 -2.62 -4.35
N ALA D 176 68.38 -3.14 -5.28
CA ALA D 176 67.58 -2.31 -6.17
C ALA D 176 66.47 -1.58 -5.41
N TRP D 177 65.83 -2.29 -4.47
CA TRP D 177 64.78 -1.74 -3.63
C TRP D 177 65.27 -0.52 -2.87
N LYS D 178 66.53 -0.56 -2.44
CA LYS D 178 67.13 0.53 -1.68
C LYS D 178 67.69 1.64 -2.57
N LEU D 179 68.38 1.26 -3.65
CA LEU D 179 69.03 2.24 -4.54
C LEU D 179 68.03 3.03 -5.38
N GLY D 180 67.05 2.34 -5.95
CA GLY D 180 66.02 2.96 -6.77
C GLY D 180 65.46 4.27 -6.21
N PRO D 181 64.79 4.21 -5.03
CA PRO D 181 64.16 5.41 -4.45
C PRO D 181 65.16 6.43 -3.92
N ALA D 182 66.30 5.94 -3.43
CA ALA D 182 67.34 6.83 -2.92
C ALA D 182 67.96 7.67 -4.02
N LEU D 183 68.25 7.06 -5.16
CA LEU D 183 68.90 7.77 -6.25
C LEU D 183 67.92 8.61 -7.06
N ALA D 184 66.69 8.12 -7.21
CA ALA D 184 65.62 8.87 -7.86
C ALA D 184 65.44 10.26 -7.22
N THR D 185 65.61 10.31 -5.90
CA THR D 185 65.39 11.53 -5.13
C THR D 185 66.67 12.30 -4.86
N GLY D 186 67.80 11.81 -5.40
CA GLY D 186 69.08 12.55 -5.38
C GLY D 186 69.90 12.40 -4.10
N ASN D 187 69.65 11.35 -3.35
CA ASN D 187 70.48 11.06 -2.18
C ASN D 187 71.79 10.42 -2.61
N VAL D 188 72.67 10.21 -1.64
CA VAL D 188 73.89 9.46 -1.83
C VAL D 188 73.87 8.30 -0.81
N VAL D 189 74.64 7.25 -1.09
CA VAL D 189 74.45 5.98 -0.42
C VAL D 189 75.74 5.35 0.13
N VAL D 190 75.67 4.85 1.36
CA VAL D 190 76.72 3.97 1.89
C VAL D 190 76.05 2.65 2.22
N MET D 191 76.30 1.65 1.38
CA MET D 191 75.57 0.39 1.46
C MET D 191 76.39 -0.71 2.12
N LYS D 192 75.81 -1.39 3.10
CA LYS D 192 76.47 -2.52 3.73
C LYS D 192 75.70 -3.77 3.32
N VAL D 193 76.33 -4.58 2.46
CA VAL D 193 75.70 -5.80 1.97
C VAL D 193 75.98 -6.95 2.93
N ALA D 194 75.19 -8.03 2.84
CA ALA D 194 75.33 -9.17 3.75
C ALA D 194 76.62 -9.93 3.49
N GLU D 195 77.25 -10.38 4.58
CA GLU D 195 78.47 -11.18 4.52
C GLU D 195 78.26 -12.49 3.79
N GLN D 196 77.03 -13.02 3.84
CA GLN D 196 76.70 -14.25 3.13
C GLN D 196 76.66 -14.05 1.61
N THR D 197 76.31 -12.84 1.16
CA THR D 197 76.09 -12.62 -0.28
C THR D 197 76.56 -11.24 -0.76
N PRO D 198 77.88 -10.99 -0.73
CA PRO D 198 78.32 -9.65 -1.18
C PRO D 198 78.55 -9.50 -2.69
N LEU D 199 78.69 -10.61 -3.41
CA LEU D 199 79.30 -10.59 -4.75
C LEU D 199 78.52 -9.84 -5.84
N THR D 200 77.23 -10.16 -6.00
CA THR D 200 76.42 -9.52 -7.03
C THR D 200 76.26 -8.01 -6.86
N ALA D 201 76.09 -7.56 -5.61
CA ALA D 201 75.99 -6.14 -5.31
C ALA D 201 77.26 -5.40 -5.67
N LEU D 202 78.41 -6.06 -5.48
CA LEU D 202 79.72 -5.48 -5.81
C LEU D 202 79.91 -5.37 -7.31
N TYR D 203 79.45 -6.37 -8.06
CA TYR D 203 79.50 -6.28 -9.52
C TYR D 203 78.61 -5.16 -10.04
N VAL D 204 77.43 -4.99 -9.45
CA VAL D 204 76.53 -3.88 -9.82
C VAL D 204 77.19 -2.51 -9.59
N ALA D 205 78.04 -2.41 -8.56
CA ALA D 205 78.82 -1.18 -8.31
C ALA D 205 79.68 -0.81 -9.52
N ASN D 206 80.28 -1.81 -10.16
CA ASN D 206 80.95 -1.63 -11.46
C ASN D 206 80.04 -1.04 -12.53
N LEU D 207 78.80 -1.53 -12.61
CA LEU D 207 77.81 -1.00 -13.56
C LEU D 207 77.37 0.42 -13.21
N ILE D 208 77.24 0.71 -11.91
CA ILE D 208 76.92 2.07 -11.41
C ILE D 208 77.93 3.08 -11.93
N LYS D 209 79.22 2.70 -11.90
CA LYS D 209 80.31 3.51 -12.43
C LYS D 209 80.25 3.59 -13.96
N GLU D 210 79.98 2.45 -14.61
CA GLU D 210 79.80 2.41 -16.06
C GLU D 210 78.59 3.23 -16.52
N ALA D 211 77.54 3.28 -15.70
CA ALA D 211 76.34 4.04 -16.06
C ALA D 211 76.61 5.56 -16.10
N GLY D 212 77.62 6.02 -15.37
CA GLY D 212 77.95 7.45 -15.33
C GLY D 212 77.64 8.17 -14.03
N PHE D 213 77.20 7.45 -13.00
CA PHE D 213 76.96 8.07 -11.70
C PHE D 213 78.27 8.69 -11.15
N PRO D 214 78.21 9.95 -10.67
CA PRO D 214 79.39 10.61 -10.10
C PRO D 214 80.00 9.84 -8.92
N PRO D 215 81.33 9.90 -8.75
CA PRO D 215 81.98 9.21 -7.64
C PRO D 215 81.43 9.66 -6.29
N GLY D 216 81.23 8.70 -5.38
CA GLY D 216 80.75 9.01 -4.04
C GLY D 216 79.23 8.94 -3.90
N VAL D 217 78.54 8.91 -5.03
CA VAL D 217 77.09 8.80 -5.02
C VAL D 217 76.63 7.45 -4.44
N VAL D 218 77.26 6.36 -4.88
CA VAL D 218 77.02 5.05 -4.26
C VAL D 218 78.34 4.42 -3.81
N ASN D 219 78.40 4.09 -2.52
CA ASN D 219 79.55 3.43 -1.93
C ASN D 219 79.09 2.12 -1.31
N ILE D 220 79.87 1.06 -1.49
CA ILE D 220 79.51 -0.24 -0.92
C ILE D 220 80.63 -0.79 -0.04
N VAL D 221 80.30 -1.08 1.21
CA VAL D 221 81.23 -1.63 2.17
C VAL D 221 80.78 -3.04 2.52
N PRO D 222 81.43 -4.08 1.92
CA PRO D 222 81.20 -5.45 2.38
C PRO D 222 81.92 -5.65 3.71
N GLY D 223 81.44 -6.59 4.52
CA GLY D 223 81.96 -6.76 5.87
C GLY D 223 80.88 -7.31 6.77
N PHE D 224 81.15 -7.32 8.07
CA PHE D 224 80.21 -7.87 9.05
C PHE D 224 79.28 -6.85 9.67
N GLY D 225 78.30 -7.37 10.40
CA GLY D 225 77.26 -6.55 11.02
C GLY D 225 77.70 -5.69 12.17
N PRO D 226 78.13 -6.31 13.29
CA PRO D 226 78.56 -5.54 14.47
C PRO D 226 79.73 -4.60 14.18
N THR D 227 80.39 -4.79 13.05
CA THR D 227 81.53 -3.97 12.66
C THR D 227 81.11 -2.88 11.64
N ALA D 228 80.96 -3.26 10.38
CA ALA D 228 80.63 -2.31 9.32
C ALA D 228 79.20 -1.77 9.44
N GLY D 229 78.24 -2.65 9.70
CA GLY D 229 76.83 -2.29 9.88
C GLY D 229 76.63 -1.29 11.01
N ALA D 230 77.15 -1.63 12.19
CA ALA D 230 76.98 -0.79 13.37
C ALA D 230 77.70 0.55 13.23
N ALA D 231 78.82 0.56 12.53
CA ALA D 231 79.56 1.78 12.22
C ALA D 231 78.72 2.78 11.41
N ILE D 232 77.87 2.28 10.52
CA ILE D 232 76.98 3.10 9.72
C ILE D 232 75.82 3.61 10.58
N ALA D 233 75.25 2.70 11.37
CA ALA D 233 74.08 3.01 12.19
C ALA D 233 74.41 4.03 13.27
N SER D 234 75.66 4.01 13.73
CA SER D 234 76.14 4.92 14.75
C SER D 234 76.88 6.15 14.21
N HIS D 235 76.98 6.28 12.88
CA HIS D 235 77.82 7.35 12.33
C HIS D 235 77.21 8.74 12.54
N GLU D 236 78.06 9.70 12.89
CA GLU D 236 77.59 11.05 13.22
C GLU D 236 77.22 11.88 11.98
N ASP D 237 77.65 11.43 10.80
CA ASP D 237 77.40 12.17 9.57
C ASP D 237 76.54 11.42 8.54
N VAL D 238 75.93 10.32 8.98
CA VAL D 238 74.90 9.65 8.20
C VAL D 238 73.55 10.23 8.61
N ASP D 239 72.79 10.73 7.64
CA ASP D 239 71.52 11.41 7.90
C ASP D 239 70.35 10.46 8.09
N LYS D 240 70.45 9.28 7.48
CA LYS D 240 69.33 8.36 7.37
C LYS D 240 69.84 6.93 7.24
N VAL D 241 69.20 6.03 7.99
CA VAL D 241 69.50 4.61 7.87
C VAL D 241 68.25 3.77 7.54
N ALA D 242 68.41 2.86 6.58
CA ALA D 242 67.40 1.87 6.27
C ALA D 242 67.98 0.48 6.52
N PHE D 243 67.28 -0.29 7.34
CA PHE D 243 67.74 -1.64 7.67
C PHE D 243 66.71 -2.72 7.30
N ALA D 244 67.20 -3.78 6.66
CA ALA D 244 66.40 -4.98 6.42
C ALA D 244 67.07 -6.21 7.03
N GLY D 245 66.32 -6.96 7.83
CA GLY D 245 66.84 -8.16 8.48
C GLY D 245 66.06 -8.63 9.69
N SER D 246 66.79 -9.11 10.70
CA SER D 246 66.17 -9.63 11.93
C SER D 246 65.64 -8.51 12.84
N THR D 247 64.60 -8.84 13.60
CA THR D 247 63.98 -7.94 14.58
C THR D 247 65.00 -7.49 15.62
N GLU D 248 65.80 -8.45 16.08
CA GLU D 248 66.85 -8.23 17.05
C GLU D 248 67.77 -7.06 16.64
N ILE D 249 68.26 -7.11 15.39
CA ILE D 249 69.19 -6.11 14.88
C ILE D 249 68.43 -4.82 14.53
N GLY D 250 67.15 -4.96 14.21
CA GLY D 250 66.26 -3.80 14.04
C GLY D 250 66.28 -2.93 15.27
N ARG D 251 66.15 -3.56 16.44
CA ARG D 251 66.24 -2.87 17.72
C ARG D 251 67.59 -2.17 17.90
N VAL D 252 68.66 -2.88 17.54
CA VAL D 252 70.03 -2.35 17.65
C VAL D 252 70.21 -1.09 16.80
N ILE D 253 69.65 -1.12 15.59
CA ILE D 253 69.69 0.03 14.67
C ILE D 253 68.97 1.27 15.22
N GLN D 254 67.73 1.10 15.69
CA GLN D 254 66.95 2.22 16.22
C GLN D 254 67.62 2.84 17.46
N VAL D 255 68.19 1.99 18.32
CA VAL D 255 68.93 2.42 19.50
C VAL D 255 70.22 3.16 19.12
N ALA D 256 70.93 2.63 18.11
CA ALA D 256 72.15 3.26 17.58
C ALA D 256 71.88 4.65 17.03
N ALA D 257 70.74 4.81 16.37
CA ALA D 257 70.33 6.08 15.80
C ALA D 257 69.99 7.06 16.92
N GLY D 258 69.28 6.57 17.93
CA GLY D 258 68.91 7.39 19.07
C GLY D 258 70.12 7.81 19.89
N SER D 259 71.10 6.92 19.98
CA SER D 259 72.30 7.18 20.76
C SER D 259 73.33 8.04 20.03
N SER D 260 73.17 8.21 18.73
CA SER D 260 74.16 8.94 17.96
C SER D 260 73.66 10.34 17.57
N ASN D 261 73.26 10.51 16.31
CA ASN D 261 72.91 11.83 15.80
C ASN D 261 71.42 12.00 15.47
N LEU D 262 70.59 11.09 15.99
CA LEU D 262 69.15 11.08 15.72
C LEU D 262 68.81 10.96 14.22
N LYS D 263 69.60 10.17 13.51
CA LYS D 263 69.36 9.92 12.09
C LYS D 263 67.97 9.29 11.88
N ARG D 264 67.37 9.58 10.72
CA ARG D 264 66.04 9.04 10.41
C ARG D 264 66.14 7.53 10.15
N VAL D 265 65.09 6.79 10.53
CA VAL D 265 65.15 5.34 10.53
C VAL D 265 63.93 4.69 9.89
N THR D 266 64.17 3.73 9.00
CA THR D 266 63.15 2.81 8.52
C THR D 266 63.65 1.37 8.60
N LEU D 267 62.72 0.45 8.89
CA LEU D 267 63.06 -0.92 9.18
C LEU D 267 62.11 -1.87 8.44
N GLU D 268 62.70 -2.93 7.90
CA GLU D 268 61.89 -4.03 7.39
C GLU D 268 62.44 -5.26 8.05
N LEU D 269 61.61 -5.88 8.88
CA LEU D 269 62.05 -6.95 9.74
C LEU D 269 61.28 -8.22 9.39
N GLY D 270 61.30 -9.23 10.24
CA GLY D 270 60.68 -10.48 9.86
C GLY D 270 59.16 -10.48 9.91
N GLY D 271 58.60 -11.68 9.95
CA GLY D 271 57.18 -11.86 10.13
C GLY D 271 56.88 -13.30 10.44
N LYS D 272 55.62 -13.55 10.81
CA LYS D 272 55.06 -14.89 10.83
C LYS D 272 53.70 -14.77 10.17
N SER D 273 53.74 -14.53 8.86
CA SER D 273 52.57 -14.17 8.10
C SER D 273 51.59 -15.33 7.92
N PRO D 274 50.30 -15.08 8.22
CA PRO D 274 49.22 -16.04 8.06
C PRO D 274 48.62 -16.09 6.66
N ASN D 275 48.39 -17.29 6.15
CA ASN D 275 47.74 -17.50 4.87
C ASN D 275 46.43 -18.21 5.12
N ILE D 276 45.32 -17.50 4.89
CA ILE D 276 43.99 -17.97 5.31
C ILE D 276 43.20 -18.56 4.14
N ILE D 277 42.87 -19.84 4.27
CA ILE D 277 42.12 -20.55 3.24
C ILE D 277 40.71 -20.80 3.74
N MET D 278 39.75 -20.04 3.20
CA MET D 278 38.33 -20.23 3.53
C MET D 278 37.81 -21.46 2.79
N SER D 279 36.70 -22.03 3.28
CA SER D 279 36.18 -23.28 2.72
C SER D 279 35.63 -23.13 1.31
N ASP D 280 35.31 -21.90 0.88
CA ASP D 280 34.82 -21.66 -0.48
C ASP D 280 35.94 -21.25 -1.46
N ALA D 281 37.18 -21.50 -1.08
CA ALA D 281 38.33 -21.17 -1.92
C ALA D 281 38.44 -22.17 -3.07
N ASP D 282 39.11 -21.78 -4.14
CA ASP D 282 39.44 -22.70 -5.22
C ASP D 282 40.56 -23.62 -4.69
N MET D 283 40.25 -24.91 -4.56
CA MET D 283 41.16 -25.88 -3.94
C MET D 283 42.55 -25.96 -4.60
N ASP D 284 42.60 -26.33 -5.89
CA ASP D 284 43.86 -26.47 -6.63
C ASP D 284 44.72 -25.20 -6.56
N TRP D 285 44.09 -24.05 -6.83
CA TRP D 285 44.75 -22.75 -6.76
C TRP D 285 45.28 -22.45 -5.36
N ALA D 286 44.43 -22.66 -4.34
CA ALA D 286 44.80 -22.42 -2.96
C ALA D 286 46.01 -23.27 -2.54
N VAL D 287 46.01 -24.55 -2.92
CA VAL D 287 47.07 -25.49 -2.53
C VAL D 287 48.41 -25.06 -3.14
N GLU D 288 48.39 -24.75 -4.43
CA GLU D 288 49.61 -24.37 -5.14
C GLU D 288 50.19 -23.05 -4.60
N GLN D 289 49.30 -22.11 -4.28
CA GLN D 289 49.70 -20.78 -3.81
C GLN D 289 50.18 -20.80 -2.37
N ALA D 290 49.59 -21.68 -1.55
CA ALA D 290 50.06 -21.90 -0.18
C ALA D 290 51.46 -22.52 -0.18
N HIS D 291 51.68 -23.45 -1.12
CA HIS D 291 52.98 -24.07 -1.33
C HIS D 291 54.00 -22.99 -1.71
N PHE D 292 53.65 -22.21 -2.74
CA PHE D 292 54.46 -21.07 -3.17
C PHE D 292 54.73 -20.11 -2.01
N ALA D 293 53.66 -19.73 -1.30
CA ALA D 293 53.71 -18.77 -0.18
C ALA D 293 54.70 -19.17 0.90
N LEU D 294 54.84 -20.47 1.14
CA LEU D 294 55.75 -20.96 2.17
C LEU D 294 57.15 -21.25 1.62
N PHE D 295 57.25 -22.07 0.59
CA PHE D 295 58.53 -22.63 0.13
C PHE D 295 59.35 -21.73 -0.81
N PHE D 296 58.74 -20.65 -1.33
CA PHE D 296 59.44 -19.76 -2.26
C PHE D 296 60.76 -19.28 -1.68
N ASN D 297 61.82 -19.32 -2.50
CA ASN D 297 63.15 -18.88 -2.09
C ASN D 297 63.72 -19.67 -0.92
N GLN D 298 63.53 -20.98 -0.95
CA GLN D 298 63.99 -21.88 0.11
C GLN D 298 63.36 -21.55 1.47
N GLY D 299 62.20 -20.90 1.43
CA GLY D 299 61.50 -20.44 2.62
C GLY D 299 62.13 -19.19 3.22
N GLN D 300 63.03 -18.55 2.46
CA GLN D 300 63.82 -17.42 2.97
C GLN D 300 63.24 -16.09 2.49
N CYS D 301 62.00 -15.83 2.88
N CYS D 301 61.97 -15.87 2.81
CA CYS D 301 61.26 -14.68 2.44
CA CYS D 301 61.28 -14.64 2.47
C CYS D 301 60.65 -13.99 3.65
C CYS D 301 60.76 -14.00 3.74
N CYS D 302 60.88 -12.68 3.79
CA CYS D 302 60.38 -11.89 4.92
C CYS D 302 58.90 -12.15 5.20
N CYS D 303 58.13 -12.23 4.13
CA CYS D 303 56.67 -12.33 4.22
C CYS D 303 56.13 -13.74 3.93
N ALA D 304 56.99 -14.76 4.08
CA ALA D 304 56.59 -16.15 3.88
C ALA D 304 55.29 -16.49 4.61
N GLY D 305 54.38 -17.16 3.93
CA GLY D 305 53.11 -17.61 4.52
C GLY D 305 53.33 -18.79 5.44
N SER D 306 53.90 -18.53 6.61
CA SER D 306 54.34 -19.57 7.53
C SER D 306 53.30 -19.98 8.58
N ARG D 307 52.11 -19.41 8.52
CA ARG D 307 50.96 -19.92 9.26
C ARG D 307 49.81 -20.15 8.29
N THR D 308 49.68 -21.37 7.79
CA THR D 308 48.61 -21.69 6.83
C THR D 308 47.34 -22.13 7.56
N PHE D 309 46.39 -21.21 7.69
CA PHE D 309 45.10 -21.47 8.33
C PHE D 309 44.10 -22.06 7.33
N VAL D 310 43.57 -23.24 7.63
CA VAL D 310 42.63 -23.92 6.74
C VAL D 310 41.31 -24.19 7.46
N GLN D 311 40.18 -23.87 6.80
N GLN D 311 40.18 -23.87 6.80
CA GLN D 311 38.87 -24.06 7.39
CA GLN D 311 38.86 -24.04 7.40
C GLN D 311 38.59 -25.55 7.50
C GLN D 311 38.52 -25.53 7.47
N GLU D 312 38.05 -25.97 8.64
CA GLU D 312 37.85 -27.39 8.97
C GLU D 312 37.20 -28.31 7.91
N ASP D 313 36.25 -27.78 7.16
CA ASP D 313 35.53 -28.56 6.14
C ASP D 313 36.38 -29.02 4.96
N ILE D 314 37.50 -28.33 4.73
CA ILE D 314 38.39 -28.65 3.60
C ILE D 314 39.81 -29.02 4.07
N TYR D 315 39.99 -29.13 5.38
CA TYR D 315 41.31 -29.36 5.98
C TYR D 315 41.96 -30.64 5.49
N ASP D 316 41.27 -31.78 5.63
CA ASP D 316 41.80 -33.08 5.26
C ASP D 316 42.27 -33.13 3.82
N GLU D 317 41.43 -32.65 2.90
CA GLU D 317 41.76 -32.58 1.47
C GLU D 317 42.96 -31.66 1.24
N PHE D 318 42.90 -30.44 1.74
CA PHE D 318 43.97 -29.47 1.57
C PHE D 318 45.31 -30.02 2.06
N VAL D 319 45.30 -30.63 3.23
CA VAL D 319 46.51 -31.23 3.81
C VAL D 319 47.08 -32.32 2.90
N GLU D 320 46.21 -33.19 2.40
CA GLU D 320 46.64 -34.29 1.53
C GLU D 320 47.33 -33.76 0.27
N ARG D 321 46.70 -32.80 -0.39
CA ARG D 321 47.23 -32.23 -1.62
C ARG D 321 48.52 -31.43 -1.39
N SER D 322 48.65 -30.86 -0.18
CA SER D 322 49.82 -30.09 0.20
C SER D 322 51.04 -30.98 0.47
N VAL D 323 50.80 -32.09 1.15
CA VAL D 323 51.86 -33.10 1.40
C VAL D 323 52.39 -33.67 0.08
N ALA D 324 51.48 -34.09 -0.80
CA ALA D 324 51.84 -34.56 -2.14
C ALA D 324 52.70 -33.56 -2.93
N ARG D 325 52.39 -32.27 -2.79
CA ARG D 325 53.10 -31.22 -3.52
C ARG D 325 54.51 -30.99 -2.96
N ALA D 326 54.62 -31.01 -1.64
CA ALA D 326 55.91 -30.91 -0.96
C ALA D 326 56.82 -32.09 -1.28
N LYS D 327 56.22 -33.28 -1.46
CA LYS D 327 56.98 -34.50 -1.75
C LYS D 327 57.53 -34.49 -3.17
N SER D 328 56.80 -33.84 -4.07
CA SER D 328 57.19 -33.75 -5.48
C SER D 328 58.17 -32.61 -5.77
N ARG D 329 58.31 -31.68 -4.81
CA ARG D 329 59.17 -30.52 -4.98
C ARG D 329 60.65 -30.91 -5.14
N VAL D 330 61.24 -30.55 -6.28
CA VAL D 330 62.61 -31.00 -6.63
C VAL D 330 63.70 -30.19 -5.93
N VAL D 331 64.41 -30.86 -5.01
CA VAL D 331 65.56 -30.29 -4.32
C VAL D 331 66.85 -30.81 -4.97
N GLY D 332 67.79 -29.91 -5.26
CA GLY D 332 69.07 -30.28 -5.88
C GLY D 332 69.95 -29.11 -6.29
N ASN D 333 70.95 -29.41 -7.13
CA ASN D 333 71.84 -28.42 -7.73
C ASN D 333 71.05 -27.26 -8.36
N PRO D 334 71.19 -26.04 -7.79
CA PRO D 334 70.43 -24.87 -8.26
C PRO D 334 70.59 -24.58 -9.75
N PHE D 335 71.71 -25.04 -10.33
CA PHE D 335 71.98 -24.84 -11.75
C PHE D 335 71.28 -25.84 -12.68
N ASP D 336 70.72 -26.91 -12.10
CA ASP D 336 69.99 -27.92 -12.87
C ASP D 336 68.58 -27.36 -13.10
N SER D 337 68.10 -27.45 -14.34
CA SER D 337 66.81 -26.84 -14.70
C SER D 337 65.60 -27.52 -14.05
N LYS D 338 65.82 -28.72 -13.52
CA LYS D 338 64.78 -29.47 -12.82
C LYS D 338 64.57 -28.96 -11.40
N THR D 339 65.61 -28.33 -10.84
CA THR D 339 65.62 -27.92 -9.43
C THR D 339 64.63 -26.79 -9.12
N GLU D 340 63.82 -27.01 -8.09
CA GLU D 340 62.86 -26.02 -7.59
C GLU D 340 63.39 -25.38 -6.31
N GLN D 341 64.16 -26.15 -5.54
CA GLN D 341 64.69 -25.71 -4.26
C GLN D 341 66.18 -25.99 -4.16
N GLY D 342 66.98 -24.92 -4.05
CA GLY D 342 68.40 -25.04 -3.73
C GLY D 342 68.64 -25.15 -2.22
N PRO D 343 69.89 -24.92 -1.78
CA PRO D 343 70.21 -25.05 -0.35
C PRO D 343 69.85 -23.79 0.45
N GLN D 344 69.90 -23.90 1.78
CA GLN D 344 69.81 -22.73 2.64
C GLN D 344 71.10 -21.90 2.51
N VAL D 345 71.04 -20.61 2.86
CA VAL D 345 72.15 -19.69 2.59
C VAL D 345 73.47 -20.11 3.26
N ASP D 346 73.39 -20.66 4.46
CA ASP D 346 74.60 -21.04 5.19
C ASP D 346 74.32 -22.07 6.28
N GLU D 347 75.40 -22.56 6.88
CA GLU D 347 75.34 -23.60 7.91
C GLU D 347 74.57 -23.14 9.15
N THR D 348 74.73 -21.88 9.51
CA THR D 348 74.01 -21.30 10.65
C THR D 348 72.49 -21.41 10.48
N GLN D 349 72.00 -20.96 9.32
CA GLN D 349 70.56 -21.04 9.02
C GLN D 349 70.14 -22.49 8.87
N PHE D 350 70.98 -23.27 8.19
CA PHE D 350 70.81 -24.71 8.01
C PHE D 350 70.51 -25.41 9.35
N LYS D 351 71.37 -25.17 10.34
CA LYS D 351 71.22 -25.80 11.66
C LYS D 351 70.10 -25.22 12.51
N LYS D 352 69.77 -23.94 12.29
CA LYS D 352 68.66 -23.32 12.99
C LYS D 352 67.34 -23.95 12.56
N ILE D 353 67.22 -24.19 11.25
CA ILE D 353 66.01 -24.78 10.68
C ILE D 353 65.78 -26.19 11.19
N LEU D 354 66.84 -27.01 11.21
CA LEU D 354 66.75 -28.37 11.73
C LEU D 354 66.31 -28.39 13.20
N GLY D 355 66.85 -27.46 13.99
CA GLY D 355 66.45 -27.28 15.38
C GLY D 355 64.99 -26.89 15.54
N TYR D 356 64.46 -26.11 14.60
CA TYR D 356 63.03 -25.77 14.58
C TYR D 356 62.17 -27.01 14.31
N ILE D 357 62.62 -27.83 13.35
CA ILE D 357 61.97 -29.09 13.04
C ILE D 357 61.94 -30.04 14.26
N ASN D 358 63.07 -30.13 14.98
CA ASN D 358 63.14 -30.92 16.24
C ASN D 358 62.09 -30.47 17.23
N THR D 359 61.98 -29.15 17.36
CA THR D 359 61.01 -28.52 18.26
C THR D 359 59.57 -28.87 17.85
N GLY D 360 59.27 -28.72 16.56
CA GLY D 360 57.97 -29.06 16.01
C GLY D 360 57.53 -30.47 16.36
N LYS D 361 58.46 -31.43 16.21
CA LYS D 361 58.22 -32.82 16.56
C LYS D 361 57.89 -32.96 18.05
N GLN D 362 58.77 -32.44 18.89
CA GLN D 362 58.66 -32.61 20.33
C GLN D 362 57.50 -31.85 20.98
N GLU D 363 57.01 -30.81 20.32
CA GLU D 363 55.86 -30.04 20.81
C GLU D 363 54.52 -30.60 20.36
N GLY D 364 54.54 -31.64 19.53
CA GLY D 364 53.33 -32.39 19.23
C GLY D 364 52.61 -32.06 17.94
N ALA D 365 53.29 -31.32 17.06
CA ALA D 365 52.78 -31.11 15.70
C ALA D 365 52.97 -32.40 14.91
N LYS D 366 52.10 -32.62 13.93
CA LYS D 366 52.11 -33.86 13.17
C LYS D 366 53.00 -33.75 11.93
N LEU D 367 54.16 -34.40 11.99
CA LEU D 367 55.08 -34.44 10.86
C LEU D 367 54.52 -35.31 9.74
N LEU D 368 54.32 -34.69 8.58
CA LEU D 368 53.63 -35.33 7.48
C LEU D 368 54.55 -35.70 6.31
N CYS D 369 55.68 -35.00 6.21
CA CYS D 369 56.72 -35.29 5.20
C CYS D 369 57.98 -34.50 5.51
N GLY D 370 59.10 -34.90 4.90
CA GLY D 370 60.40 -34.28 5.14
C GLY D 370 60.85 -34.41 6.59
N GLY D 371 61.49 -33.36 7.11
CA GLY D 371 61.96 -33.34 8.49
C GLY D 371 63.46 -33.54 8.65
N GLY D 372 64.17 -33.78 7.56
CA GLY D 372 65.60 -34.03 7.63
C GLY D 372 66.43 -33.40 6.53
N ILE D 373 67.73 -33.70 6.56
CA ILE D 373 68.68 -33.17 5.58
C ILE D 373 68.46 -33.88 4.24
N ALA D 374 68.47 -33.10 3.17
CA ALA D 374 68.13 -33.57 1.82
C ALA D 374 69.32 -34.06 0.99
N ALA D 375 70.54 -33.82 1.48
CA ALA D 375 71.78 -34.27 0.82
C ALA D 375 72.96 -34.21 1.80
N ASP D 376 74.06 -34.89 1.46
CA ASP D 376 75.21 -34.97 2.35
C ASP D 376 76.25 -33.87 2.09
N ARG D 377 75.96 -33.04 1.08
CA ARG D 377 76.82 -31.93 0.68
C ARG D 377 75.97 -30.67 0.50
N GLY D 378 76.45 -29.55 1.03
CA GLY D 378 75.71 -28.29 0.95
C GLY D 378 74.60 -28.23 1.99
N TYR D 379 73.85 -27.14 2.00
CA TYR D 379 72.86 -26.92 3.06
C TYR D 379 71.41 -27.19 2.60
N PHE D 380 71.18 -28.39 2.08
CA PHE D 380 69.86 -28.79 1.58
C PHE D 380 68.98 -29.39 2.67
N ILE D 381 67.72 -28.93 2.73
CA ILE D 381 66.75 -29.43 3.70
C ILE D 381 65.47 -29.86 2.98
N GLN D 382 64.95 -31.04 3.38
CA GLN D 382 63.73 -31.60 2.81
C GLN D 382 62.53 -30.69 3.02
N PRO D 383 61.69 -30.52 1.98
CA PRO D 383 60.41 -29.83 2.16
C PRO D 383 59.61 -30.53 3.26
N THR D 384 59.37 -29.79 4.33
CA THR D 384 58.81 -30.31 5.56
C THR D 384 57.43 -29.69 5.76
N VAL D 385 56.45 -30.52 6.08
CA VAL D 385 55.09 -30.06 6.39
C VAL D 385 54.63 -30.60 7.74
N PHE D 386 54.23 -29.69 8.64
CA PHE D 386 53.59 -30.04 9.91
C PHE D 386 52.09 -29.75 9.85
N GLY D 387 51.29 -30.72 10.28
CA GLY D 387 49.85 -30.55 10.41
C GLY D 387 49.44 -30.46 11.87
N ASP D 388 48.17 -30.09 12.10
CA ASP D 388 47.60 -29.93 13.43
C ASP D 388 48.45 -29.02 14.33
N VAL D 389 48.99 -27.97 13.72
CA VAL D 389 49.77 -26.98 14.43
C VAL D 389 48.85 -26.12 15.30
N GLN D 390 49.31 -25.80 16.51
CA GLN D 390 48.57 -24.96 17.45
C GLN D 390 49.33 -23.65 17.68
N ASP D 391 48.58 -22.61 18.02
CA ASP D 391 49.09 -21.24 18.14
C ASP D 391 50.24 -21.09 19.14
N GLY D 392 50.21 -21.90 20.20
CA GLY D 392 51.22 -21.83 21.25
C GLY D 392 52.53 -22.52 20.89
N MET D 393 52.56 -23.24 19.77
CA MET D 393 53.75 -23.99 19.37
C MET D 393 54.84 -23.06 18.84
N THR D 394 56.10 -23.34 19.21
CA THR D 394 57.25 -22.57 18.74
C THR D 394 57.22 -22.35 17.22
N ILE D 395 57.00 -23.42 16.46
CA ILE D 395 56.95 -23.36 14.99
C ILE D 395 55.80 -22.51 14.46
N ALA D 396 54.84 -22.17 15.34
CA ALA D 396 53.73 -21.28 14.96
C ALA D 396 54.02 -19.84 15.37
N LYS D 397 55.03 -19.65 16.22
CA LYS D 397 55.33 -18.32 16.77
C LYS D 397 56.58 -17.68 16.16
N GLU D 398 57.58 -18.49 15.86
CA GLU D 398 58.88 -17.98 15.49
C GLU D 398 59.16 -18.15 14.02
N GLU D 399 59.82 -17.15 13.43
CA GLU D 399 60.22 -17.18 12.03
C GLU D 399 61.30 -18.24 11.83
N ILE D 400 60.97 -19.26 11.03
CA ILE D 400 61.86 -20.38 10.78
C ILE D 400 62.78 -20.11 9.58
N PHE D 401 62.26 -19.38 8.59
CA PHE D 401 63.02 -18.96 7.41
C PHE D 401 63.58 -20.16 6.63
N GLY D 402 62.77 -21.20 6.51
CA GLY D 402 63.18 -22.41 5.80
C GLY D 402 62.00 -23.14 5.17
N PRO D 403 62.27 -24.31 4.55
CA PRO D 403 61.21 -25.09 3.91
C PRO D 403 60.40 -25.89 4.93
N VAL D 404 59.77 -25.18 5.86
CA VAL D 404 58.98 -25.79 6.93
C VAL D 404 57.59 -25.14 6.98
N MET D 405 56.58 -25.93 6.58
CA MET D 405 55.21 -25.47 6.47
C MET D 405 54.38 -25.79 7.72
N GLN D 406 53.61 -24.80 8.17
CA GLN D 406 52.69 -24.97 9.31
C GLN D 406 51.24 -24.91 8.84
N ILE D 407 50.47 -25.98 9.10
CA ILE D 407 49.06 -26.03 8.76
C ILE D 407 48.20 -26.10 10.03
N LEU D 408 47.31 -25.11 10.18
CA LEU D 408 46.46 -24.95 11.35
C LEU D 408 45.00 -24.96 10.93
N LYS D 409 44.14 -25.54 11.77
CA LYS D 409 42.73 -25.67 11.46
C LYS D 409 41.96 -24.59 12.20
N PHE D 410 40.89 -24.12 11.57
CA PHE D 410 39.97 -23.19 12.21
C PHE D 410 38.53 -23.46 11.77
N LYS D 411 37.58 -22.87 12.49
CA LYS D 411 36.17 -23.02 12.19
C LYS D 411 35.57 -21.77 11.56
N THR D 412 35.66 -20.64 12.27
CA THR D 412 34.92 -19.44 11.90
C THR D 412 35.80 -18.29 11.37
N ILE D 413 35.18 -17.34 10.69
CA ILE D 413 35.88 -16.18 10.15
C ILE D 413 36.39 -15.25 11.29
N GLU D 414 35.60 -15.12 12.35
CA GLU D 414 36.00 -14.30 13.51
C GLU D 414 37.16 -14.94 14.25
N GLU D 415 37.16 -16.27 14.32
CA GLU D 415 38.25 -17.01 14.97
C GLU D 415 39.58 -16.77 14.25
N VAL D 416 39.59 -16.95 12.93
CA VAL D 416 40.82 -16.88 12.15
C VAL D 416 41.40 -15.46 12.11
N VAL D 417 40.53 -14.46 12.06
CA VAL D 417 40.93 -13.06 12.13
C VAL D 417 41.74 -12.78 13.40
N GLY D 418 41.18 -13.19 14.55
CA GLY D 418 41.79 -12.92 15.84
C GLY D 418 43.06 -13.71 16.07
N ARG D 419 43.08 -14.93 15.54
CA ARG D 419 44.26 -15.80 15.63
C ARG D 419 45.38 -15.34 14.71
N ALA D 420 45.03 -14.91 13.50
CA ALA D 420 46.01 -14.39 12.55
C ALA D 420 46.67 -13.10 13.10
N ASN D 421 45.84 -12.24 13.71
CA ASN D 421 46.26 -10.99 14.32
C ASN D 421 46.93 -11.14 15.70
N ASN D 422 46.74 -12.29 16.35
CA ASN D 422 47.40 -12.54 17.65
C ASN D 422 48.88 -12.83 17.43
N SER D 423 49.63 -11.77 17.17
CA SER D 423 51.04 -11.85 16.80
C SER D 423 51.64 -10.47 16.99
N THR D 424 52.93 -10.41 17.32
CA THR D 424 53.62 -9.11 17.38
C THR D 424 54.25 -8.77 16.04
N TYR D 425 54.07 -9.67 15.06
CA TYR D 425 54.42 -9.44 13.66
C TYR D 425 53.18 -8.98 12.88
N GLY D 426 53.41 -8.38 11.70
CA GLY D 426 52.32 -7.95 10.83
C GLY D 426 52.80 -7.48 9.46
N LEU D 427 53.69 -8.26 8.86
CA LEU D 427 54.29 -7.87 7.59
C LEU D 427 53.31 -8.09 6.43
N ALA D 428 52.75 -9.29 6.36
CA ALA D 428 51.80 -9.64 5.33
C ALA D 428 50.76 -10.64 5.84
N ALA D 429 49.75 -10.88 5.02
CA ALA D 429 48.68 -11.83 5.26
C ALA D 429 48.05 -12.15 3.92
N ALA D 430 47.31 -13.25 3.85
CA ALA D 430 46.57 -13.59 2.63
C ALA D 430 45.25 -14.28 2.92
N VAL D 431 44.32 -14.08 1.99
CA VAL D 431 42.96 -14.56 2.09
C VAL D 431 42.63 -15.30 0.80
N PHE D 432 42.20 -16.55 0.92
CA PHE D 432 41.72 -17.31 -0.24
C PHE D 432 40.25 -17.61 -0.08
N THR D 433 39.44 -16.98 -0.93
CA THR D 433 37.99 -17.08 -0.86
C THR D 433 37.39 -16.58 -2.17
N LYS D 434 36.18 -17.06 -2.48
CA LYS D 434 35.43 -16.59 -3.64
C LYS D 434 34.38 -15.55 -3.25
N ASP D 435 34.24 -15.33 -1.94
CA ASP D 435 33.18 -14.45 -1.46
C ASP D 435 33.67 -13.01 -1.34
N LEU D 436 32.93 -12.10 -1.95
CA LEU D 436 33.23 -10.66 -1.91
C LEU D 436 33.30 -10.10 -0.48
N ASP D 437 32.25 -10.35 0.30
CA ASP D 437 32.14 -9.84 1.67
C ASP D 437 33.22 -10.38 2.60
N LYS D 438 33.50 -11.68 2.48
CA LYS D 438 34.57 -12.29 3.27
C LYS D 438 35.93 -11.67 2.92
N ALA D 439 36.18 -11.51 1.63
CA ALA D 439 37.39 -10.88 1.15
C ALA D 439 37.56 -9.49 1.75
N ASN D 440 36.52 -8.66 1.64
CA ASN D 440 36.53 -7.31 2.18
C ASN D 440 36.60 -7.25 3.71
N TYR D 441 35.92 -8.19 4.37
CA TYR D 441 35.94 -8.26 5.83
C TYR D 441 37.35 -8.54 6.32
N LEU D 442 37.97 -9.58 5.74
CA LEU D 442 39.30 -10.00 6.17
C LEU D 442 40.37 -8.96 5.83
N SER D 443 40.34 -8.43 4.61
CA SER D 443 41.36 -7.48 4.15
C SER D 443 41.35 -6.20 4.98
N GLN D 444 40.20 -5.84 5.53
CA GLN D 444 40.12 -4.71 6.46
C GLN D 444 40.60 -5.06 7.87
N ALA D 445 40.17 -6.22 8.37
CA ALA D 445 40.39 -6.61 9.77
C ALA D 445 41.82 -7.06 10.06
N LEU D 446 42.52 -7.57 9.04
CA LEU D 446 43.88 -8.07 9.21
C LEU D 446 44.88 -6.94 9.47
N GLN D 447 45.71 -7.13 10.50
CA GLN D 447 46.69 -6.15 10.89
C GLN D 447 48.02 -6.49 10.23
N ALA D 448 48.12 -6.19 8.93
CA ALA D 448 49.26 -6.57 8.11
C ALA D 448 49.54 -5.48 7.08
N GLY D 449 50.82 -5.32 6.72
CA GLY D 449 51.25 -4.31 5.75
C GLY D 449 50.77 -4.57 4.34
N THR D 450 50.62 -5.85 4.00
CA THR D 450 50.07 -6.27 2.72
C THR D 450 49.09 -7.41 2.97
N VAL D 451 47.92 -7.32 2.33
CA VAL D 451 46.97 -8.42 2.31
C VAL D 451 46.78 -8.86 0.87
N TRP D 452 47.21 -10.08 0.55
CA TRP D 452 46.96 -10.66 -0.76
C TRP D 452 45.63 -11.39 -0.77
N VAL D 453 44.89 -11.27 -1.86
CA VAL D 453 43.61 -11.94 -1.98
C VAL D 453 43.64 -12.87 -3.20
N ASN D 454 43.48 -14.16 -2.93
CA ASN D 454 43.61 -15.21 -3.96
C ASN D 454 44.95 -15.19 -4.70
N CYS D 455 45.98 -14.73 -4.01
CA CYS D 455 47.34 -14.73 -4.53
C CYS D 455 48.31 -14.64 -3.36
N TYR D 456 49.61 -14.62 -3.66
CA TYR D 456 50.64 -14.48 -2.62
C TYR D 456 51.96 -14.04 -3.26
N ASP D 457 52.73 -13.26 -2.50
CA ASP D 457 54.06 -12.77 -2.93
C ASP D 457 54.01 -12.03 -4.25
N VAL D 458 52.93 -11.26 -4.44
CA VAL D 458 52.78 -10.43 -5.62
C VAL D 458 53.37 -9.08 -5.26
N PHE D 459 54.64 -8.90 -5.64
CA PHE D 459 55.28 -7.62 -5.50
C PHE D 459 55.16 -6.86 -6.80
N GLY D 460 54.92 -5.57 -6.66
CA GLY D 460 54.87 -4.69 -7.79
C GLY D 460 55.62 -3.49 -7.33
N ALA D 461 56.52 -3.00 -8.18
CA ALA D 461 57.27 -1.80 -7.88
C ALA D 461 56.32 -0.64 -7.58
N GLN D 462 55.10 -0.73 -8.11
CA GLN D 462 54.08 0.32 -8.01
C GLN D 462 53.40 0.35 -6.64
N SER D 463 53.38 -0.80 -5.97
CA SER D 463 52.62 -0.97 -4.74
C SER D 463 53.54 -1.10 -3.54
N PRO D 464 53.27 -0.33 -2.46
CA PRO D 464 54.17 -0.29 -1.31
C PRO D 464 54.17 -1.60 -0.51
N PHE D 465 55.23 -1.79 0.26
CA PHE D 465 55.43 -2.99 1.06
C PHE D 465 56.12 -2.60 2.37
N GLY D 466 55.70 -3.22 3.48
CA GLY D 466 56.28 -2.94 4.77
C GLY D 466 55.42 -3.44 5.90
N GLY D 467 55.92 -3.35 7.13
CA GLY D 467 55.32 -4.02 8.26
C GLY D 467 54.47 -3.21 9.21
N TYR D 468 53.49 -3.89 9.81
CA TYR D 468 52.79 -3.41 10.99
C TYR D 468 53.57 -3.95 12.18
N LYS D 469 53.29 -3.38 13.36
CA LYS D 469 53.88 -3.85 14.61
C LYS D 469 55.40 -4.02 14.50
N MET D 470 55.92 -5.14 14.95
CA MET D 470 57.37 -5.33 15.00
C MET D 470 57.97 -5.92 13.71
N SER D 471 57.19 -5.88 12.63
CA SER D 471 57.69 -6.30 11.32
C SER D 471 58.39 -5.15 10.60
N GLY D 472 58.43 -3.98 11.23
CA GLY D 472 59.13 -2.83 10.69
C GLY D 472 58.33 -1.54 10.75
N SER D 473 58.87 -0.50 10.12
CA SER D 473 58.19 0.80 10.00
C SER D 473 58.59 1.48 8.71
N GLY D 474 57.67 2.26 8.15
CA GLY D 474 57.88 2.86 6.84
C GLY D 474 57.52 1.89 5.74
N ARG D 475 57.43 2.39 4.52
CA ARG D 475 57.05 1.57 3.38
C ARG D 475 58.09 1.69 2.27
N GLU D 476 58.30 0.58 1.56
CA GLU D 476 59.16 0.55 0.39
C GLU D 476 58.32 0.31 -0.84
N LEU D 477 58.89 0.62 -2.01
CA LEU D 477 58.17 0.49 -3.30
C LEU D 477 57.05 1.52 -3.43
N GLY D 478 56.51 1.66 -4.64
CA GLY D 478 55.57 2.72 -4.97
C GLY D 478 56.06 4.14 -4.71
N GLU D 479 55.11 5.07 -4.69
CA GLU D 479 55.36 6.46 -4.36
C GLU D 479 55.81 6.58 -2.89
N TYR D 480 55.24 5.73 -2.05
CA TYR D 480 55.51 5.76 -0.63
C TYR D 480 56.99 5.53 -0.33
N GLY D 481 57.65 4.71 -1.15
CA GLY D 481 59.09 4.46 -1.03
C GLY D 481 59.98 5.69 -1.09
N LEU D 482 59.44 6.80 -1.60
CA LEU D 482 60.17 8.06 -1.71
C LEU D 482 60.11 8.94 -0.44
N GLN D 483 59.12 8.69 0.40
N GLN D 483 59.11 8.69 0.41
CA GLN D 483 58.86 9.51 1.60
CA GLN D 483 58.86 9.50 1.61
C GLN D 483 60.07 9.59 2.53
C GLN D 483 60.07 9.59 2.53
N ALA D 484 60.63 8.43 2.88
CA ALA D 484 61.75 8.37 3.82
C ALA D 484 63.07 8.89 3.21
N TYR D 485 63.09 9.10 1.90
CA TYR D 485 64.27 9.60 1.20
C TYR D 485 64.18 11.09 0.84
N THR D 486 63.14 11.73 1.38
CA THR D 486 62.84 13.13 1.14
C THR D 486 62.91 13.91 2.45
N GLU D 487 63.59 15.05 2.41
CA GLU D 487 63.53 16.03 3.50
C GLU D 487 62.75 17.23 2.97
N VAL D 488 61.75 17.65 3.74
CA VAL D 488 60.81 18.69 3.34
C VAL D 488 61.22 20.03 3.92
N LYS D 489 61.32 21.03 3.06
CA LYS D 489 61.62 22.41 3.46
C LYS D 489 60.47 23.33 3.09
N THR D 490 59.99 24.09 4.07
CA THR D 490 58.97 25.10 3.85
C THR D 490 59.68 26.43 3.61
N VAL D 491 59.27 27.14 2.57
CA VAL D 491 59.76 28.50 2.34
C VAL D 491 58.57 29.43 2.34
N THR D 492 58.56 30.36 3.30
CA THR D 492 57.43 31.28 3.46
C THR D 492 57.94 32.70 3.27
N VAL D 493 57.42 33.34 2.23
CA VAL D 493 57.94 34.59 1.71
C VAL D 493 56.89 35.68 1.89
N LYS D 494 57.29 36.80 2.49
CA LYS D 494 56.41 37.97 2.58
C LYS D 494 56.15 38.52 1.18
N VAL D 495 54.88 38.76 0.88
CA VAL D 495 54.48 39.38 -0.39
C VAL D 495 53.68 40.66 -0.17
N PRO D 496 53.73 41.61 -1.13
CA PRO D 496 52.95 42.85 -0.97
C PRO D 496 51.45 42.65 -0.72
N GLN D 497 50.81 41.76 -1.46
CA GLN D 497 49.37 41.50 -1.24
C GLN D 497 48.95 40.16 -1.81
N LYS D 498 48.62 39.23 -0.93
CA LYS D 498 48.18 37.89 -1.30
C LYS D 498 46.77 37.92 -1.88
N ASN D 499 46.62 37.34 -3.07
CA ASN D 499 45.30 37.12 -3.66
C ASN D 499 45.14 35.66 -4.04
N SER D 500 43.91 35.17 -4.02
CA SER D 500 43.59 33.80 -4.43
C SER D 500 44.08 33.53 -5.86
N ALA E 7 -45.83 -48.62 -12.79
CA ALA E 7 -45.90 -49.16 -14.19
C ALA E 7 -47.24 -48.86 -14.85
N VAL E 8 -47.17 -48.32 -16.07
CA VAL E 8 -48.36 -48.04 -16.87
C VAL E 8 -49.09 -49.34 -17.26
N PRO E 9 -50.36 -49.48 -16.84
CA PRO E 9 -51.19 -50.63 -17.19
C PRO E 9 -51.67 -50.58 -18.64
N ALA E 10 -51.96 -51.74 -19.21
CA ALA E 10 -52.54 -51.83 -20.55
C ALA E 10 -53.86 -51.06 -20.61
N PRO E 11 -54.00 -50.16 -21.60
CA PRO E 11 -55.24 -49.39 -21.74
C PRO E 11 -56.37 -50.18 -22.39
N ASN E 12 -57.59 -49.91 -21.94
CA ASN E 12 -58.76 -50.30 -22.70
C ASN E 12 -58.85 -49.33 -23.87
N GLN E 13 -58.68 -49.86 -25.08
CA GLN E 13 -58.60 -49.02 -26.27
C GLN E 13 -59.97 -48.59 -26.76
N GLN E 14 -61.00 -49.15 -26.13
CA GLN E 14 -62.39 -48.78 -26.39
C GLN E 14 -63.19 -48.66 -25.09
N PRO E 15 -62.87 -47.66 -24.25
CA PRO E 15 -63.52 -47.53 -22.94
C PRO E 15 -65.02 -47.20 -23.05
N GLU E 16 -65.82 -47.80 -22.17
CA GLU E 16 -67.26 -47.58 -22.16
C GLU E 16 -67.59 -46.17 -21.67
N VAL E 17 -68.53 -45.52 -22.36
CA VAL E 17 -69.03 -44.21 -21.92
C VAL E 17 -70.23 -44.40 -20.99
N PHE E 18 -70.08 -43.96 -19.74
CA PHE E 18 -71.14 -44.06 -18.73
C PHE E 18 -71.91 -42.76 -18.53
N CYS E 19 -71.29 -41.63 -18.88
CA CYS E 19 -71.85 -40.32 -18.60
C CYS E 19 -71.81 -39.41 -19.84
N ASN E 20 -72.98 -38.95 -20.25
CA ASN E 20 -73.10 -38.14 -21.48
C ASN E 20 -74.22 -37.11 -21.40
N GLN E 21 -74.60 -36.75 -20.18
CA GLN E 21 -75.73 -35.87 -19.97
C GLN E 21 -75.33 -34.61 -19.20
N ILE E 22 -76.30 -33.78 -18.85
CA ILE E 22 -76.08 -32.62 -17.99
C ILE E 22 -76.13 -33.01 -16.51
N PHE E 23 -75.15 -32.56 -15.74
CA PHE E 23 -75.04 -32.87 -14.31
C PHE E 23 -75.52 -31.69 -13.48
N ILE E 24 -76.68 -31.85 -12.85
CA ILE E 24 -77.27 -30.82 -11.98
C ILE E 24 -77.83 -31.51 -10.74
N ASN E 25 -77.50 -30.98 -9.56
CA ASN E 25 -77.93 -31.55 -8.27
C ASN E 25 -77.57 -33.02 -8.08
N ASN E 26 -76.37 -33.38 -8.53
CA ASN E 26 -75.87 -34.76 -8.48
C ASN E 26 -76.74 -35.76 -9.28
N GLU E 27 -77.57 -35.22 -10.17
CA GLU E 27 -78.41 -36.05 -11.06
C GLU E 27 -78.07 -35.80 -12.53
N TRP E 28 -78.38 -36.79 -13.37
CA TRP E 28 -78.16 -36.68 -14.81
C TRP E 28 -79.42 -36.27 -15.57
N HIS E 29 -79.28 -35.21 -16.38
CA HIS E 29 -80.39 -34.59 -17.09
C HIS E 29 -80.14 -34.51 -18.59
N ASP E 30 -81.17 -34.79 -19.38
CA ASP E 30 -81.16 -34.47 -20.80
C ASP E 30 -81.28 -32.96 -20.91
N ALA E 31 -80.82 -32.39 -22.04
CA ALA E 31 -81.09 -30.99 -22.33
C ALA E 31 -82.60 -30.77 -22.38
N VAL E 32 -83.06 -29.61 -21.93
CA VAL E 32 -84.48 -29.23 -22.02
C VAL E 32 -85.00 -29.45 -23.43
N SER E 33 -84.19 -29.09 -24.42
CA SER E 33 -84.53 -29.21 -25.83
C SER E 33 -84.50 -30.66 -26.36
N ARG E 34 -83.91 -31.55 -25.56
CA ARG E 34 -83.64 -32.94 -25.97
C ARG E 34 -82.62 -33.07 -27.11
N LYS E 35 -81.98 -31.96 -27.48
CA LYS E 35 -80.90 -32.00 -28.46
C LYS E 35 -79.64 -32.69 -27.90
N THR E 36 -78.88 -33.31 -28.79
CA THR E 36 -77.58 -33.88 -28.45
C THR E 36 -76.56 -33.47 -29.52
N PHE E 37 -75.28 -33.52 -29.17
CA PHE E 37 -74.22 -33.27 -30.14
C PHE E 37 -73.24 -34.45 -30.12
N PRO E 38 -72.64 -34.76 -31.29
CA PRO E 38 -71.64 -35.82 -31.32
C PRO E 38 -70.27 -35.36 -30.82
N THR E 39 -69.58 -36.24 -30.10
CA THR E 39 -68.15 -36.07 -29.86
C THR E 39 -67.38 -37.15 -30.64
N VAL E 40 -66.26 -36.74 -31.21
CA VAL E 40 -65.53 -37.51 -32.20
C VAL E 40 -64.22 -38.03 -31.60
N ASN E 41 -63.83 -39.25 -31.98
CA ASN E 41 -62.49 -39.76 -31.73
C ASN E 41 -61.56 -39.19 -32.80
N PRO E 42 -60.64 -38.28 -32.41
CA PRO E 42 -59.75 -37.62 -33.38
C PRO E 42 -58.75 -38.55 -34.09
N SER E 43 -58.49 -39.72 -33.50
CA SER E 43 -57.60 -40.71 -34.12
C SER E 43 -58.21 -41.39 -35.33
N THR E 44 -59.54 -41.47 -35.36
CA THR E 44 -60.28 -42.21 -36.39
C THR E 44 -61.24 -41.29 -37.15
N GLY E 45 -61.55 -40.14 -36.56
CA GLY E 45 -62.52 -39.21 -37.15
C GLY E 45 -63.94 -39.72 -37.00
N GLU E 46 -64.15 -40.66 -36.08
CA GLU E 46 -65.43 -41.32 -35.90
C GLU E 46 -66.09 -40.93 -34.57
N VAL E 47 -67.42 -40.81 -34.60
CA VAL E 47 -68.21 -40.42 -33.44
C VAL E 47 -68.12 -41.47 -32.33
N ILE E 48 -67.79 -41.01 -31.13
CA ILE E 48 -67.74 -41.86 -29.94
C ILE E 48 -69.17 -42.12 -29.43
N CYS E 49 -69.92 -41.04 -29.24
CA CYS E 49 -71.30 -41.08 -28.72
C CYS E 49 -71.95 -39.68 -28.83
N GLN E 50 -73.25 -39.62 -28.56
CA GLN E 50 -73.96 -38.35 -28.42
C GLN E 50 -73.80 -37.82 -26.99
N VAL E 51 -73.93 -36.50 -26.85
CA VAL E 51 -73.83 -35.81 -25.55
C VAL E 51 -74.90 -34.71 -25.50
N ALA E 52 -75.60 -34.62 -24.37
CA ALA E 52 -76.66 -33.62 -24.19
C ALA E 52 -76.19 -32.19 -24.50
N GLU E 53 -76.85 -31.54 -25.46
CA GLU E 53 -76.51 -30.18 -25.85
C GLU E 53 -77.20 -29.12 -24.98
N GLY E 54 -76.51 -28.72 -23.90
CA GLY E 54 -77.03 -27.70 -22.99
C GLY E 54 -77.06 -26.32 -23.60
N ASP E 55 -78.05 -25.53 -23.21
CA ASP E 55 -78.24 -24.16 -23.70
C ASP E 55 -78.66 -23.30 -22.50
N LYS E 56 -79.11 -22.07 -22.77
CA LYS E 56 -79.46 -21.12 -21.70
C LYS E 56 -80.37 -21.72 -20.63
N GLU E 57 -81.40 -22.46 -21.06
CA GLU E 57 -82.36 -23.04 -20.14
C GLU E 57 -81.77 -24.08 -19.20
N ASP E 58 -80.76 -24.80 -19.67
CA ASP E 58 -80.06 -25.79 -18.87
C ASP E 58 -79.09 -25.11 -17.90
N VAL E 59 -78.45 -24.04 -18.37
CA VAL E 59 -77.59 -23.21 -17.54
C VAL E 59 -78.41 -22.58 -16.40
N ASP E 60 -79.60 -22.09 -16.75
CA ASP E 60 -80.54 -21.52 -15.78
C ASP E 60 -80.82 -22.48 -14.63
N LYS E 61 -81.17 -23.72 -14.97
CA LYS E 61 -81.37 -24.77 -13.98
C LYS E 61 -80.13 -24.99 -13.13
N ALA E 62 -78.97 -25.07 -13.78
CA ALA E 62 -77.71 -25.33 -13.10
C ALA E 62 -77.37 -24.23 -12.10
N VAL E 63 -77.58 -22.98 -12.50
CA VAL E 63 -77.33 -21.82 -11.64
C VAL E 63 -78.27 -21.81 -10.43
N LYS E 64 -79.54 -22.17 -10.64
CA LYS E 64 -80.49 -22.24 -9.54
C LYS E 64 -80.09 -23.28 -8.51
N ALA E 65 -79.58 -24.43 -8.97
CA ALA E 65 -79.12 -25.50 -8.10
C ALA E 65 -77.90 -25.07 -7.29
N ALA E 66 -76.98 -24.37 -7.95
CA ALA E 66 -75.78 -23.83 -7.30
C ALA E 66 -76.13 -22.76 -6.26
N ARG E 67 -77.00 -21.81 -6.65
CA ARG E 67 -77.45 -20.79 -5.73
C ARG E 67 -78.12 -21.40 -4.49
N ALA E 68 -78.96 -22.41 -4.68
CA ALA E 68 -79.58 -23.08 -3.54
C ALA E 68 -78.54 -23.72 -2.62
N ALA E 69 -77.56 -24.40 -3.22
CA ALA E 69 -76.51 -25.08 -2.47
C ALA E 69 -75.64 -24.09 -1.68
N PHE E 70 -75.64 -22.83 -2.10
CA PHE E 70 -74.80 -21.79 -1.49
C PHE E 70 -75.54 -20.98 -0.42
N GLN E 71 -76.82 -21.28 -0.21
CA GLN E 71 -77.61 -20.56 0.79
C GLN E 71 -77.02 -20.72 2.19
N LEU E 72 -77.06 -19.64 2.97
CA LEU E 72 -76.64 -19.68 4.35
C LEU E 72 -77.37 -20.79 5.10
N GLY E 73 -76.61 -21.60 5.85
CA GLY E 73 -77.19 -22.71 6.59
C GLY E 73 -77.31 -24.00 5.81
N SER E 74 -76.87 -24.01 4.55
CA SER E 74 -76.86 -25.22 3.74
C SER E 74 -75.77 -26.19 4.21
N PRO E 75 -75.86 -27.47 3.83
CA PRO E 75 -74.76 -28.36 4.20
C PRO E 75 -73.37 -27.88 3.73
N TRP E 76 -73.31 -27.28 2.55
CA TRP E 76 -72.03 -26.84 1.99
C TRP E 76 -71.49 -25.60 2.67
N ARG E 77 -72.37 -24.69 3.10
CA ARG E 77 -71.93 -23.49 3.79
C ARG E 77 -71.48 -23.77 5.24
N ARG E 78 -72.17 -24.73 5.89
CA ARG E 78 -71.93 -25.08 7.29
C ARG E 78 -70.79 -26.08 7.48
N MET E 79 -70.55 -26.89 6.44
CA MET E 79 -69.47 -27.85 6.46
C MET E 79 -68.16 -27.22 6.94
N ASP E 80 -67.45 -27.91 7.83
CA ASP E 80 -66.13 -27.49 8.28
C ASP E 80 -65.21 -27.33 7.06
N ALA E 81 -64.40 -26.27 7.07
CA ALA E 81 -63.39 -26.06 6.04
C ALA E 81 -62.49 -27.29 5.90
N SER E 82 -62.07 -27.87 7.03
CA SER E 82 -61.28 -29.09 7.01
C SER E 82 -61.97 -30.25 6.28
N HIS E 83 -63.30 -30.31 6.35
CA HIS E 83 -64.07 -31.37 5.69
C HIS E 83 -64.21 -31.16 4.16
N ARG E 84 -64.18 -29.91 3.72
CA ARG E 84 -64.07 -29.63 2.28
C ARG E 84 -62.77 -30.23 1.78
N GLY E 85 -61.72 -30.10 2.59
CA GLY E 85 -60.43 -30.73 2.35
C GLY E 85 -60.51 -32.25 2.25
N ARG E 86 -61.24 -32.87 3.17
CA ARG E 86 -61.46 -34.32 3.16
C ARG E 86 -62.15 -34.77 1.86
N LEU E 87 -63.17 -34.05 1.45
CA LEU E 87 -63.89 -34.36 0.21
C LEU E 87 -63.03 -34.28 -1.05
N LEU E 88 -62.18 -33.26 -1.14
CA LEU E 88 -61.26 -33.11 -2.27
C LEU E 88 -60.25 -34.25 -2.29
N ASN E 89 -59.81 -34.66 -1.10
CA ASN E 89 -58.93 -35.84 -0.96
C ASN E 89 -59.61 -37.14 -1.36
N ARG E 90 -60.85 -37.31 -0.94
CA ARG E 90 -61.66 -38.45 -1.33
C ARG E 90 -61.85 -38.49 -2.84
N LEU E 91 -62.20 -37.33 -3.42
CA LEU E 91 -62.33 -37.19 -4.87
C LEU E 91 -61.04 -37.60 -5.58
N ALA E 92 -59.90 -37.20 -5.02
CA ALA E 92 -58.61 -37.56 -5.60
C ALA E 92 -58.39 -39.08 -5.52
N ASP E 93 -58.76 -39.69 -4.39
CA ASP E 93 -58.67 -41.15 -4.23
C ASP E 93 -59.53 -41.89 -5.25
N LEU E 94 -60.73 -41.36 -5.52
CA LEU E 94 -61.65 -41.98 -6.48
C LEU E 94 -61.13 -41.90 -7.90
N ILE E 95 -60.53 -40.76 -8.24
CA ILE E 95 -59.92 -40.56 -9.56
C ILE E 95 -58.71 -41.47 -9.70
N GLU E 96 -57.98 -41.66 -8.61
CA GLU E 96 -56.85 -42.60 -8.61
C GLU E 96 -57.32 -44.04 -8.82
N ARG E 97 -58.40 -44.44 -8.14
CA ARG E 97 -59.01 -45.76 -8.33
C ARG E 97 -59.35 -45.99 -9.80
N ASP E 98 -59.90 -44.95 -10.44
CA ASP E 98 -60.32 -45.03 -11.85
C ASP E 98 -59.33 -44.43 -12.82
N ARG E 99 -58.06 -44.37 -12.42
CA ARG E 99 -56.99 -43.73 -13.21
C ARG E 99 -56.80 -44.33 -14.60
N THR E 100 -56.69 -45.66 -14.66
CA THR E 100 -56.48 -46.39 -15.91
C THR E 100 -57.64 -46.13 -16.90
N TYR E 101 -58.87 -46.24 -16.39
CA TYR E 101 -60.06 -45.94 -17.18
C TYR E 101 -60.08 -44.48 -17.67
N LEU E 102 -59.77 -43.55 -16.77
CA LEU E 102 -59.84 -42.12 -17.09
C LEU E 102 -58.80 -41.68 -18.11
N ALA E 103 -57.59 -42.23 -18.00
CA ALA E 103 -56.51 -41.94 -18.93
C ALA E 103 -56.84 -42.42 -20.35
N ALA E 104 -57.49 -43.58 -20.46
CA ALA E 104 -57.91 -44.11 -21.76
C ALA E 104 -59.06 -43.32 -22.36
N LEU E 105 -60.05 -42.95 -21.55
CA LEU E 105 -61.17 -42.15 -22.02
C LEU E 105 -60.69 -40.77 -22.50
N GLU E 106 -59.78 -40.17 -21.73
CA GLU E 106 -59.19 -38.88 -22.09
C GLU E 106 -58.54 -38.97 -23.48
N THR E 107 -57.73 -40.01 -23.66
CA THR E 107 -57.06 -40.29 -24.93
C THR E 107 -58.02 -40.49 -26.10
N LEU E 108 -59.12 -41.20 -25.83
CA LEU E 108 -60.10 -41.48 -26.87
C LEU E 108 -60.79 -40.20 -27.32
N ASP E 109 -61.11 -39.34 -26.36
CA ASP E 109 -61.83 -38.10 -26.65
C ASP E 109 -60.94 -36.95 -27.14
N ASN E 110 -59.69 -36.91 -26.65
CA ASN E 110 -58.77 -35.80 -26.94
C ASN E 110 -57.72 -36.11 -28.02
N GLY E 111 -57.18 -37.33 -28.01
CA GLY E 111 -56.16 -37.73 -28.98
C GLY E 111 -54.77 -37.96 -28.43
N LYS E 112 -54.48 -37.43 -27.24
CA LYS E 112 -53.13 -37.49 -26.68
C LYS E 112 -52.72 -38.93 -26.30
N PRO E 113 -51.42 -39.26 -26.42
CA PRO E 113 -50.97 -40.62 -26.10
C PRO E 113 -51.42 -41.04 -24.71
N TYR E 114 -51.89 -42.27 -24.60
CA TYR E 114 -52.39 -42.83 -23.35
C TYR E 114 -51.34 -42.82 -22.24
N VAL E 115 -50.09 -43.10 -22.59
CA VAL E 115 -48.98 -43.07 -21.62
C VAL E 115 -48.84 -41.67 -21.00
N ILE E 116 -49.05 -40.64 -21.80
CA ILE E 116 -49.03 -39.27 -21.32
C ILE E 116 -50.26 -38.97 -20.47
N SER E 117 -51.45 -39.29 -20.98
CA SER E 117 -52.69 -39.21 -20.19
C SER E 117 -52.52 -39.81 -18.80
N TYR E 118 -51.97 -41.02 -18.75
CA TYR E 118 -51.77 -41.76 -17.50
C TYR E 118 -50.69 -41.16 -16.60
N LEU E 119 -49.48 -40.99 -17.15
CA LEU E 119 -48.33 -40.56 -16.35
C LEU E 119 -48.25 -39.06 -16.13
N VAL E 120 -48.81 -38.28 -17.05
CA VAL E 120 -48.74 -36.83 -16.92
C VAL E 120 -50.07 -36.23 -16.46
N ASP E 121 -51.09 -36.28 -17.32
CA ASP E 121 -52.36 -35.60 -17.04
C ASP E 121 -53.01 -36.02 -15.73
N LEU E 122 -53.18 -37.33 -15.56
CA LEU E 122 -53.84 -37.87 -14.37
C LEU E 122 -53.01 -37.65 -13.11
N ASP E 123 -51.69 -37.70 -13.23
CA ASP E 123 -50.79 -37.42 -12.12
C ASP E 123 -50.97 -35.97 -11.63
N MET E 124 -50.97 -35.04 -12.59
N MET E 124 -50.98 -35.03 -12.58
CA MET E 124 -51.11 -33.61 -12.32
CA MET E 124 -51.10 -33.62 -12.24
C MET E 124 -52.49 -33.29 -11.75
C MET E 124 -52.51 -33.24 -11.78
N VAL E 125 -53.50 -34.00 -12.22
CA VAL E 125 -54.87 -33.89 -11.70
C VAL E 125 -54.87 -34.20 -10.20
N LEU E 126 -54.30 -35.35 -9.84
CA LEU E 126 -54.29 -35.82 -8.46
C LEU E 126 -53.50 -34.88 -7.57
N LYS E 127 -52.36 -34.42 -8.07
CA LYS E 127 -51.51 -33.50 -7.33
C LYS E 127 -52.16 -32.15 -7.12
N CYS E 128 -52.94 -31.70 -8.10
CA CYS E 128 -53.67 -30.44 -8.01
C CYS E 128 -54.78 -30.50 -6.95
N LEU E 129 -55.61 -31.54 -7.02
CA LEU E 129 -56.70 -31.71 -6.06
C LEU E 129 -56.23 -31.91 -4.63
N ARG E 130 -55.19 -32.72 -4.47
CA ARG E 130 -54.62 -32.95 -3.15
C ARG E 130 -53.91 -31.70 -2.61
N TYR E 131 -53.27 -30.92 -3.49
CA TYR E 131 -52.67 -29.64 -3.08
C TYR E 131 -53.73 -28.72 -2.50
N TYR E 132 -54.80 -28.49 -3.25
CA TYR E 132 -55.87 -27.59 -2.81
C TYR E 132 -56.70 -28.12 -1.65
N ALA E 133 -56.78 -29.44 -1.51
CA ALA E 133 -57.38 -30.05 -0.32
C ALA E 133 -56.72 -29.51 0.95
N GLY E 134 -55.39 -29.38 0.89
CA GLY E 134 -54.63 -28.81 2.00
C GLY E 134 -54.87 -27.35 2.29
N TRP E 135 -55.36 -26.59 1.30
CA TRP E 135 -55.61 -25.14 1.44
C TRP E 135 -56.95 -24.82 2.09
N ALA E 136 -57.86 -25.79 2.11
CA ALA E 136 -59.26 -25.61 2.51
C ALA E 136 -59.43 -24.83 3.81
N ASP E 137 -58.64 -25.19 4.82
CA ASP E 137 -58.75 -24.62 6.15
C ASP E 137 -57.52 -23.79 6.56
N LYS E 138 -56.87 -23.16 5.57
CA LYS E 138 -55.63 -22.42 5.83
C LYS E 138 -55.55 -21.01 5.24
N TYR E 139 -56.52 -20.63 4.42
CA TYR E 139 -56.53 -19.31 3.78
C TYR E 139 -57.14 -18.26 4.71
N HIS E 140 -56.36 -17.86 5.72
CA HIS E 140 -56.80 -17.00 6.82
C HIS E 140 -57.14 -15.59 6.41
N GLY E 141 -58.19 -15.04 7.02
CA GLY E 141 -58.39 -13.59 7.01
C GLY E 141 -57.40 -12.95 7.96
N LYS E 142 -57.63 -11.69 8.31
CA LYS E 142 -56.69 -10.94 9.13
C LYS E 142 -57.38 -10.27 10.31
N THR E 143 -56.62 -10.03 11.38
CA THR E 143 -57.03 -9.09 12.42
C THR E 143 -56.13 -7.88 12.25
N ILE E 144 -56.71 -6.69 12.37
CA ILE E 144 -56.08 -5.48 11.85
C ILE E 144 -56.04 -4.36 12.90
N PRO E 145 -54.84 -3.80 13.15
CA PRO E 145 -54.66 -2.71 14.14
C PRO E 145 -55.06 -1.32 13.61
N ILE E 146 -56.35 -1.15 13.33
CA ILE E 146 -56.94 0.09 12.86
C ILE E 146 -56.84 1.20 13.93
N ASP E 147 -56.85 2.47 13.50
CA ASP E 147 -56.91 3.60 14.45
C ASP E 147 -58.22 3.57 15.24
N GLY E 148 -58.22 4.15 16.43
CA GLY E 148 -59.46 4.32 17.20
C GLY E 148 -59.80 3.14 18.09
N ASP E 149 -60.87 3.29 18.86
CA ASP E 149 -61.34 2.22 19.73
C ASP E 149 -62.19 1.21 18.97
N PHE E 150 -61.52 0.38 18.17
CA PHE E 150 -62.17 -0.57 17.31
C PHE E 150 -61.41 -1.88 17.23
N PHE E 151 -62.17 -2.94 16.95
CA PHE E 151 -61.63 -4.25 16.62
C PHE E 151 -62.02 -4.49 15.16
N SER E 152 -61.02 -4.63 14.29
CA SER E 152 -61.27 -4.81 12.87
C SER E 152 -60.63 -6.08 12.37
N TYR E 153 -61.41 -6.85 11.63
CA TYR E 153 -60.91 -8.08 11.03
C TYR E 153 -61.54 -8.30 9.67
N THR E 154 -61.01 -9.27 8.93
CA THR E 154 -61.60 -9.63 7.67
C THR E 154 -61.97 -11.10 7.65
N ARG E 155 -63.11 -11.40 7.03
CA ARG E 155 -63.51 -12.77 6.76
C ARG E 155 -63.17 -13.03 5.31
N HIS E 156 -62.53 -14.16 5.06
CA HIS E 156 -62.33 -14.60 3.69
C HIS E 156 -63.49 -15.50 3.36
N GLU E 157 -64.43 -14.98 2.57
CA GLU E 157 -65.66 -15.70 2.24
C GLU E 157 -65.60 -16.22 0.80
N PRO E 158 -66.46 -17.20 0.47
CA PRO E 158 -66.47 -17.63 -0.93
C PRO E 158 -67.10 -16.55 -1.80
N VAL E 159 -66.65 -16.45 -3.05
CA VAL E 159 -67.20 -15.47 -3.97
C VAL E 159 -68.66 -15.83 -4.34
N GLY E 160 -68.97 -17.12 -4.44
CA GLY E 160 -70.36 -17.53 -4.65
C GLY E 160 -70.57 -18.52 -5.79
N VAL E 161 -71.48 -18.20 -6.69
CA VAL E 161 -71.70 -19.06 -7.86
C VAL E 161 -70.63 -18.78 -8.93
N CYS E 162 -69.81 -19.79 -9.20
CA CYS E 162 -68.68 -19.65 -10.11
C CYS E 162 -68.89 -20.36 -11.43
N GLY E 163 -68.93 -19.56 -12.50
CA GLY E 163 -69.00 -20.10 -13.85
C GLY E 163 -67.59 -20.43 -14.31
N GLN E 164 -67.41 -21.63 -14.85
CA GLN E 164 -66.08 -22.08 -15.26
C GLN E 164 -66.15 -22.68 -16.66
N ILE E 165 -65.56 -21.97 -17.61
CA ILE E 165 -65.62 -22.33 -19.01
C ILE E 165 -64.22 -22.75 -19.43
N ILE E 166 -64.08 -24.03 -19.79
CA ILE E 166 -62.75 -24.62 -19.96
C ILE E 166 -62.53 -25.17 -21.36
N PRO E 167 -61.27 -25.17 -21.84
CA PRO E 167 -60.97 -25.64 -23.19
C PRO E 167 -60.72 -27.14 -23.24
N TRP E 168 -60.24 -27.62 -24.39
CA TRP E 168 -60.17 -29.03 -24.71
C TRP E 168 -58.77 -29.67 -24.68
N ASN E 169 -57.71 -28.87 -24.46
CA ASN E 169 -56.35 -29.39 -24.61
C ASN E 169 -55.86 -30.24 -23.45
N PHE E 170 -56.38 -29.97 -22.26
CA PHE E 170 -56.12 -30.76 -21.07
C PHE E 170 -57.45 -30.89 -20.33
N PRO E 171 -58.38 -31.71 -20.87
CA PRO E 171 -59.76 -31.73 -20.36
C PRO E 171 -59.86 -31.98 -18.86
N LEU E 172 -59.26 -33.07 -18.39
CA LEU E 172 -59.28 -33.38 -16.96
C LEU E 172 -58.46 -32.41 -16.12
N LEU E 173 -57.30 -32.02 -16.64
CA LEU E 173 -56.41 -31.14 -15.89
C LEU E 173 -57.02 -29.75 -15.67
N MET E 174 -57.61 -29.19 -16.74
CA MET E 174 -58.28 -27.89 -16.64
C MET E 174 -59.42 -27.95 -15.64
N GLN E 175 -60.17 -29.06 -15.65
CA GLN E 175 -61.25 -29.25 -14.71
C GLN E 175 -60.75 -29.21 -13.26
N ALA E 176 -59.63 -29.88 -13.01
CA ALA E 176 -59.01 -29.88 -11.68
C ALA E 176 -58.49 -28.50 -11.29
N TRP E 177 -57.82 -27.83 -12.25
CA TRP E 177 -57.28 -26.48 -11.99
C TRP E 177 -58.38 -25.53 -11.53
N LYS E 178 -59.58 -25.70 -12.09
CA LYS E 178 -60.72 -24.85 -11.78
C LYS E 178 -61.45 -25.30 -10.51
N LEU E 179 -61.69 -26.60 -10.38
CA LEU E 179 -62.44 -27.14 -9.23
C LEU E 179 -61.67 -27.06 -7.91
N GLY E 180 -60.41 -27.45 -7.94
CA GLY E 180 -59.56 -27.42 -6.75
C GLY E 180 -59.70 -26.17 -5.90
N PRO E 181 -59.33 -25.00 -6.45
CA PRO E 181 -59.39 -23.74 -5.68
C PRO E 181 -60.81 -23.23 -5.37
N ALA E 182 -61.74 -23.44 -6.30
CA ALA E 182 -63.11 -23.03 -6.11
C ALA E 182 -63.74 -23.76 -4.93
N LEU E 183 -63.55 -25.06 -4.88
CA LEU E 183 -64.15 -25.89 -3.84
C LEU E 183 -63.45 -25.81 -2.49
N ALA E 184 -62.13 -25.63 -2.50
CA ALA E 184 -61.37 -25.48 -1.25
C ALA E 184 -61.78 -24.21 -0.47
N THR E 185 -62.27 -23.21 -1.20
CA THR E 185 -62.74 -21.96 -0.61
C THR E 185 -64.26 -21.91 -0.39
N GLY E 186 -64.95 -23.01 -0.72
CA GLY E 186 -66.36 -23.17 -0.37
C GLY E 186 -67.35 -22.57 -1.35
N ASN E 187 -66.90 -22.35 -2.60
CA ASN E 187 -67.75 -21.86 -3.67
C ASN E 187 -68.59 -22.98 -4.27
N VAL E 188 -69.53 -22.62 -5.14
CA VAL E 188 -70.27 -23.59 -5.93
C VAL E 188 -70.05 -23.28 -7.41
N VAL E 189 -70.19 -24.32 -8.24
CA VAL E 189 -69.67 -24.28 -9.60
C VAL E 189 -70.70 -24.68 -10.65
N VAL E 190 -70.82 -23.85 -11.69
CA VAL E 190 -71.45 -24.25 -12.94
C VAL E 190 -70.36 -24.28 -14.02
N MET E 191 -70.04 -25.50 -14.48
CA MET E 191 -68.91 -25.71 -15.37
C MET E 191 -69.38 -26.03 -16.79
N LYS E 192 -68.83 -25.30 -17.75
CA LYS E 192 -69.11 -25.58 -19.15
C LYS E 192 -67.87 -26.19 -19.77
N VAL E 193 -67.93 -27.49 -20.06
CA VAL E 193 -66.80 -28.18 -20.67
C VAL E 193 -66.81 -27.98 -22.18
N ALA E 194 -65.66 -28.20 -22.82
CA ALA E 194 -65.50 -28.00 -24.27
C ALA E 194 -66.19 -29.10 -25.09
N GLU E 195 -66.87 -28.70 -26.16
CA GLU E 195 -67.68 -29.61 -26.97
C GLU E 195 -66.84 -30.72 -27.57
N GLN E 196 -65.57 -30.41 -27.85
CA GLN E 196 -64.60 -31.37 -28.34
C GLN E 196 -64.29 -32.48 -27.33
N THR E 197 -64.32 -32.15 -26.03
CA THR E 197 -63.86 -33.08 -25.00
C THR E 197 -64.75 -33.04 -23.75
N PRO E 198 -66.03 -33.45 -23.87
CA PRO E 198 -66.91 -33.39 -22.71
C PRO E 198 -66.82 -34.59 -21.77
N LEU E 199 -66.35 -35.72 -22.29
CA LEU E 199 -66.61 -37.01 -21.65
C LEU E 199 -65.98 -37.24 -20.28
N THR E 200 -64.67 -37.01 -20.15
CA THR E 200 -63.99 -37.29 -18.87
C THR E 200 -64.47 -36.44 -17.69
N ALA E 201 -64.76 -35.17 -17.94
CA ALA E 201 -65.25 -34.26 -16.89
C ALA E 201 -66.62 -34.69 -16.38
N LEU E 202 -67.44 -35.20 -17.30
CA LEU E 202 -68.74 -35.74 -16.96
C LEU E 202 -68.63 -36.97 -16.07
N TYR E 203 -67.68 -37.86 -16.38
CA TYR E 203 -67.43 -39.00 -15.52
C TYR E 203 -66.93 -38.57 -14.13
N VAL E 204 -66.08 -37.54 -14.09
CA VAL E 204 -65.60 -37.01 -12.81
C VAL E 204 -66.75 -36.50 -11.95
N ALA E 205 -67.79 -35.97 -12.61
CA ALA E 205 -69.01 -35.57 -11.93
C ALA E 205 -69.64 -36.72 -11.14
N ASN E 206 -69.58 -37.93 -11.69
CA ASN E 206 -70.05 -39.13 -10.98
C ASN E 206 -69.19 -39.41 -9.74
N LEU E 207 -67.89 -39.15 -9.87
CA LEU E 207 -66.97 -39.30 -8.74
C LEU E 207 -67.18 -38.21 -7.69
N ILE E 208 -67.64 -37.04 -8.13
CA ILE E 208 -67.95 -35.92 -7.23
C ILE E 208 -69.17 -36.28 -6.38
N LYS E 209 -70.18 -36.87 -7.01
CA LYS E 209 -71.34 -37.41 -6.32
C LYS E 209 -70.92 -38.51 -5.34
N GLU E 210 -70.10 -39.45 -5.83
CA GLU E 210 -69.60 -40.57 -5.01
C GLU E 210 -68.75 -40.12 -3.81
N ALA E 211 -68.00 -39.02 -3.97
CA ALA E 211 -67.13 -38.51 -2.92
C ALA E 211 -67.90 -37.92 -1.74
N GLY E 212 -69.15 -37.54 -1.98
CA GLY E 212 -70.01 -37.00 -0.93
C GLY E 212 -70.27 -35.50 -0.98
N PHE E 213 -69.88 -34.84 -2.08
CA PHE E 213 -70.21 -33.43 -2.27
C PHE E 213 -71.72 -33.27 -2.35
N PRO E 214 -72.28 -32.30 -1.58
CA PRO E 214 -73.70 -32.00 -1.57
C PRO E 214 -74.19 -31.65 -2.98
N PRO E 215 -75.47 -31.99 -3.29
CA PRO E 215 -76.06 -31.65 -4.58
C PRO E 215 -76.03 -30.14 -4.83
N GLY E 216 -75.72 -29.77 -6.08
CA GLY E 216 -75.67 -28.36 -6.49
C GLY E 216 -74.31 -27.69 -6.36
N VAL E 217 -73.40 -28.31 -5.60
CA VAL E 217 -72.06 -27.74 -5.38
C VAL E 217 -71.22 -27.72 -6.66
N VAL E 218 -71.29 -28.80 -7.43
CA VAL E 218 -70.70 -28.83 -8.77
C VAL E 218 -71.78 -29.23 -9.77
N ASN E 219 -72.00 -28.37 -10.75
CA ASN E 219 -72.90 -28.63 -11.86
C ASN E 219 -72.12 -28.46 -13.15
N ILE E 220 -72.31 -29.41 -14.08
CA ILE E 220 -71.59 -29.40 -15.35
C ILE E 220 -72.58 -29.42 -16.52
N VAL E 221 -72.45 -28.43 -17.39
CA VAL E 221 -73.30 -28.30 -18.56
C VAL E 221 -72.46 -28.46 -19.82
N PRO E 222 -72.50 -29.66 -20.44
CA PRO E 222 -71.93 -29.77 -21.77
C PRO E 222 -72.79 -29.00 -22.77
N GLY E 223 -72.14 -28.48 -23.82
CA GLY E 223 -72.82 -27.73 -24.86
C GLY E 223 -71.83 -26.90 -25.65
N PHE E 224 -72.35 -25.97 -26.44
CA PHE E 224 -71.49 -25.11 -27.25
C PHE E 224 -71.17 -23.79 -26.54
N GLY E 225 -70.27 -23.01 -27.13
CA GLY E 225 -69.83 -21.76 -26.53
C GLY E 225 -70.81 -20.60 -26.59
N PRO E 226 -71.23 -20.20 -27.81
CA PRO E 226 -72.15 -19.06 -27.94
C PRO E 226 -73.52 -19.33 -27.32
N THR E 227 -73.77 -20.58 -26.96
CA THR E 227 -75.01 -20.94 -26.28
C THR E 227 -74.77 -21.11 -24.78
N ALA E 228 -74.26 -22.28 -24.38
CA ALA E 228 -74.07 -22.58 -22.95
C ALA E 228 -73.06 -21.67 -22.25
N GLY E 229 -71.89 -21.47 -22.88
CA GLY E 229 -70.86 -20.58 -22.36
C GLY E 229 -71.34 -19.16 -22.21
N ALA E 230 -71.93 -18.60 -23.26
CA ALA E 230 -72.40 -17.21 -23.22
C ALA E 230 -73.53 -16.99 -22.22
N ALA E 231 -74.36 -18.01 -22.03
CA ALA E 231 -75.40 -17.99 -21.01
C ALA E 231 -74.80 -17.85 -19.60
N ILE E 232 -73.71 -18.54 -19.34
CA ILE E 232 -72.99 -18.42 -18.07
C ILE E 232 -72.39 -17.03 -17.90
N ALA E 233 -71.70 -16.55 -18.95
CA ALA E 233 -71.01 -15.27 -18.91
C ALA E 233 -71.97 -14.09 -18.73
N SER E 234 -73.18 -14.21 -19.29
CA SER E 234 -74.17 -13.14 -19.21
C SER E 234 -75.21 -13.32 -18.09
N HIS E 235 -75.06 -14.37 -17.29
CA HIS E 235 -76.09 -14.71 -16.29
C HIS E 235 -76.14 -13.67 -15.17
N GLU E 236 -77.36 -13.29 -14.78
CA GLU E 236 -77.54 -12.26 -13.74
C GLU E 236 -77.24 -12.75 -12.31
N ASP E 237 -77.15 -14.06 -12.11
CA ASP E 237 -76.91 -14.61 -10.79
C ASP E 237 -75.60 -15.41 -10.66
N VAL E 238 -74.72 -15.30 -11.66
CA VAL E 238 -73.39 -15.88 -11.56
C VAL E 238 -72.46 -14.78 -11.06
N ASP E 239 -71.76 -15.05 -9.95
CA ASP E 239 -70.94 -14.03 -9.27
C ASP E 239 -69.57 -13.84 -9.87
N LYS E 240 -69.04 -14.91 -10.45
CA LYS E 240 -67.67 -14.95 -10.94
C LYS E 240 -67.59 -15.88 -12.12
N VAL E 241 -66.81 -15.49 -13.10
CA VAL E 241 -66.54 -16.34 -14.25
C VAL E 241 -65.04 -16.50 -14.47
N ALA E 242 -64.61 -17.74 -14.66
CA ALA E 242 -63.26 -18.04 -15.10
C ALA E 242 -63.35 -18.66 -16.48
N PHE E 243 -62.56 -18.13 -17.40
CA PHE E 243 -62.55 -18.62 -18.77
C PHE E 243 -61.15 -18.99 -19.23
N ALA E 244 -61.04 -20.11 -19.94
CA ALA E 244 -59.77 -20.47 -20.57
C ALA E 244 -59.99 -20.85 -22.03
N GLY E 245 -59.20 -20.22 -22.92
CA GLY E 245 -59.38 -20.39 -24.35
C GLY E 245 -58.71 -19.31 -25.18
N SER E 246 -59.39 -18.88 -26.24
CA SER E 246 -58.83 -17.90 -27.17
C SER E 246 -58.96 -16.46 -26.67
N THR E 247 -58.07 -15.60 -27.15
CA THR E 247 -58.15 -14.16 -26.88
C THR E 247 -59.52 -13.61 -27.31
N GLU E 248 -60.00 -14.07 -28.47
CA GLU E 248 -61.26 -13.61 -29.05
C GLU E 248 -62.46 -13.82 -28.12
N ILE E 249 -62.53 -14.99 -27.49
CA ILE E 249 -63.63 -15.28 -26.58
C ILE E 249 -63.41 -14.63 -25.21
N GLY E 250 -62.14 -14.49 -24.83
CA GLY E 250 -61.77 -13.73 -23.63
C GLY E 250 -62.37 -12.33 -23.62
N ARG E 251 -62.35 -11.69 -24.79
CA ARG E 251 -62.98 -10.37 -24.97
C ARG E 251 -64.49 -10.44 -24.79
N VAL E 252 -65.11 -11.42 -25.45
CA VAL E 252 -66.55 -11.65 -25.36
C VAL E 252 -66.98 -11.85 -23.90
N ILE E 253 -66.26 -12.72 -23.19
CA ILE E 253 -66.49 -12.97 -21.76
C ILE E 253 -66.46 -11.66 -20.94
N GLN E 254 -65.37 -10.90 -21.02
CA GLN E 254 -65.24 -9.64 -20.28
C GLN E 254 -66.36 -8.63 -20.62
N VAL E 255 -66.71 -8.54 -21.91
CA VAL E 255 -67.78 -7.66 -22.39
C VAL E 255 -69.13 -8.11 -21.82
N ALA E 256 -69.39 -9.42 -21.83
CA ALA E 256 -70.60 -9.99 -21.25
C ALA E 256 -70.76 -9.74 -19.73
N ALA E 257 -69.66 -9.85 -18.98
CA ALA E 257 -69.65 -9.53 -17.55
C ALA E 257 -70.04 -8.06 -17.31
N GLY E 258 -69.42 -7.16 -18.06
CA GLY E 258 -69.69 -5.73 -17.99
C GLY E 258 -71.09 -5.39 -18.40
N SER E 259 -71.62 -6.12 -19.38
CA SER E 259 -72.98 -5.90 -19.91
C SER E 259 -74.08 -6.44 -19.00
N SER E 260 -73.75 -7.44 -18.19
CA SER E 260 -74.75 -8.07 -17.32
C SER E 260 -74.68 -7.58 -15.86
N ASN E 261 -74.16 -8.39 -14.94
CA ASN E 261 -74.21 -8.10 -13.51
C ASN E 261 -72.88 -7.69 -12.88
N LEU E 262 -71.91 -7.32 -13.72
CA LEU E 262 -70.57 -6.94 -13.24
C LEU E 262 -69.86 -8.06 -12.44
N LYS E 263 -70.14 -9.31 -12.80
CA LYS E 263 -69.49 -10.46 -12.21
C LYS E 263 -67.97 -10.37 -12.37
N ARG E 264 -67.25 -10.99 -11.44
CA ARG E 264 -65.79 -10.97 -11.41
C ARG E 264 -65.24 -11.86 -12.53
N VAL E 265 -64.15 -11.43 -13.15
CA VAL E 265 -63.61 -12.13 -14.32
C VAL E 265 -62.12 -12.43 -14.20
N THR E 266 -61.76 -13.68 -14.48
CA THR E 266 -60.37 -14.08 -14.72
C THR E 266 -60.29 -14.85 -16.04
N LEU E 267 -59.16 -14.71 -16.71
CA LEU E 267 -58.96 -15.25 -18.04
C LEU E 267 -57.59 -15.88 -18.19
N GLU E 268 -57.54 -16.96 -18.96
CA GLU E 268 -56.27 -17.54 -19.39
C GLU E 268 -56.42 -17.76 -20.87
N LEU E 269 -55.66 -16.99 -21.63
CA LEU E 269 -55.82 -16.91 -23.07
C LEU E 269 -54.58 -17.45 -23.77
N GLY E 270 -54.41 -17.13 -25.05
CA GLY E 270 -53.29 -17.76 -25.76
C GLY E 270 -51.91 -17.21 -25.40
N GLY E 271 -50.94 -17.58 -26.24
CA GLY E 271 -49.61 -17.00 -26.18
C GLY E 271 -48.86 -17.21 -27.46
N LYS E 272 -47.70 -16.56 -27.57
CA LYS E 272 -46.72 -16.88 -28.59
C LYS E 272 -45.40 -16.81 -27.86
N SER E 273 -45.25 -17.72 -26.90
CA SER E 273 -44.17 -17.69 -25.90
C SER E 273 -42.79 -17.93 -26.50
N PRO E 274 -41.82 -17.10 -26.12
CA PRO E 274 -40.49 -17.25 -26.66
C PRO E 274 -39.66 -18.20 -25.82
N ASN E 275 -38.88 -19.03 -26.50
CA ASN E 275 -37.94 -19.91 -25.82
C ASN E 275 -36.55 -19.52 -26.30
N ILE E 276 -35.76 -18.96 -25.38
CA ILE E 276 -34.49 -18.33 -25.74
C ILE E 276 -33.28 -19.21 -25.42
N ILE E 277 -32.50 -19.52 -26.47
CA ILE E 277 -31.31 -20.35 -26.33
C ILE E 277 -30.05 -19.50 -26.49
N MET E 278 -29.43 -19.15 -25.37
CA MET E 278 -28.15 -18.42 -25.40
C MET E 278 -27.01 -19.34 -25.86
N SER E 279 -25.94 -18.74 -26.39
CA SER E 279 -24.78 -19.49 -26.90
C SER E 279 -24.09 -20.39 -25.87
N ASP E 280 -24.21 -20.03 -24.59
CA ASP E 280 -23.60 -20.84 -23.53
C ASP E 280 -24.54 -21.90 -22.95
N ALA E 281 -25.68 -22.14 -23.61
CA ALA E 281 -26.61 -23.19 -23.15
C ALA E 281 -25.97 -24.57 -23.28
N ASP E 282 -26.51 -25.53 -22.52
CA ASP E 282 -26.19 -26.93 -22.76
C ASP E 282 -26.92 -27.38 -24.03
N MET E 283 -26.16 -27.62 -25.10
CA MET E 283 -26.70 -27.95 -26.41
C MET E 283 -27.70 -29.09 -26.40
N ASP E 284 -27.26 -30.29 -25.98
CA ASP E 284 -28.13 -31.47 -25.93
C ASP E 284 -29.42 -31.21 -25.16
N TRP E 285 -29.27 -30.67 -23.94
CA TRP E 285 -30.41 -30.36 -23.08
C TRP E 285 -31.38 -29.34 -23.73
N ALA E 286 -30.82 -28.26 -24.28
CA ALA E 286 -31.62 -27.22 -24.93
C ALA E 286 -32.41 -27.74 -26.13
N VAL E 287 -31.77 -28.59 -26.94
CA VAL E 287 -32.43 -29.20 -28.10
C VAL E 287 -33.65 -30.06 -27.71
N GLU E 288 -33.48 -30.91 -26.71
CA GLU E 288 -34.55 -31.80 -26.26
C GLU E 288 -35.68 -31.01 -25.59
N GLN E 289 -35.30 -30.08 -24.72
CA GLN E 289 -36.29 -29.23 -24.06
C GLN E 289 -37.03 -28.29 -25.03
N ALA E 290 -36.34 -27.73 -26.02
CA ALA E 290 -37.00 -26.88 -27.03
C ALA E 290 -37.98 -27.67 -27.87
N HIS E 291 -37.62 -28.93 -28.15
CA HIS E 291 -38.52 -29.88 -28.82
C HIS E 291 -39.77 -30.09 -27.97
N PHE E 292 -39.56 -30.48 -26.71
CA PHE E 292 -40.66 -30.66 -25.75
C PHE E 292 -41.48 -29.37 -25.60
N ALA E 293 -40.79 -28.25 -25.40
CA ALA E 293 -41.42 -26.93 -25.26
C ALA E 293 -42.45 -26.66 -26.36
N LEU E 294 -42.13 -27.05 -27.59
CA LEU E 294 -43.02 -26.82 -28.73
C LEU E 294 -43.99 -27.98 -28.98
N PHE E 295 -43.47 -29.21 -29.04
CA PHE E 295 -44.25 -30.36 -29.48
C PHE E 295 -45.15 -31.04 -28.43
N PHE E 296 -44.98 -30.68 -27.16
CA PHE E 296 -45.78 -31.30 -26.10
C PHE E 296 -47.29 -31.19 -26.38
N ASN E 297 -48.01 -32.30 -26.19
CA ASN E 297 -49.47 -32.32 -26.35
C ASN E 297 -49.92 -31.90 -27.73
N GLN E 298 -49.24 -32.43 -28.75
CA GLN E 298 -49.56 -32.14 -30.16
C GLN E 298 -49.43 -30.65 -30.52
N GLY E 299 -48.67 -29.92 -29.69
CA GLY E 299 -48.52 -28.48 -29.83
C GLY E 299 -49.67 -27.68 -29.22
N GLN E 300 -50.61 -28.41 -28.59
CA GLN E 300 -51.84 -27.81 -28.07
C GLN E 300 -51.70 -27.41 -26.61
N CYS E 301 -50.78 -26.47 -26.36
N CYS E 301 -50.73 -26.53 -26.35
CA CYS E 301 -50.48 -26.00 -25.01
CA CYS E 301 -50.51 -25.97 -25.03
C CYS E 301 -50.47 -24.48 -25.01
C CYS E 301 -50.63 -24.47 -25.13
N CYS E 302 -51.26 -23.88 -24.11
CA CYS E 302 -51.38 -22.42 -24.00
C CYS E 302 -50.03 -21.71 -24.04
N CYS E 303 -49.03 -22.30 -23.38
CA CYS E 303 -47.73 -21.66 -23.20
C CYS E 303 -46.62 -22.29 -24.05
N ALA E 304 -46.98 -22.92 -25.15
CA ALA E 304 -46.03 -23.58 -26.06
C ALA E 304 -44.91 -22.64 -26.43
N GLY E 305 -43.70 -23.19 -26.52
CA GLY E 305 -42.52 -22.43 -26.95
C GLY E 305 -42.47 -22.26 -28.46
N SER E 306 -43.37 -21.43 -28.97
CA SER E 306 -43.62 -21.27 -30.40
C SER E 306 -42.74 -20.21 -31.08
N ARG E 307 -41.89 -19.55 -30.31
CA ARG E 307 -40.83 -18.73 -30.89
C ARG E 307 -39.51 -19.14 -30.27
N THR E 308 -38.76 -19.99 -30.97
CA THR E 308 -37.47 -20.49 -30.47
C THR E 308 -36.34 -19.61 -30.98
N PHE E 309 -35.88 -18.70 -30.14
CA PHE E 309 -34.80 -17.77 -30.47
C PHE E 309 -33.47 -18.44 -30.17
N VAL E 310 -32.60 -18.52 -31.17
CA VAL E 310 -31.31 -19.22 -31.03
C VAL E 310 -30.17 -18.30 -31.44
N GLN E 311 -29.20 -18.14 -30.53
N GLN E 311 -29.20 -18.12 -30.54
CA GLN E 311 -28.06 -17.23 -30.74
CA GLN E 311 -28.09 -17.20 -30.75
C GLN E 311 -27.25 -17.71 -31.95
C GLN E 311 -27.23 -17.69 -31.91
N GLU E 312 -26.82 -16.76 -32.77
CA GLU E 312 -26.23 -17.07 -34.08
C GLU E 312 -25.02 -18.01 -34.11
N ASP E 313 -24.19 -17.98 -33.07
CA ASP E 313 -23.00 -18.83 -33.00
C ASP E 313 -23.33 -20.32 -32.86
N ILE E 314 -24.52 -20.64 -32.36
CA ILE E 314 -24.93 -22.04 -32.18
C ILE E 314 -26.14 -22.42 -33.03
N TYR E 315 -26.61 -21.49 -33.86
CA TYR E 315 -27.81 -21.69 -34.67
C TYR E 315 -27.77 -22.94 -35.55
N ASP E 316 -26.72 -23.08 -36.36
CA ASP E 316 -26.64 -24.16 -37.36
C ASP E 316 -26.70 -25.52 -36.70
N GLU E 317 -25.93 -25.68 -35.61
CA GLU E 317 -25.89 -26.92 -34.86
C GLU E 317 -27.25 -27.20 -34.19
N PHE E 318 -27.80 -26.21 -33.51
CA PHE E 318 -29.09 -26.36 -32.86
C PHE E 318 -30.16 -26.79 -33.86
N VAL E 319 -30.21 -26.13 -35.01
CA VAL E 319 -31.19 -26.43 -36.06
C VAL E 319 -31.05 -27.85 -36.64
N GLU E 320 -29.82 -28.25 -36.93
CA GLU E 320 -29.53 -29.60 -37.41
C GLU E 320 -30.00 -30.66 -36.41
N ARG E 321 -29.74 -30.42 -35.13
CA ARG E 321 -30.13 -31.34 -34.07
C ARG E 321 -31.62 -31.34 -33.82
N SER E 322 -32.24 -30.16 -33.98
CA SER E 322 -33.68 -30.00 -33.83
C SER E 322 -34.46 -30.71 -34.93
N VAL E 323 -33.94 -30.64 -36.16
CA VAL E 323 -34.56 -31.32 -37.29
C VAL E 323 -34.53 -32.84 -37.14
N ALA E 324 -33.37 -33.40 -36.77
CA ALA E 324 -33.26 -34.85 -36.55
C ALA E 324 -34.20 -35.32 -35.44
N ARG E 325 -34.31 -34.53 -34.36
CA ARG E 325 -35.19 -34.87 -33.25
C ARG E 325 -36.67 -34.86 -33.66
N ALA E 326 -37.06 -33.85 -34.44
CA ALA E 326 -38.43 -33.77 -34.96
C ALA E 326 -38.73 -34.97 -35.87
N LYS E 327 -37.78 -35.31 -36.74
CA LYS E 327 -37.93 -36.43 -37.67
C LYS E 327 -38.08 -37.79 -36.97
N SER E 328 -37.42 -37.95 -35.82
CA SER E 328 -37.48 -39.20 -35.07
C SER E 328 -38.76 -39.34 -34.24
N ARG E 329 -39.52 -38.24 -34.10
CA ARG E 329 -40.73 -38.22 -33.26
C ARG E 329 -41.81 -39.13 -33.83
N VAL E 330 -42.21 -40.13 -33.05
CA VAL E 330 -43.16 -41.15 -33.49
C VAL E 330 -44.61 -40.65 -33.42
N VAL E 331 -45.21 -40.50 -34.59
CA VAL E 331 -46.63 -40.17 -34.71
C VAL E 331 -47.38 -41.47 -34.97
N GLY E 332 -48.49 -41.67 -34.26
CA GLY E 332 -49.32 -42.86 -34.49
C GLY E 332 -50.53 -42.98 -33.58
N ASN E 333 -51.10 -44.19 -33.55
CA ASN E 333 -52.19 -44.53 -32.65
C ASN E 333 -51.81 -44.19 -31.21
N PRO E 334 -52.55 -43.27 -30.55
CA PRO E 334 -52.20 -42.83 -29.20
C PRO E 334 -52.28 -43.94 -28.14
N PHE E 335 -52.90 -45.06 -28.49
CA PHE E 335 -52.91 -46.22 -27.61
C PHE E 335 -51.69 -47.14 -27.72
N ASP E 336 -50.87 -46.98 -28.76
CA ASP E 336 -49.63 -47.76 -28.83
C ASP E 336 -48.52 -47.14 -27.96
N SER E 337 -47.82 -47.99 -27.20
CA SER E 337 -46.80 -47.54 -26.24
C SER E 337 -45.64 -46.75 -26.86
N LYS E 338 -45.37 -47.01 -28.14
CA LYS E 338 -44.30 -46.31 -28.87
C LYS E 338 -44.68 -44.91 -29.39
N THR E 339 -45.97 -44.59 -29.43
CA THR E 339 -46.46 -43.31 -29.96
C THR E 339 -46.05 -42.12 -29.08
N GLU E 340 -45.45 -41.10 -29.69
CA GLU E 340 -45.09 -39.87 -28.99
C GLU E 340 -46.11 -38.76 -29.22
N GLN E 341 -46.77 -38.80 -30.38
CA GLN E 341 -47.70 -37.76 -30.79
C GLN E 341 -48.96 -38.37 -31.38
N GLY E 342 -50.10 -38.03 -30.78
CA GLY E 342 -51.39 -38.41 -31.34
C GLY E 342 -51.86 -37.46 -32.43
N PRO E 343 -53.17 -37.48 -32.74
CA PRO E 343 -53.74 -36.52 -33.68
C PRO E 343 -54.08 -35.20 -33.00
N GLN E 344 -54.41 -34.20 -33.81
CA GLN E 344 -54.96 -32.93 -33.31
C GLN E 344 -56.39 -33.20 -32.86
N VAL E 345 -56.95 -32.28 -32.07
CA VAL E 345 -58.21 -32.56 -31.35
C VAL E 345 -59.42 -32.76 -32.26
N ASP E 346 -59.44 -32.03 -33.39
CA ASP E 346 -60.55 -32.09 -34.33
C ASP E 346 -60.14 -31.63 -35.73
N GLU E 347 -61.10 -31.68 -36.65
CA GLU E 347 -60.84 -31.36 -38.05
C GLU E 347 -60.60 -29.88 -38.26
N THR E 348 -61.39 -29.03 -37.59
CA THR E 348 -61.19 -27.58 -37.62
C THR E 348 -59.75 -27.17 -37.31
N GLN E 349 -59.19 -27.70 -36.22
CA GLN E 349 -57.80 -27.42 -35.83
C GLN E 349 -56.82 -27.99 -36.86
N PHE E 350 -57.06 -29.24 -37.23
CA PHE E 350 -56.31 -29.96 -38.25
C PHE E 350 -56.06 -29.10 -39.48
N LYS E 351 -57.14 -28.54 -40.03
CA LYS E 351 -57.06 -27.74 -41.24
C LYS E 351 -56.45 -26.37 -41.02
N LYS E 352 -56.69 -25.79 -39.85
CA LYS E 352 -56.11 -24.50 -39.49
C LYS E 352 -54.58 -24.57 -39.42
N ILE E 353 -54.06 -25.67 -38.89
CA ILE E 353 -52.62 -25.87 -38.76
C ILE E 353 -51.98 -26.03 -40.13
N LEU E 354 -52.56 -26.90 -40.96
CA LEU E 354 -52.13 -27.05 -42.36
C LEU E 354 -52.12 -25.72 -43.10
N GLY E 355 -53.15 -24.90 -42.87
CA GLY E 355 -53.21 -23.54 -43.41
C GLY E 355 -52.05 -22.66 -42.96
N TYR E 356 -51.68 -22.77 -41.69
CA TYR E 356 -50.53 -22.03 -41.17
C TYR E 356 -49.22 -22.50 -41.79
N ILE E 357 -49.11 -23.80 -42.05
CA ILE E 357 -47.93 -24.37 -42.70
C ILE E 357 -47.81 -23.85 -44.15
N ASN E 358 -48.92 -23.75 -44.87
CA ASN E 358 -48.90 -23.17 -46.22
C ASN E 358 -48.41 -21.73 -46.21
N THR E 359 -48.94 -20.96 -45.25
CA THR E 359 -48.57 -19.59 -45.03
C THR E 359 -47.07 -19.46 -44.76
N GLY E 360 -46.55 -20.35 -43.91
CA GLY E 360 -45.13 -20.35 -43.54
C GLY E 360 -44.20 -20.52 -44.72
N LYS E 361 -44.57 -21.44 -45.62
CA LYS E 361 -43.82 -21.67 -46.85
C LYS E 361 -43.84 -20.43 -47.74
N GLN E 362 -45.05 -19.94 -48.00
CA GLN E 362 -45.29 -18.79 -48.87
C GLN E 362 -44.59 -17.51 -48.40
N GLU E 363 -44.48 -17.32 -47.09
CA GLU E 363 -43.87 -16.12 -46.55
C GLU E 363 -42.34 -16.16 -46.47
N GLY E 364 -41.74 -17.28 -46.85
CA GLY E 364 -40.29 -17.37 -46.98
C GLY E 364 -39.55 -17.95 -45.79
N ALA E 365 -40.27 -18.60 -44.88
CA ALA E 365 -39.62 -19.39 -43.85
C ALA E 365 -39.14 -20.70 -44.48
N LYS E 366 -38.04 -21.24 -43.95
CA LYS E 366 -37.43 -22.43 -44.51
C LYS E 366 -38.04 -23.71 -43.92
N LEU E 367 -38.80 -24.44 -44.73
CA LEU E 367 -39.35 -25.74 -44.33
C LEU E 367 -38.22 -26.78 -44.31
N LEU E 368 -37.99 -27.36 -43.13
CA LEU E 368 -36.83 -28.23 -42.91
C LEU E 368 -37.21 -29.68 -42.75
N CYS E 369 -38.43 -29.91 -42.27
CA CYS E 369 -39.02 -31.25 -42.16
C CYS E 369 -40.52 -31.15 -41.94
N GLY E 370 -41.22 -32.25 -42.21
CA GLY E 370 -42.68 -32.31 -42.10
C GLY E 370 -43.35 -31.39 -43.10
N GLY E 371 -44.48 -30.81 -42.70
CA GLY E 371 -45.18 -29.83 -43.54
C GLY E 371 -46.47 -30.37 -44.12
N GLY E 372 -46.82 -31.60 -43.78
CA GLY E 372 -48.03 -32.22 -44.31
C GLY E 372 -48.74 -33.13 -43.33
N ILE E 373 -49.78 -33.79 -43.83
CA ILE E 373 -50.56 -34.74 -43.05
C ILE E 373 -49.72 -36.01 -42.84
N ALA E 374 -49.89 -36.65 -41.68
CA ALA E 374 -49.07 -37.80 -41.30
C ALA E 374 -49.71 -39.16 -41.59
N ALA E 375 -51.04 -39.20 -41.59
CA ALA E 375 -51.79 -40.44 -41.82
C ALA E 375 -53.00 -40.21 -42.72
N ASP E 376 -53.57 -41.30 -43.23
CA ASP E 376 -54.72 -41.24 -44.15
C ASP E 376 -56.04 -41.06 -43.41
N ARG E 377 -56.02 -41.30 -42.09
CA ARG E 377 -57.21 -41.36 -41.25
C ARG E 377 -56.93 -40.64 -39.92
N GLY E 378 -57.91 -39.87 -39.45
CA GLY E 378 -57.75 -39.08 -38.23
C GLY E 378 -57.06 -37.76 -38.53
N TYR E 379 -56.70 -37.03 -37.49
CA TYR E 379 -56.17 -35.67 -37.67
C TYR E 379 -54.68 -35.54 -37.32
N PHE E 380 -53.86 -36.34 -38.01
CA PHE E 380 -52.44 -36.45 -37.71
C PHE E 380 -51.63 -35.51 -38.60
N ILE E 381 -50.70 -34.79 -37.97
CA ILE E 381 -49.83 -33.87 -38.71
C ILE E 381 -48.36 -34.17 -38.43
N GLN E 382 -47.57 -34.18 -39.50
CA GLN E 382 -46.13 -34.41 -39.41
C GLN E 382 -45.46 -33.33 -38.56
N PRO E 383 -44.58 -33.72 -37.62
CA PRO E 383 -43.78 -32.76 -36.88
C PRO E 383 -43.00 -31.86 -37.86
N THR E 384 -43.26 -30.56 -37.76
CA THR E 384 -42.81 -29.60 -38.76
C THR E 384 -41.87 -28.57 -38.14
N VAL E 385 -40.73 -28.36 -38.79
CA VAL E 385 -39.80 -27.33 -38.32
C VAL E 385 -39.53 -26.33 -39.43
N PHE E 386 -39.81 -25.07 -39.12
CA PHE E 386 -39.41 -23.94 -39.97
C PHE E 386 -38.15 -23.29 -39.40
N GLY E 387 -37.19 -22.99 -40.28
CA GLY E 387 -36.00 -22.24 -39.90
C GLY E 387 -35.99 -20.87 -40.57
N ASP E 388 -35.09 -20.00 -40.12
CA ASP E 388 -34.96 -18.64 -40.67
C ASP E 388 -36.29 -17.87 -40.57
N VAL E 389 -36.99 -18.04 -39.45
CA VAL E 389 -38.25 -17.36 -39.20
C VAL E 389 -37.96 -15.92 -38.81
N GLN E 390 -38.74 -14.99 -39.36
CA GLN E 390 -38.60 -13.57 -39.02
C GLN E 390 -39.85 -13.10 -38.26
N ASP E 391 -39.66 -12.07 -37.44
CA ASP E 391 -40.68 -11.54 -36.51
C ASP E 391 -42.01 -11.15 -37.15
N GLY E 392 -41.96 -10.63 -38.38
CA GLY E 392 -43.17 -10.19 -39.09
C GLY E 392 -43.94 -11.29 -39.79
N MET E 393 -43.41 -12.52 -39.79
CA MET E 393 -44.08 -13.64 -40.45
C MET E 393 -45.30 -14.08 -39.65
N THR E 394 -46.33 -14.54 -40.36
CA THR E 394 -47.58 -14.99 -39.72
C THR E 394 -47.31 -16.07 -38.68
N ILE E 395 -46.50 -17.07 -39.03
CA ILE E 395 -46.17 -18.17 -38.13
C ILE E 395 -45.39 -17.72 -36.90
N ALA E 396 -44.75 -16.54 -36.97
CA ALA E 396 -44.08 -15.96 -35.83
C ALA E 396 -44.99 -15.09 -34.96
N LYS E 397 -46.22 -14.86 -35.40
CA LYS E 397 -47.12 -13.94 -34.70
C LYS E 397 -48.35 -14.60 -34.11
N GLU E 398 -48.92 -15.54 -34.84
CA GLU E 398 -50.20 -16.14 -34.49
C GLU E 398 -50.01 -17.51 -33.86
N GLU E 399 -50.77 -17.77 -32.81
CA GLU E 399 -50.78 -19.06 -32.12
C GLU E 399 -51.29 -20.13 -33.08
N ILE E 400 -50.39 -21.04 -33.47
CA ILE E 400 -50.71 -22.14 -34.40
C ILE E 400 -51.41 -23.31 -33.68
N PHE E 401 -51.02 -23.54 -32.42
CA PHE E 401 -51.56 -24.62 -31.58
C PHE E 401 -51.43 -26.00 -32.24
N GLY E 402 -50.27 -26.23 -32.87
CA GLY E 402 -50.00 -27.47 -33.58
C GLY E 402 -48.52 -27.82 -33.57
N PRO E 403 -48.15 -28.99 -34.12
CA PRO E 403 -46.75 -29.45 -34.14
C PRO E 403 -45.93 -28.73 -35.21
N VAL E 404 -45.75 -27.42 -35.02
CA VAL E 404 -45.08 -26.55 -35.98
C VAL E 404 -44.11 -25.64 -35.22
N MET E 405 -42.82 -25.90 -35.42
CA MET E 405 -41.76 -25.21 -34.69
C MET E 405 -41.20 -24.01 -35.47
N GLN E 406 -40.98 -22.92 -34.77
CA GLN E 406 -40.39 -21.72 -35.36
C GLN E 406 -39.02 -21.47 -34.76
N ILE E 407 -38.00 -21.47 -35.60
CA ILE E 407 -36.66 -21.14 -35.11
C ILE E 407 -36.22 -19.82 -35.71
N LEU E 408 -35.80 -18.91 -34.82
CA LEU E 408 -35.36 -17.56 -35.20
C LEU E 408 -33.94 -17.31 -34.68
N LYS E 409 -33.12 -16.67 -35.51
CA LYS E 409 -31.73 -16.34 -35.18
C LYS E 409 -31.63 -14.96 -34.53
N PHE E 410 -30.72 -14.82 -33.57
CA PHE E 410 -30.44 -13.49 -32.99
C PHE E 410 -28.98 -13.36 -32.63
N LYS E 411 -28.54 -12.13 -32.39
CA LYS E 411 -27.14 -11.87 -32.08
C LYS E 411 -26.90 -11.58 -30.60
N THR E 412 -27.64 -10.60 -30.07
CA THR E 412 -27.36 -10.09 -28.73
C THR E 412 -28.51 -10.32 -27.74
N ILE E 413 -28.17 -10.22 -26.46
CA ILE E 413 -29.12 -10.34 -25.36
C ILE E 413 -30.12 -9.17 -25.32
N GLU E 414 -29.66 -7.96 -25.65
CA GLU E 414 -30.57 -6.80 -25.73
C GLU E 414 -31.57 -7.00 -26.86
N GLU E 415 -31.05 -7.47 -28.01
CA GLU E 415 -31.88 -7.83 -29.16
C GLU E 415 -32.98 -8.82 -28.77
N VAL E 416 -32.60 -9.92 -28.11
CA VAL E 416 -33.55 -11.01 -27.87
C VAL E 416 -34.63 -10.66 -26.84
N VAL E 417 -34.25 -9.87 -25.83
CA VAL E 417 -35.21 -9.36 -24.84
C VAL E 417 -36.30 -8.55 -25.52
N GLY E 418 -35.89 -7.63 -26.41
CA GLY E 418 -36.82 -6.72 -27.06
C GLY E 418 -37.72 -7.42 -28.06
N ARG E 419 -37.16 -8.43 -28.74
CA ARG E 419 -37.89 -9.20 -29.73
C ARG E 419 -38.84 -10.19 -29.04
N ALA E 420 -38.42 -10.74 -27.91
CA ALA E 420 -39.30 -11.60 -27.12
C ALA E 420 -40.49 -10.81 -26.54
N ASN E 421 -40.20 -9.60 -26.06
CA ASN E 421 -41.20 -8.72 -25.44
C ASN E 421 -42.08 -7.94 -26.42
N ASN E 422 -41.66 -7.86 -27.68
CA ASN E 422 -42.48 -7.18 -28.69
C ASN E 422 -43.61 -8.09 -29.15
N SER E 423 -44.63 -8.21 -28.30
CA SER E 423 -45.75 -9.11 -28.50
C SER E 423 -46.93 -8.65 -27.66
N THR E 424 -48.15 -8.92 -28.12
CA THR E 424 -49.36 -8.61 -27.34
C THR E 424 -49.65 -9.74 -26.36
N TYR E 425 -48.80 -10.77 -26.41
CA TYR E 425 -48.89 -11.91 -25.52
C TYR E 425 -47.80 -11.86 -24.46
N GLY E 426 -48.01 -12.59 -23.37
CA GLY E 426 -47.00 -12.74 -22.32
C GLY E 426 -47.35 -13.82 -21.33
N LEU E 427 -47.67 -15.01 -21.84
CA LEU E 427 -48.06 -16.13 -20.97
C LEU E 427 -46.85 -16.77 -20.31
N ALA E 428 -45.83 -17.09 -21.13
CA ALA E 428 -44.62 -17.70 -20.63
C ALA E 428 -43.40 -17.31 -21.45
N ALA E 429 -42.23 -17.54 -20.87
CA ALA E 429 -40.98 -17.47 -21.61
C ALA E 429 -40.03 -18.47 -20.98
N ALA E 430 -38.94 -18.76 -21.67
CA ALA E 430 -37.86 -19.58 -21.11
C ALA E 430 -36.50 -19.08 -21.56
N VAL E 431 -35.50 -19.35 -20.72
CA VAL E 431 -34.12 -18.95 -20.95
C VAL E 431 -33.23 -20.18 -20.77
N PHE E 432 -32.37 -20.43 -21.74
CA PHE E 432 -31.39 -21.51 -21.61
C PHE E 432 -29.98 -20.95 -21.63
N THR E 433 -29.34 -21.00 -20.46
CA THR E 433 -28.02 -20.42 -20.23
C THR E 433 -27.35 -21.01 -18.97
N LYS E 434 -26.03 -20.98 -18.95
CA LYS E 434 -25.28 -21.45 -17.79
C LYS E 434 -24.84 -20.29 -16.89
N ASP E 435 -25.02 -19.07 -17.42
CA ASP E 435 -24.54 -17.88 -16.74
C ASP E 435 -25.56 -17.35 -15.73
N LEU E 436 -25.10 -17.11 -14.51
CA LEU E 436 -25.93 -16.59 -13.44
C LEU E 436 -26.56 -15.24 -13.83
N ASP E 437 -25.71 -14.30 -14.22
CA ASP E 437 -26.12 -12.95 -14.58
C ASP E 437 -27.07 -12.90 -15.75
N LYS E 438 -26.87 -13.75 -16.74
CA LYS E 438 -27.73 -13.78 -17.93
C LYS E 438 -29.13 -14.24 -17.54
N ALA E 439 -29.20 -15.30 -16.74
CA ALA E 439 -30.44 -15.82 -16.18
C ALA E 439 -31.26 -14.76 -15.42
N ASN E 440 -30.60 -14.05 -14.50
CA ASN E 440 -31.29 -13.07 -13.67
C ASN E 440 -31.68 -11.81 -14.42
N TYR E 441 -30.83 -11.40 -15.36
CA TYR E 441 -31.15 -10.30 -16.25
C TYR E 441 -32.40 -10.62 -17.08
N LEU E 442 -32.43 -11.81 -17.68
CA LEU E 442 -33.53 -12.18 -18.57
C LEU E 442 -34.85 -12.46 -17.84
N SER E 443 -34.81 -13.20 -16.73
CA SER E 443 -36.04 -13.53 -16.03
C SER E 443 -36.71 -12.28 -15.50
N GLN E 444 -35.90 -11.29 -15.10
CA GLN E 444 -36.44 -10.01 -14.67
C GLN E 444 -37.02 -9.22 -15.86
N ALA E 445 -36.31 -9.23 -16.98
CA ALA E 445 -36.64 -8.36 -18.12
C ALA E 445 -37.79 -8.89 -19.00
N LEU E 446 -38.01 -10.20 -19.00
CA LEU E 446 -39.04 -10.80 -19.84
C LEU E 446 -40.41 -10.52 -19.25
N GLN E 447 -41.32 -10.05 -20.09
CA GLN E 447 -42.65 -9.67 -19.65
C GLN E 447 -43.63 -10.84 -19.84
N ALA E 448 -43.55 -11.82 -18.95
CA ALA E 448 -44.36 -13.03 -19.05
C ALA E 448 -44.70 -13.53 -17.66
N GLY E 449 -45.86 -14.18 -17.52
CA GLY E 449 -46.35 -14.67 -16.22
C GLY E 449 -45.49 -15.75 -15.59
N THR E 450 -44.86 -16.56 -16.44
CA THR E 450 -43.91 -17.58 -16.01
C THR E 450 -42.66 -17.47 -16.89
N VAL E 451 -41.49 -17.43 -16.25
CA VAL E 451 -40.23 -17.56 -16.96
C VAL E 451 -39.53 -18.81 -16.44
N TRP E 452 -39.28 -19.75 -17.34
CA TRP E 452 -38.52 -20.95 -17.02
C TRP E 452 -37.05 -20.76 -17.35
N VAL E 453 -36.16 -21.25 -16.48
CA VAL E 453 -34.72 -21.19 -16.73
C VAL E 453 -34.17 -22.61 -16.82
N ASN E 454 -33.59 -22.95 -17.99
CA ASN E 454 -33.09 -24.29 -18.27
C ASN E 454 -34.14 -25.42 -18.18
N CYS E 455 -35.40 -25.06 -18.35
CA CYS E 455 -36.50 -26.02 -18.36
C CYS E 455 -37.68 -25.41 -19.11
N TYR E 456 -38.71 -26.21 -19.32
CA TYR E 456 -39.94 -25.72 -19.94
C TYR E 456 -41.12 -26.55 -19.48
N ASP E 457 -42.30 -25.95 -19.46
CA ASP E 457 -43.54 -26.65 -19.10
C ASP E 457 -43.45 -27.34 -17.74
N VAL E 458 -42.79 -26.65 -16.80
CA VAL E 458 -42.72 -27.12 -15.42
C VAL E 458 -43.90 -26.53 -14.66
N PHE E 459 -44.96 -27.33 -14.54
CA PHE E 459 -46.07 -26.95 -13.71
C PHE E 459 -45.93 -27.66 -12.37
N GLY E 460 -46.27 -26.92 -11.33
CA GLY E 460 -46.45 -27.48 -10.02
C GLY E 460 -47.67 -26.77 -9.50
N ALA E 461 -48.55 -27.53 -8.85
CA ALA E 461 -49.71 -26.96 -8.18
C ALA E 461 -49.30 -25.84 -7.22
N GLN E 462 -48.06 -25.89 -6.74
CA GLN E 462 -47.56 -24.90 -5.77
C GLN E 462 -47.31 -23.51 -6.37
N SER E 463 -46.88 -23.48 -7.63
CA SER E 463 -46.46 -22.23 -8.28
C SER E 463 -47.52 -21.64 -9.22
N PRO E 464 -47.81 -20.34 -9.07
CA PRO E 464 -48.88 -19.75 -9.89
C PRO E 464 -48.57 -19.71 -11.38
N PHE E 465 -49.63 -19.55 -12.17
CA PHE E 465 -49.56 -19.56 -13.62
C PHE E 465 -50.59 -18.60 -14.18
N GLY E 466 -50.18 -17.77 -15.13
CA GLY E 466 -51.10 -16.88 -15.85
C GLY E 466 -50.41 -15.84 -16.73
N GLY E 467 -51.21 -15.05 -17.43
CA GLY E 467 -50.70 -14.15 -18.46
C GLY E 467 -50.47 -12.70 -18.09
N TYR E 468 -49.44 -12.14 -18.72
CA TYR E 468 -49.26 -10.71 -18.82
C TYR E 468 -50.00 -10.25 -20.07
N LYS E 469 -50.18 -8.95 -20.21
CA LYS E 469 -50.79 -8.36 -21.41
C LYS E 469 -52.09 -9.09 -21.81
N MET E 470 -52.23 -9.47 -23.08
CA MET E 470 -53.47 -10.07 -23.56
C MET E 470 -53.49 -11.61 -23.43
N SER E 471 -52.53 -12.17 -22.71
CA SER E 471 -52.51 -13.59 -22.41
C SER E 471 -53.41 -13.96 -21.22
N GLY E 472 -54.01 -12.94 -20.59
CA GLY E 472 -55.00 -13.14 -19.52
C GLY E 472 -54.87 -12.15 -18.37
N SER E 473 -55.54 -12.47 -17.28
CA SER E 473 -55.45 -11.70 -16.04
C SER E 473 -55.72 -12.61 -14.86
N GLY E 474 -55.10 -12.32 -13.72
CA GLY E 474 -55.20 -13.18 -12.56
C GLY E 474 -54.31 -14.40 -12.71
N ARG E 475 -54.21 -15.18 -11.65
CA ARG E 475 -53.29 -16.32 -11.62
C ARG E 475 -54.01 -17.57 -11.14
N GLU E 476 -53.59 -18.71 -11.68
CA GLU E 476 -54.08 -20.01 -11.24
C GLU E 476 -52.96 -20.76 -10.56
N LEU E 477 -53.32 -21.78 -9.79
CA LEU E 477 -52.38 -22.60 -9.03
C LEU E 477 -51.74 -21.82 -7.88
N GLY E 478 -51.13 -22.53 -6.95
CA GLY E 478 -50.57 -21.94 -5.74
C GLY E 478 -51.60 -21.27 -4.85
N GLU E 479 -51.10 -20.48 -3.92
CA GLU E 479 -51.92 -19.69 -3.01
C GLU E 479 -52.67 -18.63 -3.80
N TYR E 480 -52.02 -18.06 -4.82
CA TYR E 480 -52.62 -17.05 -5.70
C TYR E 480 -53.95 -17.49 -6.33
N GLY E 481 -54.03 -18.76 -6.71
CA GLY E 481 -55.23 -19.34 -7.32
C GLY E 481 -56.47 -19.26 -6.43
N LEU E 482 -56.28 -18.90 -5.16
CA LEU E 482 -57.38 -18.74 -4.22
C LEU E 482 -57.97 -17.31 -4.17
N GLN E 483 -57.17 -16.33 -4.59
N GLN E 483 -57.17 -16.32 -4.57
CA GLN E 483 -57.55 -14.90 -4.51
CA GLN E 483 -57.59 -14.91 -4.49
C GLN E 483 -58.86 -14.59 -5.25
C GLN E 483 -58.92 -14.66 -5.20
N ALA E 484 -59.04 -15.14 -6.44
CA ALA E 484 -60.22 -14.88 -7.26
C ALA E 484 -61.47 -15.67 -6.81
N TYR E 485 -61.26 -16.65 -5.95
CA TYR E 485 -62.37 -17.41 -5.37
C TYR E 485 -62.74 -16.97 -3.97
N THR E 486 -62.28 -15.77 -3.60
CA THR E 486 -62.48 -15.22 -2.28
C THR E 486 -63.16 -13.85 -2.37
N GLU E 487 -64.19 -13.65 -1.55
CA GLU E 487 -64.76 -12.33 -1.37
C GLU E 487 -64.42 -11.87 0.05
N VAL E 488 -63.86 -10.66 0.15
CA VAL E 488 -63.33 -10.17 1.41
C VAL E 488 -64.33 -9.26 2.11
N LYS E 489 -64.65 -9.60 3.36
CA LYS E 489 -65.52 -8.79 4.19
C LYS E 489 -64.72 -8.25 5.35
N THR E 490 -64.82 -6.95 5.58
CA THR E 490 -64.25 -6.31 6.75
C THR E 490 -65.36 -6.13 7.80
N VAL E 491 -65.07 -6.56 9.02
CA VAL E 491 -65.96 -6.31 10.15
C VAL E 491 -65.20 -5.41 11.13
N THR E 492 -65.79 -4.26 11.43
CA THR E 492 -65.17 -3.28 12.30
C THR E 492 -66.11 -2.99 13.47
N VAL E 493 -65.64 -3.37 14.66
CA VAL E 493 -66.45 -3.41 15.86
C VAL E 493 -65.99 -2.37 16.86
N LYS E 494 -66.91 -1.52 17.32
CA LYS E 494 -66.62 -0.58 18.41
C LYS E 494 -66.32 -1.34 19.70
N VAL E 495 -65.20 -1.01 20.34
CA VAL E 495 -64.81 -1.59 21.63
C VAL E 495 -64.67 -0.50 22.71
N PRO E 496 -64.81 -0.88 24.01
CA PRO E 496 -64.63 0.10 25.08
C PRO E 496 -63.29 0.85 25.04
N GLN E 497 -62.19 0.11 24.89
CA GLN E 497 -60.87 0.71 24.94
C GLN E 497 -59.86 -0.17 24.23
N LYS E 498 -59.46 0.26 23.03
CA LYS E 498 -58.45 -0.45 22.24
C LYS E 498 -57.08 -0.40 22.93
N ASN E 499 -56.44 -1.55 23.02
CA ASN E 499 -55.09 -1.68 23.54
C ASN E 499 -54.27 -2.53 22.59
N SER E 500 -52.97 -2.25 22.49
CA SER E 500 -52.07 -3.04 21.64
C SER E 500 -52.02 -4.50 22.09
N ALA F 7 -58.48 22.01 17.33
CA ALA F 7 -58.26 23.40 16.81
C ALA F 7 -58.33 23.39 15.29
N VAL F 8 -59.11 24.32 14.73
CA VAL F 8 -59.17 24.52 13.27
C VAL F 8 -58.75 25.94 12.90
N PRO F 9 -57.64 26.09 12.14
CA PRO F 9 -57.17 27.42 11.69
C PRO F 9 -58.22 28.10 10.83
N ALA F 10 -58.44 29.40 11.05
CA ALA F 10 -59.37 30.19 10.26
C ALA F 10 -59.10 29.96 8.76
N PRO F 11 -60.16 29.70 7.97
CA PRO F 11 -59.97 29.43 6.54
C PRO F 11 -59.77 30.68 5.68
N ASN F 12 -59.09 30.53 4.56
CA ASN F 12 -59.16 31.50 3.47
C ASN F 12 -60.40 31.15 2.65
N GLN F 13 -61.43 32.00 2.72
CA GLN F 13 -62.74 31.72 2.10
C GLN F 13 -62.76 31.94 0.58
N GLN F 14 -61.74 32.62 0.07
CA GLN F 14 -61.55 32.77 -1.36
C GLN F 14 -60.11 32.37 -1.72
N PRO F 15 -59.78 31.08 -1.57
CA PRO F 15 -58.40 30.68 -1.85
C PRO F 15 -58.03 30.89 -3.32
N GLU F 16 -56.79 31.29 -3.58
CA GLU F 16 -56.30 31.47 -4.93
C GLU F 16 -56.13 30.10 -5.62
N VAL F 17 -56.30 30.09 -6.93
CA VAL F 17 -56.09 28.88 -7.73
C VAL F 17 -54.75 29.04 -8.45
N PHE F 18 -53.84 28.09 -8.22
CA PHE F 18 -52.51 28.14 -8.82
C PHE F 18 -52.35 27.14 -9.96
N CYS F 19 -53.21 26.14 -10.01
CA CYS F 19 -53.10 25.05 -10.97
C CYS F 19 -54.45 24.74 -11.59
N ASN F 20 -54.54 24.92 -12.91
CA ASN F 20 -55.78 24.68 -13.66
C ASN F 20 -55.50 24.12 -15.07
N GLN F 21 -54.40 23.40 -15.19
CA GLN F 21 -53.99 22.85 -16.47
C GLN F 21 -53.83 21.32 -16.42
N ILE F 22 -53.33 20.75 -17.50
CA ILE F 22 -53.06 19.32 -17.57
C ILE F 22 -51.65 19.04 -17.07
N PHE F 23 -51.53 18.03 -16.21
CA PHE F 23 -50.25 17.67 -15.58
C PHE F 23 -49.63 16.43 -16.22
N ILE F 24 -48.58 16.63 -17.01
CA ILE F 24 -47.91 15.54 -17.69
C ILE F 24 -46.42 15.77 -17.62
N ASN F 25 -45.67 14.71 -17.29
CA ASN F 25 -44.22 14.80 -17.17
C ASN F 25 -43.75 15.92 -16.25
N ASN F 26 -44.47 16.08 -15.14
CA ASN F 26 -44.16 17.09 -14.13
C ASN F 26 -44.26 18.53 -14.65
N GLU F 27 -45.03 18.73 -15.72
CA GLU F 27 -45.28 20.06 -16.24
C GLU F 27 -46.75 20.33 -16.51
N TRP F 28 -47.07 21.61 -16.62
CA TRP F 28 -48.43 22.09 -16.84
C TRP F 28 -48.66 22.41 -18.31
N HIS F 29 -49.67 21.76 -18.89
CA HIS F 29 -50.00 21.92 -20.32
C HIS F 29 -51.45 22.38 -20.49
N ASP F 30 -51.67 23.26 -21.47
CA ASP F 30 -53.01 23.50 -21.98
C ASP F 30 -53.44 22.24 -22.72
N ALA F 31 -54.75 22.08 -22.91
CA ALA F 31 -55.28 21.05 -23.81
C ALA F 31 -54.79 21.34 -25.22
N VAL F 32 -54.63 20.30 -26.04
CA VAL F 32 -54.20 20.48 -27.44
C VAL F 32 -55.17 21.41 -28.17
N SER F 33 -56.47 21.24 -27.90
CA SER F 33 -57.53 22.07 -28.43
C SER F 33 -57.57 23.49 -27.84
N ARG F 34 -56.88 23.69 -26.71
CA ARG F 34 -56.88 24.95 -25.94
C ARG F 34 -58.19 25.15 -25.18
N LYS F 35 -59.06 24.13 -25.21
CA LYS F 35 -60.37 24.25 -24.58
C LYS F 35 -60.22 24.28 -23.08
N THR F 36 -61.11 25.01 -22.44
CA THR F 36 -61.20 25.02 -20.98
C THR F 36 -62.67 24.87 -20.58
N PHE F 37 -62.91 24.46 -19.34
CA PHE F 37 -64.25 24.37 -18.81
C PHE F 37 -64.31 25.08 -17.46
N PRO F 38 -65.44 25.74 -17.16
CA PRO F 38 -65.62 26.30 -15.82
C PRO F 38 -65.93 25.25 -14.74
N THR F 39 -65.35 25.46 -13.56
CA THR F 39 -65.77 24.71 -12.38
C THR F 39 -66.52 25.66 -11.47
N VAL F 40 -67.59 25.17 -10.86
CA VAL F 40 -68.54 26.01 -10.15
C VAL F 40 -68.38 25.84 -8.63
N ASN F 41 -68.47 26.94 -7.90
CA ASN F 41 -68.61 26.87 -6.45
C ASN F 41 -70.07 26.53 -6.15
N PRO F 42 -70.34 25.33 -5.62
CA PRO F 42 -71.73 24.91 -5.42
C PRO F 42 -72.49 25.69 -4.32
N SER F 43 -71.75 26.45 -3.50
CA SER F 43 -72.36 27.23 -2.43
C SER F 43 -73.03 28.51 -2.94
N THR F 44 -72.49 29.06 -4.04
CA THR F 44 -72.95 30.33 -4.59
C THR F 44 -73.50 30.13 -6.00
N GLY F 45 -73.07 29.06 -6.66
CA GLY F 45 -73.46 28.78 -8.03
C GLY F 45 -72.65 29.58 -9.03
N GLU F 46 -71.55 30.16 -8.56
CA GLU F 46 -70.71 31.02 -9.37
C GLU F 46 -69.46 30.26 -9.83
N VAL F 47 -68.95 30.65 -11.00
CA VAL F 47 -67.72 30.10 -11.55
C VAL F 47 -66.50 30.51 -10.70
N ILE F 48 -65.71 29.50 -10.30
CA ILE F 48 -64.44 29.71 -9.61
C ILE F 48 -63.38 30.16 -10.62
N CYS F 49 -63.14 29.32 -11.63
CA CYS F 49 -62.17 29.59 -12.67
C CYS F 49 -62.38 28.61 -13.84
N GLN F 50 -61.52 28.69 -14.86
CA GLN F 50 -61.56 27.73 -15.97
C GLN F 50 -60.43 26.71 -15.82
N VAL F 51 -60.64 25.53 -16.38
CA VAL F 51 -59.69 24.43 -16.24
C VAL F 51 -59.48 23.79 -17.60
N ALA F 52 -58.24 23.40 -17.89
CA ALA F 52 -57.92 22.73 -19.15
C ALA F 52 -58.85 21.56 -19.36
N GLU F 53 -59.49 21.52 -20.53
CA GLU F 53 -60.40 20.44 -20.87
C GLU F 53 -59.67 19.35 -21.65
N GLY F 54 -59.19 18.34 -20.93
CA GLY F 54 -58.48 17.22 -21.53
C GLY F 54 -59.38 16.28 -22.32
N ASP F 55 -58.82 15.70 -23.38
CA ASP F 55 -59.55 14.79 -24.24
C ASP F 55 -58.60 13.68 -24.70
N LYS F 56 -58.99 12.95 -25.75
CA LYS F 56 -58.25 11.77 -26.20
C LYS F 56 -56.77 12.05 -26.46
N GLU F 57 -56.48 13.12 -27.20
CA GLU F 57 -55.10 13.46 -27.54
C GLU F 57 -54.23 13.80 -26.33
N ASP F 58 -54.84 14.39 -25.31
CA ASP F 58 -54.12 14.72 -24.08
C ASP F 58 -53.89 13.47 -23.23
N VAL F 59 -54.89 12.58 -23.22
CA VAL F 59 -54.74 11.26 -22.62
C VAL F 59 -53.61 10.48 -23.30
N ASP F 60 -53.57 10.53 -24.63
CA ASP F 60 -52.51 9.85 -25.40
C ASP F 60 -51.12 10.33 -24.99
N LYS F 61 -50.97 11.63 -24.81
CA LYS F 61 -49.70 12.22 -24.35
C LYS F 61 -49.35 11.74 -22.95
N ALA F 62 -50.33 11.71 -22.06
CA ALA F 62 -50.12 11.27 -20.68
C ALA F 62 -49.69 9.79 -20.58
N VAL F 63 -50.29 8.94 -21.40
CA VAL F 63 -49.99 7.52 -21.41
C VAL F 63 -48.56 7.28 -21.92
N LYS F 64 -48.18 7.96 -23.01
CA LYS F 64 -46.81 7.90 -23.51
C LYS F 64 -45.79 8.34 -22.46
N ALA F 65 -46.08 9.45 -21.78
CA ALA F 65 -45.27 9.90 -20.64
C ALA F 65 -45.17 8.84 -19.52
N ALA F 66 -46.30 8.20 -19.22
CA ALA F 66 -46.33 7.14 -18.19
C ALA F 66 -45.53 5.90 -18.62
N ARG F 67 -45.78 5.41 -19.84
CA ARG F 67 -45.03 4.27 -20.39
C ARG F 67 -43.51 4.50 -20.40
N ALA F 68 -43.09 5.71 -20.77
CA ALA F 68 -41.68 6.07 -20.75
C ALA F 68 -41.08 6.00 -19.34
N ALA F 69 -41.83 6.51 -18.36
CA ALA F 69 -41.38 6.49 -16.96
C ALA F 69 -41.29 5.05 -16.40
N PHE F 70 -42.02 4.13 -17.04
CA PHE F 70 -42.07 2.73 -16.59
C PHE F 70 -41.07 1.81 -17.33
N GLN F 71 -40.35 2.36 -18.31
CA GLN F 71 -39.36 1.55 -19.05
C GLN F 71 -38.31 0.95 -18.13
N LEU F 72 -37.92 -0.30 -18.42
CA LEU F 72 -36.83 -0.95 -17.70
C LEU F 72 -35.61 -0.05 -17.73
N GLY F 73 -34.98 0.13 -16.57
CA GLY F 73 -33.79 0.98 -16.48
C GLY F 73 -34.08 2.43 -16.11
N SER F 74 -35.36 2.79 -16.04
CA SER F 74 -35.73 4.19 -15.76
C SER F 74 -35.53 4.51 -14.27
N PRO F 75 -35.42 5.81 -13.92
CA PRO F 75 -35.26 6.18 -12.51
C PRO F 75 -36.34 5.59 -11.58
N TRP F 76 -37.59 5.60 -12.02
CA TRP F 76 -38.69 5.06 -11.22
C TRP F 76 -38.65 3.53 -11.13
N ARG F 77 -38.19 2.88 -12.20
CA ARG F 77 -38.06 1.42 -12.17
C ARG F 77 -36.88 0.96 -11.33
N ARG F 78 -35.77 1.69 -11.41
CA ARG F 78 -34.54 1.33 -10.70
C ARG F 78 -34.61 1.68 -9.22
N MET F 79 -35.42 2.67 -8.89
CA MET F 79 -35.51 3.21 -7.53
C MET F 79 -35.76 2.11 -6.48
N ASP F 80 -35.01 2.16 -5.40
CA ASP F 80 -35.24 1.30 -4.24
C ASP F 80 -36.68 1.44 -3.77
N ALA F 81 -37.30 0.30 -3.50
CA ALA F 81 -38.66 0.25 -2.98
C ALA F 81 -38.81 1.13 -1.73
N SER F 82 -37.81 1.08 -0.83
CA SER F 82 -37.82 1.94 0.36
C SER F 82 -37.86 3.43 0.03
N HIS F 83 -37.24 3.81 -1.09
CA HIS F 83 -37.19 5.22 -1.47
C HIS F 83 -38.52 5.70 -2.04
N ARG F 84 -39.26 4.78 -2.68
CA ARG F 84 -40.66 5.06 -3.02
C ARG F 84 -41.42 5.40 -1.74
N GLY F 85 -41.14 4.64 -0.68
CA GLY F 85 -41.66 4.92 0.65
C GLY F 85 -41.33 6.32 1.12
N ARG F 86 -40.04 6.69 1.04
CA ARG F 86 -39.58 8.06 1.39
C ARG F 86 -40.36 9.12 0.62
N LEU F 87 -40.50 8.92 -0.69
CA LEU F 87 -41.20 9.88 -1.55
C LEU F 87 -42.67 10.06 -1.19
N LEU F 88 -43.36 8.95 -0.90
CA LEU F 88 -44.75 9.01 -0.46
C LEU F 88 -44.92 9.75 0.88
N ASN F 89 -43.96 9.55 1.77
CA ASN F 89 -43.87 10.29 3.04
C ASN F 89 -43.58 11.77 2.86
N ARG F 90 -42.75 12.10 1.85
CA ARG F 90 -42.44 13.48 1.51
C ARG F 90 -43.68 14.19 0.96
N LEU F 91 -44.39 13.53 0.05
CA LEU F 91 -45.67 14.04 -0.45
C LEU F 91 -46.63 14.36 0.70
N ALA F 92 -46.72 13.45 1.68
CA ALA F 92 -47.60 13.64 2.83
C ALA F 92 -47.19 14.89 3.63
N ASP F 93 -45.89 15.01 3.92
CA ASP F 93 -45.36 16.18 4.64
C ASP F 93 -45.75 17.47 3.94
N LEU F 94 -45.67 17.48 2.61
CA LEU F 94 -45.99 18.65 1.82
C LEU F 94 -47.48 18.96 1.85
N ILE F 95 -48.30 17.92 1.78
CA ILE F 95 -49.74 18.08 1.93
C ILE F 95 -50.10 18.67 3.30
N GLU F 96 -49.48 18.16 4.36
CA GLU F 96 -49.65 18.71 5.70
C GLU F 96 -49.17 20.15 5.81
N ARG F 97 -48.05 20.47 5.16
CA ARG F 97 -47.62 21.86 5.07
C ARG F 97 -48.76 22.74 4.53
N ASP F 98 -49.45 22.26 3.49
CA ASP F 98 -50.47 23.08 2.81
C ASP F 98 -51.90 22.71 3.17
N ARG F 99 -52.05 22.12 4.36
CA ARG F 99 -53.33 21.57 4.82
C ARG F 99 -54.46 22.61 4.88
N THR F 100 -54.18 23.75 5.49
CA THR F 100 -55.19 24.81 5.67
C THR F 100 -55.72 25.28 4.31
N TYR F 101 -54.79 25.57 3.40
CA TYR F 101 -55.11 25.95 2.03
C TYR F 101 -55.92 24.88 1.31
N LEU F 102 -55.46 23.63 1.40
CA LEU F 102 -56.08 22.54 0.66
C LEU F 102 -57.50 22.24 1.15
N ALA F 103 -57.71 22.29 2.46
CA ALA F 103 -59.03 22.10 3.03
C ALA F 103 -60.02 23.17 2.51
N ALA F 104 -59.55 24.41 2.44
CA ALA F 104 -60.40 25.51 1.99
C ALA F 104 -60.71 25.40 0.49
N LEU F 105 -59.70 25.01 -0.28
CA LEU F 105 -59.87 24.79 -1.71
C LEU F 105 -60.84 23.63 -1.94
N GLU F 106 -60.72 22.57 -1.13
CA GLU F 106 -61.63 21.43 -1.18
C GLU F 106 -63.08 21.88 -0.99
N THR F 107 -63.31 22.66 0.06
CA THR F 107 -64.62 23.21 0.38
C THR F 107 -65.15 24.14 -0.72
N LEU F 108 -64.28 24.96 -1.30
CA LEU F 108 -64.68 25.88 -2.37
C LEU F 108 -65.24 25.13 -3.57
N ASP F 109 -64.54 24.08 -3.99
CA ASP F 109 -64.85 23.37 -5.22
C ASP F 109 -65.94 22.31 -5.01
N ASN F 110 -65.97 21.67 -3.85
CA ASN F 110 -66.87 20.53 -3.56
C ASN F 110 -68.11 20.92 -2.74
N GLY F 111 -67.94 21.80 -1.76
CA GLY F 111 -69.05 22.29 -0.94
C GLY F 111 -69.16 21.72 0.48
N LYS F 112 -68.40 20.68 0.80
CA LYS F 112 -68.43 20.11 2.15
C LYS F 112 -67.90 21.13 3.18
N PRO F 113 -68.38 21.06 4.45
CA PRO F 113 -67.94 22.04 5.46
C PRO F 113 -66.41 22.08 5.60
N TYR F 114 -65.85 23.28 5.71
CA TYR F 114 -64.38 23.43 5.85
C TYR F 114 -63.81 22.70 7.07
N VAL F 115 -64.54 22.70 8.18
CA VAL F 115 -64.12 21.99 9.39
C VAL F 115 -63.88 20.52 9.05
N ILE F 116 -64.78 19.97 8.23
CA ILE F 116 -64.74 18.57 7.86
C ILE F 116 -63.60 18.30 6.88
N SER F 117 -63.45 19.17 5.86
CA SER F 117 -62.32 19.09 4.93
C SER F 117 -61.01 19.06 5.71
N TYR F 118 -60.92 19.92 6.71
CA TYR F 118 -59.68 20.07 7.48
C TYR F 118 -59.39 18.88 8.40
N LEU F 119 -60.36 18.57 9.26
CA LEU F 119 -60.19 17.56 10.29
C LEU F 119 -60.41 16.13 9.82
N VAL F 120 -61.27 15.95 8.82
CA VAL F 120 -61.56 14.62 8.30
C VAL F 120 -60.79 14.34 7.02
N ASP F 121 -61.20 14.95 5.90
CA ASP F 121 -60.61 14.64 4.58
C ASP F 121 -59.09 14.71 4.55
N LEU F 122 -58.54 15.87 4.95
CA LEU F 122 -57.09 16.06 4.94
C LEU F 122 -56.36 15.12 5.88
N ASP F 123 -56.97 14.82 7.04
CA ASP F 123 -56.39 13.88 8.01
C ASP F 123 -56.29 12.49 7.41
N MET F 124 -57.37 12.07 6.75
N MET F 124 -57.37 12.06 6.75
CA MET F 124 -57.44 10.75 6.14
CA MET F 124 -57.42 10.72 6.15
C MET F 124 -56.51 10.65 4.93
C MET F 124 -56.53 10.63 4.91
N VAL F 125 -56.34 11.77 4.22
CA VAL F 125 -55.40 11.83 3.09
C VAL F 125 -53.98 11.54 3.59
N LEU F 126 -53.59 12.23 4.65
CA LEU F 126 -52.26 12.06 5.22
C LEU F 126 -52.04 10.64 5.73
N LYS F 127 -53.02 10.12 6.45
CA LYS F 127 -52.94 8.78 7.02
C LYS F 127 -52.86 7.68 5.96
N CYS F 128 -53.60 7.85 4.86
CA CYS F 128 -53.57 6.90 3.74
C CYS F 128 -52.20 6.84 3.06
N LEU F 129 -51.62 8.01 2.80
CA LEU F 129 -50.33 8.09 2.12
C LEU F 129 -49.21 7.58 3.01
N ARG F 130 -49.22 7.99 4.28
CA ARG F 130 -48.23 7.51 5.24
C ARG F 130 -48.31 6.00 5.49
N TYR F 131 -49.54 5.46 5.46
CA TYR F 131 -49.75 4.02 5.56
C TYR F 131 -49.10 3.29 4.38
N TYR F 132 -49.43 3.72 3.16
CA TYR F 132 -48.92 3.07 1.97
C TYR F 132 -47.43 3.30 1.72
N ALA F 133 -46.89 4.44 2.17
CA ALA F 133 -45.44 4.62 2.24
C ALA F 133 -44.77 3.39 2.87
N GLY F 134 -45.35 2.93 3.98
CA GLY F 134 -44.84 1.78 4.73
C GLY F 134 -44.92 0.44 4.02
N TRP F 135 -45.84 0.29 3.08
CA TRP F 135 -45.96 -0.93 2.26
C TRP F 135 -44.92 -1.06 1.16
N ALA F 136 -44.31 0.07 0.78
CA ALA F 136 -43.45 0.14 -0.40
C ALA F 136 -42.42 -0.99 -0.52
N ASP F 137 -41.72 -1.30 0.58
CA ASP F 137 -40.71 -2.36 0.58
C ASP F 137 -41.10 -3.62 1.36
N LYS F 138 -42.40 -3.88 1.49
CA LYS F 138 -42.84 -4.97 2.35
C LYS F 138 -43.77 -6.01 1.70
N TYR F 139 -44.07 -5.83 0.42
CA TYR F 139 -45.06 -6.66 -0.25
C TYR F 139 -44.38 -7.81 -0.98
N HIS F 140 -43.85 -8.74 -0.19
CA HIS F 140 -43.01 -9.85 -0.64
C HIS F 140 -43.68 -10.78 -1.65
N GLY F 141 -42.91 -11.25 -2.62
CA GLY F 141 -43.29 -12.45 -3.36
C GLY F 141 -42.91 -13.67 -2.54
N LYS F 142 -42.86 -14.85 -3.19
CA LYS F 142 -42.69 -16.10 -2.45
C LYS F 142 -41.59 -16.97 -3.02
N THR F 143 -40.93 -17.74 -2.15
CA THR F 143 -40.16 -18.90 -2.62
C THR F 143 -41.02 -20.14 -2.36
N ILE F 144 -41.03 -21.07 -3.31
CA ILE F 144 -42.07 -22.08 -3.38
C ILE F 144 -41.49 -23.49 -3.47
N PRO F 145 -41.89 -24.40 -2.56
CA PRO F 145 -41.40 -25.77 -2.51
C PRO F 145 -42.03 -26.69 -3.57
N ILE F 146 -41.85 -26.31 -4.84
CA ILE F 146 -42.38 -27.03 -5.99
C ILE F 146 -41.77 -28.44 -6.12
N ASP F 147 -42.55 -29.37 -6.69
CA ASP F 147 -42.09 -30.71 -7.04
C ASP F 147 -40.87 -30.66 -7.97
N GLY F 148 -39.99 -31.65 -7.85
CA GLY F 148 -38.89 -31.81 -8.81
C GLY F 148 -37.62 -31.05 -8.48
N ASP F 149 -36.62 -31.17 -9.36
CA ASP F 149 -35.35 -30.48 -9.16
C ASP F 149 -35.39 -29.05 -9.69
N PHE F 150 -36.11 -28.20 -8.96
CA PHE F 150 -36.33 -26.82 -9.35
C PHE F 150 -36.28 -25.88 -8.16
N PHE F 151 -35.87 -24.64 -8.43
CA PHE F 151 -36.06 -23.51 -7.53
C PHE F 151 -37.17 -22.68 -8.16
N SER F 152 -38.24 -22.48 -7.40
CA SER F 152 -39.36 -21.68 -7.91
C SER F 152 -39.68 -20.54 -6.95
N TYR F 153 -39.90 -19.36 -7.53
CA TYR F 153 -40.24 -18.17 -6.76
C TYR F 153 -41.11 -17.25 -7.58
N THR F 154 -41.76 -16.31 -6.91
CA THR F 154 -42.52 -15.27 -7.58
C THR F 154 -41.92 -13.89 -7.35
N ARG F 155 -41.93 -13.09 -8.41
CA ARG F 155 -41.68 -11.66 -8.30
C ARG F 155 -43.02 -10.95 -8.24
N HIS F 156 -43.14 -10.00 -7.32
CA HIS F 156 -44.29 -9.11 -7.30
C HIS F 156 -43.89 -7.85 -8.03
N GLU F 157 -44.35 -7.75 -9.28
CA GLU F 157 -43.98 -6.66 -10.18
C GLU F 157 -45.11 -5.64 -10.26
N PRO F 158 -44.83 -4.41 -10.74
CA PRO F 158 -45.98 -3.51 -10.89
C PRO F 158 -46.81 -3.91 -12.10
N VAL F 159 -48.11 -3.62 -12.07
CA VAL F 159 -48.98 -3.93 -13.20
C VAL F 159 -48.65 -3.04 -14.42
N GLY F 160 -48.19 -1.81 -14.16
CA GLY F 160 -47.67 -0.95 -15.20
C GLY F 160 -48.32 0.43 -15.21
N VAL F 161 -48.83 0.80 -16.38
CA VAL F 161 -49.54 2.06 -16.56
C VAL F 161 -50.97 1.91 -16.07
N CYS F 162 -51.30 2.67 -15.02
CA CYS F 162 -52.59 2.58 -14.36
C CYS F 162 -53.45 3.81 -14.61
N GLY F 163 -54.59 3.56 -15.25
CA GLY F 163 -55.61 4.58 -15.44
C GLY F 163 -56.49 4.61 -14.23
N GLN F 164 -56.65 5.79 -13.64
CA GLN F 164 -57.46 5.95 -12.43
C GLN F 164 -58.47 7.06 -12.67
N ILE F 165 -59.74 6.68 -12.63
CA ILE F 165 -60.85 7.59 -12.88
C ILE F 165 -61.65 7.74 -11.60
N ILE F 166 -61.64 8.95 -11.03
CA ILE F 166 -62.23 9.17 -9.71
C ILE F 166 -63.39 10.17 -9.72
N PRO F 167 -64.29 10.06 -8.73
CA PRO F 167 -65.43 10.94 -8.61
C PRO F 167 -65.16 12.21 -7.78
N TRP F 168 -66.23 12.94 -7.48
CA TRP F 168 -66.16 14.31 -6.93
C TRP F 168 -66.50 14.41 -5.43
N ASN F 169 -66.97 13.32 -4.83
CA ASN F 169 -67.48 13.40 -3.46
C ASN F 169 -66.40 13.50 -2.37
N PHE F 170 -65.25 12.92 -2.63
CA PHE F 170 -64.08 13.01 -1.76
C PHE F 170 -62.84 13.21 -2.64
N PRO F 171 -62.70 14.42 -3.24
CA PRO F 171 -61.69 14.67 -4.28
C PRO F 171 -60.26 14.32 -3.87
N LEU F 172 -59.78 14.93 -2.79
CA LEU F 172 -58.45 14.67 -2.24
C LEU F 172 -58.27 13.24 -1.70
N LEU F 173 -59.24 12.77 -0.94
CA LEU F 173 -59.17 11.44 -0.36
C LEU F 173 -59.16 10.33 -1.42
N MET F 174 -60.01 10.46 -2.44
CA MET F 174 -60.04 9.50 -3.55
C MET F 174 -58.72 9.47 -4.28
N GLN F 175 -58.16 10.65 -4.54
CA GLN F 175 -56.85 10.77 -5.15
C GLN F 175 -55.82 9.98 -4.33
N ALA F 176 -55.82 10.20 -3.01
CA ALA F 176 -54.93 9.50 -2.10
C ALA F 176 -55.15 7.98 -2.08
N TRP F 177 -56.40 7.55 -2.01
CA TRP F 177 -56.74 6.12 -2.06
C TRP F 177 -56.20 5.45 -3.31
N LYS F 178 -56.17 6.19 -4.42
CA LYS F 178 -55.66 5.63 -5.68
C LYS F 178 -54.13 5.71 -5.78
N LEU F 179 -53.56 6.87 -5.44
CA LEU F 179 -52.12 7.06 -5.57
C LEU F 179 -51.27 6.27 -4.56
N GLY F 180 -51.74 6.18 -3.32
CA GLY F 180 -51.04 5.42 -2.27
C GLY F 180 -50.58 4.02 -2.66
N PRO F 181 -51.54 3.10 -2.92
CA PRO F 181 -51.19 1.72 -3.33
C PRO F 181 -50.45 1.64 -4.67
N ALA F 182 -50.85 2.46 -5.64
CA ALA F 182 -50.26 2.41 -6.98
C ALA F 182 -48.77 2.75 -6.95
N LEU F 183 -48.45 3.84 -6.26
CA LEU F 183 -47.07 4.33 -6.17
C LEU F 183 -46.23 3.48 -5.21
N ALA F 184 -46.83 3.02 -4.12
CA ALA F 184 -46.17 2.10 -3.20
C ALA F 184 -45.63 0.87 -3.92
N THR F 185 -46.35 0.40 -4.94
CA THR F 185 -45.98 -0.80 -5.69
C THR F 185 -45.21 -0.51 -7.01
N GLY F 186 -44.90 0.77 -7.25
CA GLY F 186 -44.00 1.12 -8.35
C GLY F 186 -44.65 1.25 -9.71
N ASN F 187 -45.98 1.37 -9.71
CA ASN F 187 -46.73 1.63 -10.93
C ASN F 187 -46.58 3.06 -11.39
N VAL F 188 -47.09 3.34 -12.58
CA VAL F 188 -47.24 4.71 -13.05
C VAL F 188 -48.73 5.01 -13.29
N VAL F 189 -49.10 6.29 -13.27
CA VAL F 189 -50.51 6.69 -13.19
C VAL F 189 -50.91 7.75 -14.21
N VAL F 190 -52.04 7.52 -14.86
CA VAL F 190 -52.75 8.56 -15.61
C VAL F 190 -54.11 8.75 -14.92
N MET F 191 -54.25 9.84 -14.20
CA MET F 191 -55.45 10.07 -13.41
C MET F 191 -56.39 11.04 -14.09
N LYS F 192 -57.67 10.68 -14.11
CA LYS F 192 -58.71 11.54 -14.61
C LYS F 192 -59.60 11.95 -13.44
N VAL F 193 -59.46 13.21 -13.03
CA VAL F 193 -60.26 13.75 -11.92
C VAL F 193 -61.63 14.20 -12.40
N ALA F 194 -62.58 14.30 -11.49
CA ALA F 194 -63.95 14.62 -11.82
C ALA F 194 -64.05 16.06 -12.30
N GLU F 195 -64.89 16.30 -13.31
CA GLU F 195 -65.04 17.64 -13.87
C GLU F 195 -65.63 18.63 -12.87
N GLN F 196 -66.42 18.12 -11.92
CA GLN F 196 -67.02 18.94 -10.87
C GLN F 196 -66.00 19.45 -9.87
N THR F 197 -64.93 18.66 -9.65
CA THR F 197 -63.93 18.95 -8.61
C THR F 197 -62.48 18.69 -9.05
N PRO F 198 -61.98 19.44 -10.06
CA PRO F 198 -60.63 19.21 -10.55
C PRO F 198 -59.50 19.87 -9.71
N LEU F 199 -59.80 20.97 -9.05
CA LEU F 199 -58.78 21.88 -8.52
C LEU F 199 -57.80 21.32 -7.48
N THR F 200 -58.29 20.67 -6.43
CA THR F 200 -57.40 20.21 -5.35
C THR F 200 -56.42 19.13 -5.80
N ALA F 201 -56.89 18.23 -6.66
CA ALA F 201 -56.03 17.18 -7.22
C ALA F 201 -54.92 17.77 -8.09
N LEU F 202 -55.23 18.84 -8.82
CA LEU F 202 -54.21 19.53 -9.61
C LEU F 202 -53.15 20.20 -8.72
N TYR F 203 -53.57 20.76 -7.59
CA TYR F 203 -52.60 21.37 -6.69
C TYR F 203 -51.67 20.29 -6.10
N VAL F 204 -52.24 19.13 -5.79
CA VAL F 204 -51.46 18.00 -5.27
C VAL F 204 -50.43 17.53 -6.29
N ALA F 205 -50.74 17.66 -7.58
CA ALA F 205 -49.79 17.33 -8.65
C ALA F 205 -48.55 18.21 -8.54
N ASN F 206 -48.77 19.46 -8.15
CA ASN F 206 -47.65 20.37 -7.95
C ASN F 206 -46.74 19.89 -6.82
N LEU F 207 -47.37 19.34 -5.78
CA LEU F 207 -46.66 18.83 -4.61
C LEU F 207 -45.98 17.51 -4.95
N ILE F 208 -46.57 16.75 -5.86
CA ILE F 208 -45.95 15.51 -6.36
C ILE F 208 -44.62 15.84 -7.04
N LYS F 209 -44.63 16.88 -7.86
CA LYS F 209 -43.42 17.41 -8.48
C LYS F 209 -42.42 17.93 -7.42
N GLU F 210 -42.90 18.73 -6.46
CA GLU F 210 -42.05 19.24 -5.40
C GLU F 210 -41.39 18.10 -4.60
N ALA F 211 -42.15 17.04 -4.35
CA ALA F 211 -41.65 15.86 -3.60
C ALA F 211 -40.48 15.15 -4.28
N GLY F 212 -40.35 15.31 -5.59
CA GLY F 212 -39.24 14.71 -6.33
C GLY F 212 -39.57 13.44 -7.11
N PHE F 213 -40.86 13.11 -7.26
CA PHE F 213 -41.26 11.97 -8.09
C PHE F 213 -40.81 12.20 -9.53
N PRO F 214 -40.17 11.18 -10.15
CA PRO F 214 -39.71 11.31 -11.54
C PRO F 214 -40.82 11.75 -12.49
N PRO F 215 -40.47 12.51 -13.54
CA PRO F 215 -41.52 12.93 -14.49
C PRO F 215 -42.22 11.73 -15.15
N GLY F 216 -43.55 11.82 -15.25
CA GLY F 216 -44.35 10.80 -15.90
C GLY F 216 -44.91 9.74 -14.98
N VAL F 217 -44.46 9.73 -13.73
CA VAL F 217 -44.92 8.75 -12.74
C VAL F 217 -46.39 9.01 -12.38
N VAL F 218 -46.74 10.28 -12.16
CA VAL F 218 -48.13 10.66 -11.98
C VAL F 218 -48.50 11.74 -13.00
N ASN F 219 -49.52 11.45 -13.81
CA ASN F 219 -50.04 12.40 -14.79
C ASN F 219 -51.51 12.58 -14.51
N ILE F 220 -51.98 13.82 -14.56
CA ILE F 220 -53.37 14.11 -14.27
C ILE F 220 -54.02 14.88 -15.43
N VAL F 221 -55.14 14.36 -15.91
CA VAL F 221 -55.88 14.97 -17.00
C VAL F 221 -57.28 15.35 -16.52
N PRO F 222 -57.50 16.66 -16.26
CA PRO F 222 -58.87 17.10 -16.00
C PRO F 222 -59.65 17.09 -17.30
N GLY F 223 -60.98 17.00 -17.21
CA GLY F 223 -61.83 16.86 -18.40
C GLY F 223 -63.06 16.04 -18.09
N PHE F 224 -63.87 15.78 -19.11
CA PHE F 224 -65.15 15.08 -18.93
C PHE F 224 -65.04 13.58 -19.12
N GLY F 225 -66.12 12.88 -18.83
CA GLY F 225 -66.15 11.41 -18.81
C GLY F 225 -66.05 10.69 -20.15
N PRO F 226 -67.04 10.92 -21.04
CA PRO F 226 -67.07 10.23 -22.33
C PRO F 226 -65.94 10.63 -23.26
N THR F 227 -65.19 11.66 -22.86
CA THR F 227 -64.02 12.13 -23.62
C THR F 227 -62.73 11.56 -23.00
N ALA F 228 -62.20 12.22 -21.97
CA ALA F 228 -60.95 11.82 -21.33
C ALA F 228 -61.02 10.48 -20.58
N GLY F 229 -62.10 10.28 -19.83
CA GLY F 229 -62.30 9.04 -19.09
C GLY F 229 -62.35 7.83 -20.01
N ALA F 230 -63.17 7.92 -21.06
CA ALA F 230 -63.33 6.83 -22.03
C ALA F 230 -62.03 6.57 -22.80
N ALA F 231 -61.29 7.64 -23.08
CA ALA F 231 -59.98 7.50 -23.73
C ALA F 231 -59.02 6.63 -22.93
N ILE F 232 -59.10 6.73 -21.61
CA ILE F 232 -58.27 5.93 -20.70
C ILE F 232 -58.76 4.49 -20.67
N ALA F 233 -60.07 4.31 -20.51
CA ALA F 233 -60.69 2.97 -20.43
C ALA F 233 -60.43 2.12 -21.67
N SER F 234 -60.43 2.76 -22.83
CA SER F 234 -60.27 2.09 -24.13
C SER F 234 -58.84 2.06 -24.65
N HIS F 235 -57.91 2.68 -23.92
CA HIS F 235 -56.54 2.85 -24.41
C HIS F 235 -55.81 1.52 -24.53
N GLU F 236 -55.09 1.35 -25.64
CA GLU F 236 -54.38 0.09 -25.93
C GLU F 236 -53.07 -0.11 -25.15
N ASP F 237 -52.62 0.91 -24.41
CA ASP F 237 -51.37 0.83 -23.64
C ASP F 237 -51.54 1.18 -22.16
N VAL F 238 -52.78 1.18 -21.68
CA VAL F 238 -53.07 1.25 -20.26
C VAL F 238 -53.26 -0.20 -19.80
N ASP F 239 -52.52 -0.60 -18.77
CA ASP F 239 -52.49 -2.01 -18.35
C ASP F 239 -53.61 -2.36 -17.36
N LYS F 240 -54.11 -1.33 -16.67
CA LYS F 240 -55.02 -1.51 -15.54
C LYS F 240 -55.85 -0.26 -15.38
N VAL F 241 -57.15 -0.42 -15.18
CA VAL F 241 -58.02 0.70 -14.87
C VAL F 241 -58.71 0.51 -13.51
N ALA F 242 -58.72 1.57 -12.71
CA ALA F 242 -59.52 1.61 -11.49
C ALA F 242 -60.56 2.72 -11.64
N PHE F 243 -61.82 2.38 -11.41
CA PHE F 243 -62.91 3.35 -11.55
C PHE F 243 -63.74 3.46 -10.28
N ALA F 244 -64.07 4.69 -9.90
CA ALA F 244 -65.06 4.93 -8.85
C ALA F 244 -66.13 5.91 -9.34
N GLY F 245 -67.39 5.57 -9.08
CA GLY F 245 -68.52 6.35 -9.59
C GLY F 245 -69.80 5.53 -9.68
N SER F 246 -70.61 5.83 -10.70
CA SER F 246 -71.91 5.18 -10.87
C SER F 246 -71.78 3.76 -11.43
N THR F 247 -72.85 2.98 -11.24
CA THR F 247 -72.99 1.64 -11.82
C THR F 247 -73.00 1.71 -13.34
N GLU F 248 -73.75 2.68 -13.88
CA GLU F 248 -73.84 2.92 -15.32
C GLU F 248 -72.46 2.96 -15.97
N ILE F 249 -71.58 3.82 -15.47
CA ILE F 249 -70.26 4.00 -16.07
C ILE F 249 -69.33 2.85 -15.72
N GLY F 250 -69.53 2.21 -14.56
CA GLY F 250 -68.82 0.98 -14.23
C GLY F 250 -68.93 -0.08 -15.34
N ARG F 251 -70.15 -0.31 -15.81
CA ARG F 251 -70.39 -1.23 -16.93
C ARG F 251 -69.64 -0.78 -18.17
N VAL F 252 -69.79 0.50 -18.51
CA VAL F 252 -69.09 1.10 -19.65
C VAL F 252 -67.59 0.87 -19.55
N ILE F 253 -67.03 0.99 -18.34
CA ILE F 253 -65.60 0.79 -18.10
C ILE F 253 -65.17 -0.67 -18.38
N GLN F 254 -65.92 -1.63 -17.84
CA GLN F 254 -65.61 -3.05 -18.02
C GLN F 254 -65.75 -3.50 -19.48
N VAL F 255 -66.74 -2.95 -20.19
CA VAL F 255 -66.96 -3.28 -21.60
C VAL F 255 -65.84 -2.73 -22.47
N ALA F 256 -65.41 -1.50 -22.18
CA ALA F 256 -64.33 -0.85 -22.89
C ALA F 256 -63.02 -1.60 -22.71
N ALA F 257 -62.76 -2.07 -21.50
CA ALA F 257 -61.57 -2.84 -21.17
C ALA F 257 -61.55 -4.14 -21.97
N GLY F 258 -62.69 -4.83 -21.99
CA GLY F 258 -62.87 -6.03 -22.80
C GLY F 258 -62.75 -5.79 -24.31
N SER F 259 -63.29 -4.66 -24.77
CA SER F 259 -63.28 -4.28 -26.20
C SER F 259 -61.92 -3.78 -26.70
N SER F 260 -61.02 -3.42 -25.78
CA SER F 260 -59.72 -2.88 -26.15
C SER F 260 -58.58 -3.89 -25.93
N ASN F 261 -57.86 -3.79 -24.81
CA ASN F 261 -56.66 -4.59 -24.62
C ASN F 261 -56.74 -5.58 -23.46
N LEU F 262 -57.93 -5.75 -22.90
CA LEU F 262 -58.14 -6.67 -21.79
C LEU F 262 -57.35 -6.22 -20.55
N LYS F 263 -57.29 -4.90 -20.36
CA LYS F 263 -56.71 -4.33 -19.15
C LYS F 263 -57.47 -4.81 -17.91
N ARG F 264 -56.76 -4.91 -16.81
CA ARG F 264 -57.32 -5.36 -15.54
C ARG F 264 -58.20 -4.26 -14.95
N VAL F 265 -59.31 -4.66 -14.33
CA VAL F 265 -60.34 -3.71 -13.92
C VAL F 265 -60.71 -3.89 -12.46
N THR F 266 -60.73 -2.78 -11.71
CA THR F 266 -61.38 -2.75 -10.39
C THR F 266 -62.38 -1.60 -10.31
N LEU F 267 -63.47 -1.83 -9.58
CA LEU F 267 -64.60 -0.90 -9.57
C LEU F 267 -65.15 -0.69 -8.16
N GLU F 268 -65.48 0.56 -7.87
CA GLU F 268 -66.19 0.90 -6.64
C GLU F 268 -67.41 1.72 -7.05
N LEU F 269 -68.58 1.15 -6.85
CA LEU F 269 -69.79 1.70 -7.42
C LEU F 269 -70.75 2.12 -6.30
N GLY F 270 -72.02 2.27 -6.61
CA GLY F 270 -72.92 2.76 -5.57
C GLY F 270 -73.17 1.80 -4.42
N GLY F 271 -74.19 2.12 -3.64
CA GLY F 271 -74.69 1.21 -2.64
C GLY F 271 -76.07 1.62 -2.22
N LYS F 272 -76.73 0.73 -1.49
CA LYS F 272 -77.92 1.06 -0.74
C LYS F 272 -77.78 0.33 0.60
N SER F 273 -76.82 0.81 1.40
CA SER F 273 -76.34 0.08 2.56
C SER F 273 -77.33 0.10 3.73
N PRO F 274 -77.66 -1.09 4.28
CA PRO F 274 -78.56 -1.22 5.42
C PRO F 274 -77.90 -0.96 6.80
N ASN F 275 -78.54 -0.12 7.59
CA ASN F 275 -78.15 0.11 8.97
C ASN F 275 -79.22 -0.48 9.89
N ILE F 276 -78.85 -1.54 10.61
CA ILE F 276 -79.82 -2.33 11.38
C ILE F 276 -79.76 -2.02 12.88
N ILE F 277 -80.84 -1.43 13.39
CA ILE F 277 -80.96 -1.09 14.81
C ILE F 277 -81.82 -2.13 15.52
N MET F 278 -81.15 -2.98 16.31
CA MET F 278 -81.85 -3.99 17.12
C MET F 278 -82.42 -3.30 18.35
N SER F 279 -83.42 -3.92 18.98
CA SER F 279 -84.12 -3.29 20.12
C SER F 279 -83.25 -3.13 21.36
N ASP F 280 -82.17 -3.93 21.47
CA ASP F 280 -81.27 -3.82 22.60
C ASP F 280 -80.11 -2.83 22.38
N ALA F 281 -80.14 -2.11 21.27
CA ALA F 281 -79.10 -1.13 20.97
C ALA F 281 -79.12 0.05 21.96
N ASP F 282 -77.98 0.73 22.07
CA ASP F 282 -77.90 2.00 22.80
C ASP F 282 -78.62 3.06 21.96
N MET F 283 -79.77 3.52 22.44
CA MET F 283 -80.64 4.43 21.68
C MET F 283 -79.98 5.74 21.23
N ASP F 284 -79.47 6.51 22.17
CA ASP F 284 -78.82 7.79 21.85
C ASP F 284 -77.69 7.60 20.87
N TRP F 285 -76.82 6.62 21.13
CA TRP F 285 -75.71 6.31 20.24
C TRP F 285 -76.22 5.94 18.85
N ALA F 286 -77.16 5.01 18.79
CA ALA F 286 -77.71 4.51 17.53
C ALA F 286 -78.38 5.60 16.70
N VAL F 287 -79.08 6.52 17.37
CA VAL F 287 -79.72 7.66 16.69
C VAL F 287 -78.70 8.60 16.06
N GLU F 288 -77.66 8.96 16.81
CA GLU F 288 -76.62 9.88 16.31
C GLU F 288 -75.82 9.24 15.19
N GLN F 289 -75.46 7.98 15.36
CA GLN F 289 -74.73 7.24 14.32
C GLN F 289 -75.55 7.00 13.06
N ALA F 290 -76.85 6.78 13.20
CA ALA F 290 -77.72 6.56 12.04
C ALA F 290 -77.87 7.85 11.24
N HIS F 291 -77.93 8.97 11.94
CA HIS F 291 -77.98 10.30 11.34
C HIS F 291 -76.67 10.60 10.59
N PHE F 292 -75.55 10.32 11.24
CA PHE F 292 -74.24 10.47 10.60
C PHE F 292 -74.09 9.49 9.42
N ALA F 293 -74.53 8.25 9.59
CA ALA F 293 -74.46 7.21 8.55
C ALA F 293 -75.10 7.64 7.23
N LEU F 294 -76.17 8.42 7.32
CA LEU F 294 -76.92 8.88 6.15
C LEU F 294 -76.43 10.25 5.69
N PHE F 295 -76.40 11.21 6.61
CA PHE F 295 -76.21 12.62 6.26
C PHE F 295 -74.77 13.07 6.01
N PHE F 296 -73.79 12.28 6.44
CA PHE F 296 -72.37 12.63 6.24
C PHE F 296 -72.05 13.03 4.79
N ASN F 297 -71.24 14.08 4.63
CA ASN F 297 -70.82 14.57 3.31
C ASN F 297 -72.01 14.85 2.38
N GLN F 298 -73.07 15.47 2.93
CA GLN F 298 -74.27 15.85 2.18
C GLN F 298 -74.98 14.63 1.59
N GLY F 299 -74.85 13.50 2.29
CA GLY F 299 -75.39 12.22 1.84
C GLY F 299 -74.64 11.65 0.65
N GLN F 300 -73.54 12.30 0.28
CA GLN F 300 -72.78 11.95 -0.92
C GLN F 300 -71.64 10.99 -0.58
N CYS F 301 -72.02 9.81 -0.10
N CYS F 301 -72.02 9.83 -0.03
CA CYS F 301 -71.08 8.79 0.32
CA CYS F 301 -71.08 8.76 0.31
C CYS F 301 -71.50 7.44 -0.27
C CYS F 301 -71.53 7.47 -0.35
N CYS F 302 -70.56 6.77 -0.93
CA CYS F 302 -70.80 5.47 -1.58
C CYS F 302 -71.51 4.49 -0.65
N CYS F 303 -71.11 4.49 0.63
CA CYS F 303 -71.56 3.53 1.62
C CYS F 303 -72.56 4.12 2.63
N ALA F 304 -73.23 5.21 2.26
CA ALA F 304 -74.26 5.82 3.11
C ALA F 304 -75.28 4.79 3.59
N GLY F 305 -75.55 4.78 4.89
CA GLY F 305 -76.57 3.91 5.49
C GLY F 305 -77.96 4.41 5.13
N SER F 306 -78.37 4.11 3.90
CA SER F 306 -79.55 4.72 3.29
C SER F 306 -80.82 3.90 3.46
N ARG F 307 -80.67 2.73 4.08
CA ARG F 307 -81.81 1.97 4.55
C ARG F 307 -81.64 1.74 6.05
N THR F 308 -82.34 2.52 6.87
CA THR F 308 -82.26 2.38 8.32
C THR F 308 -83.36 1.46 8.85
N PHE F 309 -83.00 0.19 9.09
CA PHE F 309 -83.94 -0.79 9.63
C PHE F 309 -83.97 -0.68 11.14
N VAL F 310 -85.18 -0.49 11.68
CA VAL F 310 -85.38 -0.33 13.12
C VAL F 310 -86.37 -1.36 13.62
N GLN F 311 -85.96 -2.13 14.64
N GLN F 311 -85.96 -2.14 14.63
CA GLN F 311 -86.84 -3.14 15.25
CA GLN F 311 -86.84 -3.16 15.22
C GLN F 311 -88.09 -2.44 15.77
C GLN F 311 -88.07 -2.49 15.81
N GLU F 312 -89.23 -3.11 15.60
CA GLU F 312 -90.54 -2.48 15.90
C GLU F 312 -90.78 -1.93 17.31
N ASP F 313 -90.20 -2.57 18.33
CA ASP F 313 -90.39 -2.14 19.73
C ASP F 313 -89.80 -0.76 20.03
N ILE F 314 -88.77 -0.38 19.27
CA ILE F 314 -88.14 0.93 19.43
C ILE F 314 -88.38 1.87 18.24
N TYR F 315 -89.17 1.43 17.26
CA TYR F 315 -89.37 2.18 16.02
C TYR F 315 -89.84 3.60 16.28
N ASP F 316 -90.91 3.74 17.08
CA ASP F 316 -91.53 5.04 17.32
C ASP F 316 -90.59 6.06 17.95
N GLU F 317 -89.89 5.65 19.01
CA GLU F 317 -88.94 6.53 19.70
C GLU F 317 -87.77 6.92 18.80
N PHE F 318 -87.21 5.92 18.11
CA PHE F 318 -86.05 6.13 17.22
C PHE F 318 -86.39 7.15 16.13
N VAL F 319 -87.56 7.01 15.51
CA VAL F 319 -87.99 7.92 14.46
C VAL F 319 -88.14 9.34 15.01
N GLU F 320 -88.81 9.45 16.16
CA GLU F 320 -89.03 10.72 16.83
C GLU F 320 -87.70 11.46 17.08
N ARG F 321 -86.72 10.72 17.61
CA ARG F 321 -85.39 11.27 17.85
C ARG F 321 -84.63 11.60 16.56
N SER F 322 -84.83 10.78 15.53
CA SER F 322 -84.18 10.98 14.23
C SER F 322 -84.68 12.25 13.53
N VAL F 323 -85.99 12.48 13.58
CA VAL F 323 -86.60 13.67 12.97
C VAL F 323 -86.12 14.94 13.69
N ALA F 324 -86.08 14.88 15.02
CA ALA F 324 -85.54 15.99 15.82
C ALA F 324 -84.11 16.33 15.39
N ARG F 325 -83.26 15.32 15.30
CA ARG F 325 -81.85 15.49 14.94
C ARG F 325 -81.66 16.01 13.52
N ALA F 326 -82.50 15.56 12.59
CA ALA F 326 -82.46 16.04 11.21
C ALA F 326 -82.90 17.50 11.14
N LYS F 327 -83.93 17.84 11.91
CA LYS F 327 -84.45 19.21 11.97
C LYS F 327 -83.46 20.20 12.61
N SER F 328 -82.58 19.71 13.48
CA SER F 328 -81.57 20.57 14.11
C SER F 328 -80.32 20.75 13.24
N ARG F 329 -80.14 19.86 12.26
CA ARG F 329 -78.95 19.89 11.40
C ARG F 329 -78.80 21.24 10.71
N VAL F 330 -77.67 21.90 10.93
CA VAL F 330 -77.44 23.23 10.40
C VAL F 330 -76.94 23.20 8.94
N VAL F 331 -77.71 23.85 8.07
CA VAL F 331 -77.40 23.95 6.66
C VAL F 331 -77.02 25.40 6.37
N GLY F 332 -75.90 25.61 5.68
CA GLY F 332 -75.46 26.94 5.30
C GLY F 332 -74.08 26.98 4.67
N ASN F 333 -73.48 28.16 4.67
CA ASN F 333 -72.13 28.41 4.20
C ASN F 333 -71.15 27.40 4.82
N PRO F 334 -70.56 26.52 3.99
CA PRO F 334 -69.63 25.51 4.52
C PRO F 334 -68.41 26.11 5.21
N PHE F 335 -68.12 27.38 4.98
CA PHE F 335 -67.01 28.07 5.64
C PHE F 335 -67.34 28.59 7.06
N ASP F 336 -68.63 28.71 7.38
CA ASP F 336 -69.07 29.03 8.75
C ASP F 336 -68.92 27.80 9.64
N SER F 337 -68.25 27.97 10.78
CA SER F 337 -67.98 26.86 11.71
C SER F 337 -69.22 26.14 12.24
N LYS F 338 -70.36 26.83 12.23
CA LYS F 338 -71.61 26.27 12.76
C LYS F 338 -72.32 25.35 11.76
N THR F 339 -71.92 25.42 10.49
CA THR F 339 -72.50 24.60 9.41
C THR F 339 -72.14 23.11 9.55
N GLU F 340 -73.17 22.27 9.59
CA GLU F 340 -73.00 20.82 9.52
C GLU F 340 -73.10 20.32 8.09
N GLN F 341 -73.94 20.98 7.28
CA GLN F 341 -74.22 20.55 5.92
C GLN F 341 -74.10 21.68 4.89
N GLY F 342 -73.23 21.48 3.89
CA GLY F 342 -73.08 22.43 2.79
C GLY F 342 -74.03 22.11 1.64
N PRO F 343 -73.74 22.65 0.44
CA PRO F 343 -74.58 22.35 -0.73
C PRO F 343 -74.26 20.98 -1.31
N GLN F 344 -75.17 20.47 -2.16
CA GLN F 344 -74.85 19.34 -3.02
C GLN F 344 -73.81 19.80 -4.04
N VAL F 345 -73.13 18.86 -4.69
CA VAL F 345 -71.95 19.19 -5.51
C VAL F 345 -72.28 20.08 -6.73
N ASP F 346 -73.43 19.84 -7.35
CA ASP F 346 -73.80 20.56 -8.58
C ASP F 346 -75.29 20.54 -8.84
N GLU F 347 -75.68 21.17 -9.94
CA GLU F 347 -77.08 21.27 -10.31
C GLU F 347 -77.68 19.94 -10.71
N THR F 348 -76.89 19.11 -11.38
CA THR F 348 -77.37 17.79 -11.82
C THR F 348 -77.81 16.94 -10.64
N GLN F 349 -76.95 16.84 -9.63
CA GLN F 349 -77.26 16.09 -8.40
C GLN F 349 -78.44 16.72 -7.65
N PHE F 350 -78.41 18.05 -7.53
CA PHE F 350 -79.48 18.82 -6.92
C PHE F 350 -80.86 18.41 -7.47
N LYS F 351 -81.01 18.45 -8.79
CA LYS F 351 -82.26 18.09 -9.44
C LYS F 351 -82.58 16.60 -9.28
N LYS F 352 -81.53 15.77 -9.32
CA LYS F 352 -81.71 14.34 -9.15
C LYS F 352 -82.29 14.01 -7.78
N ILE F 353 -81.83 14.72 -6.75
CA ILE F 353 -82.32 14.51 -5.38
C ILE F 353 -83.76 14.99 -5.23
N LEU F 354 -84.06 16.16 -5.79
CA LEU F 354 -85.43 16.67 -5.83
C LEU F 354 -86.38 15.67 -6.51
N GLY F 355 -85.91 15.04 -7.57
CA GLY F 355 -86.66 13.96 -8.22
C GLY F 355 -87.02 12.84 -7.26
N TYR F 356 -86.01 12.34 -6.55
CA TYR F 356 -86.18 11.21 -5.62
C TYR F 356 -87.09 11.55 -4.45
N ILE F 357 -86.97 12.77 -3.94
CA ILE F 357 -87.83 13.22 -2.87
C ILE F 357 -89.29 13.19 -3.32
N ASN F 358 -89.57 13.78 -4.49
CA ASN F 358 -90.92 13.72 -5.05
C ASN F 358 -91.39 12.29 -5.30
N THR F 359 -90.46 11.43 -5.72
CA THR F 359 -90.75 10.01 -5.91
C THR F 359 -91.19 9.36 -4.60
N GLY F 360 -90.45 9.62 -3.52
CA GLY F 360 -90.77 9.09 -2.19
C GLY F 360 -92.16 9.48 -1.74
N LYS F 361 -92.51 10.73 -1.98
CA LYS F 361 -93.84 11.26 -1.67
C LYS F 361 -94.93 10.56 -2.50
N GLN F 362 -94.68 10.36 -3.79
CA GLN F 362 -95.68 9.75 -4.67
C GLN F 362 -95.88 8.25 -4.38
N GLU F 363 -94.82 7.59 -3.93
CA GLU F 363 -94.92 6.15 -3.68
C GLU F 363 -95.39 5.80 -2.26
N GLY F 364 -95.77 6.82 -1.50
CA GLY F 364 -96.40 6.60 -0.20
C GLY F 364 -95.49 6.45 1.00
N ALA F 365 -94.22 6.85 0.87
CA ALA F 365 -93.35 7.00 2.03
C ALA F 365 -93.81 8.22 2.83
N LYS F 366 -93.73 8.13 4.15
CA LYS F 366 -94.23 9.19 5.02
C LYS F 366 -93.15 10.26 5.19
N LEU F 367 -93.41 11.45 4.64
CA LEU F 367 -92.48 12.58 4.77
C LEU F 367 -92.58 13.17 6.17
N LEU F 368 -91.52 12.98 6.95
CA LEU F 368 -91.51 13.38 8.34
C LEU F 368 -90.92 14.77 8.58
N CYS F 369 -89.95 15.14 7.75
CA CYS F 369 -89.36 16.50 7.79
C CYS F 369 -88.65 16.83 6.49
N GLY F 370 -88.33 18.11 6.31
CA GLY F 370 -87.61 18.57 5.12
C GLY F 370 -88.43 18.38 3.86
N GLY F 371 -87.79 17.86 2.81
CA GLY F 371 -88.46 17.56 1.54
C GLY F 371 -88.30 18.64 0.48
N GLY F 372 -87.50 19.66 0.78
CA GLY F 372 -87.43 20.84 -0.08
C GLY F 372 -86.06 21.46 -0.26
N ILE F 373 -86.06 22.61 -0.92
CA ILE F 373 -84.84 23.38 -1.18
C ILE F 373 -84.55 24.28 0.01
N ALA F 374 -83.30 24.28 0.47
CA ALA F 374 -82.93 24.94 1.73
C ALA F 374 -82.48 26.40 1.62
N ALA F 375 -82.07 26.84 0.43
CA ALA F 375 -81.61 28.21 0.22
C ALA F 375 -81.80 28.63 -1.23
N ASP F 376 -81.65 29.93 -1.49
CA ASP F 376 -81.82 30.49 -2.81
C ASP F 376 -80.60 30.21 -3.69
N ARG F 377 -79.44 30.71 -3.28
CA ARG F 377 -78.20 30.51 -4.04
C ARG F 377 -77.60 29.16 -3.72
N GLY F 378 -76.84 28.61 -4.68
CA GLY F 378 -76.17 27.33 -4.47
C GLY F 378 -77.13 26.18 -4.63
N TYR F 379 -76.72 25.01 -4.11
CA TYR F 379 -77.49 23.78 -4.31
C TYR F 379 -77.82 23.11 -2.97
N PHE F 380 -78.50 23.86 -2.10
CA PHE F 380 -78.82 23.41 -0.76
C PHE F 380 -80.16 22.69 -0.69
N ILE F 381 -80.18 21.54 -0.01
CA ILE F 381 -81.37 20.73 0.16
C ILE F 381 -81.58 20.41 1.64
N GLN F 382 -82.83 20.54 2.09
CA GLN F 382 -83.19 20.31 3.48
C GLN F 382 -82.98 18.87 3.90
N PRO F 383 -82.40 18.65 5.10
CA PRO F 383 -82.33 17.29 5.63
C PRO F 383 -83.73 16.68 5.63
N THR F 384 -83.86 15.53 4.98
CA THR F 384 -85.16 14.93 4.70
C THR F 384 -85.22 13.51 5.27
N VAL F 385 -86.32 13.21 5.98
CA VAL F 385 -86.53 11.88 6.56
C VAL F 385 -87.85 11.25 6.08
N PHE F 386 -87.76 10.06 5.50
CA PHE F 386 -88.94 9.28 5.15
C PHE F 386 -89.13 8.14 6.15
N GLY F 387 -90.34 8.08 6.70
CA GLY F 387 -90.72 6.98 7.60
C GLY F 387 -91.64 6.00 6.90
N ASP F 388 -91.83 4.83 7.51
CA ASP F 388 -92.66 3.74 6.96
C ASP F 388 -92.29 3.32 5.53
N VAL F 389 -90.99 3.38 5.25
CA VAL F 389 -90.47 2.98 3.95
C VAL F 389 -90.61 1.47 3.79
N GLN F 390 -90.94 1.02 2.58
CA GLN F 390 -91.09 -0.39 2.26
C GLN F 390 -90.04 -0.83 1.24
N ASP F 391 -89.64 -2.09 1.30
CA ASP F 391 -88.59 -2.66 0.44
C ASP F 391 -88.80 -2.42 -1.05
N GLY F 392 -90.06 -2.51 -1.49
CA GLY F 392 -90.41 -2.36 -2.90
C GLY F 392 -90.36 -0.94 -3.43
N MET F 393 -90.23 0.04 -2.52
CA MET F 393 -90.19 1.45 -2.91
C MET F 393 -88.91 1.81 -3.67
N THR F 394 -89.05 2.70 -4.65
CA THR F 394 -87.90 3.22 -5.40
C THR F 394 -86.86 3.85 -4.47
N ILE F 395 -87.31 4.69 -3.54
CA ILE F 395 -86.39 5.33 -2.58
C ILE F 395 -85.73 4.33 -1.59
N ALA F 396 -86.28 3.12 -1.52
CA ALA F 396 -85.70 2.04 -0.74
C ALA F 396 -84.71 1.20 -1.57
N LYS F 397 -84.78 1.34 -2.89
CA LYS F 397 -83.95 0.52 -3.77
C LYS F 397 -82.77 1.27 -4.40
N GLU F 398 -83.01 2.53 -4.75
CA GLU F 398 -82.04 3.33 -5.51
C GLU F 398 -81.20 4.29 -4.67
N GLU F 399 -79.94 4.44 -5.06
CA GLU F 399 -79.02 5.41 -4.46
C GLU F 399 -79.44 6.85 -4.77
N ILE F 400 -79.75 7.60 -3.73
CA ILE F 400 -80.25 8.97 -3.89
C ILE F 400 -79.09 9.96 -3.86
N PHE F 401 -78.09 9.66 -3.02
CA PHE F 401 -76.87 10.45 -2.90
C PHE F 401 -77.12 11.88 -2.40
N GLY F 402 -78.11 12.04 -1.53
CA GLY F 402 -78.44 13.32 -0.90
C GLY F 402 -78.86 13.14 0.55
N PRO F 403 -79.19 14.25 1.25
CA PRO F 403 -79.64 14.19 2.64
C PRO F 403 -81.10 13.72 2.74
N VAL F 404 -81.35 12.48 2.35
CA VAL F 404 -82.67 11.89 2.31
C VAL F 404 -82.57 10.54 3.00
N MET F 405 -83.30 10.38 4.10
CA MET F 405 -83.17 9.24 4.98
C MET F 405 -84.39 8.34 4.88
N GLN F 406 -84.15 7.02 4.80
CA GLN F 406 -85.23 6.03 4.75
C GLN F 406 -85.26 5.21 6.04
N ILE F 407 -86.40 5.20 6.72
CA ILE F 407 -86.54 4.40 7.93
C ILE F 407 -87.58 3.31 7.73
N LEU F 408 -87.15 2.07 7.96
CA LEU F 408 -87.96 0.88 7.74
C LEU F 408 -88.13 0.12 9.04
N LYS F 409 -89.29 -0.49 9.22
CA LYS F 409 -89.62 -1.25 10.41
C LYS F 409 -89.44 -2.75 10.16
N PHE F 410 -88.94 -3.47 11.16
CA PHE F 410 -88.88 -4.93 11.07
C PHE F 410 -89.14 -5.56 12.44
N LYS F 411 -89.44 -6.86 12.44
CA LYS F 411 -89.71 -7.57 13.69
C LYS F 411 -88.56 -8.46 14.15
N THR F 412 -88.10 -9.36 13.28
CA THR F 412 -87.14 -10.39 13.70
C THR F 412 -85.79 -10.29 13.00
N ILE F 413 -84.79 -10.95 13.58
CA ILE F 413 -83.43 -10.92 13.07
C ILE F 413 -83.30 -11.72 11.76
N GLU F 414 -84.02 -12.83 11.64
CA GLU F 414 -84.05 -13.61 10.41
C GLU F 414 -84.69 -12.81 9.27
N GLU F 415 -85.81 -12.15 9.57
CA GLU F 415 -86.49 -11.27 8.61
C GLU F 415 -85.56 -10.18 8.08
N VAL F 416 -84.83 -9.51 8.99
CA VAL F 416 -84.01 -8.36 8.60
C VAL F 416 -82.79 -8.73 7.76
N VAL F 417 -82.21 -9.90 8.02
CA VAL F 417 -81.12 -10.44 7.18
C VAL F 417 -81.58 -10.54 5.72
N GLY F 418 -82.75 -11.15 5.51
CA GLY F 418 -83.28 -11.36 4.16
C GLY F 418 -83.58 -10.06 3.44
N ARG F 419 -84.13 -9.08 4.16
CA ARG F 419 -84.49 -7.79 3.58
C ARG F 419 -83.24 -6.93 3.34
N ALA F 420 -82.31 -6.94 4.30
CA ALA F 420 -81.04 -6.27 4.13
C ALA F 420 -80.26 -6.75 2.90
N ASN F 421 -80.23 -8.08 2.71
CA ASN F 421 -79.52 -8.72 1.59
C ASN F 421 -80.23 -8.66 0.22
N ASN F 422 -81.52 -8.34 0.24
CA ASN F 422 -82.29 -8.26 -0.99
C ASN F 422 -82.02 -6.94 -1.72
N SER F 423 -80.89 -6.90 -2.42
CA SER F 423 -80.41 -5.72 -3.12
C SER F 423 -79.31 -6.21 -4.05
N THR F 424 -79.10 -5.51 -5.16
CA THR F 424 -78.00 -5.89 -6.03
C THR F 424 -76.74 -5.11 -5.64
N TYR F 425 -76.88 -4.30 -4.59
CA TYR F 425 -75.77 -3.59 -3.98
C TYR F 425 -75.23 -4.39 -2.78
N GLY F 426 -74.00 -4.10 -2.37
CA GLY F 426 -73.37 -4.82 -1.26
C GLY F 426 -72.09 -4.16 -0.75
N LEU F 427 -72.10 -2.84 -0.67
CA LEU F 427 -70.89 -2.11 -0.30
C LEU F 427 -70.65 -2.14 1.21
N ALA F 428 -71.69 -1.83 1.97
CA ALA F 428 -71.55 -1.77 3.41
C ALA F 428 -72.84 -2.15 4.10
N ALA F 429 -72.76 -2.33 5.42
CA ALA F 429 -73.90 -2.55 6.28
C ALA F 429 -73.45 -2.27 7.72
N ALA F 430 -74.41 -2.12 8.62
CA ALA F 430 -74.10 -1.92 10.04
C ALA F 430 -75.13 -2.57 10.98
N VAL F 431 -74.66 -2.88 12.18
CA VAL F 431 -75.47 -3.55 13.18
C VAL F 431 -75.31 -2.81 14.51
N PHE F 432 -76.44 -2.43 15.11
CA PHE F 432 -76.45 -1.82 16.44
C PHE F 432 -77.17 -2.71 17.45
N THR F 433 -76.40 -3.26 18.39
CA THR F 433 -76.85 -4.24 19.38
C THR F 433 -75.80 -4.34 20.49
N LYS F 434 -76.23 -4.76 21.67
CA LYS F 434 -75.31 -5.03 22.77
C LYS F 434 -75.05 -6.52 22.90
N ASP F 435 -75.75 -7.31 22.09
CA ASP F 435 -75.71 -8.76 22.20
C ASP F 435 -74.60 -9.37 21.34
N LEU F 436 -73.78 -10.21 21.99
CA LEU F 436 -72.64 -10.84 21.34
C LEU F 436 -73.08 -11.74 20.18
N ASP F 437 -74.07 -12.58 20.43
CA ASP F 437 -74.53 -13.54 19.44
C ASP F 437 -75.21 -12.89 18.24
N LYS F 438 -76.02 -11.86 18.50
CA LYS F 438 -76.66 -11.09 17.44
C LYS F 438 -75.63 -10.42 16.53
N ALA F 439 -74.61 -9.82 17.16
CA ALA F 439 -73.53 -9.14 16.44
C ALA F 439 -72.81 -10.11 15.51
N ASN F 440 -72.46 -11.27 16.03
CA ASN F 440 -71.79 -12.32 15.25
C ASN F 440 -72.67 -12.97 14.17
N TYR F 441 -73.95 -13.16 14.49
CA TYR F 441 -74.92 -13.72 13.53
C TYR F 441 -75.09 -12.75 12.35
N LEU F 442 -75.41 -11.49 12.65
CA LEU F 442 -75.60 -10.49 11.60
C LEU F 442 -74.34 -10.19 10.74
N SER F 443 -73.19 -9.99 11.38
CA SER F 443 -71.97 -9.70 10.61
C SER F 443 -71.57 -10.84 9.67
N GLN F 444 -71.85 -12.07 10.07
CA GLN F 444 -71.65 -13.21 9.18
C GLN F 444 -72.67 -13.24 8.01
N ALA F 445 -73.94 -12.97 8.33
CA ALA F 445 -75.04 -13.13 7.40
C ALA F 445 -75.14 -12.04 6.32
N LEU F 446 -74.67 -10.84 6.65
CA LEU F 446 -74.78 -9.70 5.75
C LEU F 446 -73.83 -9.77 4.57
N GLN F 447 -74.38 -9.61 3.38
CA GLN F 447 -73.63 -9.65 2.14
C GLN F 447 -73.13 -8.25 1.79
N ALA F 448 -72.06 -7.83 2.49
CA ALA F 448 -71.49 -6.50 2.31
C ALA F 448 -69.98 -6.54 2.53
N GLY F 449 -69.26 -5.64 1.87
CA GLY F 449 -67.79 -5.58 1.97
C GLY F 449 -67.28 -5.15 3.34
N THR F 450 -68.03 -4.25 3.99
CA THR F 450 -67.73 -3.79 5.33
C THR F 450 -69.01 -3.88 6.17
N VAL F 451 -68.92 -4.60 7.29
CA VAL F 451 -70.00 -4.60 8.26
C VAL F 451 -69.50 -3.88 9.50
N TRP F 452 -70.18 -2.79 9.85
CA TRP F 452 -69.84 -2.03 11.05
C TRP F 452 -70.71 -2.47 12.22
N VAL F 453 -70.10 -2.63 13.39
CA VAL F 453 -70.82 -3.05 14.59
C VAL F 453 -70.75 -1.91 15.62
N ASN F 454 -71.92 -1.39 15.96
CA ASN F 454 -72.06 -0.23 16.86
C ASN F 454 -71.27 0.99 16.42
N CYS F 455 -71.04 1.12 15.11
CA CYS F 455 -70.44 2.32 14.53
C CYS F 455 -70.82 2.40 13.05
N TYR F 456 -70.29 3.41 12.36
CA TYR F 456 -70.52 3.57 10.92
C TYR F 456 -69.44 4.47 10.31
N ASP F 457 -69.12 4.23 9.04
CA ASP F 457 -68.13 5.05 8.31
C ASP F 457 -66.82 5.12 9.09
N VAL F 458 -66.38 3.98 9.62
CA VAL F 458 -65.09 3.87 10.26
C VAL F 458 -64.14 3.34 9.21
N PHE F 459 -63.45 4.26 8.56
CA PHE F 459 -62.44 3.91 7.57
C PHE F 459 -61.08 3.94 8.21
N GLY F 460 -60.26 2.96 7.89
CA GLY F 460 -58.91 2.96 8.35
C GLY F 460 -58.10 2.52 7.17
N ALA F 461 -56.97 3.19 6.95
CA ALA F 461 -56.07 2.82 5.89
C ALA F 461 -55.65 1.36 6.02
N GLN F 462 -55.72 0.81 7.24
CA GLN F 462 -55.31 -0.58 7.51
C GLN F 462 -56.36 -1.63 7.10
N SER F 463 -57.63 -1.22 7.06
CA SER F 463 -58.74 -2.14 6.76
C SER F 463 -59.28 -1.96 5.36
N PRO F 464 -59.36 -3.05 4.57
CA PRO F 464 -59.84 -2.96 3.18
C PRO F 464 -61.30 -2.52 3.08
N PHE F 465 -61.65 -1.98 1.91
CA PHE F 465 -62.98 -1.47 1.64
C PHE F 465 -63.33 -1.76 0.19
N GLY F 466 -64.54 -2.25 -0.03
CA GLY F 466 -65.04 -2.50 -1.39
C GLY F 466 -66.32 -3.29 -1.40
N GLY F 467 -66.87 -3.48 -2.59
CA GLY F 467 -68.22 -4.00 -2.73
C GLY F 467 -68.37 -5.47 -3.04
N TYR F 468 -69.47 -6.03 -2.54
CA TYR F 468 -70.05 -7.28 -3.02
C TYR F 468 -70.96 -6.94 -4.19
N LYS F 469 -71.30 -7.94 -5.00
CA LYS F 469 -72.31 -7.80 -6.06
C LYS F 469 -72.02 -6.59 -6.95
N MET F 470 -73.02 -5.75 -7.18
CA MET F 470 -72.90 -4.63 -8.12
C MET F 470 -72.38 -3.32 -7.50
N SER F 471 -71.89 -3.41 -6.25
CA SER F 471 -71.21 -2.28 -5.63
C SER F 471 -69.74 -2.20 -6.05
N GLY F 472 -69.32 -3.16 -6.86
CA GLY F 472 -67.96 -3.15 -7.37
C GLY F 472 -67.26 -4.47 -7.22
N SER F 473 -65.94 -4.45 -7.43
CA SER F 473 -65.10 -5.61 -7.27
C SER F 473 -63.69 -5.16 -6.89
N GLY F 474 -63.00 -6.03 -6.16
CA GLY F 474 -61.68 -5.72 -5.66
C GLY F 474 -61.79 -4.90 -4.39
N ARG F 475 -60.66 -4.72 -3.72
CA ARG F 475 -60.63 -4.00 -2.47
C ARG F 475 -59.58 -2.91 -2.48
N GLU F 476 -59.90 -1.81 -1.81
CA GLU F 476 -58.96 -0.72 -1.60
C GLU F 476 -58.63 -0.67 -0.14
N LEU F 477 -57.52 0.01 0.19
CA LEU F 477 -57.02 0.13 1.57
C LEU F 477 -56.47 -1.21 2.08
N GLY F 478 -55.70 -1.14 3.16
CA GLY F 478 -55.06 -2.31 3.72
C GLY F 478 -54.05 -2.94 2.79
N GLU F 479 -53.62 -4.14 3.14
CA GLU F 479 -52.72 -4.94 2.31
C GLU F 479 -53.41 -5.36 1.00
N TYR F 480 -54.71 -5.62 1.06
CA TYR F 480 -55.50 -6.04 -0.09
C TYR F 480 -55.52 -4.99 -1.20
N GLY F 481 -55.32 -3.72 -0.84
CA GLY F 481 -55.30 -2.62 -1.80
C GLY F 481 -54.13 -2.67 -2.76
N LEU F 482 -53.16 -3.52 -2.45
CA LEU F 482 -51.96 -3.71 -3.27
C LEU F 482 -52.14 -4.79 -4.34
N GLN F 483 -53.08 -5.70 -4.13
CA GLN F 483 -53.26 -6.86 -5.00
C GLN F 483 -53.52 -6.49 -6.46
N ALA F 484 -54.39 -5.51 -6.68
CA ALA F 484 -54.74 -5.06 -8.02
C ALA F 484 -53.64 -4.22 -8.68
N TYR F 485 -52.63 -3.84 -7.91
CA TYR F 485 -51.52 -3.04 -8.43
C TYR F 485 -50.25 -3.87 -8.57
N THR F 486 -50.42 -5.19 -8.50
CA THR F 486 -49.33 -6.14 -8.64
C THR F 486 -49.60 -7.09 -9.81
N GLU F 487 -48.57 -7.30 -10.63
CA GLU F 487 -48.59 -8.38 -11.60
C GLU F 487 -47.58 -9.44 -11.13
N VAL F 488 -48.02 -10.69 -11.07
CA VAL F 488 -47.25 -11.80 -10.51
C VAL F 488 -46.47 -12.54 -11.60
N LYS F 489 -45.19 -12.78 -11.35
CA LYS F 489 -44.35 -13.55 -12.26
C LYS F 489 -43.73 -14.70 -11.51
N THR F 490 -43.89 -15.91 -12.05
CA THR F 490 -43.23 -17.11 -11.52
C THR F 490 -41.94 -17.34 -12.29
N VAL F 491 -40.85 -17.54 -11.56
CA VAL F 491 -39.57 -17.92 -12.17
C VAL F 491 -39.23 -19.31 -11.66
N THR F 492 -39.10 -20.27 -12.58
CA THR F 492 -38.84 -21.65 -12.20
C THR F 492 -37.53 -22.12 -12.83
N VAL F 493 -36.55 -22.39 -11.97
CA VAL F 493 -35.16 -22.61 -12.37
C VAL F 493 -34.74 -24.05 -12.09
N LYS F 494 -34.29 -24.75 -13.13
CA LYS F 494 -33.70 -26.07 -12.97
C LYS F 494 -32.47 -25.99 -12.06
N VAL F 495 -32.38 -26.89 -11.09
CA VAL F 495 -31.21 -26.99 -10.20
C VAL F 495 -30.59 -28.40 -10.24
N PRO F 496 -29.28 -28.52 -9.91
CA PRO F 496 -28.64 -29.85 -9.88
C PRO F 496 -29.39 -30.84 -8.98
N GLN F 497 -29.65 -30.46 -7.73
CA GLN F 497 -30.38 -31.32 -6.80
C GLN F 497 -31.19 -30.55 -5.77
N LYS F 498 -32.51 -30.65 -5.88
CA LYS F 498 -33.42 -30.01 -4.93
C LYS F 498 -33.37 -30.70 -3.58
N ASN F 499 -33.11 -29.93 -2.53
CA ASN F 499 -33.20 -30.40 -1.14
C ASN F 499 -34.07 -29.48 -0.31
N SER F 500 -34.72 -30.04 0.72
CA SER F 500 -35.56 -29.26 1.62
C SER F 500 -34.75 -28.19 2.38
N ALA G 7 -71.46 -43.53 17.66
CA ALA G 7 -71.53 -44.97 18.04
C ALA G 7 -70.14 -45.59 18.08
N VAL G 8 -69.76 -46.08 19.25
CA VAL G 8 -68.40 -46.56 19.49
C VAL G 8 -68.35 -48.08 19.38
N PRO G 9 -67.45 -48.60 18.53
CA PRO G 9 -67.24 -50.05 18.40
C PRO G 9 -66.74 -50.70 19.69
N ALA G 10 -67.00 -52.01 19.81
CA ALA G 10 -66.61 -52.78 20.98
C ALA G 10 -65.09 -52.91 21.08
N PRO G 11 -64.51 -52.46 22.21
CA PRO G 11 -63.07 -52.57 22.43
C PRO G 11 -62.65 -53.98 22.87
N ASN G 12 -61.42 -54.35 22.54
CA ASN G 12 -60.74 -55.43 23.26
C ASN G 12 -60.20 -54.81 24.53
N GLN G 13 -60.76 -55.23 25.67
CA GLN G 13 -60.43 -54.63 26.96
C GLN G 13 -59.08 -55.10 27.49
N GLN G 14 -58.51 -56.08 26.80
CA GLN G 14 -57.16 -56.54 27.08
C GLN G 14 -56.33 -56.60 25.79
N PRO G 15 -56.05 -55.41 25.20
CA PRO G 15 -55.43 -55.39 23.88
C PRO G 15 -53.98 -55.85 23.92
N GLU G 16 -53.57 -56.58 22.88
CA GLU G 16 -52.23 -57.14 22.79
C GLU G 16 -51.20 -56.04 22.51
N VAL G 17 -50.05 -56.12 23.19
CA VAL G 17 -48.95 -55.19 22.98
C VAL G 17 -47.94 -55.83 22.03
N PHE G 18 -47.66 -55.12 20.93
CA PHE G 18 -46.72 -55.62 19.93
C PHE G 18 -45.40 -54.87 20.01
N CYS G 19 -45.44 -53.65 20.54
CA CYS G 19 -44.31 -52.74 20.50
C CYS G 19 -43.93 -52.24 21.89
N ASN G 20 -42.73 -52.60 22.33
CA ASN G 20 -42.26 -52.27 23.68
C ASN G 20 -40.75 -52.05 23.73
N GLN G 21 -40.15 -51.77 22.57
CA GLN G 21 -38.70 -51.54 22.49
C GLN G 21 -38.35 -50.12 22.01
N ILE G 22 -37.08 -49.91 21.71
CA ILE G 22 -36.58 -48.63 21.20
C ILE G 22 -36.60 -48.65 19.67
N PHE G 23 -37.24 -47.63 19.07
CA PHE G 23 -37.41 -47.53 17.62
C PHE G 23 -36.32 -46.66 17.00
N ILE G 24 -35.38 -47.28 16.28
CA ILE G 24 -34.30 -46.54 15.62
C ILE G 24 -34.08 -47.09 14.21
N ASN G 25 -34.05 -46.19 13.22
CA ASN G 25 -33.89 -46.57 11.81
C ASN G 25 -34.93 -47.57 11.34
N ASN G 26 -36.16 -47.38 11.80
CA ASN G 26 -37.31 -48.24 11.45
C ASN G 26 -37.14 -49.68 11.92
N GLU G 27 -36.40 -49.85 13.01
CA GLU G 27 -36.09 -51.15 13.55
C GLU G 27 -36.26 -51.09 15.06
N TRP G 28 -36.52 -52.24 15.69
CA TRP G 28 -36.70 -52.31 17.13
C TRP G 28 -35.46 -52.80 17.85
N HIS G 29 -35.09 -52.10 18.93
CA HIS G 29 -33.85 -52.35 19.66
C HIS G 29 -34.13 -52.45 21.15
N ASP G 30 -33.49 -53.40 21.82
CA ASP G 30 -33.42 -53.38 23.27
C ASP G 30 -32.49 -52.24 23.63
N ALA G 31 -32.63 -51.72 24.86
CA ALA G 31 -31.66 -50.77 25.40
C ALA G 31 -30.28 -51.42 25.41
N VAL G 32 -29.25 -50.60 25.21
CA VAL G 32 -27.85 -51.07 25.25
C VAL G 32 -27.53 -51.77 26.59
N SER G 33 -28.15 -51.30 27.67
CA SER G 33 -27.98 -51.90 28.99
C SER G 33 -28.84 -53.15 29.18
N ARG G 34 -29.74 -53.38 28.23
CA ARG G 34 -30.71 -54.50 28.25
C ARG G 34 -31.78 -54.36 29.35
N LYS G 35 -31.74 -53.25 30.08
CA LYS G 35 -32.70 -52.99 31.15
C LYS G 35 -34.09 -52.72 30.61
N THR G 36 -35.11 -53.08 31.39
CA THR G 36 -36.50 -52.79 31.05
C THR G 36 -37.17 -52.11 32.23
N PHE G 37 -38.23 -51.36 31.95
CA PHE G 37 -39.06 -50.80 33.02
C PHE G 37 -40.52 -51.17 32.79
N PRO G 38 -41.30 -51.31 33.87
CA PRO G 38 -42.71 -51.65 33.70
C PRO G 38 -43.60 -50.43 33.45
N THR G 39 -44.64 -50.62 32.64
CA THR G 39 -45.72 -49.64 32.58
C THR G 39 -46.97 -50.28 33.19
N VAL G 40 -47.72 -49.46 33.91
CA VAL G 40 -48.81 -49.93 34.78
C VAL G 40 -50.18 -49.53 34.22
N ASN G 41 -51.16 -50.42 34.38
CA ASN G 41 -52.55 -50.07 34.13
C ASN G 41 -53.09 -49.37 35.38
N PRO G 42 -53.41 -48.06 35.28
CA PRO G 42 -53.82 -47.27 36.45
C PRO G 42 -55.20 -47.63 37.02
N SER G 43 -55.97 -48.44 36.30
CA SER G 43 -57.28 -48.88 36.77
C SER G 43 -57.16 -50.00 37.80
N THR G 44 -56.05 -50.73 37.73
CA THR G 44 -55.83 -51.92 38.57
C THR G 44 -54.56 -51.80 39.40
N GLY G 45 -53.62 -50.99 38.94
CA GLY G 45 -52.31 -50.86 39.57
C GLY G 45 -51.38 -52.00 39.18
N GLU G 46 -51.78 -52.78 38.19
CA GLU G 46 -51.02 -53.94 37.76
C GLU G 46 -50.18 -53.67 36.51
N VAL G 47 -49.08 -54.41 36.38
CA VAL G 47 -48.14 -54.22 35.28
C VAL G 47 -48.74 -54.75 33.98
N ILE G 48 -48.74 -53.90 32.96
CA ILE G 48 -49.17 -54.28 31.61
C ILE G 48 -48.07 -55.12 30.95
N CYS G 49 -46.84 -54.59 30.94
CA CYS G 49 -45.68 -55.25 30.32
C CYS G 49 -44.41 -54.49 30.64
N GLN G 50 -43.27 -55.08 30.26
CA GLN G 50 -41.97 -54.41 30.33
C GLN G 50 -41.70 -53.59 29.07
N VAL G 51 -40.88 -52.56 29.21
CA VAL G 51 -40.51 -51.66 28.10
C VAL G 51 -39.02 -51.38 28.17
N ALA G 52 -38.34 -51.42 27.02
CA ALA G 52 -36.91 -51.12 26.95
C ALA G 52 -36.62 -49.78 27.60
N GLU G 53 -35.70 -49.78 28.57
CA GLU G 53 -35.34 -48.55 29.27
C GLU G 53 -34.21 -47.80 28.55
N GLY G 54 -34.59 -47.00 27.55
CA GLY G 54 -33.64 -46.16 26.84
C GLY G 54 -32.94 -45.15 27.74
N ASP G 55 -31.63 -44.98 27.53
CA ASP G 55 -30.81 -44.02 28.26
C ASP G 55 -29.92 -43.27 27.27
N LYS G 56 -28.93 -42.52 27.79
CA LYS G 56 -28.05 -41.69 26.96
C LYS G 56 -27.47 -42.43 25.76
N GLU G 57 -26.98 -43.64 25.99
CA GLU G 57 -26.37 -44.46 24.94
C GLU G 57 -27.36 -44.75 23.81
N ASP G 58 -28.63 -44.91 24.17
CA ASP G 58 -29.69 -45.22 23.21
C ASP G 58 -30.14 -43.97 22.47
N VAL G 59 -30.15 -42.84 23.18
CA VAL G 59 -30.38 -41.54 22.57
C VAL G 59 -29.28 -41.25 21.55
N ASP G 60 -28.04 -41.57 21.92
CA ASP G 60 -26.89 -41.34 21.03
C ASP G 60 -27.03 -42.07 19.70
N LYS G 61 -27.50 -43.31 19.75
CA LYS G 61 -27.80 -44.09 18.53
C LYS G 61 -28.91 -43.45 17.69
N ALA G 62 -29.93 -42.94 18.37
CA ALA G 62 -31.08 -42.33 17.69
C ALA G 62 -30.73 -40.98 17.06
N VAL G 63 -29.94 -40.17 17.77
CA VAL G 63 -29.49 -38.90 17.21
C VAL G 63 -28.64 -39.15 15.95
N LYS G 64 -27.71 -40.09 16.05
CA LYS G 64 -26.86 -40.46 14.92
C LYS G 64 -27.69 -40.93 13.72
N ALA G 65 -28.75 -41.71 13.97
CA ALA G 65 -29.62 -42.17 12.90
C ALA G 65 -30.40 -41.03 12.24
N ALA G 66 -30.82 -40.07 13.07
CA ALA G 66 -31.55 -38.88 12.63
C ALA G 66 -30.65 -37.95 11.81
N ARG G 67 -29.45 -37.67 12.32
CA ARG G 67 -28.45 -36.89 11.59
C ARG G 67 -28.21 -37.47 10.20
N ALA G 68 -28.07 -38.80 10.12
CA ALA G 68 -27.84 -39.46 8.84
C ALA G 68 -29.04 -39.31 7.90
N ALA G 69 -30.24 -39.42 8.47
CA ALA G 69 -31.49 -39.28 7.70
C ALA G 69 -31.61 -37.89 7.11
N PHE G 70 -31.04 -36.91 7.81
CA PHE G 70 -31.11 -35.48 7.48
C PHE G 70 -29.98 -34.97 6.57
N GLN G 71 -29.04 -35.83 6.19
CA GLN G 71 -27.94 -35.39 5.32
C GLN G 71 -28.42 -34.92 3.94
N LEU G 72 -27.81 -33.84 3.45
CA LEU G 72 -28.07 -33.33 2.10
C LEU G 72 -27.93 -34.47 1.08
N GLY G 73 -28.96 -34.68 0.27
CA GLY G 73 -28.94 -35.79 -0.70
C GLY G 73 -29.68 -37.05 -0.26
N SER G 74 -30.05 -37.11 1.02
CA SER G 74 -30.79 -38.27 1.55
C SER G 74 -32.21 -38.33 0.97
N PRO G 75 -32.85 -39.52 0.98
CA PRO G 75 -34.23 -39.64 0.50
C PRO G 75 -35.19 -38.61 1.09
N TRP G 76 -35.11 -38.41 2.42
CA TRP G 76 -35.98 -37.48 3.13
C TRP G 76 -35.72 -36.02 2.77
N ARG G 77 -34.47 -35.69 2.48
CA ARG G 77 -34.10 -34.31 2.13
C ARG G 77 -34.48 -33.98 0.70
N ARG G 78 -34.37 -34.97 -0.18
CA ARG G 78 -34.66 -34.81 -1.59
C ARG G 78 -36.16 -34.92 -1.90
N MET G 79 -36.88 -35.58 -1.00
CA MET G 79 -38.30 -35.86 -1.18
C MET G 79 -39.11 -34.57 -1.40
N ASP G 80 -39.94 -34.55 -2.45
CA ASP G 80 -40.83 -33.43 -2.71
C ASP G 80 -41.62 -33.10 -1.44
N ALA G 81 -41.76 -31.81 -1.15
CA ALA G 81 -42.58 -31.36 -0.03
C ALA G 81 -43.99 -31.96 -0.10
N SER G 82 -44.57 -31.97 -1.30
CA SER G 82 -45.91 -32.54 -1.49
C SER G 82 -45.97 -34.01 -1.06
N HIS G 83 -44.85 -34.72 -1.24
CA HIS G 83 -44.80 -36.13 -0.88
C HIS G 83 -44.73 -36.37 0.62
N ARG G 84 -44.08 -35.46 1.34
CA ARG G 84 -44.11 -35.45 2.80
C ARG G 84 -45.58 -35.40 3.26
N GLY G 85 -46.37 -34.54 2.60
CA GLY G 85 -47.80 -34.47 2.80
C GLY G 85 -48.53 -35.78 2.56
N ARG G 86 -48.22 -36.45 1.44
CA ARG G 86 -48.79 -37.77 1.11
C ARG G 86 -48.49 -38.78 2.21
N LEU G 87 -47.27 -38.74 2.73
CA LEU G 87 -46.85 -39.67 3.77
C LEU G 87 -47.57 -39.44 5.09
N LEU G 88 -47.77 -38.17 5.45
CA LEU G 88 -48.52 -37.81 6.66
C LEU G 88 -49.99 -38.23 6.57
N ASN G 89 -50.56 -38.11 5.37
CA ASN G 89 -51.92 -38.54 5.12
C ASN G 89 -52.05 -40.06 5.16
N ARG G 90 -51.01 -40.74 4.70
CA ARG G 90 -50.91 -42.20 4.77
C ARG G 90 -50.82 -42.68 6.22
N LEU G 91 -49.98 -42.01 7.02
CA LEU G 91 -49.92 -42.27 8.46
C LEU G 91 -51.30 -42.14 9.10
N ALA G 92 -52.01 -41.05 8.78
CA ALA G 92 -53.34 -40.81 9.31
C ALA G 92 -54.32 -41.93 8.93
N ASP G 93 -54.30 -42.32 7.65
CA ASP G 93 -55.10 -43.46 7.18
C ASP G 93 -54.85 -44.73 7.98
N LEU G 94 -53.58 -45.03 8.25
CA LEU G 94 -53.20 -46.24 8.99
C LEU G 94 -53.61 -46.19 10.45
N ILE G 95 -53.53 -45.01 11.05
CA ILE G 95 -54.02 -44.77 12.40
C ILE G 95 -55.54 -44.91 12.46
N GLU G 96 -56.23 -44.45 11.42
CA GLU G 96 -57.68 -44.65 11.32
C GLU G 96 -58.03 -46.14 11.23
N ARG G 97 -57.28 -46.87 10.40
CA ARG G 97 -57.45 -48.31 10.25
C ARG G 97 -57.43 -49.00 11.61
N ASP G 98 -56.45 -48.62 12.44
CA ASP G 98 -56.20 -49.24 13.75
C ASP G 98 -56.76 -48.41 14.89
N ARG G 99 -57.83 -47.66 14.61
CA ARG G 99 -58.39 -46.71 15.57
C ARG G 99 -58.96 -47.36 16.83
N THR G 100 -59.72 -48.44 16.65
CA THR G 100 -60.33 -49.20 17.75
C THR G 100 -59.26 -49.75 18.70
N TYR G 101 -58.25 -50.39 18.11
CA TYR G 101 -57.14 -50.95 18.86
C TYR G 101 -56.35 -49.87 19.60
N LEU G 102 -56.07 -48.77 18.92
CA LEU G 102 -55.27 -47.71 19.51
C LEU G 102 -56.01 -47.03 20.66
N ALA G 103 -57.29 -46.76 20.47
CA ALA G 103 -58.11 -46.18 21.54
C ALA G 103 -58.18 -47.09 22.76
N ALA G 104 -58.22 -48.40 22.55
CA ALA G 104 -58.24 -49.37 23.65
C ALA G 104 -56.89 -49.41 24.37
N LEU G 105 -55.81 -49.40 23.59
CA LEU G 105 -54.44 -49.35 24.14
C LEU G 105 -54.17 -48.04 24.89
N GLU G 106 -54.70 -46.93 24.36
CA GLU G 106 -54.58 -45.61 25.00
C GLU G 106 -55.24 -45.62 26.37
N THR G 107 -56.46 -46.16 26.43
CA THR G 107 -57.19 -46.30 27.68
C THR G 107 -56.47 -47.21 28.67
N LEU G 108 -55.97 -48.36 28.19
CA LEU G 108 -55.32 -49.33 29.08
C LEU G 108 -54.14 -48.66 29.83
N ASP G 109 -53.29 -48.00 29.07
CA ASP G 109 -52.03 -47.46 29.56
C ASP G 109 -52.22 -46.14 30.33
N ASN G 110 -53.24 -45.37 29.96
CA ASN G 110 -53.44 -44.01 30.51
C ASN G 110 -54.57 -43.91 31.55
N GLY G 111 -55.67 -44.62 31.31
CA GLY G 111 -56.80 -44.62 32.24
C GLY G 111 -58.03 -43.83 31.82
N LYS G 112 -57.90 -42.98 30.80
CA LYS G 112 -59.04 -42.19 30.32
C LYS G 112 -60.13 -43.10 29.72
N PRO G 113 -61.42 -42.69 29.83
CA PRO G 113 -62.51 -43.53 29.32
C PRO G 113 -62.33 -43.88 27.85
N TYR G 114 -62.51 -45.16 27.51
CA TYR G 114 -62.37 -45.64 26.14
C TYR G 114 -63.16 -44.81 25.12
N VAL G 115 -64.39 -44.44 25.49
CA VAL G 115 -65.26 -43.64 24.63
C VAL G 115 -64.59 -42.34 24.22
N ILE G 116 -63.97 -41.67 25.20
CA ILE G 116 -63.24 -40.43 24.97
C ILE G 116 -62.01 -40.71 24.11
N SER G 117 -61.25 -41.76 24.47
CA SER G 117 -60.11 -42.18 23.66
C SER G 117 -60.48 -42.31 22.18
N TYR G 118 -61.61 -42.97 21.91
CA TYR G 118 -62.06 -43.22 20.54
C TYR G 118 -62.54 -41.95 19.84
N LEU G 119 -63.46 -41.23 20.50
CA LEU G 119 -64.19 -40.15 19.85
C LEU G 119 -63.49 -38.81 19.94
N VAL G 120 -62.58 -38.66 20.90
CA VAL G 120 -61.91 -37.40 21.11
C VAL G 120 -60.45 -37.52 20.73
N ASP G 121 -59.69 -38.31 21.48
CA ASP G 121 -58.24 -38.39 21.27
C ASP G 121 -57.88 -38.86 19.86
N LEU G 122 -58.45 -39.98 19.44
CA LEU G 122 -58.15 -40.53 18.13
C LEU G 122 -58.60 -39.61 17.00
N ASP G 123 -59.79 -39.05 17.15
CA ASP G 123 -60.29 -38.05 16.20
C ASP G 123 -59.34 -36.85 16.04
N MET G 124 -58.85 -36.34 17.16
N MET G 124 -58.83 -36.34 17.15
CA MET G 124 -58.00 -35.15 17.16
CA MET G 124 -58.00 -35.14 17.11
C MET G 124 -56.61 -35.44 16.60
C MET G 124 -56.58 -35.43 16.64
N VAL G 125 -56.15 -36.68 16.76
CA VAL G 125 -54.88 -37.13 16.20
C VAL G 125 -54.99 -37.09 14.67
N LEU G 126 -56.05 -37.70 14.15
CA LEU G 126 -56.31 -37.75 12.73
C LEU G 126 -56.43 -36.35 12.13
N LYS G 127 -57.20 -35.49 12.80
CA LYS G 127 -57.34 -34.10 12.35
C LYS G 127 -56.03 -33.32 12.39
N CYS G 128 -55.21 -33.55 13.41
CA CYS G 128 -53.91 -32.89 13.53
C CYS G 128 -52.96 -33.26 12.38
N LEU G 129 -52.81 -34.56 12.14
CA LEU G 129 -51.91 -35.04 11.09
C LEU G 129 -52.37 -34.67 9.67
N ARG G 130 -53.67 -34.75 9.42
CA ARG G 130 -54.25 -34.39 8.12
C ARG G 130 -54.17 -32.89 7.87
N TYR G 131 -54.30 -32.11 8.94
CA TYR G 131 -54.09 -30.66 8.84
C TYR G 131 -52.67 -30.35 8.39
N TYR G 132 -51.69 -30.94 9.08
CA TYR G 132 -50.31 -30.62 8.82
C TYR G 132 -49.79 -31.18 7.49
N ALA G 133 -50.40 -32.28 7.04
CA ALA G 133 -50.14 -32.82 5.71
C ALA G 133 -50.37 -31.73 4.65
N GLY G 134 -51.44 -30.95 4.83
CA GLY G 134 -51.75 -29.83 3.96
C GLY G 134 -50.72 -28.71 3.95
N TRP G 135 -50.02 -28.51 5.08
CA TRP G 135 -48.96 -27.50 5.17
C TRP G 135 -47.65 -27.87 4.46
N ALA G 136 -47.42 -29.16 4.25
CA ALA G 136 -46.12 -29.65 3.83
C ALA G 136 -45.46 -28.84 2.69
N ASP G 137 -46.25 -28.46 1.68
CA ASP G 137 -45.76 -27.72 0.51
C ASP G 137 -46.30 -26.28 0.40
N LYS G 138 -46.62 -25.65 1.52
CA LYS G 138 -47.26 -24.33 1.47
C LYS G 138 -46.62 -23.28 2.36
N TYR G 139 -45.59 -23.66 3.11
CA TYR G 139 -44.96 -22.73 4.05
C TYR G 139 -43.88 -21.89 3.38
N HIS G 140 -44.33 -20.99 2.50
CA HIS G 140 -43.45 -20.24 1.60
C HIS G 140 -42.44 -19.35 2.31
N GLY G 141 -41.23 -19.29 1.75
CA GLY G 141 -40.29 -18.23 2.04
C GLY G 141 -40.65 -17.00 1.22
N LYS G 142 -39.77 -16.01 1.23
CA LYS G 142 -40.07 -14.72 0.63
C LYS G 142 -39.05 -14.28 -0.41
N THR G 143 -39.52 -13.53 -1.42
CA THR G 143 -38.64 -12.73 -2.27
C THR G 143 -38.80 -11.28 -1.83
N ILE G 144 -37.67 -10.60 -1.64
CA ILE G 144 -37.62 -9.37 -0.85
C ILE G 144 -37.05 -8.18 -1.64
N PRO G 145 -37.79 -7.06 -1.74
CA PRO G 145 -37.31 -5.90 -2.50
C PRO G 145 -36.26 -5.06 -1.72
N ILE G 146 -35.13 -5.69 -1.42
CA ILE G 146 -34.02 -5.05 -0.69
C ILE G 146 -33.43 -3.89 -1.51
N ASP G 147 -32.76 -2.96 -0.83
CA ASP G 147 -32.05 -1.86 -1.51
C ASP G 147 -30.91 -2.39 -2.37
N GLY G 148 -30.55 -1.62 -3.40
CA GLY G 148 -29.38 -1.94 -4.22
C GLY G 148 -29.66 -2.89 -5.37
N ASP G 149 -28.61 -3.20 -6.12
CA ASP G 149 -28.71 -4.11 -7.26
C ASP G 149 -28.52 -5.55 -6.77
N PHE G 150 -29.56 -6.05 -6.10
CA PHE G 150 -29.56 -7.37 -5.50
C PHE G 150 -30.93 -8.02 -5.62
N PHE G 151 -30.90 -9.34 -5.77
CA PHE G 151 -32.04 -10.23 -5.64
C PHE G 151 -31.90 -10.88 -4.28
N SER G 152 -32.88 -10.66 -3.42
CA SER G 152 -32.85 -11.25 -2.08
C SER G 152 -34.08 -12.09 -1.82
N TYR G 153 -33.86 -13.29 -1.30
CA TYR G 153 -34.94 -14.19 -0.96
C TYR G 153 -34.59 -15.00 0.27
N THR G 154 -35.59 -15.64 0.86
CA THR G 154 -35.36 -16.53 1.99
C THR G 154 -35.81 -17.95 1.66
N ARG G 155 -34.98 -18.90 2.07
CA ARG G 155 -35.36 -20.30 2.05
C ARG G 155 -35.89 -20.65 3.42
N HIS G 156 -37.01 -21.36 3.44
CA HIS G 156 -37.51 -21.95 4.68
C HIS G 156 -37.03 -23.40 4.73
N GLU G 157 -35.99 -23.63 5.50
CA GLU G 157 -35.37 -24.94 5.62
C GLU G 157 -35.82 -25.62 6.93
N PRO G 158 -35.69 -26.96 7.03
CA PRO G 158 -35.98 -27.55 8.33
C PRO G 158 -34.92 -27.16 9.36
N VAL G 159 -35.30 -27.08 10.64
CA VAL G 159 -34.33 -26.78 11.70
C VAL G 159 -33.31 -27.94 11.89
N GLY G 160 -33.73 -29.18 11.62
CA GLY G 160 -32.79 -30.32 11.60
C GLY G 160 -33.20 -31.47 12.51
N VAL G 161 -32.29 -31.89 13.39
CA VAL G 161 -32.57 -32.92 14.41
C VAL G 161 -33.36 -32.31 15.56
N CYS G 162 -34.60 -32.76 15.71
CA CYS G 162 -35.51 -32.21 16.70
C CYS G 162 -35.78 -33.23 17.80
N GLY G 163 -35.40 -32.87 19.02
CA GLY G 163 -35.74 -33.66 20.18
C GLY G 163 -37.13 -33.29 20.65
N GLN G 164 -37.98 -34.29 20.85
CA GLN G 164 -39.34 -34.04 21.33
C GLN G 164 -39.65 -34.88 22.55
N ILE G 165 -39.79 -34.20 23.69
CA ILE G 165 -40.02 -34.84 24.97
C ILE G 165 -41.46 -34.57 25.40
N ILE G 166 -42.26 -35.63 25.43
CA ILE G 166 -43.71 -35.46 25.63
C ILE G 166 -44.24 -36.08 26.93
N PRO G 167 -45.35 -35.52 27.45
CA PRO G 167 -45.99 -35.98 28.68
C PRO G 167 -46.98 -37.13 28.45
N TRP G 168 -47.75 -37.46 29.49
CA TRP G 168 -48.56 -38.69 29.56
C TRP G 168 -50.07 -38.46 29.51
N ASN G 169 -50.51 -37.21 29.60
CA ASN G 169 -51.95 -36.94 29.69
C ASN G 169 -52.72 -37.19 28.40
N PHE G 170 -52.10 -36.90 27.26
CA PHE G 170 -52.65 -37.20 25.93
C PHE G 170 -51.58 -37.84 25.09
N PRO G 171 -51.24 -39.12 25.38
CA PRO G 171 -50.06 -39.71 24.72
C PRO G 171 -50.08 -39.63 23.19
N LEU G 172 -51.17 -40.05 22.56
CA LEU G 172 -51.23 -40.08 21.08
C LEU G 172 -51.33 -38.69 20.45
N LEU G 173 -52.18 -37.85 21.05
CA LEU G 173 -52.38 -36.49 20.58
C LEU G 173 -51.10 -35.66 20.68
N MET G 174 -50.44 -35.69 21.84
CA MET G 174 -49.17 -34.99 22.01
C MET G 174 -48.14 -35.49 21.01
N GLN G 175 -48.12 -36.81 20.75
CA GLN G 175 -47.26 -37.34 19.70
C GLN G 175 -47.57 -36.71 18.33
N ALA G 176 -48.86 -36.57 18.03
CA ALA G 176 -49.31 -35.98 16.76
C ALA G 176 -49.04 -34.48 16.67
N TRP G 177 -49.26 -33.76 17.78
CA TRP G 177 -49.00 -32.32 17.84
C TRP G 177 -47.55 -32.02 17.52
N LYS G 178 -46.67 -32.95 17.90
CA LYS G 178 -45.25 -32.75 17.74
C LYS G 178 -44.75 -33.26 16.37
N LEU G 179 -45.25 -34.40 15.92
CA LEU G 179 -44.81 -34.97 14.65
C LEU G 179 -45.36 -34.26 13.41
N GLY G 180 -46.63 -33.85 13.47
CA GLY G 180 -47.29 -33.19 12.35
C GLY G 180 -46.53 -32.02 11.77
N PRO G 181 -46.30 -30.97 12.57
CA PRO G 181 -45.53 -29.81 12.11
C PRO G 181 -44.06 -30.13 11.79
N ALA G 182 -43.44 -31.02 12.56
CA ALA G 182 -42.02 -31.32 12.37
C ALA G 182 -41.77 -32.04 11.05
N LEU G 183 -42.62 -33.02 10.75
CA LEU G 183 -42.46 -33.80 9.52
C LEU G 183 -42.94 -33.02 8.31
N ALA G 184 -44.01 -32.23 8.49
CA ALA G 184 -44.50 -31.35 7.42
C ALA G 184 -43.40 -30.44 6.86
N THR G 185 -42.51 -29.98 7.75
CA THR G 185 -41.43 -29.08 7.39
C THR G 185 -40.11 -29.81 7.09
N GLY G 186 -40.14 -31.14 7.12
CA GLY G 186 -39.01 -31.95 6.67
C GLY G 186 -37.90 -32.16 7.69
N ASN G 187 -38.20 -31.94 8.96
CA ASN G 187 -37.26 -32.24 10.04
C ASN G 187 -37.15 -33.74 10.32
N VAL G 188 -36.21 -34.11 11.19
CA VAL G 188 -36.06 -35.48 11.68
C VAL G 188 -36.18 -35.47 13.21
N VAL G 189 -36.72 -36.54 13.76
CA VAL G 189 -37.20 -36.55 15.15
C VAL G 189 -36.52 -37.61 16.04
N VAL G 190 -36.15 -37.19 17.25
CA VAL G 190 -35.84 -38.12 18.33
C VAL G 190 -36.86 -37.84 19.44
N MET G 191 -37.82 -38.75 19.58
CA MET G 191 -38.92 -38.55 20.50
C MET G 191 -38.72 -39.34 21.80
N LYS G 192 -38.92 -38.64 22.91
CA LYS G 192 -38.87 -39.28 24.22
C LYS G 192 -40.27 -39.28 24.80
N VAL G 193 -40.92 -40.45 24.77
CA VAL G 193 -42.27 -40.57 25.32
C VAL G 193 -42.23 -40.77 26.84
N ALA G 194 -43.34 -40.46 27.50
CA ALA G 194 -43.42 -40.49 28.96
C ALA G 194 -43.39 -41.94 29.43
N GLU G 195 -42.66 -42.18 30.51
CA GLU G 195 -42.49 -43.52 31.07
C GLU G 195 -43.82 -44.15 31.51
N GLN G 196 -44.81 -43.30 31.84
CA GLN G 196 -46.14 -43.74 32.24
C GLN G 196 -46.96 -44.31 31.07
N THR G 197 -46.69 -43.82 29.86
CA THR G 197 -47.55 -44.12 28.71
C THR G 197 -46.75 -44.25 27.42
N PRO G 198 -45.84 -45.23 27.36
CA PRO G 198 -45.05 -45.32 26.14
C PRO G 198 -45.70 -46.13 25.02
N LEU G 199 -46.73 -46.92 25.34
CA LEU G 199 -47.18 -48.01 24.47
C LEU G 199 -47.80 -47.56 23.13
N THR G 200 -48.77 -46.65 23.19
CA THR G 200 -49.43 -46.22 21.94
C THR G 200 -48.48 -45.54 20.94
N ALA G 201 -47.63 -44.66 21.44
CA ALA G 201 -46.62 -43.99 20.60
C ALA G 201 -45.69 -44.99 19.91
N LEU G 202 -45.32 -46.05 20.62
CA LEU G 202 -44.47 -47.09 20.04
C LEU G 202 -45.19 -47.90 18.95
N TYR G 203 -46.51 -48.06 19.07
CA TYR G 203 -47.26 -48.72 18.01
C TYR G 203 -47.30 -47.85 16.76
N VAL G 204 -47.49 -46.54 16.95
CA VAL G 204 -47.52 -45.58 15.85
C VAL G 204 -46.23 -45.59 15.04
N ALA G 205 -45.10 -45.83 15.71
CA ALA G 205 -43.81 -45.98 15.05
C ALA G 205 -43.84 -47.10 13.99
N ASN G 206 -44.50 -48.21 14.31
CA ASN G 206 -44.75 -49.27 13.32
C ASN G 206 -45.56 -48.78 12.12
N LEU G 207 -46.52 -47.89 12.38
CA LEU G 207 -47.33 -47.29 11.32
C LEU G 207 -46.51 -46.29 10.50
N ILE G 208 -45.61 -45.57 11.18
CA ILE G 208 -44.65 -44.68 10.51
C ILE G 208 -43.79 -45.46 9.49
N LYS G 209 -43.29 -46.62 9.91
CA LYS G 209 -42.55 -47.50 9.01
C LYS G 209 -43.44 -47.96 7.85
N GLU G 210 -44.62 -48.50 8.18
CA GLU G 210 -45.58 -48.99 7.19
C GLU G 210 -45.94 -47.92 6.17
N ALA G 211 -46.17 -46.70 6.66
CA ALA G 211 -46.51 -45.55 5.81
C ALA G 211 -45.45 -45.25 4.76
N GLY G 212 -44.18 -45.53 5.08
CA GLY G 212 -43.09 -45.37 4.11
C GLY G 212 -42.10 -44.25 4.40
N PHE G 213 -42.16 -43.68 5.60
CA PHE G 213 -41.13 -42.74 6.05
C PHE G 213 -39.76 -43.42 6.03
N PRO G 214 -38.75 -42.73 5.45
CA PRO G 214 -37.37 -43.23 5.46
C PRO G 214 -36.85 -43.55 6.86
N PRO G 215 -35.99 -44.57 6.99
CA PRO G 215 -35.45 -44.89 8.32
C PRO G 215 -34.64 -43.73 8.89
N GLY G 216 -34.86 -43.42 10.17
CA GLY G 216 -34.12 -42.36 10.84
C GLY G 216 -34.88 -41.05 10.94
N VAL G 217 -35.91 -40.91 10.10
CA VAL G 217 -36.79 -39.74 10.10
C VAL G 217 -37.54 -39.60 11.44
N VAL G 218 -38.09 -40.69 11.96
CA VAL G 218 -38.66 -40.71 13.31
C VAL G 218 -38.01 -41.80 14.17
N ASN G 219 -37.50 -41.40 15.33
CA ASN G 219 -36.91 -42.35 16.27
C ASN G 219 -37.53 -42.14 17.64
N ILE G 220 -37.90 -43.24 18.30
CA ILE G 220 -38.57 -43.14 19.59
C ILE G 220 -37.82 -43.89 20.68
N VAL G 221 -37.47 -43.15 21.72
CA VAL G 221 -36.79 -43.69 22.89
C VAL G 221 -37.71 -43.64 24.11
N PRO G 222 -38.33 -44.78 24.47
CA PRO G 222 -38.99 -44.88 25.76
C PRO G 222 -37.95 -44.95 26.88
N GLY G 223 -38.30 -44.45 28.05
CA GLY G 223 -37.37 -44.38 29.17
C GLY G 223 -37.72 -43.25 30.10
N PHE G 224 -36.82 -42.97 31.04
CA PHE G 224 -37.09 -42.00 32.09
C PHE G 224 -36.61 -40.60 31.74
N GLY G 225 -37.03 -39.63 32.55
CA GLY G 225 -36.69 -38.23 32.31
C GLY G 225 -35.24 -37.81 32.45
N PRO G 226 -34.65 -37.94 33.67
CA PRO G 226 -33.29 -37.46 33.95
C PRO G 226 -32.22 -38.27 33.23
N THR G 227 -32.66 -39.34 32.55
CA THR G 227 -31.78 -40.21 31.80
C THR G 227 -31.96 -39.91 30.30
N ALA G 228 -33.00 -40.50 29.71
CA ALA G 228 -33.26 -40.36 28.27
C ALA G 228 -33.60 -38.93 27.89
N GLY G 229 -34.49 -38.30 28.66
CA GLY G 229 -34.92 -36.94 28.39
C GLY G 229 -33.79 -35.91 28.44
N ALA G 230 -33.00 -35.96 29.50
CA ALA G 230 -31.90 -35.01 29.69
C ALA G 230 -30.78 -35.24 28.68
N ALA G 231 -30.66 -36.47 28.19
CA ALA G 231 -29.66 -36.81 27.18
C ALA G 231 -29.97 -36.06 25.89
N ILE G 232 -31.25 -35.99 25.54
CA ILE G 232 -31.71 -35.26 24.36
C ILE G 232 -31.50 -33.75 24.55
N ALA G 233 -31.90 -33.25 25.72
CA ALA G 233 -31.80 -31.83 26.04
C ALA G 233 -30.36 -31.31 26.02
N SER G 234 -29.43 -32.15 26.47
CA SER G 234 -28.02 -31.77 26.57
C SER G 234 -27.19 -32.23 25.37
N HIS G 235 -27.82 -32.87 24.40
CA HIS G 235 -27.08 -33.43 23.26
C HIS G 235 -26.44 -32.32 22.41
N GLU G 236 -25.20 -32.56 21.97
CA GLU G 236 -24.46 -31.56 21.19
C GLU G 236 -24.83 -31.57 19.70
N ASP G 237 -25.67 -32.51 19.28
CA ASP G 237 -26.06 -32.64 17.87
C ASP G 237 -27.57 -32.62 17.65
N VAL G 238 -28.32 -32.29 18.70
CA VAL G 238 -29.74 -32.01 18.56
C VAL G 238 -29.89 -30.51 18.35
N ASP G 239 -30.53 -30.14 17.24
CA ASP G 239 -30.63 -28.74 16.81
C ASP G 239 -31.72 -27.98 17.56
N LYS G 240 -32.82 -28.68 17.85
CA LYS G 240 -34.02 -28.05 18.40
C LYS G 240 -34.68 -28.99 19.42
N VAL G 241 -35.20 -28.42 20.49
CA VAL G 241 -35.94 -29.22 21.47
C VAL G 241 -37.30 -28.62 21.81
N ALA G 242 -38.31 -29.50 21.81
CA ALA G 242 -39.63 -29.15 22.26
C ALA G 242 -39.95 -30.01 23.48
N PHE G 243 -40.37 -29.36 24.57
CA PHE G 243 -40.75 -30.07 25.78
C PHE G 243 -42.16 -29.68 26.22
N ALA G 244 -42.99 -30.68 26.52
CA ALA G 244 -44.27 -30.45 27.18
C ALA G 244 -44.28 -31.19 28.51
N GLY G 245 -44.67 -30.50 29.58
CA GLY G 245 -44.66 -31.07 30.94
C GLY G 245 -44.71 -30.02 32.03
N SER G 246 -43.99 -30.26 33.12
CA SER G 246 -44.02 -29.35 34.26
C SER G 246 -43.09 -28.16 34.09
N THR G 247 -43.42 -27.07 34.76
CA THR G 247 -42.58 -25.87 34.82
C THR G 247 -41.18 -26.19 35.33
N GLU G 248 -41.10 -26.97 36.42
CA GLU G 248 -39.82 -27.43 36.99
C GLU G 248 -38.86 -27.97 35.92
N ILE G 249 -39.33 -28.95 35.15
CA ILE G 249 -38.50 -29.60 34.14
C ILE G 249 -38.27 -28.68 32.93
N GLY G 250 -39.25 -27.82 32.63
CA GLY G 250 -39.09 -26.78 31.62
C GLY G 250 -37.80 -25.99 31.83
N ARG G 251 -37.57 -25.53 33.05
CA ARG G 251 -36.33 -24.82 33.43
C ARG G 251 -35.10 -25.65 33.13
N VAL G 252 -35.11 -26.89 33.60
CA VAL G 252 -34.03 -27.86 33.39
C VAL G 252 -33.72 -27.98 31.90
N ILE G 253 -34.76 -28.04 31.07
CA ILE G 253 -34.61 -28.10 29.62
C ILE G 253 -33.90 -26.85 29.08
N GLN G 254 -34.42 -25.67 29.42
CA GLN G 254 -33.85 -24.40 28.94
C GLN G 254 -32.38 -24.25 29.38
N VAL G 255 -32.11 -24.60 30.64
CA VAL G 255 -30.75 -24.59 31.18
C VAL G 255 -29.84 -25.59 30.43
N ALA G 256 -30.34 -26.80 30.20
CA ALA G 256 -29.57 -27.80 29.44
C ALA G 256 -29.24 -27.34 28.01
N ALA G 257 -30.15 -26.57 27.42
CA ALA G 257 -29.97 -26.03 26.07
C ALA G 257 -28.87 -24.98 26.03
N GLY G 258 -28.89 -24.09 27.02
CA GLY G 258 -27.89 -23.03 27.15
C GLY G 258 -26.52 -23.55 27.53
N SER G 259 -26.51 -24.64 28.30
CA SER G 259 -25.26 -25.26 28.79
C SER G 259 -24.60 -26.12 27.73
N SER G 260 -25.38 -26.59 26.75
CA SER G 260 -24.84 -27.47 25.71
C SER G 260 -24.53 -26.71 24.42
N ASN G 261 -25.36 -26.89 23.40
CA ASN G 261 -25.08 -26.36 22.06
C ASN G 261 -25.96 -25.19 21.63
N LEU G 262 -26.71 -24.62 22.58
CA LEU G 262 -27.60 -23.49 22.30
C LEU G 262 -28.68 -23.86 21.29
N LYS G 263 -29.16 -25.11 21.41
CA LYS G 263 -30.28 -25.61 20.63
C LYS G 263 -31.51 -24.74 20.87
N ARG G 264 -32.37 -24.65 19.86
CA ARG G 264 -33.58 -23.86 19.97
C ARG G 264 -34.59 -24.57 20.86
N VAL G 265 -35.34 -23.79 21.64
CA VAL G 265 -36.21 -24.33 22.68
C VAL G 265 -37.61 -23.71 22.59
N THR G 266 -38.62 -24.57 22.65
CA THR G 266 -40.00 -24.15 22.88
C THR G 266 -40.58 -25.02 23.98
N LEU G 267 -41.47 -24.46 24.79
CA LEU G 267 -41.99 -25.16 25.96
C LEU G 267 -43.50 -25.00 26.08
N GLU G 268 -44.16 -26.07 26.52
CA GLU G 268 -45.56 -26.02 26.93
C GLU G 268 -45.62 -26.56 28.34
N LEU G 269 -45.91 -25.67 29.28
CA LEU G 269 -45.80 -25.99 30.70
C LEU G 269 -47.20 -25.91 31.32
N GLY G 270 -47.29 -25.85 32.63
CA GLY G 270 -48.62 -25.91 33.22
C GLY G 270 -49.49 -24.68 33.04
N GLY G 271 -50.58 -24.66 33.78
CA GLY G 271 -51.39 -23.47 33.91
C GLY G 271 -52.20 -23.50 35.19
N LYS G 272 -52.85 -22.37 35.46
CA LYS G 272 -53.85 -22.25 36.50
C LYS G 272 -54.93 -21.34 35.92
N SER G 273 -55.50 -21.81 34.81
CA SER G 273 -56.31 -21.00 33.93
C SER G 273 -57.60 -20.53 34.58
N PRO G 274 -57.88 -19.22 34.50
CA PRO G 274 -59.11 -18.64 35.03
C PRO G 274 -60.31 -18.78 34.10
N ASN G 275 -61.41 -19.32 34.63
CA ASN G 275 -62.67 -19.41 33.91
C ASN G 275 -63.67 -18.43 34.53
N ILE G 276 -63.95 -17.34 33.82
CA ILE G 276 -64.71 -16.20 34.37
C ILE G 276 -66.18 -16.21 33.96
N ILE G 277 -67.07 -16.32 34.95
CA ILE G 277 -68.51 -16.36 34.70
C ILE G 277 -69.14 -15.04 35.15
N MET G 278 -69.64 -14.28 34.19
CA MET G 278 -70.32 -13.00 34.47
C MET G 278 -71.79 -13.26 34.78
N SER G 279 -72.42 -12.34 35.50
CA SER G 279 -73.79 -12.55 35.97
C SER G 279 -74.82 -12.68 34.84
N ASP G 280 -74.46 -12.19 33.65
CA ASP G 280 -75.37 -12.23 32.51
C ASP G 280 -75.17 -13.46 31.60
N ALA G 281 -74.34 -14.40 32.04
CA ALA G 281 -74.09 -15.64 31.29
C ALA G 281 -75.27 -16.59 31.32
N ASP G 282 -75.32 -17.49 30.34
CA ASP G 282 -76.24 -18.61 30.34
C ASP G 282 -75.83 -19.55 31.48
N MET G 283 -76.67 -19.63 32.52
CA MET G 283 -76.38 -20.43 33.72
C MET G 283 -76.11 -21.91 33.43
N ASP G 284 -77.06 -22.60 32.79
CA ASP G 284 -76.91 -24.04 32.56
C ASP G 284 -75.73 -24.38 31.68
N TRP G 285 -75.51 -23.56 30.64
CA TRP G 285 -74.37 -23.72 29.77
C TRP G 285 -73.06 -23.47 30.52
N ALA G 286 -72.99 -22.37 31.27
CA ALA G 286 -71.78 -22.00 32.00
C ALA G 286 -71.42 -23.06 33.04
N VAL G 287 -72.42 -23.58 33.75
CA VAL G 287 -72.22 -24.61 34.77
C VAL G 287 -71.65 -25.88 34.13
N GLU G 288 -72.27 -26.31 33.03
CA GLU G 288 -71.84 -27.52 32.34
C GLU G 288 -70.43 -27.37 31.76
N GLN G 289 -70.16 -26.22 31.16
CA GLN G 289 -68.85 -25.98 30.56
C GLN G 289 -67.75 -25.80 31.61
N ALA G 290 -68.07 -25.19 32.75
CA ALA G 290 -67.11 -25.05 33.86
C ALA G 290 -66.71 -26.41 34.40
N HIS G 291 -67.69 -27.32 34.51
CA HIS G 291 -67.46 -28.69 34.92
C HIS G 291 -66.52 -29.39 33.94
N PHE G 292 -66.87 -29.35 32.65
CA PHE G 292 -65.99 -29.86 31.60
C PHE G 292 -64.60 -29.20 31.68
N ALA G 293 -64.58 -27.87 31.82
CA ALA G 293 -63.34 -27.07 31.90
C ALA G 293 -62.33 -27.57 32.95
N LEU G 294 -62.84 -28.01 34.10
CA LEU G 294 -61.97 -28.49 35.17
C LEU G 294 -61.75 -29.99 35.12
N PHE G 295 -62.85 -30.74 34.90
CA PHE G 295 -62.83 -32.20 35.07
C PHE G 295 -62.40 -33.02 33.86
N PHE G 296 -62.30 -32.39 32.68
CA PHE G 296 -61.90 -33.12 31.47
C PHE G 296 -60.54 -33.83 31.63
N ASN G 297 -60.49 -35.09 31.20
CA ASN G 297 -59.29 -35.94 31.24
C ASN G 297 -58.77 -36.17 32.65
N GLN G 298 -59.69 -36.46 33.57
CA GLN G 298 -59.37 -36.72 34.98
C GLN G 298 -58.69 -35.49 35.60
N GLY G 299 -58.98 -34.32 35.05
CA GLY G 299 -58.39 -33.06 35.48
C GLY G 299 -56.96 -32.88 34.98
N GLN G 300 -56.49 -33.81 34.15
CA GLN G 300 -55.10 -33.84 33.71
C GLN G 300 -54.96 -33.14 32.36
N CYS G 301 -55.19 -31.84 32.38
N CYS G 301 -55.25 -31.85 32.38
CA CYS G 301 -55.16 -31.02 31.18
CA CYS G 301 -55.14 -31.00 31.19
C CYS G 301 -54.41 -29.73 31.48
C CYS G 301 -54.34 -29.77 31.54
N CYS G 302 -53.41 -29.44 30.66
CA CYS G 302 -52.57 -28.22 30.81
C CYS G 302 -53.40 -26.96 31.09
N CYS G 303 -54.48 -26.79 30.32
CA CYS G 303 -55.31 -25.59 30.34
C CYS G 303 -56.62 -25.72 31.13
N ALA G 304 -56.67 -26.71 32.04
CA ALA G 304 -57.82 -26.89 32.92
C ALA G 304 -58.25 -25.59 33.57
N GLY G 305 -59.56 -25.34 33.57
CA GLY G 305 -60.16 -24.14 34.19
C GLY G 305 -60.21 -24.28 35.70
N SER G 306 -59.03 -24.19 36.33
CA SER G 306 -58.86 -24.54 37.73
C SER G 306 -59.02 -23.36 38.68
N ARG G 307 -59.44 -22.23 38.12
CA ARG G 307 -59.89 -21.09 38.90
C ARG G 307 -61.22 -20.59 38.31
N THR G 308 -62.33 -21.06 38.86
CA THR G 308 -63.66 -20.68 38.39
C THR G 308 -64.15 -19.43 39.12
N PHE G 309 -63.95 -18.27 38.47
CA PHE G 309 -64.42 -16.99 38.99
C PHE G 309 -65.89 -16.79 38.65
N VAL G 310 -66.72 -16.62 39.66
CA VAL G 310 -68.16 -16.44 39.48
C VAL G 310 -68.62 -15.14 40.12
N GLN G 311 -69.38 -14.34 39.37
N GLN G 311 -69.37 -14.34 39.37
CA GLN G 311 -69.87 -13.05 39.85
CA GLN G 311 -69.83 -13.03 39.86
C GLN G 311 -70.79 -13.26 41.04
C GLN G 311 -70.83 -13.20 40.99
N GLU G 312 -70.66 -12.40 42.04
CA GLU G 312 -71.40 -12.56 43.32
C GLU G 312 -72.91 -12.80 43.22
N ASP G 313 -73.58 -12.06 42.31
CA ASP G 313 -75.04 -12.17 42.13
C ASP G 313 -75.52 -13.55 41.71
N ILE G 314 -74.65 -14.31 41.04
CA ILE G 314 -75.00 -15.66 40.59
C ILE G 314 -74.23 -16.76 41.30
N TYR G 315 -73.33 -16.36 42.21
CA TYR G 315 -72.41 -17.28 42.88
C TYR G 315 -73.09 -18.47 43.59
N ASP G 316 -74.08 -18.18 44.44
CA ASP G 316 -74.76 -19.23 45.23
C ASP G 316 -75.38 -20.31 44.34
N GLU G 317 -76.17 -19.88 43.36
CA GLU G 317 -76.80 -20.79 42.41
C GLU G 317 -75.76 -21.60 41.64
N PHE G 318 -74.72 -20.93 41.14
CA PHE G 318 -73.68 -21.57 40.35
C PHE G 318 -72.99 -22.70 41.14
N VAL G 319 -72.63 -22.39 42.38
CA VAL G 319 -71.99 -23.36 43.28
C VAL G 319 -72.90 -24.57 43.51
N GLU G 320 -74.16 -24.30 43.81
CA GLU G 320 -75.17 -25.34 44.05
C GLU G 320 -75.28 -26.30 42.87
N ARG G 321 -75.34 -25.76 41.66
CA ARG G 321 -75.45 -26.55 40.44
C ARG G 321 -74.15 -27.29 40.11
N SER G 322 -73.02 -26.65 40.42
CA SER G 322 -71.70 -27.24 40.16
C SER G 322 -71.43 -28.45 41.08
N VAL G 323 -71.84 -28.32 42.34
CA VAL G 323 -71.74 -29.42 43.30
C VAL G 323 -72.61 -30.60 42.87
N ALA G 324 -73.86 -30.29 42.47
CA ALA G 324 -74.77 -31.32 41.99
C ALA G 324 -74.19 -32.07 40.78
N ARG G 325 -73.64 -31.31 39.82
CA ARG G 325 -73.06 -31.91 38.61
C ARG G 325 -71.82 -32.75 38.94
N ALA G 326 -71.01 -32.27 39.88
CA ALA G 326 -69.83 -33.02 40.32
C ALA G 326 -70.21 -34.32 41.04
N LYS G 327 -71.25 -34.27 41.87
CA LYS G 327 -71.77 -35.44 42.58
C LYS G 327 -72.35 -36.51 41.64
N SER G 328 -72.85 -36.07 40.48
CA SER G 328 -73.43 -36.97 39.48
C SER G 328 -72.39 -37.55 38.52
N ARG G 329 -71.18 -36.97 38.52
CA ARG G 329 -70.11 -37.43 37.62
C ARG G 329 -69.68 -38.87 37.96
N VAL G 330 -69.80 -39.75 36.98
CA VAL G 330 -69.59 -41.20 37.20
C VAL G 330 -68.13 -41.63 37.09
N VAL G 331 -67.60 -42.15 38.20
CA VAL G 331 -66.23 -42.64 38.24
C VAL G 331 -66.26 -44.17 38.19
N GLY G 332 -65.40 -44.76 37.35
CA GLY G 332 -65.33 -46.21 37.27
C GLY G 332 -64.39 -46.74 36.21
N ASN G 333 -64.53 -48.03 35.93
CA ASN G 333 -63.85 -48.73 34.84
C ASN G 333 -63.94 -47.94 33.54
N PRO G 334 -62.79 -47.49 32.99
CA PRO G 334 -62.78 -46.65 31.80
C PRO G 334 -63.29 -47.36 30.54
N PHE G 335 -63.24 -48.69 30.55
CA PHE G 335 -63.80 -49.49 29.46
C PHE G 335 -65.32 -49.64 29.54
N ASP G 336 -65.90 -49.16 30.64
CA ASP G 336 -67.35 -49.17 30.84
C ASP G 336 -67.95 -47.90 30.27
N SER G 337 -68.92 -48.07 29.35
CA SER G 337 -69.47 -46.95 28.58
C SER G 337 -70.13 -45.83 29.41
N LYS G 338 -70.61 -46.17 30.60
CA LYS G 338 -71.25 -45.16 31.47
C LYS G 338 -70.23 -44.28 32.23
N THR G 339 -68.96 -44.71 32.26
CA THR G 339 -67.90 -44.01 32.97
C THR G 339 -67.57 -42.66 32.36
N GLU G 340 -67.55 -41.63 33.21
CA GLU G 340 -67.17 -40.28 32.78
C GLU G 340 -65.72 -39.98 33.13
N GLN G 341 -65.24 -40.67 34.17
CA GLN G 341 -63.93 -40.39 34.77
C GLN G 341 -63.21 -41.67 35.15
N GLY G 342 -62.06 -41.90 34.53
CA GLY G 342 -61.21 -43.04 34.88
C GLY G 342 -60.27 -42.73 36.03
N PRO G 343 -59.24 -43.58 36.22
CA PRO G 343 -58.27 -43.33 37.28
C PRO G 343 -57.27 -42.25 36.85
N GLN G 344 -56.48 -41.77 37.82
CA GLN G 344 -55.38 -40.86 37.55
C GLN G 344 -54.23 -41.70 37.00
N VAL G 345 -53.28 -41.05 36.33
CA VAL G 345 -52.29 -41.76 35.55
C VAL G 345 -51.42 -42.77 36.34
N ASP G 346 -51.04 -42.40 37.56
CA ASP G 346 -50.15 -43.25 38.37
C ASP G 346 -50.22 -42.91 39.86
N GLU G 347 -49.57 -43.75 40.67
CA GLU G 347 -49.48 -43.56 42.11
C GLU G 347 -48.96 -42.16 42.51
N THR G 348 -47.89 -41.72 41.86
CA THR G 348 -47.28 -40.42 42.13
C THR G 348 -48.29 -39.27 42.01
N GLN G 349 -49.04 -39.24 40.89
CA GLN G 349 -50.07 -38.22 40.70
C GLN G 349 -51.23 -38.37 41.69
N PHE G 350 -51.65 -39.61 41.89
CA PHE G 350 -52.67 -39.98 42.88
C PHE G 350 -52.36 -39.41 44.26
N LYS G 351 -51.15 -39.65 44.74
CA LYS G 351 -50.70 -39.13 46.05
C LYS G 351 -50.59 -37.60 46.04
N LYS G 352 -50.10 -37.04 44.92
CA LYS G 352 -49.98 -35.59 44.75
C LYS G 352 -51.31 -34.86 44.90
N ILE G 353 -52.35 -35.43 44.32
CA ILE G 353 -53.70 -34.83 44.31
C ILE G 353 -54.34 -34.91 45.69
N LEU G 354 -54.26 -36.08 46.33
CA LEU G 354 -54.76 -36.21 47.71
C LEU G 354 -54.05 -35.22 48.63
N GLY G 355 -52.74 -35.06 48.41
CA GLY G 355 -51.95 -34.01 49.06
C GLY G 355 -52.54 -32.62 48.95
N TYR G 356 -52.93 -32.23 47.73
CA TYR G 356 -53.56 -30.93 47.48
C TYR G 356 -54.96 -30.80 48.11
N ILE G 357 -55.72 -31.89 48.10
CA ILE G 357 -57.02 -31.90 48.79
C ILE G 357 -56.82 -31.67 50.31
N ASN G 358 -55.83 -32.35 50.89
CA ASN G 358 -55.48 -32.14 52.29
C ASN G 358 -55.12 -30.67 52.59
N THR G 359 -54.26 -30.10 51.75
CA THR G 359 -53.83 -28.70 51.83
C THR G 359 -55.01 -27.76 51.68
N GLY G 360 -55.92 -28.09 50.76
CA GLY G 360 -57.16 -27.35 50.56
C GLY G 360 -57.97 -27.27 51.85
N LYS G 361 -58.13 -28.41 52.51
CA LYS G 361 -58.82 -28.46 53.80
C LYS G 361 -58.05 -27.72 54.87
N GLN G 362 -56.74 -27.94 54.95
CA GLN G 362 -55.87 -27.29 55.94
C GLN G 362 -55.95 -25.77 55.91
N GLU G 363 -55.94 -25.22 54.70
CA GLU G 363 -55.89 -23.76 54.51
C GLU G 363 -57.26 -23.06 54.57
N GLY G 364 -58.29 -23.83 54.92
CA GLY G 364 -59.60 -23.26 55.23
C GLY G 364 -60.55 -23.02 54.07
N ALA G 365 -60.29 -23.68 52.94
CA ALA G 365 -61.26 -23.71 51.85
C ALA G 365 -62.35 -24.73 52.19
N LYS G 366 -63.58 -24.37 51.88
CA LYS G 366 -64.76 -25.18 52.18
C LYS G 366 -64.89 -26.36 51.22
N LEU G 367 -64.71 -27.58 51.73
CA LEU G 367 -64.91 -28.79 50.91
C LEU G 367 -66.41 -29.01 50.74
N LEU G 368 -66.86 -29.00 49.48
CA LEU G 368 -68.29 -29.07 49.20
C LEU G 368 -68.79 -30.46 48.78
N CYS G 369 -67.88 -31.27 48.24
CA CYS G 369 -68.17 -32.64 47.84
C CYS G 369 -66.88 -33.34 47.50
N GLY G 370 -66.92 -34.68 47.43
CA GLY G 370 -65.74 -35.49 47.13
C GLY G 370 -64.69 -35.35 48.22
N GLY G 371 -63.42 -35.41 47.81
CA GLY G 371 -62.31 -35.21 48.74
C GLY G 371 -61.54 -36.48 49.02
N GLY G 372 -62.03 -37.60 48.50
CA GLY G 372 -61.46 -38.89 48.85
C GLY G 372 -61.21 -39.84 47.70
N ILE G 373 -60.69 -41.00 48.07
CA ILE G 373 -60.47 -42.11 47.16
C ILE G 373 -61.83 -42.66 46.68
N ALA G 374 -61.91 -42.96 45.39
CA ALA G 374 -63.18 -43.36 44.76
C ALA G 374 -63.30 -44.87 44.51
N ALA G 375 -62.22 -45.60 44.76
CA ALA G 375 -62.21 -47.05 44.67
C ALA G 375 -61.10 -47.64 45.53
N ASP G 376 -61.27 -48.90 45.94
CA ASP G 376 -60.30 -49.59 46.79
C ASP G 376 -58.99 -49.87 46.08
N ARG G 377 -59.04 -50.06 44.76
CA ARG G 377 -57.85 -50.34 43.97
C ARG G 377 -57.83 -49.49 42.69
N GLY G 378 -56.62 -49.22 42.17
CA GLY G 378 -56.46 -48.24 41.09
C GLY G 378 -56.42 -46.83 41.66
N TYR G 379 -56.17 -45.86 40.78
CA TYR G 379 -55.89 -44.50 41.24
C TYR G 379 -57.08 -43.57 41.05
N PHE G 380 -58.21 -43.98 41.64
CA PHE G 380 -59.48 -43.29 41.47
C PHE G 380 -59.69 -42.28 42.58
N ILE G 381 -59.99 -41.05 42.18
CA ILE G 381 -60.26 -39.95 43.12
C ILE G 381 -61.62 -39.35 42.82
N GLN G 382 -62.38 -39.06 43.88
CA GLN G 382 -63.71 -38.49 43.75
C GLN G 382 -63.64 -37.07 43.18
N PRO G 383 -64.62 -36.70 42.31
CA PRO G 383 -64.72 -35.31 41.87
C PRO G 383 -64.86 -34.41 43.07
N THR G 384 -63.92 -33.48 43.23
CA THR G 384 -63.85 -32.65 44.41
C THR G 384 -64.06 -31.17 44.08
N VAL G 385 -64.91 -30.51 44.87
CA VAL G 385 -65.18 -29.08 44.71
C VAL G 385 -64.91 -28.31 46.00
N PHE G 386 -64.06 -27.28 45.92
CA PHE G 386 -63.86 -26.35 47.03
C PHE G 386 -64.57 -25.04 46.74
N GLY G 387 -65.28 -24.54 47.75
CA GLY G 387 -65.99 -23.26 47.62
C GLY G 387 -65.24 -22.14 48.31
N ASP G 388 -65.68 -20.91 48.04
CA ASP G 388 -65.09 -19.71 48.64
C ASP G 388 -63.56 -19.71 48.62
N VAL G 389 -62.97 -20.18 47.53
CA VAL G 389 -61.51 -20.21 47.40
C VAL G 389 -60.97 -18.78 47.33
N GLN G 390 -59.83 -18.57 47.99
CA GLN G 390 -59.21 -17.25 48.02
C GLN G 390 -57.88 -17.29 47.26
N ASP G 391 -57.50 -16.15 46.69
CA ASP G 391 -56.33 -16.05 45.82
C ASP G 391 -55.01 -16.55 46.45
N GLY G 392 -54.85 -16.34 47.76
CA GLY G 392 -53.60 -16.70 48.44
C GLY G 392 -53.45 -18.17 48.80
N MET G 393 -54.52 -18.94 48.61
CA MET G 393 -54.51 -20.35 48.97
C MET G 393 -53.70 -21.16 47.97
N THR G 394 -53.04 -22.20 48.46
CA THR G 394 -52.21 -23.05 47.64
C THR G 394 -52.99 -23.65 46.47
N ILE G 395 -54.23 -24.07 46.73
CA ILE G 395 -55.05 -24.69 45.68
C ILE G 395 -55.55 -23.70 44.62
N ALA G 396 -55.41 -22.41 44.93
CA ALA G 396 -55.69 -21.34 43.98
C ALA G 396 -54.46 -20.94 43.15
N LYS G 397 -53.28 -21.36 43.59
CA LYS G 397 -52.04 -20.94 42.97
C LYS G 397 -51.38 -22.03 42.13
N GLU G 398 -51.35 -23.24 42.68
CA GLU G 398 -50.58 -24.34 42.11
C GLU G 398 -51.44 -25.27 41.25
N GLU G 399 -50.85 -25.79 40.17
CA GLU G 399 -51.54 -26.74 39.29
C GLU G 399 -51.70 -28.10 39.96
N ILE G 400 -52.95 -28.48 40.19
CA ILE G 400 -53.30 -29.71 40.91
C ILE G 400 -53.27 -30.91 39.95
N PHE G 401 -53.80 -30.72 38.74
CA PHE G 401 -53.80 -31.73 37.69
C PHE G 401 -54.62 -32.95 38.12
N GLY G 402 -55.77 -32.69 38.73
CA GLY G 402 -56.73 -33.72 39.16
C GLY G 402 -58.15 -33.19 39.30
N PRO G 403 -59.11 -34.07 39.66
CA PRO G 403 -60.52 -33.70 39.71
C PRO G 403 -60.85 -32.83 40.92
N VAL G 404 -60.25 -31.64 40.98
CA VAL G 404 -60.40 -30.74 42.11
C VAL G 404 -60.68 -29.35 41.57
N MET G 405 -61.87 -28.85 41.89
CA MET G 405 -62.39 -27.59 41.34
C MET G 405 -62.37 -26.48 42.37
N GLN G 406 -61.86 -25.32 41.97
CA GLN G 406 -61.85 -24.13 42.82
C GLN G 406 -62.90 -23.14 42.33
N ILE G 407 -63.78 -22.73 43.24
CA ILE G 407 -64.76 -21.71 42.89
C ILE G 407 -64.51 -20.46 43.73
N LEU G 408 -64.30 -19.35 43.02
CA LEU G 408 -63.95 -18.07 43.62
C LEU G 408 -65.04 -17.05 43.31
N LYS G 409 -65.21 -16.08 44.20
CA LYS G 409 -66.28 -15.10 44.08
C LYS G 409 -65.69 -13.73 43.75
N PHE G 410 -66.34 -13.00 42.84
CA PHE G 410 -65.90 -11.63 42.50
C PHE G 410 -67.06 -10.65 42.29
N LYS G 411 -66.77 -9.35 42.38
CA LYS G 411 -67.78 -8.32 42.19
C LYS G 411 -67.76 -7.68 40.81
N THR G 412 -66.59 -7.17 40.40
CA THR G 412 -66.50 -6.32 39.23
C THR G 412 -65.58 -6.87 38.15
N ILE G 413 -65.90 -6.52 36.90
CA ILE G 413 -65.10 -6.85 35.73
C ILE G 413 -63.64 -6.36 35.87
N GLU G 414 -63.46 -5.15 36.41
CA GLU G 414 -62.12 -4.61 36.70
C GLU G 414 -61.37 -5.46 37.71
N GLU G 415 -62.07 -5.81 38.80
CA GLU G 415 -61.51 -6.65 39.84
C GLU G 415 -61.02 -8.00 39.29
N VAL G 416 -61.87 -8.68 38.53
CA VAL G 416 -61.59 -10.05 38.06
C VAL G 416 -60.42 -10.15 37.07
N VAL G 417 -60.27 -9.14 36.22
CA VAL G 417 -59.11 -9.01 35.32
C VAL G 417 -57.79 -9.07 36.10
N GLY G 418 -57.69 -8.26 37.17
CA GLY G 418 -56.48 -8.18 37.99
C GLY G 418 -56.16 -9.49 38.69
N ARG G 419 -57.21 -10.13 39.22
CA ARG G 419 -57.06 -11.40 39.92
C ARG G 419 -56.77 -12.55 38.96
N ALA G 420 -57.47 -12.58 37.83
CA ALA G 420 -57.20 -13.57 36.78
C ALA G 420 -55.74 -13.47 36.31
N ASN G 421 -55.28 -12.23 36.12
CA ASN G 421 -53.92 -12.01 35.60
C ASN G 421 -52.84 -12.12 36.65
N ASN G 422 -53.21 -12.10 37.93
CA ASN G 422 -52.24 -12.22 39.02
C ASN G 422 -51.82 -13.68 39.20
N SER G 423 -50.95 -14.11 38.31
CA SER G 423 -50.49 -15.49 38.24
C SER G 423 -49.24 -15.49 37.37
N THR G 424 -48.33 -16.41 37.63
CA THR G 424 -47.14 -16.52 36.79
C THR G 424 -47.44 -17.52 35.67
N TYR G 425 -48.69 -18.00 35.66
CA TYR G 425 -49.19 -18.85 34.59
C TYR G 425 -50.03 -18.01 33.62
N GLY G 426 -50.18 -18.47 32.39
CA GLY G 426 -51.00 -17.79 31.39
C GLY G 426 -51.23 -18.64 30.14
N LEU G 427 -51.66 -19.88 30.35
CA LEU G 427 -51.88 -20.79 29.25
C LEU G 427 -53.21 -20.53 28.55
N ALA G 428 -54.30 -20.52 29.31
CA ALA G 428 -55.64 -20.27 28.78
C ALA G 428 -56.48 -19.48 29.75
N ALA G 429 -57.66 -19.09 29.31
CA ALA G 429 -58.64 -18.38 30.12
C ALA G 429 -59.98 -18.46 29.39
N ALA G 430 -61.07 -18.21 30.11
CA ALA G 430 -62.37 -18.17 29.44
C ALA G 430 -63.30 -17.13 30.03
N VAL G 431 -64.22 -16.67 29.18
CA VAL G 431 -65.23 -15.70 29.57
C VAL G 431 -66.58 -16.22 29.17
N PHE G 432 -67.50 -16.27 30.13
CA PHE G 432 -68.89 -16.58 29.84
C PHE G 432 -69.76 -15.35 30.08
N THR G 433 -70.30 -14.80 28.99
CA THR G 433 -71.09 -13.58 29.00
C THR G 433 -71.91 -13.53 27.71
N LYS G 434 -73.00 -12.76 27.74
CA LYS G 434 -73.84 -12.54 26.56
C LYS G 434 -73.55 -11.18 25.94
N ASP G 435 -72.84 -10.35 26.70
CA ASP G 435 -72.57 -8.98 26.31
C ASP G 435 -71.38 -8.91 25.37
N LEU G 436 -71.54 -8.17 24.28
CA LEU G 436 -70.48 -7.98 23.29
C LEU G 436 -69.27 -7.25 23.89
N ASP G 437 -69.52 -6.09 24.49
CA ASP G 437 -68.45 -5.27 25.05
C ASP G 437 -67.65 -5.97 26.14
N LYS G 438 -68.34 -6.71 27.02
CA LYS G 438 -67.68 -7.49 28.07
C LYS G 438 -66.79 -8.57 27.48
N ALA G 439 -67.28 -9.27 26.46
CA ALA G 439 -66.49 -10.31 25.81
C ALA G 439 -65.22 -9.71 25.22
N ASN G 440 -65.37 -8.60 24.50
CA ASN G 440 -64.25 -7.92 23.84
C ASN G 440 -63.26 -7.30 24.83
N TYR G 441 -63.79 -6.65 25.86
CA TYR G 441 -62.98 -6.09 26.93
C TYR G 441 -62.11 -7.16 27.62
N LEU G 442 -62.73 -8.26 28.01
CA LEU G 442 -62.03 -9.33 28.74
C LEU G 442 -61.04 -10.13 27.89
N SER G 443 -61.42 -10.45 26.66
CA SER G 443 -60.53 -11.24 25.79
C SER G 443 -59.25 -10.46 25.49
N GLN G 444 -59.38 -9.14 25.35
CA GLN G 444 -58.23 -8.27 25.20
C GLN G 444 -57.38 -8.23 26.50
N ALA G 445 -58.05 -8.08 27.64
CA ALA G 445 -57.39 -7.83 28.93
C ALA G 445 -56.65 -9.03 29.54
N LEU G 446 -57.15 -10.24 29.27
CA LEU G 446 -56.61 -11.45 29.89
C LEU G 446 -55.28 -11.85 29.27
N GLN G 447 -54.29 -12.08 30.12
CA GLN G 447 -52.96 -12.44 29.65
C GLN G 447 -52.87 -13.95 29.58
N ALA G 448 -53.39 -14.51 28.50
CA ALA G 448 -53.44 -15.97 28.29
C ALA G 448 -53.27 -16.30 26.81
N GLY G 449 -52.65 -17.44 26.55
CA GLY G 449 -52.42 -17.90 25.18
C GLY G 449 -53.71 -18.12 24.41
N THR G 450 -54.69 -18.72 25.06
CA THR G 450 -56.01 -18.91 24.45
C THR G 450 -57.08 -18.37 25.36
N VAL G 451 -57.97 -17.56 24.79
CA VAL G 451 -59.14 -17.10 25.51
C VAL G 451 -60.40 -17.65 24.82
N TRP G 452 -61.14 -18.49 25.54
CA TRP G 452 -62.42 -19.00 25.06
C TRP G 452 -63.55 -18.09 25.53
N VAL G 453 -64.52 -17.88 24.66
CA VAL G 453 -65.69 -17.07 25.00
C VAL G 453 -66.93 -17.93 24.82
N ASN G 454 -67.64 -18.17 25.93
CA ASN G 454 -68.82 -19.03 25.95
C ASN G 454 -68.54 -20.50 25.57
N CYS G 455 -67.30 -20.91 25.76
CA CYS G 455 -66.87 -22.29 25.54
C CYS G 455 -65.58 -22.52 26.32
N TYR G 456 -65.06 -23.73 26.22
CA TYR G 456 -63.79 -24.08 26.87
C TYR G 456 -63.24 -25.33 26.20
N ASP G 457 -61.91 -25.47 26.23
CA ASP G 457 -61.23 -26.65 25.68
C ASP G 457 -61.59 -26.89 24.21
N VAL G 458 -61.75 -25.81 23.46
CA VAL G 458 -62.02 -25.89 22.04
C VAL G 458 -60.70 -25.84 21.29
N PHE G 459 -60.22 -27.01 20.88
CA PHE G 459 -58.97 -27.12 20.13
C PHE G 459 -59.24 -27.36 18.65
N GLY G 460 -58.55 -26.58 17.83
CA GLY G 460 -58.61 -26.78 16.39
C GLY G 460 -57.18 -26.87 15.92
N ALA G 461 -56.90 -27.84 15.06
CA ALA G 461 -55.59 -27.94 14.45
C ALA G 461 -55.20 -26.62 13.74
N GLN G 462 -56.23 -25.86 13.33
CA GLN G 462 -56.05 -24.59 12.63
C GLN G 462 -55.65 -23.45 13.57
N SER G 463 -56.07 -23.53 14.84
CA SER G 463 -55.80 -22.45 15.80
C SER G 463 -54.62 -22.75 16.74
N PRO G 464 -53.66 -21.82 16.84
CA PRO G 464 -52.48 -21.96 17.70
C PRO G 464 -52.80 -22.04 19.19
N PHE G 465 -51.89 -22.67 19.94
CA PHE G 465 -52.08 -22.90 21.36
C PHE G 465 -50.72 -22.83 22.04
N GLY G 466 -50.65 -22.14 23.18
CA GLY G 466 -49.39 -22.02 23.92
C GLY G 466 -49.42 -20.93 24.98
N GLY G 467 -48.39 -20.92 25.81
CA GLY G 467 -48.44 -20.11 27.03
C GLY G 467 -47.89 -18.71 26.94
N TYR G 468 -48.46 -17.84 27.78
CA TYR G 468 -47.84 -16.59 28.20
C TYR G 468 -47.09 -16.90 29.49
N LYS G 469 -46.23 -15.98 29.92
CA LYS G 469 -45.50 -16.11 31.19
C LYS G 469 -44.84 -17.49 31.36
N MET G 470 -44.96 -18.10 32.53
CA MET G 470 -44.28 -19.38 32.82
C MET G 470 -45.10 -20.61 32.38
N SER G 471 -46.11 -20.38 31.54
CA SER G 471 -46.88 -21.47 30.93
C SER G 471 -46.19 -21.95 29.66
N GLY G 472 -45.10 -21.28 29.30
CA GLY G 472 -44.26 -21.71 28.19
C GLY G 472 -43.99 -20.61 27.18
N SER G 473 -43.49 -21.01 26.01
CA SER G 473 -43.19 -20.09 24.93
C SER G 473 -43.26 -20.81 23.58
N GLY G 474 -43.59 -20.07 22.52
CA GLY G 474 -43.83 -20.66 21.21
C GLY G 474 -45.28 -21.11 21.14
N ARG G 475 -45.73 -21.44 19.94
CA ARG G 475 -47.11 -21.89 19.74
C ARG G 475 -47.12 -23.19 18.96
N GLU G 476 -48.09 -24.04 19.29
CA GLU G 476 -48.35 -25.27 18.53
C GLU G 476 -49.68 -25.14 17.83
N LEU G 477 -49.91 -26.00 16.83
CA LEU G 477 -51.11 -25.96 15.99
C LEU G 477 -51.14 -24.69 15.13
N GLY G 478 -51.97 -24.70 14.10
CA GLY G 478 -52.01 -23.62 13.13
C GLY G 478 -50.74 -23.48 12.29
N GLU G 479 -50.70 -22.40 11.51
CA GLU G 479 -49.52 -22.01 10.74
C GLU G 479 -48.36 -21.74 11.68
N TYR G 480 -48.68 -21.14 12.83
CA TYR G 480 -47.71 -20.81 13.87
C TYR G 480 -46.89 -22.01 14.31
N GLY G 481 -47.51 -23.19 14.32
CA GLY G 481 -46.84 -24.42 14.75
C GLY G 481 -45.63 -24.81 13.91
N LEU G 482 -45.46 -24.15 12.76
CA LEU G 482 -44.35 -24.43 11.85
C LEU G 482 -43.13 -23.54 12.11
N GLN G 483 -43.39 -22.42 12.78
CA GLN G 483 -42.38 -21.41 13.03
C GLN G 483 -41.12 -22.04 13.67
N ALA G 484 -41.32 -22.78 14.77
CA ALA G 484 -40.22 -23.38 15.53
C ALA G 484 -39.52 -24.53 14.81
N TYR G 485 -40.11 -24.99 13.71
CA TYR G 485 -39.55 -26.12 12.95
C TYR G 485 -38.90 -25.70 11.62
N THR G 486 -38.73 -24.39 11.48
CA THR G 486 -38.16 -23.78 10.30
C THR G 486 -36.90 -23.01 10.68
N GLU G 487 -35.84 -23.19 9.88
CA GLU G 487 -34.65 -22.34 9.97
C GLU G 487 -34.61 -21.47 8.72
N VAL G 488 -34.52 -20.16 8.94
CA VAL G 488 -34.59 -19.17 7.85
C VAL G 488 -33.20 -18.85 7.30
N LYS G 489 -33.03 -19.06 6.00
CA LYS G 489 -31.82 -18.66 5.29
C LYS G 489 -32.13 -17.56 4.30
N THR G 490 -31.41 -16.45 4.43
CA THR G 490 -31.47 -15.36 3.47
C THR G 490 -30.40 -15.60 2.41
N VAL G 491 -30.78 -15.53 1.14
CA VAL G 491 -29.84 -15.60 0.02
C VAL G 491 -29.89 -14.27 -0.72
N THR G 492 -28.76 -13.56 -0.74
CA THR G 492 -28.68 -12.27 -1.40
C THR G 492 -27.69 -12.31 -2.55
N VAL G 493 -28.18 -12.04 -3.75
CA VAL G 493 -27.42 -12.21 -4.98
C VAL G 493 -27.30 -10.89 -5.71
N LYS G 494 -26.06 -10.53 -6.05
CA LYS G 494 -25.77 -9.39 -6.90
C LYS G 494 -26.34 -9.65 -8.29
N VAL G 495 -27.07 -8.65 -8.81
CA VAL G 495 -27.65 -8.72 -10.14
C VAL G 495 -27.14 -7.55 -11.00
N PRO G 496 -27.06 -7.73 -12.33
CA PRO G 496 -26.58 -6.60 -13.14
C PRO G 496 -27.29 -5.27 -12.87
N GLN G 497 -28.63 -5.28 -12.80
CA GLN G 497 -29.39 -4.05 -12.54
C GLN G 497 -30.80 -4.39 -12.01
N LYS G 498 -31.03 -4.07 -10.74
CA LYS G 498 -32.32 -4.28 -10.09
C LYS G 498 -33.38 -3.33 -10.64
N ASN G 499 -34.53 -3.91 -10.99
CA ASN G 499 -35.72 -3.16 -11.36
C ASN G 499 -36.93 -3.63 -10.57
N SER G 500 -37.92 -2.76 -10.40
CA SER G 500 -39.16 -3.15 -9.73
C SER G 500 -39.89 -4.27 -10.49
N ALA H 7 -20.19 13.37 -0.87
CA ALA H 7 -20.39 14.63 -0.09
C ALA H 7 -20.60 14.34 1.40
N VAL H 8 -19.49 14.18 2.12
CA VAL H 8 -19.53 14.01 3.57
C VAL H 8 -19.19 15.34 4.23
N PRO H 9 -20.06 15.82 5.14
CA PRO H 9 -19.76 17.06 5.86
C PRO H 9 -18.53 16.91 6.76
N ALA H 10 -17.81 18.00 6.96
CA ALA H 10 -16.59 18.00 7.78
C ALA H 10 -16.91 17.64 9.23
N PRO H 11 -16.17 16.66 9.80
CA PRO H 11 -16.43 16.21 11.16
C PRO H 11 -15.93 17.20 12.20
N ASN H 12 -16.68 17.34 13.29
CA ASN H 12 -16.16 17.89 14.52
C ASN H 12 -15.41 16.76 15.24
N GLN H 13 -14.08 16.90 15.33
CA GLN H 13 -13.22 15.84 15.85
C GLN H 13 -13.23 15.75 17.38
N GLN H 14 -13.86 16.73 18.04
CA GLN H 14 -14.00 16.73 19.48
C GLN H 14 -15.46 16.98 19.90
N PRO H 15 -16.38 16.05 19.54
CA PRO H 15 -17.78 16.28 19.88
C PRO H 15 -18.01 16.27 21.39
N GLU H 16 -18.71 17.28 21.88
CA GLU H 16 -19.04 17.38 23.30
C GLU H 16 -20.08 16.31 23.65
N VAL H 17 -19.88 15.68 24.80
CA VAL H 17 -20.80 14.67 25.35
C VAL H 17 -21.82 15.38 26.24
N PHE H 18 -23.10 15.07 26.02
CA PHE H 18 -24.17 15.70 26.79
C PHE H 18 -24.94 14.72 27.66
N CYS H 19 -24.81 13.43 27.37
CA CYS H 19 -25.54 12.39 28.10
C CYS H 19 -24.59 11.27 28.49
N ASN H 20 -24.55 10.97 29.79
CA ASN H 20 -23.65 9.94 30.33
C ASN H 20 -24.23 9.31 31.62
N GLN H 21 -25.54 9.34 31.73
CA GLN H 21 -26.24 8.81 32.90
C GLN H 21 -27.21 7.70 32.52
N ILE H 22 -27.97 7.23 33.50
CA ILE H 22 -28.96 6.19 33.28
C ILE H 22 -30.28 6.86 32.86
N PHE H 23 -30.92 6.30 31.84
CA PHE H 23 -32.13 6.91 31.25
C PHE H 23 -33.35 6.09 31.60
N ILE H 24 -34.16 6.62 32.51
CA ILE H 24 -35.37 5.93 32.98
C ILE H 24 -36.50 6.95 33.04
N ASN H 25 -37.64 6.59 32.47
CA ASN H 25 -38.83 7.47 32.47
C ASN H 25 -38.58 8.83 31.84
N ASN H 26 -37.80 8.84 30.76
CA ASN H 26 -37.44 10.07 30.05
C ASN H 26 -36.69 11.09 30.90
N GLU H 27 -36.02 10.57 31.94
CA GLU H 27 -35.22 11.40 32.84
C GLU H 27 -33.86 10.76 33.06
N TRP H 28 -32.88 11.62 33.39
CA TRP H 28 -31.51 11.18 33.62
C TRP H 28 -31.24 10.96 35.10
N HIS H 29 -30.60 9.83 35.40
CA HIS H 29 -30.36 9.35 36.76
C HIS H 29 -28.90 8.94 36.92
N ASP H 30 -28.32 9.27 38.07
CA ASP H 30 -27.05 8.68 38.48
C ASP H 30 -27.33 7.24 38.90
N ALA H 31 -26.32 6.39 38.88
CA ALA H 31 -26.40 5.10 39.51
C ALA H 31 -26.79 5.28 40.97
N VAL H 32 -27.54 4.31 41.50
CA VAL H 32 -27.92 4.30 42.91
C VAL H 32 -26.67 4.41 43.78
N SER H 33 -25.67 3.60 43.45
CA SER H 33 -24.35 3.59 44.11
C SER H 33 -23.54 4.87 43.92
N ARG H 34 -23.95 5.70 42.95
CA ARG H 34 -23.20 6.90 42.53
C ARG H 34 -21.90 6.60 41.77
N LYS H 35 -21.66 5.33 41.47
CA LYS H 35 -20.45 4.93 40.77
C LYS H 35 -20.47 5.28 39.28
N THR H 36 -19.30 5.66 38.77
CA THR H 36 -19.11 5.89 37.35
C THR H 36 -17.98 5.01 36.82
N PHE H 37 -18.01 4.75 35.52
CA PHE H 37 -16.90 4.09 34.85
C PHE H 37 -16.44 4.94 33.68
N PRO H 38 -15.14 4.85 33.33
CA PRO H 38 -14.63 5.62 32.20
C PRO H 38 -14.91 4.95 30.85
N THR H 39 -15.23 5.77 29.84
CA THR H 39 -15.17 5.28 28.46
C THR H 39 -13.99 5.93 27.72
N VAL H 40 -13.26 5.11 27.00
CA VAL H 40 -11.97 5.48 26.39
C VAL H 40 -12.09 5.72 24.87
N ASN H 41 -11.41 6.75 24.38
CA ASN H 41 -11.22 6.93 22.95
C ASN H 41 -10.12 5.98 22.47
N PRO H 42 -10.48 4.95 21.66
CA PRO H 42 -9.53 3.91 21.26
C PRO H 42 -8.38 4.38 20.36
N SER H 43 -8.52 5.57 19.76
CA SER H 43 -7.46 6.12 18.91
C SER H 43 -6.30 6.70 19.74
N THR H 44 -6.59 7.03 20.99
CA THR H 44 -5.62 7.71 21.86
C THR H 44 -5.35 6.97 23.18
N GLY H 45 -6.26 6.10 23.59
CA GLY H 45 -6.19 5.45 24.89
C GLY H 45 -6.53 6.37 26.06
N GLU H 46 -7.04 7.56 25.75
CA GLU H 46 -7.44 8.54 26.76
C GLU H 46 -8.94 8.42 27.07
N VAL H 47 -9.30 8.70 28.32
CA VAL H 47 -10.71 8.69 28.74
C VAL H 47 -11.44 9.86 28.09
N ILE H 48 -12.65 9.61 27.59
CA ILE H 48 -13.53 10.65 27.06
C ILE H 48 -14.29 11.31 28.21
N CYS H 49 -15.00 10.49 28.99
CA CYS H 49 -15.74 10.95 30.15
C CYS H 49 -16.09 9.78 31.07
N GLN H 50 -16.70 10.10 32.20
CA GLN H 50 -17.25 9.08 33.10
C GLN H 50 -18.69 8.81 32.68
N VAL H 51 -19.17 7.60 32.97
CA VAL H 51 -20.54 7.19 32.68
C VAL H 51 -21.13 6.48 33.89
N ALA H 52 -22.34 6.84 34.28
CA ALA H 52 -23.03 6.20 35.40
C ALA H 52 -22.91 4.67 35.28
N GLU H 53 -22.46 4.03 36.36
CA GLU H 53 -22.29 2.59 36.37
C GLU H 53 -23.53 1.89 36.93
N GLY H 54 -24.45 1.54 36.04
CA GLY H 54 -25.69 0.86 36.40
C GLY H 54 -25.46 -0.58 36.82
N ASP H 55 -26.17 -0.99 37.87
CA ASP H 55 -26.10 -2.35 38.41
C ASP H 55 -27.55 -2.81 38.64
N LYS H 56 -27.71 -3.93 39.35
CA LYS H 56 -29.02 -4.55 39.62
C LYS H 56 -30.11 -3.58 40.09
N GLU H 57 -29.79 -2.74 41.07
CA GLU H 57 -30.77 -1.80 41.60
C GLU H 57 -31.23 -0.78 40.57
N ASP H 58 -30.35 -0.43 39.64
CA ASP H 58 -30.70 0.50 38.55
C ASP H 58 -31.54 -0.18 37.49
N VAL H 59 -31.24 -1.46 37.24
CA VAL H 59 -32.01 -2.32 36.35
C VAL H 59 -33.43 -2.49 36.89
N ASP H 60 -33.53 -2.75 38.20
CA ASP H 60 -34.84 -2.89 38.85
C ASP H 60 -35.70 -1.64 38.69
N LYS H 61 -35.09 -0.46 38.81
CA LYS H 61 -35.79 0.82 38.57
C LYS H 61 -36.30 0.91 37.12
N ALA H 62 -35.44 0.54 36.18
CA ALA H 62 -35.77 0.59 34.75
C ALA H 62 -36.91 -0.35 34.38
N VAL H 63 -36.85 -1.59 34.90
CA VAL H 63 -37.89 -2.60 34.64
C VAL H 63 -39.24 -2.16 35.19
N LYS H 64 -39.24 -1.63 36.42
CA LYS H 64 -40.45 -1.10 37.04
C LYS H 64 -41.05 0.05 36.23
N ALA H 65 -40.19 0.90 35.66
CA ALA H 65 -40.65 1.96 34.78
C ALA H 65 -41.22 1.40 33.47
N ALA H 66 -40.56 0.38 32.92
CA ALA H 66 -41.02 -0.29 31.70
C ALA H 66 -42.38 -0.98 31.92
N ARG H 67 -42.50 -1.70 33.03
CA ARG H 67 -43.74 -2.38 33.39
C ARG H 67 -44.92 -1.40 33.50
N ALA H 68 -44.70 -0.27 34.18
CA ALA H 68 -45.77 0.73 34.36
C ALA H 68 -46.21 1.29 33.01
N ALA H 69 -45.25 1.45 32.10
CA ALA H 69 -45.49 1.99 30.77
C ALA H 69 -46.28 1.00 29.91
N PHE H 70 -46.20 -0.28 30.27
CA PHE H 70 -46.86 -1.37 29.56
C PHE H 70 -48.24 -1.70 30.12
N GLN H 71 -48.66 -1.02 31.19
CA GLN H 71 -49.95 -1.31 31.82
C GLN H 71 -51.11 -1.05 30.87
N LEU H 72 -52.07 -1.98 30.84
CA LEU H 72 -53.28 -1.83 30.05
C LEU H 72 -53.90 -0.46 30.33
N GLY H 73 -54.28 0.24 29.26
CA GLY H 73 -54.83 1.58 29.38
C GLY H 73 -53.81 2.70 29.43
N SER H 74 -52.52 2.35 29.41
CA SER H 74 -51.45 3.37 29.40
C SER H 74 -51.42 4.15 28.08
N PRO H 75 -50.80 5.34 28.07
CA PRO H 75 -50.72 6.06 26.79
C PRO H 75 -50.07 5.23 25.67
N TRP H 76 -49.02 4.50 26.00
CA TRP H 76 -48.31 3.65 25.02
C TRP H 76 -49.15 2.46 24.56
N ARG H 77 -49.95 1.91 25.46
CA ARG H 77 -50.78 0.76 25.11
C ARG H 77 -51.97 1.15 24.28
N ARG H 78 -52.53 2.33 24.56
CA ARG H 78 -53.73 2.80 23.87
C ARG H 78 -53.42 3.45 22.54
N MET H 79 -52.16 3.87 22.37
CA MET H 79 -51.71 4.57 21.18
C MET H 79 -51.96 3.76 19.90
N ASP H 80 -52.54 4.42 18.89
CA ASP H 80 -52.71 3.83 17.57
C ASP H 80 -51.42 3.20 17.08
N ALA H 81 -51.52 2.00 16.50
CA ALA H 81 -50.34 1.37 15.90
C ALA H 81 -49.69 2.32 14.89
N SER H 82 -50.50 3.03 14.11
CA SER H 82 -49.99 3.98 13.11
C SER H 82 -49.22 5.13 13.75
N HIS H 83 -49.63 5.54 14.96
CA HIS H 83 -48.91 6.59 15.67
C HIS H 83 -47.56 6.11 16.21
N ARG H 84 -47.44 4.83 16.55
CA ARG H 84 -46.15 4.24 16.87
C ARG H 84 -45.18 4.43 15.70
N GLY H 85 -45.72 4.25 14.49
CA GLY H 85 -44.97 4.41 13.24
C GLY H 85 -44.52 5.84 13.05
N ARG H 86 -45.42 6.77 13.36
CA ARG H 86 -45.15 8.21 13.30
C ARG H 86 -44.03 8.64 14.24
N LEU H 87 -44.01 8.06 15.43
CA LEU H 87 -42.99 8.35 16.44
C LEU H 87 -41.65 7.80 16.02
N LEU H 88 -41.66 6.62 15.41
CA LEU H 88 -40.44 6.01 14.87
C LEU H 88 -39.85 6.82 13.71
N ASN H 89 -40.72 7.36 12.86
CA ASN H 89 -40.29 8.25 11.77
C ASN H 89 -39.78 9.59 12.30
N ARG H 90 -40.48 10.12 13.30
CA ARG H 90 -40.03 11.31 14.03
C ARG H 90 -38.62 11.11 14.61
N LEU H 91 -38.40 9.98 15.29
CA LEU H 91 -37.07 9.67 15.83
C LEU H 91 -35.98 9.66 14.75
N ALA H 92 -36.29 9.06 13.61
CA ALA H 92 -35.35 8.97 12.50
C ALA H 92 -35.04 10.37 11.95
N ASP H 93 -36.05 11.22 11.89
CA ASP H 93 -35.87 12.62 11.49
C ASP H 93 -34.96 13.37 12.45
N LEU H 94 -35.10 13.08 13.75
CA LEU H 94 -34.26 13.71 14.77
C LEU H 94 -32.82 13.21 14.69
N ILE H 95 -32.65 11.90 14.51
CA ILE H 95 -31.34 11.32 14.26
C ILE H 95 -30.69 11.87 12.98
N GLU H 96 -31.50 12.17 11.97
CA GLU H 96 -30.97 12.72 10.72
C GLU H 96 -30.51 14.17 10.91
N ARG H 97 -31.34 14.97 11.57
CA ARG H 97 -30.97 16.34 11.97
C ARG H 97 -29.58 16.36 12.62
N ASP H 98 -29.34 15.41 13.53
CA ASP H 98 -28.10 15.35 14.31
C ASP H 98 -27.10 14.34 13.78
N ARG H 99 -27.19 14.05 12.48
CA ARG H 99 -26.37 13.01 11.85
C ARG H 99 -24.87 13.28 11.95
N THR H 100 -24.46 14.52 11.70
CA THR H 100 -23.05 14.90 11.67
C THR H 100 -22.41 14.76 13.06
N TYR H 101 -23.11 15.24 14.08
CA TYR H 101 -22.71 15.07 15.48
C TYR H 101 -22.58 13.58 15.84
N LEU H 102 -23.68 12.84 15.66
CA LEU H 102 -23.72 11.43 16.08
C LEU H 102 -22.67 10.54 15.40
N ALA H 103 -22.41 10.79 14.13
CA ALA H 103 -21.38 10.06 13.38
C ALA H 103 -19.98 10.32 13.96
N ALA H 104 -19.73 11.57 14.38
CA ALA H 104 -18.44 11.93 14.99
C ALA H 104 -18.30 11.28 16.36
N LEU H 105 -19.37 11.36 17.17
CA LEU H 105 -19.40 10.76 18.50
C LEU H 105 -19.23 9.23 18.44
N GLU H 106 -19.77 8.61 17.39
CA GLU H 106 -19.64 7.18 17.17
C GLU H 106 -18.16 6.84 16.97
N THR H 107 -17.53 7.60 16.09
CA THR H 107 -16.10 7.48 15.80
C THR H 107 -15.22 7.65 17.05
N LEU H 108 -15.50 8.70 17.82
CA LEU H 108 -14.74 9.01 19.03
C LEU H 108 -14.74 7.84 20.02
N ASP H 109 -15.92 7.31 20.30
CA ASP H 109 -16.08 6.25 21.30
C ASP H 109 -15.70 4.87 20.78
N ASN H 110 -15.95 4.60 19.50
CA ASN H 110 -15.76 3.26 18.91
C ASN H 110 -14.45 3.06 18.14
N GLY H 111 -14.01 4.10 17.41
CA GLY H 111 -12.79 4.00 16.61
C GLY H 111 -12.98 3.96 15.10
N LYS H 112 -14.17 3.58 14.64
CA LYS H 112 -14.44 3.47 13.20
C LYS H 112 -14.29 4.82 12.47
N PRO H 113 -13.87 4.78 11.19
CA PRO H 113 -13.68 6.03 10.44
C PRO H 113 -14.96 6.87 10.34
N TYR H 114 -14.84 8.15 10.64
CA TYR H 114 -15.95 9.08 10.52
C TYR H 114 -16.74 8.99 9.20
N VAL H 115 -16.04 8.79 8.09
CA VAL H 115 -16.69 8.70 6.78
C VAL H 115 -17.64 7.48 6.74
N ILE H 116 -17.20 6.37 7.34
CA ILE H 116 -18.02 5.17 7.43
C ILE H 116 -19.18 5.38 8.41
N SER H 117 -18.89 5.89 9.61
CA SER H 117 -19.93 6.28 10.56
C SER H 117 -21.05 7.07 9.87
N TYR H 118 -20.64 8.06 9.07
CA TYR H 118 -21.58 8.97 8.42
C TYR H 118 -22.38 8.29 7.29
N LEU H 119 -21.68 7.70 6.33
CA LEU H 119 -22.30 7.17 5.11
C LEU H 119 -22.90 5.77 5.26
N VAL H 120 -22.39 5.01 6.23
CA VAL H 120 -22.80 3.63 6.40
C VAL H 120 -23.68 3.46 7.64
N ASP H 121 -23.07 3.58 8.83
CA ASP H 121 -23.77 3.38 10.10
C ASP H 121 -25.01 4.22 10.26
N LEU H 122 -24.88 5.54 10.11
CA LEU H 122 -26.02 6.46 10.30
C LEU H 122 -27.08 6.27 9.22
N ASP H 123 -26.64 5.99 7.99
CA ASP H 123 -27.55 5.69 6.88
C ASP H 123 -28.41 4.44 7.18
N MET H 124 -27.74 3.40 7.69
N MET H 124 -27.76 3.40 7.70
CA MET H 124 -28.40 2.14 8.04
CA MET H 124 -28.45 2.15 8.02
C MET H 124 -29.32 2.29 9.26
C MET H 124 -29.30 2.25 9.30
N VAL H 125 -28.95 3.17 10.19
CA VAL H 125 -29.75 3.48 11.37
C VAL H 125 -31.09 4.10 10.94
N LEU H 126 -31.01 5.06 10.02
CA LEU H 126 -32.16 5.78 9.48
C LEU H 126 -33.09 4.85 8.72
N LYS H 127 -32.48 3.99 7.91
CA LYS H 127 -33.20 3.05 7.05
C LYS H 127 -33.88 1.98 7.88
N CYS H 128 -33.23 1.52 8.94
CA CYS H 128 -33.80 0.49 9.84
C CYS H 128 -35.04 1.02 10.54
N LEU H 129 -34.91 2.21 11.14
CA LEU H 129 -36.02 2.85 11.85
C LEU H 129 -37.19 3.21 10.94
N ARG H 130 -36.90 3.76 9.77
CA ARG H 130 -37.95 4.09 8.82
C ARG H 130 -38.65 2.84 8.27
N TYR H 131 -37.90 1.75 8.11
CA TYR H 131 -38.47 0.50 7.65
C TYR H 131 -39.50 -0.04 8.67
N TYR H 132 -39.10 -0.09 9.94
CA TYR H 132 -39.94 -0.65 10.99
C TYR H 132 -41.07 0.29 11.38
N ALA H 133 -40.90 1.58 11.14
CA ALA H 133 -42.01 2.53 11.26
C ALA H 133 -43.17 2.10 10.37
N GLY H 134 -42.84 1.68 9.14
CA GLY H 134 -43.82 1.13 8.20
C GLY H 134 -44.53 -0.12 8.69
N TRP H 135 -43.82 -0.98 9.42
CA TRP H 135 -44.41 -2.22 9.99
C TRP H 135 -45.41 -2.01 11.15
N ALA H 136 -45.37 -0.84 11.78
CA ALA H 136 -46.11 -0.60 13.03
C ALA H 136 -47.55 -1.06 12.98
N ASP H 137 -48.25 -0.74 11.88
CA ASP H 137 -49.69 -1.01 11.76
C ASP H 137 -50.02 -2.06 10.70
N LYS H 138 -49.09 -2.99 10.47
CA LYS H 138 -49.23 -3.95 9.38
C LYS H 138 -48.97 -5.42 9.73
N TYR H 139 -48.59 -5.69 10.98
CA TYR H 139 -48.28 -7.06 11.38
C TYR H 139 -49.53 -7.80 11.87
N HIS H 140 -50.34 -8.26 10.92
CA HIS H 140 -51.69 -8.74 11.16
C HIS H 140 -51.77 -10.07 11.90
N GLY H 141 -52.79 -10.21 12.75
CA GLY H 141 -53.20 -11.51 13.26
C GLY H 141 -54.03 -12.20 12.20
N LYS H 142 -54.67 -13.30 12.56
CA LYS H 142 -55.39 -14.12 11.61
C LYS H 142 -56.82 -14.37 12.03
N THR H 143 -57.72 -14.52 11.06
CA THR H 143 -59.03 -15.12 11.34
C THR H 143 -58.99 -16.54 10.75
N ILE H 144 -59.49 -17.51 11.51
CA ILE H 144 -59.14 -18.90 11.26
C ILE H 144 -60.41 -19.77 11.11
N PRO H 145 -60.51 -20.56 10.02
CA PRO H 145 -61.70 -21.41 9.82
C PRO H 145 -61.64 -22.71 10.60
N ILE H 146 -61.71 -22.59 11.93
CA ILE H 146 -61.66 -23.71 12.86
C ILE H 146 -62.91 -24.60 12.70
N ASP H 147 -62.79 -25.88 13.02
CA ASP H 147 -63.93 -26.80 13.05
C ASP H 147 -64.98 -26.34 14.05
N GLY H 148 -66.25 -26.59 13.75
CA GLY H 148 -67.34 -26.35 14.70
C GLY H 148 -67.94 -24.97 14.60
N ASP H 149 -68.92 -24.70 15.46
CA ASP H 149 -69.59 -23.42 15.45
C ASP H 149 -68.82 -22.42 16.30
N PHE H 150 -67.69 -21.97 15.78
CA PHE H 150 -66.82 -21.03 16.49
C PHE H 150 -66.25 -19.97 15.55
N PHE H 151 -65.99 -18.80 16.10
CA PHE H 151 -65.21 -17.76 15.43
C PHE H 151 -63.86 -17.74 16.13
N SER H 152 -62.80 -18.06 15.40
CA SER H 152 -61.47 -18.08 15.99
C SER H 152 -60.53 -17.10 15.30
N TYR H 153 -59.77 -16.35 16.10
CA TYR H 153 -58.82 -15.41 15.56
C TYR H 153 -57.63 -15.24 16.48
N THR H 154 -56.57 -14.63 15.95
CA THR H 154 -55.42 -14.33 16.78
C THR H 154 -55.20 -12.83 16.89
N ARG H 155 -54.81 -12.40 18.08
CA ARG H 155 -54.29 -11.08 18.29
C ARG H 155 -52.78 -11.20 18.32
N HIS H 156 -52.11 -10.30 17.59
CA HIS H 156 -50.66 -10.16 17.71
C HIS H 156 -50.40 -9.06 18.72
N GLU H 157 -50.06 -9.48 19.94
CA GLU H 157 -49.82 -8.57 21.06
C GLU H 157 -48.31 -8.37 21.24
N PRO H 158 -47.90 -7.32 21.98
CA PRO H 158 -46.48 -7.19 22.28
C PRO H 158 -46.07 -8.26 23.27
N VAL H 159 -44.81 -8.67 23.25
CA VAL H 159 -44.32 -9.62 24.27
C VAL H 159 -44.29 -8.99 25.68
N GLY H 160 -43.99 -7.69 25.76
CA GLY H 160 -44.02 -6.95 27.03
C GLY H 160 -42.74 -6.18 27.36
N VAL H 161 -42.18 -6.43 28.54
CA VAL H 161 -40.89 -5.83 28.91
C VAL H 161 -39.73 -6.61 28.27
N CYS H 162 -38.97 -5.92 27.43
CA CYS H 162 -37.89 -6.55 26.67
C CYS H 162 -36.54 -6.04 27.10
N GLY H 163 -35.71 -6.95 27.62
CA GLY H 163 -34.31 -6.64 27.90
C GLY H 163 -33.49 -6.77 26.64
N GLN H 164 -32.69 -5.75 26.35
CA GLN H 164 -31.87 -5.76 25.14
C GLN H 164 -30.41 -5.46 25.49
N ILE H 165 -29.56 -6.47 25.27
CA ILE H 165 -28.14 -6.38 25.60
C ILE H 165 -27.33 -6.39 24.31
N ILE H 166 -26.62 -5.29 24.08
CA ILE H 166 -25.98 -5.06 22.79
C ILE H 166 -24.46 -4.83 22.88
N PRO H 167 -23.73 -5.19 21.80
CA PRO H 167 -22.29 -5.09 21.83
C PRO H 167 -21.79 -3.74 21.27
N TRP H 168 -20.48 -3.63 21.07
CA TRP H 168 -19.81 -2.35 20.85
C TRP H 168 -19.39 -2.09 19.41
N ASN H 169 -19.53 -3.09 18.55
CA ASN H 169 -18.96 -3.01 17.21
C ASN H 169 -19.77 -2.15 16.24
N PHE H 170 -21.08 -2.09 16.45
CA PHE H 170 -21.97 -1.18 15.72
C PHE H 170 -22.93 -0.52 16.72
N PRO H 171 -22.42 0.36 17.58
CA PRO H 171 -23.22 0.87 18.70
C PRO H 171 -24.59 1.43 18.32
N LEU H 172 -24.61 2.39 17.40
CA LEU H 172 -25.87 3.03 16.98
C LEU H 172 -26.76 2.12 16.14
N LEU H 173 -26.14 1.30 15.30
CA LEU H 173 -26.88 0.41 14.40
C LEU H 173 -27.55 -0.73 15.16
N MET H 174 -26.82 -1.35 16.09
CA MET H 174 -27.39 -2.39 16.97
C MET H 174 -28.54 -1.84 17.79
N GLN H 175 -28.41 -0.61 18.30
CA GLN H 175 -29.53 0.05 18.96
C GLN H 175 -30.76 0.08 18.05
N ALA H 176 -30.56 0.49 16.80
CA ALA H 176 -31.64 0.60 15.81
C ALA H 176 -32.24 -0.78 15.51
N TRP H 177 -31.37 -1.78 15.37
CA TRP H 177 -31.80 -3.14 15.08
C TRP H 177 -32.72 -3.67 16.20
N LYS H 178 -32.48 -3.21 17.42
CA LYS H 178 -33.23 -3.69 18.58
C LYS H 178 -34.50 -2.86 18.81
N LEU H 179 -34.38 -1.54 18.77
CA LEU H 179 -35.50 -0.65 19.03
C LEU H 179 -36.57 -0.64 17.93
N GLY H 180 -36.15 -0.69 16.67
CA GLY H 180 -37.07 -0.71 15.53
C GLY H 180 -38.24 -1.68 15.66
N PRO H 181 -37.96 -2.99 15.65
CA PRO H 181 -39.00 -4.03 15.78
C PRO H 181 -39.74 -4.04 17.12
N ALA H 182 -39.05 -3.74 18.22
CA ALA H 182 -39.67 -3.76 19.55
C ALA H 182 -40.70 -2.65 19.69
N LEU H 183 -40.34 -1.45 19.23
CA LEU H 183 -41.23 -0.31 19.31
C LEU H 183 -42.38 -0.38 18.31
N ALA H 184 -42.08 -0.80 17.07
CA ALA H 184 -43.08 -1.04 16.03
C ALA H 184 -44.23 -1.94 16.49
N THR H 185 -43.89 -2.97 17.25
CA THR H 185 -44.88 -3.93 17.79
C THR H 185 -45.37 -3.56 19.21
N GLY H 186 -45.02 -2.37 19.67
CA GLY H 186 -45.61 -1.81 20.90
C GLY H 186 -45.06 -2.36 22.21
N ASN H 187 -43.85 -2.91 22.17
CA ASN H 187 -43.17 -3.36 23.38
C ASN H 187 -42.55 -2.18 24.15
N VAL H 188 -42.07 -2.47 25.36
CA VAL H 188 -41.27 -1.50 26.11
C VAL H 188 -39.88 -2.08 26.32
N VAL H 189 -38.89 -1.20 26.52
CA VAL H 189 -37.49 -1.62 26.45
C VAL H 189 -36.65 -1.24 27.68
N VAL H 190 -35.83 -2.18 28.13
CA VAL H 190 -34.73 -1.90 29.04
C VAL H 190 -33.46 -2.33 28.33
N MET H 191 -32.64 -1.37 27.93
CA MET H 191 -31.49 -1.65 27.08
C MET H 191 -30.16 -1.48 27.83
N LYS H 192 -29.29 -2.48 27.70
CA LYS H 192 -27.96 -2.45 28.27
C LYS H 192 -26.94 -2.29 27.16
N VAL H 193 -26.35 -1.11 27.09
CA VAL H 193 -25.35 -0.77 26.07
C VAL H 193 -23.97 -1.25 26.51
N ALA H 194 -23.10 -1.51 25.54
CA ALA H 194 -21.75 -1.96 25.84
C ALA H 194 -20.98 -0.89 26.61
N GLU H 195 -20.26 -1.32 27.64
CA GLU H 195 -19.42 -0.41 28.42
C GLU H 195 -18.39 0.32 27.56
N GLN H 196 -17.92 -0.36 26.50
CA GLN H 196 -16.94 0.23 25.59
C GLN H 196 -17.49 1.37 24.73
N THR H 197 -18.81 1.42 24.55
CA THR H 197 -19.41 2.36 23.61
C THR H 197 -20.80 2.83 24.01
N PRO H 198 -20.95 3.43 25.21
CA PRO H 198 -22.27 3.79 25.70
C PRO H 198 -22.84 5.11 25.18
N LEU H 199 -21.99 5.96 24.62
CA LEU H 199 -22.29 7.40 24.47
C LEU H 199 -23.33 7.74 23.39
N THR H 200 -23.21 7.13 22.21
CA THR H 200 -24.14 7.46 21.13
C THR H 200 -25.56 7.02 21.44
N ALA H 201 -25.71 5.82 22.01
CA ALA H 201 -27.01 5.29 22.44
C ALA H 201 -27.71 6.19 23.47
N LEU H 202 -26.92 6.79 24.36
CA LEU H 202 -27.46 7.65 25.41
C LEU H 202 -27.93 8.98 24.85
N TYR H 203 -27.23 9.48 23.84
CA TYR H 203 -27.70 10.67 23.13
C TYR H 203 -28.98 10.38 22.36
N VAL H 204 -29.05 9.23 21.68
CA VAL H 204 -30.30 8.80 21.03
C VAL H 204 -31.48 8.76 22.00
N ALA H 205 -31.23 8.36 23.25
CA ALA H 205 -32.26 8.33 24.30
C ALA H 205 -32.88 9.72 24.49
N ASN H 206 -32.02 10.73 24.43
CA ASN H 206 -32.44 12.12 24.49
C ASN H 206 -33.35 12.48 23.32
N LEU H 207 -33.06 11.91 22.15
CA LEU H 207 -33.89 12.13 20.96
C LEU H 207 -35.23 11.40 21.05
N ILE H 208 -35.19 10.19 21.60
CA ILE H 208 -36.41 9.42 21.94
C ILE H 208 -37.38 10.24 22.79
N LYS H 209 -36.85 10.98 23.77
CA LYS H 209 -37.65 11.90 24.56
C LYS H 209 -38.24 13.04 23.70
N GLU H 210 -37.39 13.65 22.87
CA GLU H 210 -37.79 14.75 22.00
C GLU H 210 -38.85 14.31 20.99
N ALA H 211 -38.75 13.06 20.55
CA ALA H 211 -39.66 12.45 19.59
C ALA H 211 -41.08 12.28 20.14
N GLY H 212 -41.23 12.25 21.46
CA GLY H 212 -42.55 12.16 22.08
C GLY H 212 -42.97 10.80 22.62
N PHE H 213 -42.05 9.85 22.62
CA PHE H 213 -42.28 8.53 23.22
C PHE H 213 -42.60 8.67 24.71
N PRO H 214 -43.66 8.00 25.19
CA PRO H 214 -44.07 8.14 26.58
C PRO H 214 -42.97 7.68 27.54
N PRO H 215 -42.91 8.28 28.75
CA PRO H 215 -41.87 7.89 29.70
C PRO H 215 -41.99 6.41 30.10
N GLY H 216 -40.86 5.72 30.13
CA GLY H 216 -40.83 4.30 30.50
C GLY H 216 -40.78 3.35 29.32
N VAL H 217 -41.09 3.87 28.14
CA VAL H 217 -41.13 3.06 26.92
C VAL H 217 -39.74 2.58 26.50
N VAL H 218 -38.76 3.47 26.61
CA VAL H 218 -37.36 3.09 26.40
C VAL H 218 -36.57 3.54 27.62
N ASN H 219 -35.87 2.57 28.22
CA ASN H 219 -35.01 2.83 29.36
C ASN H 219 -33.63 2.29 29.02
N ILE H 220 -32.60 3.07 29.30
CA ILE H 220 -31.23 2.68 28.95
C ILE H 220 -30.33 2.66 30.19
N VAL H 221 -29.68 1.51 30.40
CA VAL H 221 -28.83 1.31 31.56
C VAL H 221 -27.40 0.96 31.14
N PRO H 222 -26.50 1.97 31.16
CA PRO H 222 -25.10 1.69 30.93
C PRO H 222 -24.48 1.03 32.16
N GLY H 223 -23.48 0.18 31.93
CA GLY H 223 -22.87 -0.60 32.99
C GLY H 223 -22.20 -1.83 32.39
N PHE H 224 -21.67 -2.68 33.26
CA PHE H 224 -20.96 -3.89 32.82
C PHE H 224 -21.90 -5.08 32.64
N GLY H 225 -21.35 -6.20 32.18
CA GLY H 225 -22.14 -7.38 31.85
C GLY H 225 -22.64 -8.22 33.02
N PRO H 226 -21.71 -8.75 33.85
CA PRO H 226 -22.03 -9.52 35.07
C PRO H 226 -22.93 -8.80 36.08
N THR H 227 -23.01 -7.48 35.99
CA THR H 227 -23.84 -6.70 36.89
C THR H 227 -25.18 -6.36 36.21
N ALA H 228 -25.18 -5.30 35.40
CA ALA H 228 -26.40 -4.79 34.77
C ALA H 228 -27.01 -5.79 33.78
N GLY H 229 -26.19 -6.35 32.90
CA GLY H 229 -26.63 -7.34 31.92
C GLY H 229 -27.24 -8.58 32.58
N ALA H 230 -26.49 -9.19 33.50
CA ALA H 230 -26.96 -10.37 34.23
C ALA H 230 -28.24 -10.11 34.99
N ALA H 231 -28.40 -8.90 35.53
CA ALA H 231 -29.62 -8.50 36.22
C ALA H 231 -30.83 -8.51 35.29
N ILE H 232 -30.62 -8.13 34.03
CA ILE H 232 -31.67 -8.13 33.01
C ILE H 232 -32.05 -9.56 32.65
N ALA H 233 -31.05 -10.39 32.37
CA ALA H 233 -31.26 -11.78 31.96
C ALA H 233 -31.95 -12.62 33.04
N SER H 234 -31.66 -12.30 34.30
CA SER H 234 -32.20 -13.04 35.44
C SER H 234 -33.45 -12.39 36.05
N HIS H 235 -33.90 -11.28 35.48
CA HIS H 235 -35.02 -10.55 36.06
C HIS H 235 -36.35 -11.28 35.98
N GLU H 236 -37.11 -11.26 37.08
CA GLU H 236 -38.39 -11.97 37.20
C GLU H 236 -39.55 -11.31 36.44
N ASP H 237 -39.37 -10.04 36.06
CA ASP H 237 -40.44 -9.29 35.40
C ASP H 237 -40.04 -8.79 34.01
N VAL H 238 -38.93 -9.34 33.51
CA VAL H 238 -38.57 -9.15 32.11
C VAL H 238 -39.15 -10.32 31.33
N ASP H 239 -39.92 -10.00 30.31
CA ASP H 239 -40.66 -11.00 29.55
C ASP H 239 -39.81 -11.66 28.48
N LYS H 240 -38.82 -10.91 27.99
CA LYS H 240 -38.04 -11.32 26.84
C LYS H 240 -36.67 -10.66 26.85
N VAL H 241 -35.65 -11.43 26.50
CA VAL H 241 -34.30 -10.89 26.39
C VAL H 241 -33.79 -11.13 24.97
N ALA H 242 -33.14 -10.13 24.40
CA ALA H 242 -32.35 -10.32 23.19
C ALA H 242 -30.90 -9.92 23.47
N PHE H 243 -29.97 -10.78 23.08
CA PHE H 243 -28.55 -10.56 23.32
C PHE H 243 -27.72 -10.73 22.06
N ALA H 244 -26.80 -9.78 21.86
CA ALA H 244 -25.80 -9.87 20.80
C ALA H 244 -24.40 -9.77 21.40
N GLY H 245 -23.55 -10.74 21.05
CA GLY H 245 -22.16 -10.77 21.55
C GLY H 245 -21.49 -12.12 21.40
N SER H 246 -20.67 -12.49 22.38
CA SER H 246 -19.91 -13.74 22.33
C SER H 246 -20.79 -14.96 22.59
N THR H 247 -20.36 -16.09 22.03
CA THR H 247 -21.02 -17.38 22.25
C THR H 247 -21.06 -17.71 23.74
N GLU H 248 -19.95 -17.42 24.43
CA GLU H 248 -19.78 -17.63 25.87
C GLU H 248 -20.90 -16.99 26.69
N ILE H 249 -21.15 -15.69 26.45
CA ILE H 249 -22.18 -14.95 27.19
C ILE H 249 -23.60 -15.32 26.72
N GLY H 250 -23.74 -15.71 25.45
CA GLY H 250 -24.99 -16.27 24.95
C GLY H 250 -25.47 -17.39 25.87
N ARG H 251 -24.57 -18.35 26.13
CA ARG H 251 -24.80 -19.44 27.07
C ARG H 251 -25.30 -18.95 28.43
N VAL H 252 -24.58 -17.99 28.99
CA VAL H 252 -24.93 -17.39 30.28
C VAL H 252 -26.33 -16.81 30.27
N ILE H 253 -26.69 -16.16 29.16
CA ILE H 253 -28.04 -15.57 28.99
C ILE H 253 -29.12 -16.67 28.98
N GLN H 254 -28.93 -17.69 28.14
CA GLN H 254 -29.92 -18.76 28.04
C GLN H 254 -30.10 -19.55 29.35
N VAL H 255 -28.99 -19.81 30.05
CA VAL H 255 -29.05 -20.46 31.36
C VAL H 255 -29.80 -19.57 32.36
N ALA H 256 -29.50 -18.27 32.34
CA ALA H 256 -30.13 -17.29 33.25
C ALA H 256 -31.62 -17.14 33.02
N ALA H 257 -32.04 -17.25 31.75
CA ALA H 257 -33.45 -17.20 31.39
C ALA H 257 -34.18 -18.43 31.92
N GLY H 258 -33.59 -19.60 31.74
CA GLY H 258 -34.15 -20.85 32.25
C GLY H 258 -34.24 -20.87 33.77
N SER H 259 -33.20 -20.37 34.42
CA SER H 259 -33.08 -20.37 35.88
C SER H 259 -34.03 -19.39 36.57
N SER H 260 -34.49 -18.38 35.83
CA SER H 260 -35.31 -17.32 36.39
C SER H 260 -36.82 -17.52 36.12
N ASN H 261 -37.34 -16.81 35.13
CA ASN H 261 -38.78 -16.83 34.84
C ASN H 261 -39.13 -17.41 33.48
N LEU H 262 -38.18 -18.09 32.84
CA LEU H 262 -38.37 -18.68 31.52
C LEU H 262 -38.76 -17.64 30.47
N LYS H 263 -38.19 -16.44 30.60
CA LYS H 263 -38.36 -15.36 29.62
C LYS H 263 -37.90 -15.83 28.23
N ARG H 264 -38.46 -15.20 27.19
CA ARG H 264 -38.12 -15.57 25.81
C ARG H 264 -36.74 -15.02 25.42
N VAL H 265 -35.98 -15.81 24.68
CA VAL H 265 -34.61 -15.51 24.32
C VAL H 265 -34.38 -15.55 22.81
N THR H 266 -33.70 -14.53 22.30
CA THR H 266 -33.07 -14.60 20.98
C THR H 266 -31.62 -14.19 21.15
N LEU H 267 -30.75 -14.78 20.35
CA LEU H 267 -29.32 -14.54 20.47
C LEU H 267 -28.67 -14.35 19.11
N GLU H 268 -27.73 -13.40 19.06
CA GLU H 268 -26.87 -13.25 17.89
C GLU H 268 -25.43 -13.34 18.39
N LEU H 269 -24.72 -14.36 17.93
CA LEU H 269 -23.41 -14.69 18.48
C LEU H 269 -22.31 -14.65 17.41
N GLY H 270 -21.17 -15.26 17.71
CA GLY H 270 -20.03 -15.17 16.80
C GLY H 270 -20.21 -15.79 15.42
N GLY H 271 -19.10 -15.89 14.70
CA GLY H 271 -19.05 -16.61 13.45
C GLY H 271 -17.64 -16.96 13.03
N LYS H 272 -17.53 -17.86 12.08
CA LYS H 272 -16.30 -18.07 11.35
C LYS H 272 -16.70 -18.26 9.91
N SER H 273 -17.32 -17.22 9.35
CA SER H 273 -18.01 -17.31 8.07
C SER H 273 -17.06 -17.55 6.89
N PRO H 274 -17.37 -18.55 6.06
CA PRO H 274 -16.59 -18.91 4.87
C PRO H 274 -16.97 -18.09 3.63
N ASN H 275 -15.95 -17.58 2.95
CA ASN H 275 -16.13 -16.87 1.71
C ASN H 275 -15.46 -17.70 0.62
N ILE H 276 -16.27 -18.28 -0.27
CA ILE H 276 -15.79 -19.26 -1.22
C ILE H 276 -15.61 -18.66 -2.62
N ILE H 277 -14.37 -18.63 -3.10
CA ILE H 277 -14.06 -18.06 -4.40
C ILE H 277 -13.81 -19.21 -5.40
N MET H 278 -14.76 -19.41 -6.30
CA MET H 278 -14.61 -20.43 -7.36
C MET H 278 -13.69 -19.88 -8.44
N SER H 279 -13.04 -20.79 -9.17
CA SER H 279 -12.08 -20.42 -10.21
C SER H 279 -12.67 -19.61 -11.37
N ASP H 280 -13.99 -19.71 -11.57
CA ASP H 280 -14.66 -18.93 -12.62
C ASP H 280 -15.19 -17.58 -12.15
N ALA H 281 -14.82 -17.16 -10.94
CA ALA H 281 -15.22 -15.85 -10.42
C ALA H 281 -14.57 -14.67 -11.18
N ASP H 282 -15.19 -13.50 -11.07
CA ASP H 282 -14.60 -12.25 -11.52
C ASP H 282 -13.48 -11.91 -10.54
N MET H 283 -12.23 -12.01 -10.99
CA MET H 283 -11.05 -11.91 -10.11
C MET H 283 -10.98 -10.60 -9.33
N ASP H 284 -10.98 -9.48 -10.03
CA ASP H 284 -10.84 -8.16 -9.40
C ASP H 284 -11.96 -7.87 -8.40
N TRP H 285 -13.19 -8.23 -8.77
CA TRP H 285 -14.35 -8.06 -7.89
C TRP H 285 -14.24 -8.96 -6.65
N ALA H 286 -13.88 -10.23 -6.87
CA ALA H 286 -13.71 -11.20 -5.79
C ALA H 286 -12.64 -10.74 -4.79
N VAL H 287 -11.51 -10.24 -5.31
CA VAL H 287 -10.43 -9.72 -4.46
C VAL H 287 -10.90 -8.54 -3.60
N GLU H 288 -11.49 -7.54 -4.24
CA GLU H 288 -11.98 -6.37 -3.53
C GLU H 288 -13.04 -6.75 -2.49
N GLN H 289 -13.91 -7.69 -2.85
CA GLN H 289 -15.00 -8.09 -1.96
C GLN H 289 -14.55 -8.98 -0.80
N ALA H 290 -13.59 -9.87 -1.06
CA ALA H 290 -12.96 -10.68 0.00
C ALA H 290 -12.24 -9.82 1.03
N HIS H 291 -11.63 -8.73 0.55
CA HIS H 291 -10.98 -7.75 1.40
C HIS H 291 -12.00 -7.04 2.30
N PHE H 292 -13.01 -6.44 1.67
CA PHE H 292 -14.13 -5.84 2.39
C PHE H 292 -14.74 -6.83 3.40
N ALA H 293 -14.98 -8.06 2.93
CA ALA H 293 -15.58 -9.13 3.74
C ALA H 293 -14.88 -9.38 5.07
N LEU H 294 -13.55 -9.25 5.08
CA LEU H 294 -12.76 -9.50 6.27
C LEU H 294 -12.48 -8.23 7.05
N PHE H 295 -12.02 -7.19 6.35
CA PHE H 295 -11.50 -6.00 7.03
C PHE H 295 -12.55 -4.97 7.44
N PHE H 296 -13.77 -5.08 6.93
CA PHE H 296 -14.82 -4.13 7.28
C PHE H 296 -14.95 -3.96 8.79
N ASN H 297 -15.06 -2.70 9.22
CA ASN H 297 -15.23 -2.34 10.62
C ASN H 297 -14.10 -2.85 11.51
N GLN H 298 -12.86 -2.71 11.02
CA GLN H 298 -11.66 -3.13 11.75
C GLN H 298 -11.64 -4.65 11.99
N GLY H 299 -12.33 -5.38 11.12
CA GLY H 299 -12.52 -6.82 11.30
C GLY H 299 -13.55 -7.19 12.35
N GLN H 300 -14.13 -6.17 13.00
CA GLN H 300 -15.05 -6.37 14.12
C GLN H 300 -16.49 -6.51 13.65
N CYS H 301 -16.73 -7.54 12.84
N CYS H 301 -16.72 -7.50 12.79
CA CYS H 301 -18.05 -7.80 12.30
CA CYS H 301 -18.04 -7.83 12.29
C CYS H 301 -18.44 -9.24 12.60
C CYS H 301 -18.39 -9.24 12.69
N CYS H 302 -19.61 -9.42 13.20
CA CYS H 302 -20.14 -10.73 13.55
C CYS H 302 -19.98 -11.72 12.38
N CYS H 303 -20.34 -11.29 11.18
CA CYS H 303 -20.36 -12.16 10.00
C CYS H 303 -19.12 -12.01 9.11
N ALA H 304 -18.02 -11.55 9.70
CA ALA H 304 -16.77 -11.33 8.96
C ALA H 304 -16.36 -12.56 8.16
N GLY H 305 -15.96 -12.35 6.91
CA GLY H 305 -15.52 -13.45 6.04
C GLY H 305 -14.11 -13.90 6.40
N SER H 306 -14.00 -14.64 7.51
CA SER H 306 -12.73 -14.99 8.13
C SER H 306 -12.15 -16.35 7.70
N ARG H 307 -12.80 -17.02 6.76
CA ARG H 307 -12.24 -18.17 6.08
C ARG H 307 -12.45 -18.00 4.58
N THR H 308 -11.46 -17.39 3.93
CA THR H 308 -11.51 -17.16 2.49
C THR H 308 -10.95 -18.38 1.78
N PHE H 309 -11.85 -19.29 1.37
CA PHE H 309 -11.50 -20.45 0.56
C PHE H 309 -11.35 -20.04 -0.88
N VAL H 310 -10.21 -20.37 -1.48
CA VAL H 310 -9.90 -20.00 -2.85
C VAL H 310 -9.49 -21.26 -3.60
N GLN H 311 -10.10 -21.48 -4.76
N GLN H 311 -10.10 -21.48 -4.76
CA GLN H 311 -9.83 -22.66 -5.57
CA GLN H 311 -9.84 -22.67 -5.58
C GLN H 311 -8.39 -22.62 -6.08
C GLN H 311 -8.42 -22.63 -6.12
N GLU H 312 -7.73 -23.77 -6.03
CA GLU H 312 -6.29 -23.87 -6.33
C GLU H 312 -5.77 -23.23 -7.62
N ASP H 313 -6.55 -23.28 -8.69
CA ASP H 313 -6.14 -22.71 -9.98
C ASP H 313 -6.01 -21.18 -9.98
N ILE H 314 -6.66 -20.53 -9.03
CA ILE H 314 -6.58 -19.07 -8.95
C ILE H 314 -5.95 -18.59 -7.64
N TYR H 315 -5.46 -19.54 -6.85
CA TYR H 315 -4.91 -19.23 -5.53
C TYR H 315 -3.78 -18.19 -5.56
N ASP H 316 -2.73 -18.47 -6.34
CA ASP H 316 -1.55 -17.60 -6.36
C ASP H 316 -1.88 -16.17 -6.77
N GLU H 317 -2.69 -16.03 -7.83
CA GLU H 317 -3.06 -14.70 -8.31
C GLU H 317 -3.95 -13.95 -7.32
N PHE H 318 -4.95 -14.64 -6.80
CA PHE H 318 -5.85 -14.08 -5.79
C PHE H 318 -5.05 -13.61 -4.58
N VAL H 319 -4.12 -14.44 -4.13
CA VAL H 319 -3.30 -14.14 -2.96
C VAL H 319 -2.44 -12.86 -3.14
N GLU H 320 -1.68 -12.76 -4.24
CA GLU H 320 -0.86 -11.56 -4.47
C GLU H 320 -1.69 -10.28 -4.58
N ARG H 321 -2.85 -10.39 -5.24
CA ARG H 321 -3.77 -9.26 -5.33
C ARG H 321 -4.28 -8.85 -3.94
N SER H 322 -4.60 -9.85 -3.11
CA SER H 322 -5.10 -9.62 -1.77
C SER H 322 -4.05 -8.97 -0.88
N VAL H 323 -2.82 -9.44 -0.98
CA VAL H 323 -1.69 -8.87 -0.25
C VAL H 323 -1.50 -7.41 -0.65
N ALA H 324 -1.52 -7.15 -1.96
CA ALA H 324 -1.38 -5.79 -2.49
C ALA H 324 -2.46 -4.86 -1.91
N ARG H 325 -3.72 -5.31 -1.95
CA ARG H 325 -4.83 -4.55 -1.39
C ARG H 325 -4.73 -4.39 0.13
N ALA H 326 -4.31 -5.46 0.82
CA ALA H 326 -4.15 -5.43 2.27
C ALA H 326 -3.02 -4.48 2.69
N LYS H 327 -1.92 -4.50 1.94
CA LYS H 327 -0.80 -3.58 2.18
C LYS H 327 -1.15 -2.12 1.89
N SER H 328 -2.09 -1.88 0.98
N SER H 328 -2.10 -1.89 0.99
CA SER H 328 -2.48 -0.51 0.61
CA SER H 328 -2.49 -0.54 0.58
C SER H 328 -3.45 0.12 1.61
C SER H 328 -3.65 0.03 1.39
N ARG H 329 -4.09 -0.71 2.42
CA ARG H 329 -5.16 -0.26 3.31
C ARG H 329 -4.68 0.76 4.35
N VAL H 330 -5.22 1.98 4.26
CA VAL H 330 -4.80 3.08 5.11
C VAL H 330 -5.34 2.94 6.54
N VAL H 331 -4.41 2.83 7.48
CA VAL H 331 -4.70 2.80 8.91
C VAL H 331 -4.31 4.17 9.48
N GLY H 332 -5.17 4.75 10.31
CA GLY H 332 -4.81 6.01 10.94
C GLY H 332 -5.95 6.68 11.65
N ASN H 333 -5.78 7.98 11.91
CA ASN H 333 -6.80 8.81 12.52
C ASN H 333 -8.12 8.62 11.79
N PRO H 334 -9.14 8.09 12.48
CA PRO H 334 -10.46 7.81 11.91
C PRO H 334 -11.17 9.08 11.43
N PHE H 335 -10.78 10.23 11.99
CA PHE H 335 -11.31 11.52 11.56
C PHE H 335 -10.72 12.10 10.27
N ASP H 336 -9.62 11.51 9.78
CA ASP H 336 -9.08 11.90 8.48
C ASP H 336 -9.79 11.12 7.36
N SER H 337 -10.18 11.84 6.30
CA SER H 337 -10.98 11.26 5.23
C SER H 337 -10.35 10.07 4.49
N LYS H 338 -9.02 10.01 4.46
CA LYS H 338 -8.32 8.93 3.73
C LYS H 338 -8.18 7.62 4.50
N THR H 339 -8.47 7.66 5.79
CA THR H 339 -8.39 6.47 6.65
C THR H 339 -9.44 5.40 6.31
N GLU H 340 -8.97 4.19 6.01
CA GLU H 340 -9.84 3.06 5.77
C GLU H 340 -10.07 2.25 7.05
N GLN H 341 -9.07 2.25 7.93
CA GLN H 341 -9.11 1.45 9.15
C GLN H 341 -8.72 2.24 10.38
N GLY H 342 -9.62 2.30 11.36
CA GLY H 342 -9.33 2.93 12.64
C GLY H 342 -8.68 1.98 13.63
N PRO H 343 -8.69 2.33 14.93
CA PRO H 343 -8.19 1.44 15.96
C PRO H 343 -9.22 0.37 16.34
N GLN H 344 -8.73 -0.72 16.92
CA GLN H 344 -9.59 -1.70 17.58
C GLN H 344 -10.26 -1.04 18.78
N VAL H 345 -11.37 -1.62 19.24
CA VAL H 345 -12.24 -0.96 20.22
C VAL H 345 -11.59 -0.66 21.58
N ASP H 346 -10.79 -1.60 22.07
CA ASP H 346 -10.12 -1.44 23.37
C ASP H 346 -8.83 -2.24 23.47
N GLU H 347 -8.11 -2.05 24.58
CA GLU H 347 -6.86 -2.74 24.88
C GLU H 347 -7.02 -4.25 24.94
N THR H 348 -8.13 -4.71 25.52
CA THR H 348 -8.41 -6.16 25.63
C THR H 348 -8.43 -6.84 24.26
N GLN H 349 -9.22 -6.28 23.32
CA GLN H 349 -9.32 -6.79 21.96
C GLN H 349 -7.99 -6.67 21.23
N PHE H 350 -7.39 -5.49 21.32
CA PHE H 350 -6.05 -5.21 20.79
C PHE H 350 -5.09 -6.35 21.13
N LYS H 351 -4.98 -6.68 22.42
CA LYS H 351 -4.10 -7.73 22.92
C LYS H 351 -4.52 -9.11 22.44
N LYS H 352 -5.83 -9.36 22.44
CA LYS H 352 -6.38 -10.65 22.02
C LYS H 352 -6.04 -10.97 20.55
N ILE H 353 -6.26 -9.98 19.68
CA ILE H 353 -5.94 -10.12 18.26
C ILE H 353 -4.45 -10.39 18.08
N LEU H 354 -3.61 -9.65 18.80
CA LEU H 354 -2.16 -9.81 18.72
C LEU H 354 -1.74 -11.21 19.18
N GLY H 355 -2.45 -11.75 20.17
CA GLY H 355 -2.29 -13.15 20.57
C GLY H 355 -2.63 -14.12 19.44
N TYR H 356 -3.74 -13.88 18.74
CA TYR H 356 -4.15 -14.71 17.59
C TYR H 356 -3.13 -14.68 16.47
N ILE H 357 -2.56 -13.51 16.20
CA ILE H 357 -1.49 -13.39 15.21
C ILE H 357 -0.30 -14.27 15.63
N ASN H 358 0.14 -14.13 16.89
CA ASN H 358 1.22 -14.96 17.41
C ASN H 358 0.93 -16.44 17.20
N THR H 359 -0.29 -16.86 17.58
CA THR H 359 -0.75 -18.24 17.39
C THR H 359 -0.69 -18.66 15.92
N GLY H 360 -1.15 -17.79 15.03
CA GLY H 360 -1.13 -18.05 13.59
C GLY H 360 0.28 -18.34 13.07
N LYS H 361 1.24 -17.56 13.54
CA LYS H 361 2.66 -17.76 13.23
C LYS H 361 3.18 -19.08 13.80
N GLN H 362 2.89 -19.34 15.08
CA GLN H 362 3.39 -20.53 15.76
C GLN H 362 2.77 -21.83 15.26
N GLU H 363 1.61 -21.74 14.62
CA GLU H 363 0.95 -22.92 14.05
C GLU H 363 1.31 -23.23 12.58
N GLY H 364 2.08 -22.34 11.97
CA GLY H 364 2.70 -22.62 10.67
C GLY H 364 1.97 -22.07 9.46
N ALA H 365 1.06 -21.13 9.69
CA ALA H 365 0.42 -20.38 8.62
C ALA H 365 1.44 -19.39 8.06
N LYS H 366 1.42 -19.21 6.75
CA LYS H 366 2.35 -18.30 6.07
C LYS H 366 1.91 -16.84 6.25
N LEU H 367 2.69 -16.07 7.01
CA LEU H 367 2.42 -14.64 7.19
C LEU H 367 2.87 -13.84 5.97
N LEU H 368 1.90 -13.24 5.27
CA LEU H 368 2.17 -12.60 3.98
C LEU H 368 2.33 -11.07 4.08
N CYS H 369 1.67 -10.48 5.07
CA CYS H 369 1.79 -9.05 5.35
C CYS H 369 1.27 -8.73 6.74
N GLY H 370 1.61 -7.54 7.24
CA GLY H 370 1.25 -7.11 8.59
C GLY H 370 1.83 -8.01 9.67
N GLY H 371 1.04 -8.27 10.70
CA GLY H 371 1.45 -9.13 11.81
C GLY H 371 1.86 -8.38 13.06
N GLY H 372 1.70 -7.06 13.06
CA GLY H 372 2.10 -6.24 14.19
C GLY H 372 1.28 -5.00 14.44
N ILE H 373 1.74 -4.21 15.41
CA ILE H 373 1.08 -2.97 15.82
C ILE H 373 1.35 -1.88 14.76
N ALA H 374 0.32 -1.11 14.43
CA ALA H 374 0.39 -0.15 13.33
C ALA H 374 0.80 1.25 13.75
N ALA H 375 0.60 1.58 15.02
CA ALA H 375 0.96 2.90 15.55
C ALA H 375 1.50 2.81 16.98
N ASP H 376 2.05 3.92 17.47
CA ASP H 376 2.68 3.98 18.80
C ASP H 376 1.68 4.38 19.89
N ARG H 377 0.53 4.91 19.47
CA ARG H 377 -0.52 5.37 20.37
C ARG H 377 -1.87 4.89 19.86
N GLY H 378 -2.71 4.37 20.76
CA GLY H 378 -4.01 3.84 20.38
C GLY H 378 -3.93 2.39 19.93
N TYR H 379 -5.08 1.79 19.64
CA TYR H 379 -5.13 0.36 19.39
C TYR H 379 -5.16 -0.02 17.91
N PHE H 380 -4.19 0.51 17.16
CA PHE H 380 -4.06 0.26 15.72
C PHE H 380 -3.21 -0.98 15.42
N ILE H 381 -3.72 -1.83 14.52
CA ILE H 381 -3.05 -3.06 14.13
C ILE H 381 -2.95 -3.10 12.62
N GLN H 382 -1.78 -3.49 12.11
CA GLN H 382 -1.57 -3.63 10.67
C GLN H 382 -2.50 -4.68 10.07
N PRO H 383 -3.11 -4.37 8.90
CA PRO H 383 -3.82 -5.37 8.10
C PRO H 383 -2.97 -6.60 7.87
N THR H 384 -3.45 -7.74 8.35
CA THR H 384 -2.64 -8.97 8.39
C THR H 384 -3.29 -10.08 7.59
N VAL H 385 -2.49 -10.76 6.77
CA VAL H 385 -2.98 -11.84 5.93
C VAL H 385 -2.14 -13.10 6.10
N PHE H 386 -2.80 -14.19 6.49
CA PHE H 386 -2.18 -15.51 6.52
C PHE H 386 -2.60 -16.34 5.31
N GLY H 387 -1.61 -16.94 4.64
CA GLY H 387 -1.87 -17.86 3.54
C GLY H 387 -1.67 -19.30 3.95
N ASP H 388 -1.98 -20.23 3.06
CA ASP H 388 -1.85 -21.69 3.31
C ASP H 388 -2.46 -22.15 4.64
N VAL H 389 -3.57 -21.51 5.02
CA VAL H 389 -4.27 -21.81 6.26
C VAL H 389 -4.96 -23.18 6.18
N GLN H 390 -4.91 -23.92 7.28
CA GLN H 390 -5.51 -25.26 7.37
C GLN H 390 -6.64 -25.28 8.38
N ASP H 391 -7.64 -26.12 8.13
CA ASP H 391 -8.87 -26.18 8.94
C ASP H 391 -8.63 -26.36 10.43
N GLY H 392 -7.56 -27.09 10.77
CA GLY H 392 -7.25 -27.42 12.16
C GLY H 392 -6.54 -26.33 12.94
N MET H 393 -6.12 -25.28 12.24
CA MET H 393 -5.44 -24.15 12.88
C MET H 393 -6.40 -23.34 13.73
N THR H 394 -5.92 -22.90 14.89
CA THR H 394 -6.67 -22.03 15.77
C THR H 394 -7.27 -20.82 15.04
N ILE H 395 -6.46 -20.16 14.21
CA ILE H 395 -6.92 -18.98 13.45
C ILE H 395 -7.97 -19.31 12.38
N ALA H 396 -8.05 -20.59 12.01
CA ALA H 396 -9.08 -21.06 11.08
C ALA H 396 -10.39 -21.45 11.78
N LYS H 397 -10.34 -21.57 13.11
CA LYS H 397 -11.47 -22.10 13.90
C LYS H 397 -12.13 -21.06 14.78
N GLU H 398 -11.33 -20.15 15.34
CA GLU H 398 -11.82 -19.21 16.34
C GLU H 398 -12.01 -17.81 15.78
N GLU H 399 -13.06 -17.14 16.26
CA GLU H 399 -13.36 -15.75 15.90
C GLU H 399 -12.28 -14.79 16.44
N ILE H 400 -11.50 -14.21 15.52
CA ILE H 400 -10.43 -13.29 15.88
C ILE H 400 -10.96 -11.89 16.14
N PHE H 401 -11.92 -11.47 15.31
CA PHE H 401 -12.62 -10.18 15.43
C PHE H 401 -11.65 -9.02 15.22
N GLY H 402 -10.78 -9.15 14.22
CA GLY H 402 -9.75 -8.16 13.92
C GLY H 402 -9.26 -8.23 12.48
N PRO H 403 -8.34 -7.32 12.10
CA PRO H 403 -7.84 -7.23 10.72
C PRO H 403 -6.84 -8.34 10.39
N VAL H 404 -7.32 -9.59 10.51
CA VAL H 404 -6.51 -10.78 10.29
C VAL H 404 -7.22 -11.70 9.29
N MET H 405 -6.65 -11.82 8.10
CA MET H 405 -7.26 -12.56 7.01
C MET H 405 -6.67 -13.96 6.90
N GLN H 406 -7.55 -14.95 6.76
CA GLN H 406 -7.15 -16.34 6.54
C GLN H 406 -7.53 -16.77 5.12
N ILE H 407 -6.53 -17.18 4.35
CA ILE H 407 -6.77 -17.73 3.02
C ILE H 407 -6.44 -19.22 2.96
N LEU H 408 -7.42 -20.01 2.56
CA LEU H 408 -7.28 -21.46 2.48
C LEU H 408 -7.48 -21.90 1.03
N LYS H 409 -6.76 -22.95 0.64
CA LYS H 409 -6.83 -23.50 -0.70
C LYS H 409 -7.79 -24.69 -0.73
N PHE H 410 -8.55 -24.82 -1.81
CA PHE H 410 -9.40 -25.99 -2.03
C PHE H 410 -9.41 -26.45 -3.48
N LYS H 411 -9.87 -27.67 -3.75
CA LYS H 411 -9.91 -28.18 -5.12
C LYS H 411 -11.31 -28.26 -5.72
N THR H 412 -12.21 -28.98 -5.04
CA THR H 412 -13.54 -29.23 -5.59
C THR H 412 -14.65 -28.53 -4.83
N ILE H 413 -15.81 -28.42 -5.49
CA ILE H 413 -17.00 -27.80 -4.91
C ILE H 413 -17.58 -28.67 -3.76
N GLU H 414 -17.53 -30.00 -3.94
CA GLU H 414 -17.96 -30.95 -2.91
C GLU H 414 -17.09 -30.85 -1.66
N GLU H 415 -15.78 -30.67 -1.88
CA GLU H 415 -14.82 -30.53 -0.79
C GLU H 415 -15.09 -29.26 0.01
N VAL H 416 -15.36 -28.16 -0.70
CA VAL H 416 -15.45 -26.85 -0.05
C VAL H 416 -16.72 -26.70 0.77
N VAL H 417 -17.82 -27.29 0.31
CA VAL H 417 -19.07 -27.40 1.09
C VAL H 417 -18.78 -28.08 2.43
N GLY H 418 -18.13 -29.25 2.37
CA GLY H 418 -17.81 -30.02 3.55
C GLY H 418 -17.01 -29.23 4.57
N ARG H 419 -15.96 -28.57 4.09
CA ARG H 419 -15.06 -27.79 4.96
C ARG H 419 -15.70 -26.52 5.50
N ALA H 420 -16.49 -25.84 4.66
CA ALA H 420 -17.19 -24.63 5.08
C ALA H 420 -18.23 -24.92 6.17
N ASN H 421 -18.96 -26.04 6.01
CA ASN H 421 -19.98 -26.45 6.97
C ASN H 421 -19.42 -27.08 8.24
N ASN H 422 -18.16 -27.52 8.19
CA ASN H 422 -17.50 -28.13 9.35
C ASN H 422 -17.07 -27.07 10.36
N SER H 423 -18.08 -26.52 11.04
CA SER H 423 -17.92 -25.47 12.02
C SER H 423 -19.14 -25.56 12.92
N THR H 424 -19.02 -25.11 14.16
CA THR H 424 -20.19 -25.00 15.03
C THR H 424 -20.82 -23.60 14.90
N TYR H 425 -20.23 -22.76 14.07
CA TYR H 425 -20.79 -21.47 13.70
C TYR H 425 -21.56 -21.60 12.39
N GLY H 426 -22.49 -20.67 12.15
CA GLY H 426 -23.24 -20.64 10.89
C GLY H 426 -23.98 -19.32 10.67
N LEU H 427 -23.31 -18.21 10.93
CA LEU H 427 -23.94 -16.89 10.78
C LEU H 427 -24.11 -16.47 9.31
N ALA H 428 -23.04 -16.62 8.53
CA ALA H 428 -23.04 -16.23 7.12
C ALA H 428 -22.09 -17.05 6.26
N ALA H 429 -22.20 -16.87 4.95
CA ALA H 429 -21.29 -17.46 3.97
C ALA H 429 -21.41 -16.66 2.68
N ALA H 430 -20.42 -16.80 1.81
CA ALA H 430 -20.47 -16.17 0.50
C ALA H 430 -19.92 -17.06 -0.60
N VAL H 431 -20.45 -16.87 -1.81
CA VAL H 431 -20.03 -17.63 -2.97
C VAL H 431 -19.75 -16.65 -4.10
N PHE H 432 -18.57 -16.75 -4.70
CA PHE H 432 -18.22 -15.96 -5.88
C PHE H 432 -18.00 -16.86 -7.10
N THR H 433 -18.90 -16.72 -8.06
CA THR H 433 -18.92 -17.56 -9.27
C THR H 433 -19.76 -16.88 -10.35
N LYS H 434 -19.56 -17.27 -11.60
CA LYS H 434 -20.37 -16.78 -12.71
C LYS H 434 -21.43 -17.81 -13.09
N ASP H 435 -21.28 -19.02 -12.56
CA ASP H 435 -22.10 -20.16 -12.95
C ASP H 435 -23.39 -20.25 -12.14
N LEU H 436 -24.52 -20.40 -12.84
CA LEU H 436 -25.83 -20.42 -12.20
C LEU H 436 -25.98 -21.62 -11.25
N ASP H 437 -25.59 -22.79 -11.75
CA ASP H 437 -25.73 -24.06 -11.01
C ASP H 437 -24.83 -24.11 -9.79
N LYS H 438 -23.61 -23.62 -9.93
CA LYS H 438 -22.70 -23.54 -8.80
C LYS H 438 -23.27 -22.64 -7.71
N ALA H 439 -23.81 -21.48 -8.11
CA ALA H 439 -24.40 -20.54 -7.14
C ALA H 439 -25.59 -21.16 -6.40
N ASN H 440 -26.46 -21.86 -7.14
CA ASN H 440 -27.63 -22.50 -6.57
C ASN H 440 -27.30 -23.72 -5.72
N TYR H 441 -26.37 -24.53 -6.20
CA TYR H 441 -25.83 -25.65 -5.43
C TYR H 441 -25.31 -25.16 -4.08
N LEU H 442 -24.39 -24.19 -4.11
CA LEU H 442 -23.74 -23.71 -2.91
C LEU H 442 -24.65 -22.96 -1.93
N SER H 443 -25.53 -22.09 -2.42
CA SER H 443 -26.44 -21.35 -1.52
C SER H 443 -27.38 -22.32 -0.78
N GLN H 444 -27.88 -23.33 -1.49
CA GLN H 444 -28.68 -24.39 -0.87
C GLN H 444 -27.89 -25.17 0.20
N ALA H 445 -26.66 -25.59 -0.15
CA ALA H 445 -25.86 -26.51 0.64
C ALA H 445 -25.23 -25.91 1.90
N LEU H 446 -24.95 -24.61 1.87
CA LEU H 446 -24.26 -23.96 2.97
C LEU H 446 -25.16 -23.79 4.18
N GLN H 447 -24.69 -24.23 5.33
CA GLN H 447 -25.47 -24.13 6.57
C GLN H 447 -25.20 -22.80 7.29
N ALA H 448 -25.78 -21.74 6.73
CA ALA H 448 -25.57 -20.39 7.23
C ALA H 448 -26.85 -19.54 7.11
N GLY H 449 -27.07 -18.65 8.07
CA GLY H 449 -28.22 -17.74 8.08
C GLY H 449 -28.36 -16.84 6.86
N THR H 450 -27.23 -16.39 6.32
CA THR H 450 -27.20 -15.60 5.09
C THR H 450 -26.12 -16.17 4.16
N VAL H 451 -26.49 -16.37 2.89
CA VAL H 451 -25.53 -16.70 1.86
C VAL H 451 -25.53 -15.58 0.83
N TRP H 452 -24.41 -14.85 0.75
CA TRP H 452 -24.23 -13.80 -0.24
C TRP H 452 -23.63 -14.41 -1.50
N VAL H 453 -24.13 -13.99 -2.66
CA VAL H 453 -23.62 -14.49 -3.93
C VAL H 453 -23.04 -13.33 -4.73
N ASN H 454 -21.74 -13.41 -5.02
CA ASN H 454 -21.00 -12.33 -5.67
C ASN H 454 -21.07 -10.99 -4.93
N CYS H 455 -21.31 -11.05 -3.63
CA CYS H 455 -21.27 -9.87 -2.79
C CYS H 455 -20.98 -10.32 -1.36
N TYR H 456 -20.95 -9.36 -0.43
CA TYR H 456 -20.72 -9.65 0.99
C TYR H 456 -21.18 -8.46 1.81
N ASP H 457 -21.62 -8.73 3.04
CA ASP H 457 -22.02 -7.68 3.97
C ASP H 457 -23.09 -6.76 3.34
N VAL H 458 -24.00 -7.36 2.59
CA VAL H 458 -25.15 -6.62 2.06
C VAL H 458 -26.29 -6.83 3.04
N PHE H 459 -26.53 -5.80 3.84
CA PHE H 459 -27.62 -5.79 4.75
C PHE H 459 -28.68 -4.87 4.19
N GLY H 460 -29.93 -5.28 4.32
CA GLY H 460 -31.04 -4.42 4.03
C GLY H 460 -32.01 -4.66 5.14
N ALA H 461 -32.61 -3.58 5.63
CA ALA H 461 -33.60 -3.68 6.69
C ALA H 461 -34.74 -4.64 6.29
N GLN H 462 -34.91 -4.86 4.99
CA GLN H 462 -35.97 -5.71 4.45
C GLN H 462 -35.68 -7.20 4.63
N SER H 463 -34.40 -7.56 4.62
CA SER H 463 -34.00 -8.97 4.65
C SER H 463 -33.53 -9.43 6.04
N PRO H 464 -33.99 -10.61 6.49
CA PRO H 464 -33.61 -11.05 7.83
C PRO H 464 -32.14 -11.51 7.93
N PHE H 465 -31.64 -11.52 9.16
CA PHE H 465 -30.26 -11.86 9.49
C PHE H 465 -30.23 -12.57 10.85
N GLY H 466 -29.45 -13.64 10.93
CA GLY H 466 -29.30 -14.39 12.18
C GLY H 466 -28.60 -15.72 11.92
N GLY H 467 -28.17 -16.39 12.99
CA GLY H 467 -27.31 -17.55 12.84
C GLY H 467 -27.98 -18.90 12.81
N TYR H 468 -27.31 -19.85 12.15
CA TYR H 468 -27.55 -21.29 12.31
C TYR H 468 -26.60 -21.77 13.41
N LYS H 469 -26.78 -23.03 13.83
CA LYS H 469 -25.93 -23.67 14.84
C LYS H 469 -25.69 -22.73 16.03
N MET H 470 -24.43 -22.57 16.46
CA MET H 470 -24.14 -21.76 17.66
C MET H 470 -23.84 -20.27 17.37
N SER H 471 -24.17 -19.81 16.18
CA SER H 471 -24.11 -18.38 15.85
C SER H 471 -25.33 -17.61 16.37
N GLY H 472 -26.30 -18.34 16.93
CA GLY H 472 -27.48 -17.74 17.53
C GLY H 472 -28.77 -18.45 17.14
N SER H 473 -29.89 -17.85 17.55
CA SER H 473 -31.22 -18.35 17.21
C SER H 473 -32.16 -17.17 16.98
N GLY H 474 -33.13 -17.35 16.09
CA GLY H 474 -34.02 -16.26 15.71
C GLY H 474 -33.41 -15.36 14.64
N ARG H 475 -34.21 -14.42 14.16
CA ARG H 475 -33.82 -13.57 13.05
C ARG H 475 -34.18 -12.12 13.34
N GLU H 476 -33.30 -11.23 12.90
CA GLU H 476 -33.54 -9.80 12.99
C GLU H 476 -33.67 -9.25 11.60
N LEU H 477 -34.25 -8.04 11.53
CA LEU H 477 -34.53 -7.35 10.27
C LEU H 477 -35.65 -8.06 9.48
N GLY H 478 -36.21 -7.36 8.50
CA GLY H 478 -37.33 -7.89 7.73
C GLY H 478 -38.58 -8.08 8.56
N GLU H 479 -39.55 -8.77 7.99
CA GLU H 479 -40.76 -9.15 8.70
C GLU H 479 -40.44 -10.07 9.87
N TYR H 480 -39.43 -10.93 9.67
CA TYR H 480 -39.05 -11.95 10.64
C TYR H 480 -38.61 -11.37 11.98
N GLY H 481 -38.00 -10.18 11.93
CA GLY H 481 -37.57 -9.47 13.12
C GLY H 481 -38.69 -9.11 14.09
N LEU H 482 -39.93 -9.27 13.65
CA LEU H 482 -41.10 -8.97 14.50
C LEU H 482 -41.62 -10.18 15.29
N GLN H 483 -41.28 -11.39 14.84
N GLN H 483 -41.29 -11.39 14.83
CA GLN H 483 -41.78 -12.64 15.42
CA GLN H 483 -41.77 -12.63 15.44
C GLN H 483 -41.46 -12.77 16.91
C GLN H 483 -41.48 -12.67 16.93
N ALA H 484 -40.20 -12.49 17.27
CA ALA H 484 -39.75 -12.55 18.67
C ALA H 484 -40.30 -11.43 19.55
N TYR H 485 -40.93 -10.43 18.95
CA TYR H 485 -41.48 -9.28 19.68
C TYR H 485 -43.00 -9.31 19.74
N THR H 486 -43.53 -10.46 19.34
CA THR H 486 -44.96 -10.69 19.30
C THR H 486 -45.35 -11.86 20.21
N GLU H 487 -46.37 -11.66 21.03
CA GLU H 487 -47.00 -12.76 21.76
C GLU H 487 -48.36 -13.01 21.11
N VAL H 488 -48.64 -14.28 20.80
CA VAL H 488 -49.81 -14.66 20.03
C VAL H 488 -50.93 -15.11 20.95
N LYS H 489 -52.08 -14.43 20.87
CA LYS H 489 -53.27 -14.83 21.62
C LYS H 489 -54.35 -15.34 20.67
N THR H 490 -54.82 -16.56 20.89
CA THR H 490 -56.02 -17.04 20.22
C THR H 490 -57.25 -16.64 21.03
N VAL H 491 -58.23 -16.04 20.35
CA VAL H 491 -59.57 -15.90 20.91
C VAL H 491 -60.50 -16.82 20.10
N THR H 492 -61.25 -17.66 20.80
CA THR H 492 -62.16 -18.61 20.17
C THR H 492 -63.56 -18.45 20.77
N VAL H 493 -64.49 -18.01 19.92
CA VAL H 493 -65.81 -17.58 20.34
C VAL H 493 -66.90 -18.51 19.80
N LYS H 494 -67.73 -19.03 20.72
CA LYS H 494 -68.94 -19.76 20.37
C LYS H 494 -69.88 -18.88 19.55
N VAL H 495 -70.27 -19.35 18.36
CA VAL H 495 -71.25 -18.61 17.53
C VAL H 495 -72.51 -19.46 17.29
N PRO H 496 -73.67 -18.80 17.10
CA PRO H 496 -74.90 -19.58 16.87
C PRO H 496 -74.81 -20.57 15.70
N GLN H 497 -74.18 -20.17 14.59
CA GLN H 497 -74.00 -21.09 13.47
C GLN H 497 -72.92 -20.58 12.50
N LYS H 498 -71.84 -21.35 12.41
CA LYS H 498 -70.69 -21.04 11.56
C LYS H 498 -70.98 -21.42 10.10
N ASN H 499 -70.79 -20.44 9.22
CA ASN H 499 -70.89 -20.64 7.78
C ASN H 499 -69.58 -20.19 7.14
N SER H 500 -69.25 -20.76 5.99
CA SER H 500 -68.07 -20.33 5.24
C SER H 500 -68.14 -18.86 4.83
MG MG I . 13.81 21.30 -21.93
NA NA J . 7.23 24.20 -8.51
C GAI K . 41.93 33.86 -13.20
N1 GAI K . 42.38 35.00 -13.49
N2 GAI K . 40.82 33.42 -13.79
N3 GAI K . 42.58 33.10 -12.31
C1 EDO L . 53.51 34.57 -6.74
O1 EDO L . 53.57 33.86 -7.98
C2 EDO L . 53.37 33.60 -5.58
O2 EDO L . 52.43 32.55 -5.86
C1 EDO M . 0.08 26.35 -2.64
O1 EDO M . 1.16 25.44 -2.56
C2 EDO M . -0.95 25.85 -3.65
O2 EDO M . -1.43 24.55 -3.28
C1 EDO N . 11.61 30.05 8.95
O1 EDO N . 12.97 29.77 9.24
C2 EDO N . 11.45 31.56 8.78
O2 EDO N . 12.45 32.03 7.88
PA NAD O . 16.43 21.04 -19.31
O1A NAD O . 17.68 20.38 -19.71
O2A NAD O . 15.70 21.66 -20.52
O5B NAD O . 16.69 22.23 -18.25
C5B NAD O . 17.60 22.16 -17.19
C4B NAD O . 18.09 23.56 -16.80
O4B NAD O . 18.61 24.21 -17.94
C3B NAD O . 16.97 24.46 -16.29
O3B NAD O . 17.48 25.34 -15.31
C2B NAD O . 16.53 25.21 -17.54
O2B NAD O . 15.95 26.46 -17.28
C1B NAD O . 17.85 25.36 -18.28
N9A NAD O . 17.66 25.52 -19.73
C8A NAD O . 16.61 25.10 -20.50
N7A NAD O . 16.82 25.47 -21.78
C5A NAD O . 17.99 26.13 -21.84
C6A NAD O . 18.70 26.72 -22.90
N6A NAD O . 18.21 26.71 -24.15
N1A NAD O . 19.91 27.33 -22.65
C2A NAD O . 20.43 27.35 -21.37
N3A NAD O . 19.74 26.78 -20.33
C4A NAD O . 18.54 26.18 -20.56
O3 NAD O . 15.50 19.96 -18.56
PN NAD O . 13.88 19.92 -18.62
O1N NAD O . 13.43 20.43 -19.94
O2N NAD O . 13.32 20.53 -17.40
O5D NAD O . 13.61 18.33 -18.52
C5D NAD O . 13.39 17.54 -19.67
C4D NAD O . 14.20 16.26 -19.58
O4D NAD O . 15.57 16.52 -19.30
C3D NAD O . 13.71 15.31 -18.50
O3D NAD O . 12.72 14.42 -18.97
C2D NAD O . 14.98 14.58 -18.10
O2D NAD O . 15.12 13.38 -18.83
C1D NAD O . 16.11 15.54 -18.44
N1N NAD O . 16.63 16.10 -17.17
C2N NAD O . 17.76 15.55 -16.61
C3N NAD O . 18.27 16.02 -15.40
C7N NAD O . 19.50 15.43 -14.78
O7N NAD O . 19.99 15.93 -13.56
N7N NAD O . 20.13 14.42 -15.38
C4N NAD O . 17.61 17.08 -14.78
C5N NAD O . 16.46 17.65 -15.34
C6N NAD O . 15.99 17.14 -16.54
MG MG P . 43.38 28.63 -40.95
NA NA Q . 56.36 21.96 -45.96
C GAI R . 36.77 4.02 -21.08
N1 GAI R . 36.81 4.94 -21.94
N2 GAI R . 35.87 3.02 -21.18
N3 GAI R . 37.62 4.02 -20.05
C GAI S . 26.49 7.32 2.45
N1 GAI S . 25.50 7.35 1.66
N2 GAI S . 26.31 7.10 3.75
N3 GAI S . 27.72 7.50 1.97
C1 EDO T . 39.24 -2.99 -10.06
O1 EDO T . 39.74 -1.68 -10.34
C2 EDO T . 37.85 -3.17 -10.67
O2 EDO T . 36.97 -2.20 -10.14
C1 EDO U . 62.67 20.45 -52.29
O1 EDO U . 63.51 20.26 -51.15
C2 EDO U . 63.46 21.16 -53.39
O2 EDO U . 64.05 22.35 -52.86
PA NAD V . 44.72 26.40 -38.41
O1A NAD V . 44.06 26.65 -37.11
O2A NAD V . 43.78 26.73 -39.59
O5B NAD V . 45.17 24.86 -38.51
C5B NAD V . 45.82 24.14 -37.49
C4B NAD V . 45.47 22.66 -37.66
O4B NAD V . 44.05 22.55 -37.69
C3B NAD V . 45.98 22.06 -38.98
O3B NAD V . 46.40 20.72 -38.78
C2B NAD V . 44.77 22.13 -39.89
O2B NAD V . 44.74 21.11 -40.87
C1B NAD V . 43.61 21.99 -38.91
N9A NAD V . 42.36 22.60 -39.41
C8A NAD V . 42.23 23.66 -40.27
N7A NAD V . 40.91 23.89 -40.47
C5A NAD V . 40.20 22.99 -39.76
C6A NAD V . 38.84 22.77 -39.61
N6A NAD V . 37.96 23.54 -40.23
N1A NAD V . 38.40 21.75 -38.79
C2A NAD V . 39.31 20.95 -38.13
N3A NAD V . 40.66 21.17 -38.29
C4A NAD V . 41.11 22.17 -39.09
O3 NAD V . 46.10 27.26 -38.50
PN NAD V . 46.67 27.93 -39.85
O1N NAD V . 45.54 28.32 -40.72
O2N NAD V . 47.75 27.05 -40.38
O5D NAD V . 47.40 29.27 -39.31
C5D NAD V . 46.64 30.45 -39.16
C4D NAD V . 46.99 31.13 -37.83
O4D NAD V . 46.77 30.27 -36.74
C3D NAD V . 48.45 31.55 -37.73
O3D NAD V . 48.69 32.80 -38.34
C2D NAD V . 48.68 31.55 -36.22
O2D NAD V . 48.41 32.80 -35.65
C1D NAD V . 47.69 30.52 -35.71
N1N NAD V . 48.45 29.31 -35.30
C2N NAD V . 48.61 29.05 -33.97
C3N NAD V . 49.32 27.93 -33.54
C7N NAD V . 49.52 27.62 -32.09
O7N NAD V . 50.25 26.48 -31.68
N7N NAD V . 48.97 28.44 -31.18
C4N NAD V . 49.88 27.09 -34.50
C5N NAD V . 49.72 27.36 -35.86
C6N NAD V . 49.00 28.48 -36.24
MG MG W . 65.01 17.87 31.06
NA NA X . 53.44 26.56 36.05
C GAI Y . 46.11 -0.40 12.64
N1 GAI Y . 46.90 0.19 13.44
N2 GAI Y . 45.57 0.26 11.61
N3 GAI Y . 45.82 -1.69 12.84
C1 EDO Z . 38.66 -3.31 2.39
O1 EDO Z . 39.96 -3.63 1.93
C2 EDO Z . 38.24 -1.94 1.87
O2 EDO Z . 39.27 -0.96 1.97
C1 EDO AA . 49.08 31.89 42.22
O1 EDO AA . 48.70 32.30 40.92
C2 EDO AA . 49.40 33.14 43.04
O2 EDO AA . 50.65 33.68 42.65
C1 EDO BA . 35.21 28.82 31.53
O1 EDO BA . 34.36 29.94 31.66
C2 EDO BA . 35.32 28.12 32.87
O2 EDO BA . 34.16 27.34 33.06
C1 EDO CA . 66.74 30.98 42.03
O1 EDO CA . 65.41 31.46 41.91
C2 EDO CA . 67.71 32.03 41.51
O2 EDO CA . 67.52 33.25 42.23
PA NAD DA . 62.51 18.15 28.43
O1A NAD DA . 62.95 17.57 27.15
O2A NAD DA . 63.31 17.55 29.61
O5B NAD DA . 60.95 17.90 28.68
C5B NAD DA . 59.94 18.09 27.71
C4B NAD DA . 58.83 17.06 27.91
O4B NAD DA . 59.41 15.76 27.97
C3B NAD DA . 58.07 17.24 29.23
O3B NAD DA . 56.72 16.85 29.06
C2B NAD DA . 58.79 16.27 30.16
O2B NAD DA . 57.99 15.83 31.23
C1B NAD DA . 59.16 15.14 29.21
N9A NAD DA . 60.31 14.35 29.68
C8A NAD DA . 61.36 14.78 30.46
N7A NAD DA . 62.19 13.74 30.68
C5A NAD DA . 61.70 12.64 30.06
C6A NAD DA . 62.14 11.32 29.96
N6A NAD DA . 63.27 10.93 30.55
N1A NAD DA . 61.41 10.41 29.23
C2A NAD DA . 60.23 10.81 28.61
N3A NAD DA . 59.79 12.11 28.72
C4A NAD DA . 60.51 13.01 29.43
O3 NAD DA . 62.65 19.77 28.38
PN NAD DA . 62.89 20.68 29.69
O1N NAD DA . 63.74 19.95 30.66
O2N NAD DA . 61.60 21.25 30.15
O5D NAD DA . 63.76 21.89 29.08
C5D NAD DA . 65.17 21.81 28.99
C4D NAD DA . 65.66 22.33 27.65
O4D NAD DA . 64.99 21.70 26.57
C3D NAD DA . 65.42 23.82 27.44
O3D NAD DA . 66.45 24.61 27.99
C2D NAD DA . 65.29 23.96 25.94
O2D NAD DA . 66.53 24.21 25.31
C1D NAD DA . 64.78 22.58 25.49
N1N NAD DA . 63.35 22.68 25.13
C2N NAD DA . 63.02 22.67 23.80
C3N NAD DA . 61.67 22.77 23.42
C7N NAD DA . 61.30 22.75 21.96
O7N NAD DA . 59.96 22.85 21.58
N7N NAD DA . 62.26 22.63 21.04
C4N NAD DA . 60.68 22.89 24.39
C5N NAD DA . 61.03 22.89 25.75
C6N NAD DA . 62.38 22.79 26.09
MG MG EA . 72.29 -11.83 13.21
NA NA FA . 77.67 -17.10 0.12
C GAI GA . 69.38 18.30 2.82
N1 GAI GA . 70.11 19.27 3.19
N2 GAI GA . 68.54 18.45 1.79
N3 GAI GA . 69.46 17.11 3.46
C GAI HA . 50.06 33.97 9.04
N1 GAI HA . 50.62 33.75 10.15
N2 GAI HA . 49.45 35.12 8.80
N3 GAI HA . 50.08 33.02 8.10
C1 EDO IA . 64.15 28.18 -3.80
O1 EDO IA . 63.47 28.10 -2.56
C2 EDO IA . 63.21 27.71 -4.90
O2 EDO IA . 62.88 26.34 -4.72
C1 EDO JA . 37.75 -11.10 15.83
O1 EDO JA . 38.00 -10.04 16.74
C2 EDO JA . 36.61 -10.70 14.91
O2 EDO JA . 35.55 -10.20 15.69
PA NAD KA . 70.69 -10.01 10.53
O1A NAD KA . 69.55 -9.16 10.94
O2A NAD KA . 71.62 -10.28 11.73
O5B NAD KA . 71.55 -9.31 9.35
C5B NAD KA . 71.03 -8.55 8.28
C4B NAD KA . 72.04 -7.47 7.90
O4B NAD KA . 72.33 -6.68 9.03
C3B NAD KA . 73.39 -8.01 7.42
O3B NAD KA . 73.88 -7.17 6.40
C2B NAD KA . 74.28 -7.92 8.65
O2B NAD KA . 75.66 -7.76 8.36
C1B NAD KA . 73.71 -6.70 9.35
N9A NAD KA . 73.93 -6.70 10.81
C8A NAD KA . 74.01 -7.78 11.66
N7A NAD KA . 74.25 -7.35 12.92
C5A NAD KA . 74.31 -5.99 12.90
C6A NAD KA . 74.52 -5.04 13.89
N6A NAD KA . 74.70 -5.39 15.18
N1A NAD KA . 74.53 -3.71 13.54
C2A NAD KA . 74.34 -3.32 12.24
N3A NAD KA . 74.13 -4.27 11.25
C4A NAD KA . 74.12 -5.58 11.59
O3 NAD KA . 70.17 -11.36 9.84
PN NAD KA . 70.93 -12.78 9.97
O1N NAD KA . 71.66 -12.82 11.25
O2N NAD KA . 71.66 -13.07 8.71
O5D NAD KA . 69.68 -13.80 10.03
C5D NAD KA . 69.02 -14.12 11.24
C4D NAD KA . 67.51 -14.09 11.07
O4D NAD KA . 67.10 -12.84 10.54
C3D NAD KA . 66.97 -15.14 10.11
O3D NAD KA . 66.66 -16.36 10.74
C2D NAD KA . 65.70 -14.48 9.56
O2D NAD KA . 64.58 -14.89 10.30
C1D NAD KA . 65.95 -12.98 9.72
N1N NAD KA . 66.11 -12.39 8.38
C2N NAD KA . 65.11 -11.60 7.88
C3N NAD KA . 65.21 -11.04 6.60
C7N NAD KA . 64.10 -10.17 6.05
O7N NAD KA . 64.21 -9.59 4.77
N7N NAD KA . 63.02 -9.94 6.80
C4N NAD KA . 66.35 -11.29 5.84
C5N NAD KA . 67.36 -12.08 6.35
C6N NAD KA . 67.23 -12.62 7.63
MG MG LA . -63.54 -20.62 -31.29
NA NA MA . -63.51 -35.57 -29.12
C GAI NA . -70.84 -14.25 -0.24
N1 GAI NA . -69.86 -14.61 0.46
N2 GAI NA . -72.00 -13.91 0.35
N3 GAI NA . -70.73 -14.20 -1.58
C GAI OA . -60.80 5.34 12.56
N1 GAI OA . -60.72 5.63 13.78
N2 GAI OA . -61.56 6.07 11.74
N3 GAI OA . -60.13 4.29 12.07
C1 EDO PA . -68.53 -13.13 12.33
O1 EDO PA . -68.15 -11.90 11.73
C2 EDO PA . -67.31 -13.88 12.84
O2 EDO PA . -66.45 -14.20 11.75
C1 EDO QA . -64.70 -44.51 -31.92
O1 EDO QA . -64.21 -44.02 -30.67
C2 EDO QA . -63.56 -45.19 -32.64
O2 EDO QA . -63.73 -45.04 -34.05
C1 EDO RA . -63.99 -49.24 -14.87
O1 EDO RA . -63.66 -49.51 -16.23
C2 EDO RA . -64.26 -47.76 -14.67
O2 EDO RA . -65.66 -47.50 -14.71
PA NAD SA . -62.54 -21.02 -27.82
O1A NAD SA . -61.92 -19.88 -27.12
O2A NAD SA . -63.51 -20.55 -28.92
O5B NAD SA . -63.34 -21.96 -26.79
C5B NAD SA . -62.88 -22.30 -25.50
C4B NAD SA . -64.08 -22.50 -24.57
O4B NAD SA . -64.93 -21.36 -24.66
C3B NAD SA . -64.94 -23.69 -24.96
O3B NAD SA . -65.42 -24.28 -23.76
C2B NAD SA . -66.06 -23.06 -25.78
O2B NAD SA . -67.25 -23.82 -25.81
C1B NAD SA . -66.23 -21.71 -25.11
N9A NAD SA . -66.81 -20.66 -25.97
C8A NAD SA . -66.70 -20.52 -27.34
N7A NAD SA . -67.39 -19.42 -27.71
C5A NAD SA . -67.94 -18.84 -26.63
C6A NAD SA . -68.73 -17.71 -26.44
N6A NAD SA . -69.10 -16.94 -27.46
N1A NAD SA . -69.15 -17.37 -25.16
C2A NAD SA . -68.78 -18.14 -24.09
N3A NAD SA . -67.99 -19.27 -24.28
C4A NAD SA . -67.58 -19.61 -25.53
O3 NAD SA . -61.38 -21.96 -28.43
PN NAD SA . -61.59 -22.88 -29.75
O1N NAD SA . -62.49 -22.19 -30.69
O2N NAD SA . -61.90 -24.25 -29.29
O5D NAD SA . -60.10 -22.92 -30.38
C5D NAD SA . -59.64 -21.91 -31.24
C4D NAD SA . -58.29 -21.39 -30.74
O4D NAD SA . -58.36 -21.03 -29.37
C3D NAD SA . -57.15 -22.40 -30.81
O3D NAD SA . -56.57 -22.55 -32.08
C2D NAD SA . -56.18 -21.81 -29.79
O2D NAD SA . -55.37 -20.80 -30.37
C1D NAD SA . -57.11 -21.19 -28.75
N1N NAD SA . -57.14 -22.08 -27.56
C2N NAD SA . -56.44 -21.71 -26.43
C3N NAD SA . -56.42 -22.54 -25.30
C7N NAD SA . -55.66 -22.14 -24.05
O7N NAD SA . -55.67 -22.99 -22.92
N7N NAD SA . -54.99 -21.00 -24.01
C4N NAD SA . -57.12 -23.74 -25.33
C5N NAD SA . -57.82 -24.11 -26.48
C6N NAD SA . -57.82 -23.27 -27.58
MG MG TA . -72.72 10.38 -15.20
NA NA UA . -66.86 22.61 -8.26
C GAI VA . -44.87 -5.47 -15.86
N1 GAI VA . -44.54 -5.81 -14.67
N2 GAI VA . -46.00 -4.82 -16.10
N3 GAI VA . -44.07 -5.77 -16.88
C GAI WA . -81.50 26.78 -6.87
N1 GAI WA . -81.18 26.97 -5.67
N2 GAI WA . -82.79 26.73 -7.20
N3 GAI WA . -80.56 26.63 -7.81
C1 EDO XA . -34.69 -11.94 -9.59
O1 EDO XA . -35.98 -11.63 -9.08
C2 EDO XA . -34.77 -12.03 -11.11
O2 EDO XA . -35.65 -13.08 -11.50
C1 EDO YA . -66.53 31.60 -6.58
O1 EDO YA . -66.13 30.90 -5.41
C2 EDO YA . -67.30 32.85 -6.16
O2 EDO YA . -68.49 32.48 -5.47
C1 EDO ZA . -50.70 27.38 -1.05
O1 EDO ZA . -50.80 27.82 0.30
C2 EDO ZA . -49.69 28.25 -1.80
O2 EDO ZA . -48.43 28.14 -1.16
C1 EDO AB . -75.97 -16.69 10.23
O1 EDO AB . -74.96 -15.72 10.45
C2 EDO AB . -75.88 -17.78 11.29
O2 EDO AB . -76.44 -18.98 10.79
C1 EDO BB . -83.02 23.91 -10.21
O1 EDO BB . -83.73 24.94 -9.50
C2 EDO BB . -81.84 24.51 -10.98
O2 EDO BB . -80.87 25.01 -10.08
PA NAD CB . -70.08 9.13 -13.03
O1A NAD CB . -70.02 7.67 -12.82
O2A NAD CB . -70.81 9.48 -14.35
O5B NAD CB . -68.59 9.73 -13.11
C5B NAD CB . -67.53 9.43 -12.22
C4B NAD CB . -66.22 9.63 -12.97
O4B NAD CB . -66.27 8.94 -14.20
C3B NAD CB . -65.95 11.09 -13.34
O3B NAD CB . -64.56 11.34 -13.29
C2B NAD CB . -66.48 11.20 -14.77
O2B NAD CB . -65.89 12.25 -15.50
C1B NAD CB . -66.14 9.81 -15.31
N9A NAD CB . -66.98 9.36 -16.44
C8A NAD CB . -68.26 9.74 -16.77
N7A NAD CB . -68.63 9.09 -17.89
C5A NAD CB . -67.61 8.29 -18.29
C6A NAD CB . -67.46 7.43 -19.37
N6A NAD CB . -68.44 7.26 -20.24
N1A NAD CB . -66.26 6.73 -19.51
C2A NAD CB . -65.25 6.91 -18.60
N3A NAD CB . -65.40 7.79 -17.53
C4A NAD CB . -66.56 8.46 -17.38
O3 NAD CB . -70.79 9.83 -11.76
PN NAD CB . -71.72 11.15 -11.85
O1N NAD CB . -72.41 11.20 -13.16
O2N NAD CB . -70.92 12.32 -11.41
O5D NAD CB . -72.83 10.84 -10.73
C5D NAD CB . -73.97 10.06 -11.03
C4D NAD CB . -74.30 9.10 -9.89
O4D NAD CB . -73.21 8.23 -9.64
C3D NAD CB . -74.58 9.78 -8.56
O3D NAD CB . -75.91 10.21 -8.43
C2D NAD CB . -74.22 8.69 -7.56
O2D NAD CB . -75.33 7.88 -7.28
C1D NAD CB . -73.14 7.89 -8.27
N1N NAD CB . -71.81 8.20 -7.69
C2N NAD CB . -71.17 7.25 -6.95
C3N NAD CB . -69.92 7.53 -6.38
C7N NAD CB . -69.20 6.50 -5.55
O7N NAD CB . -67.94 6.80 -4.99
N7N NAD CB . -69.75 5.31 -5.35
C4N NAD CB . -69.34 8.78 -6.58
C5N NAD CB . -70.00 9.74 -7.35
C6N NAD CB . -71.24 9.43 -7.90
MG MG DB . -41.50 -34.90 37.19
NA NA EB . -49.27 -46.88 32.25
C GAI FB . -30.32 -26.90 8.26
N1 GAI FB . -30.42 -27.20 9.48
N2 GAI FB . -31.37 -26.38 7.62
N3 GAI FB . -29.18 -27.12 7.60
C GAI GB . -27.85 -2.70 0.14
N1 GAI GB . -28.77 -3.46 0.56
N2 GAI GB . -27.84 -2.32 -1.14
N3 GAI GB . -26.89 -2.28 0.97
C1 EDO HB . -31.10 -22.18 -3.65
O1 EDO HB . -30.80 -20.98 -2.97
C2 EDO HB . -32.52 -22.09 -4.20
O2 EDO HB . -33.44 -22.08 -3.13
C1 EDO IB . -53.02 -55.51 33.25
O1 EDO IB . -53.71 -54.84 32.20
C2 EDO IB . -54.03 -55.95 34.31
O2 EDO IB . -54.66 -54.81 34.89
C1 EDO JB . -53.62 -54.11 15.87
O1 EDO JB . -54.97 -53.81 15.57
C2 EDO JB . -53.29 -55.50 15.36
O2 EDO JB . -52.03 -55.47 14.71
PA NAD KB . -42.53 -33.94 34.01
O1A NAD KB . -42.42 -32.51 33.67
O2A NAD KB . -41.56 -34.32 35.16
O5B NAD KB . -42.20 -34.86 32.73
C5B NAD KB . -42.73 -34.66 31.44
C4B NAD KB . -41.81 -35.39 30.45
O4B NAD KB . -40.49 -34.94 30.65
C3B NAD KB . -41.78 -36.90 30.67
O3B NAD KB . -41.80 -37.56 29.42
C2B NAD KB . -40.48 -37.15 31.42
O2B NAD KB . -39.88 -38.39 31.10
C1B NAD KB . -39.61 -35.99 30.97
N9A NAD KB . -38.63 -35.59 32.00
C8A NAD KB . -38.74 -35.69 33.37
N7A NAD KB . -37.60 -35.23 33.95
C5A NAD KB . -36.76 -34.82 32.97
C6A NAD KB . -35.48 -34.27 33.00
N6A NAD KB . -34.85 -34.04 34.16
N1A NAD KB . -34.86 -33.95 31.81
C2A NAD KB . -35.50 -34.17 30.62
N3A NAD KB . -36.76 -34.74 30.59
C4A NAD KB . -37.39 -35.04 31.75
O3 NAD KB . -44.05 -34.28 34.40
PN NAD KB . -44.46 -35.40 35.50
O1N NAD KB . -43.46 -35.41 36.60
O2N NAD KB . -44.76 -36.66 34.77
O5D NAD KB . -45.84 -34.78 36.06
C5D NAD KB . -45.82 -33.95 37.20
C4D NAD KB . -46.52 -32.62 36.97
O4D NAD KB . -46.20 -32.03 35.73
C3D NAD KB . -48.04 -32.73 37.01
O3D NAD KB . -48.56 -32.58 38.31
C2D NAD KB . -48.49 -31.60 36.09
O2D NAD KB . -48.79 -30.45 36.85
C1D NAD KB . -47.30 -31.33 35.18
N1N NAD KB . -47.61 -31.82 33.83
C2N NAD KB . -48.02 -30.93 32.87
C3N NAD KB . -48.34 -31.37 31.58
C7N NAD KB . -48.80 -30.39 30.53
O7N NAD KB . -49.11 -30.86 29.23
N7N NAD KB . -48.88 -29.10 30.83
C4N NAD KB . -48.26 -32.72 31.29
C5N NAD KB . -47.85 -33.63 32.26
C6N NAD KB . -47.53 -33.16 33.53
MG MG LB . -16.87 -10.83 27.66
NA NA MB . -14.94 3.71 24.13
C GAI NB . -48.82 -9.32 26.89
N1 GAI NB . -49.57 -9.22 27.92
N2 GAI NB . -49.32 -9.11 25.68
N3 GAI NB . -47.51 -9.64 27.04
C1 EDO OB . -60.40 -8.53 21.56
O1 EDO OB . -60.33 -9.93 21.41
C2 EDO OB . -60.60 -7.90 20.19
O2 EDO OB . -59.40 -8.03 19.45
C1 EDO PB . -26.12 17.99 18.36
O1 EDO PB . -25.46 19.04 17.67
C2 EDO PB . -25.90 18.16 19.86
O2 EDO PB . -26.27 19.49 20.23
PA NAD QB . -19.46 -9.92 25.37
O1A NAD QB . -20.24 -11.01 24.72
O2A NAD QB . -18.75 -10.41 26.63
O5B NAD QB . -20.41 -8.68 25.73
C5B NAD QB . -21.44 -8.22 24.87
C4B NAD QB . -22.53 -7.53 25.68
O4B NAD QB . -22.99 -8.40 26.71
C3B NAD QB . -22.04 -6.26 26.36
O3B NAD QB . -23.05 -5.28 26.37
C2B NAD QB . -21.70 -6.75 27.77
O2B NAD QB . -21.72 -5.75 28.75
C1B NAD QB . -22.74 -7.85 27.99
N9A NAD QB . -22.29 -8.89 28.92
C8A NAD QB . -21.01 -9.32 29.14
N7A NAD QB . -21.02 -10.29 30.08
C5A NAD QB . -22.30 -10.49 30.46
C6A NAD QB . -22.88 -11.37 31.39
N6A NAD QB . -22.11 -12.21 32.09
N1A NAD QB . -24.24 -11.35 31.57
C2A NAD QB . -25.04 -10.47 30.84
N3A NAD QB . -24.45 -9.62 29.93
C4A NAD QB . -23.11 -9.63 29.74
O3 NAD QB . -18.41 -9.33 24.28
PN NAD QB . -16.91 -8.82 24.61
O1N NAD QB . -16.41 -9.45 25.85
O2N NAD QB . -16.93 -7.34 24.50
O5D NAD QB . -16.10 -9.43 23.36
C5D NAD QB . -15.46 -10.68 23.43
C4D NAD QB . -15.59 -11.45 22.11
O4D NAD QB . -16.95 -11.63 21.79
C3D NAD QB . -14.97 -10.75 20.91
O3D NAD QB . -13.61 -11.06 20.71
C2D NAD QB . -15.83 -11.22 19.76
O2D NAD QB . -15.29 -12.39 19.17
C1D NAD QB . -17.18 -11.53 20.40
N1N NAD QB . -18.13 -10.45 20.07
C2N NAD QB . -19.09 -10.67 19.13
C3N NAD QB . -19.99 -9.65 18.79
C7N NAD QB . -21.06 -9.86 17.75
O7N NAD QB . -21.95 -8.81 17.43
N7N NAD QB . -21.16 -11.04 17.14
C4N NAD QB . -19.89 -8.42 19.43
C5N NAD QB . -18.91 -8.19 20.39
C6N NAD QB . -18.04 -9.23 20.70
#